data_3OB8
#
_entry.id   3OB8
#
_cell.length_a   140.381
_cell.length_b   153.454
_cell.length_c   217.166
_cell.angle_alpha   90.000
_cell.angle_beta   90.000
_cell.angle_gamma   90.000
#
_symmetry.space_group_name_H-M   'P 21 21 21'
#
loop_
_entity.id
_entity.type
_entity.pdbx_description
1 polymer Beta-galactosidase
2 non-polymer beta-D-galactopyranose
3 non-polymer 'MAGNESIUM ION'
4 non-polymer 'SODIUM ION'
5 non-polymer 'MANGANESE (II) ION'
6 water water
#
_entity_poly.entity_id   1
_entity_poly.type   'polypeptide(L)'
_entity_poly.pdbx_seq_one_letter_code
;DYKDDDDKSCLIPENLRNPKKVHENRLPTRAYYYDQDIFESLNGPWAFALFDAPLDAPDAKNLDWETAKKWSTISVPSHW
ELQEDWKYGKPIYTNVQYPIPIDIPNPPTVNPTGVYARTFELDSKSIESFEHRLRFEGVDNCYELYVNGQYVGFNKGSRN
GAEFDIQKYVSEGENLVVVKVFKWSDSTYIEDQDQWWLSGIYRDVSLLKLPKKAHIEDVRVTTTFVDSQYQDAELSVKVD
VQGSSYDHINFTLYEPEDGSKVYDASSLLNEENGNTTFSTKEFISFSTKKNEETAFKINVKAPEHWTAENPTLYKYQLDL
IGSDGSVIQSIKHHVGFRQVELKDGNITVNGKDILFRGVNRHDHHPRFGRAVPLDFVVRDLILMKKFNINAVRNSHYPNH
PKVYDLFDKLGFWVIDEADLETHGVQEPFNRHTNLEAEYPDTKNKLYDVNAHYLSDNPEYEVAYLDRASQLVLRDVNHPS
IIIWSLGNEACYGRNHKAMYKLIKQLDPTRLVHYEGDLNALSADIFSFMYPTFEIMERWRKNHTDENGKFEKPLILCEYG
HAMGNGPGSLKEYQELFYKEKFYQGGFIWEWANHGIEFEDVSTADGKLHKAYAYGGDFKEEVHDGVFIMDGLCNSEHNPT
PGLVEYKKVIEPVHIKIAHGSVTITNKHDFITTDHLLFIDKDTGKTIDVPSLKPEESVTIPSDTTYVVAVLKDDAGVLKA
GHEIAWGQAELPLKVPDFVTETAEKAAKINDGKRYVSVESSGLHFILDKLLGKIESLKVKGKEISSKFEGSSITFWRPPT
NNDEPRDFKNWKKYNIDLMKQNIHGVSVEKGSNGSLAVVTVNSRISPVVFYYGFETVQKYTIFANKINLNTSMKLTGEYQ
PPDFPRVGYEFWLGDSYESFEWLGRGPGESYPDKKESQRFGLYDSKDVEEFVYDYPQENGNHTDTHFLNIKFEGAGKLSI
FQKEKPFNFKISDEYGVDEAAHACDVKRYGRHYLRLDHAIHGVGSEACGPAVLDQYRLKAQDFNFEFDLAFE
;
_entity_poly.pdbx_strand_id   A,B,D,C
#
# COMPACT_ATOMS: atom_id res chain seq x y z
N SER A 9 20.57 -46.93 28.82
CA SER A 9 19.44 -46.14 28.23
C SER A 9 18.64 -46.99 27.24
N CYS A 10 17.85 -47.93 27.76
CA CYS A 10 17.13 -48.85 26.90
C CYS A 10 15.85 -48.29 26.30
N LEU A 11 15.37 -47.14 26.80
CA LEU A 11 14.21 -46.46 26.21
C LEU A 11 14.54 -45.68 24.94
N ILE A 12 15.82 -45.61 24.61
CA ILE A 12 16.23 -45.11 23.30
C ILE A 12 17.04 -46.20 22.62
N PRO A 13 16.67 -46.54 21.37
CA PRO A 13 17.26 -47.70 20.70
C PRO A 13 18.77 -47.57 20.52
N GLU A 14 19.45 -48.69 20.56
CA GLU A 14 20.91 -48.76 20.50
C GLU A 14 21.50 -48.01 19.30
N ASN A 15 20.92 -48.21 18.12
CA ASN A 15 21.46 -47.66 16.88
C ASN A 15 21.35 -46.14 16.77
N LEU A 16 20.45 -45.56 17.54
CA LEU A 16 20.27 -44.11 17.55
C LEU A 16 21.27 -43.42 18.49
N ARG A 17 21.96 -44.22 19.30
CA ARG A 17 22.86 -43.67 20.30
C ARG A 17 24.23 -44.32 20.18
N ASN A 18 24.58 -44.73 18.97
CA ASN A 18 25.87 -45.36 18.68
C ASN A 18 26.56 -44.72 17.46
N PRO A 19 27.58 -43.88 17.72
CA PRO A 19 28.25 -43.12 16.67
C PRO A 19 28.97 -44.02 15.66
N LYS A 20 29.32 -45.23 16.08
CA LYS A 20 30.00 -46.19 15.20
C LYS A 20 29.02 -46.89 14.26
N LYS A 21 27.75 -46.92 14.65
CA LYS A 21 26.71 -47.53 13.84
C LYS A 21 26.30 -46.53 12.75
N VAL A 22 27.19 -46.40 11.77
CA VAL A 22 27.06 -45.42 10.71
C VAL A 22 26.08 -45.94 9.65
N HIS A 23 25.99 -47.27 9.55
CA HIS A 23 25.08 -47.96 8.63
C HIS A 23 25.09 -49.43 8.95
N GLU A 24 24.09 -50.14 8.48
CA GLU A 24 24.14 -51.59 8.51
C GLU A 24 23.76 -52.08 7.13
N ASN A 25 24.64 -52.87 6.54
CA ASN A 25 24.43 -53.50 5.22
C ASN A 25 24.39 -52.54 4.04
N ARG A 26 24.89 -51.31 4.21
CA ARG A 26 24.98 -50.39 3.08
C ARG A 26 26.09 -50.81 2.13
N LEU A 27 25.80 -50.78 0.84
CA LEU A 27 26.81 -51.07 -0.17
C LEU A 27 27.89 -50.00 -0.18
N PRO A 28 29.13 -50.35 -0.57
CA PRO A 28 30.19 -49.35 -0.62
C PRO A 28 29.86 -48.23 -1.61
N THR A 29 30.33 -47.02 -1.32
CA THR A 29 30.05 -45.86 -2.16
C THR A 29 30.77 -46.00 -3.50
N ARG A 30 30.05 -45.67 -4.57
CA ARG A 30 30.62 -45.70 -5.90
C ARG A 30 30.29 -44.40 -6.61
N ALA A 31 30.98 -44.13 -7.73
CA ALA A 31 30.73 -42.93 -8.50
C ALA A 31 29.30 -42.95 -9.04
N TYR A 32 28.59 -41.84 -8.90
CA TYR A 32 27.20 -41.74 -9.33
C TYR A 32 27.07 -41.53 -10.82
N TYR A 33 26.22 -42.34 -11.43
CA TYR A 33 25.83 -42.19 -12.82
C TYR A 33 24.34 -42.51 -12.95
N TYR A 34 23.55 -41.57 -13.45
CA TYR A 34 22.15 -41.84 -13.71
C TYR A 34 21.97 -42.54 -15.06
N ASP A 35 21.23 -43.64 -15.04
CA ASP A 35 20.91 -44.41 -16.22
C ASP A 35 19.42 -44.71 -16.19
N GLN A 36 18.72 -44.22 -17.21
CA GLN A 36 17.26 -44.40 -17.37
C GLN A 36 16.83 -45.87 -17.38
N ASP A 37 17.66 -46.72 -18.01
CA ASP A 37 17.39 -48.16 -18.11
C ASP A 37 17.53 -48.92 -16.79
N ILE A 38 18.36 -48.39 -15.88
CA ILE A 38 18.63 -49.03 -14.58
C ILE A 38 17.77 -48.42 -13.45
N PHE A 39 17.63 -47.10 -13.48
CA PHE A 39 16.89 -46.40 -12.43
C PHE A 39 15.38 -46.41 -12.68
N GLU A 40 14.65 -47.05 -11.78
CA GLU A 40 13.20 -46.94 -11.75
C GLU A 40 12.81 -46.09 -10.53
N SER A 41 12.03 -45.03 -10.76
CA SER A 41 11.65 -44.12 -9.69
C SER A 41 10.55 -44.68 -8.77
N LEU A 42 10.77 -44.56 -7.47
CA LEU A 42 9.78 -44.95 -6.48
C LEU A 42 9.15 -43.74 -5.82
N ASN A 43 9.39 -42.57 -6.40
CA ASN A 43 8.79 -41.33 -5.92
C ASN A 43 7.30 -41.36 -6.12
N GLY A 44 6.59 -40.58 -5.34
CA GLY A 44 5.14 -40.52 -5.45
C GLY A 44 4.51 -40.59 -4.10
N PRO A 45 3.22 -40.97 -4.03
CA PRO A 45 2.56 -41.06 -2.72
C PRO A 45 2.91 -42.36 -2.00
N TRP A 46 3.25 -42.23 -0.73
CA TRP A 46 3.54 -43.39 0.13
C TRP A 46 2.63 -43.29 1.33
N ALA A 47 2.24 -44.44 1.86
CA ALA A 47 1.61 -44.48 3.17
C ALA A 47 2.58 -43.96 4.22
N PHE A 48 2.06 -43.23 5.19
CA PHE A 48 2.89 -42.58 6.18
C PHE A 48 2.14 -42.35 7.48
N ALA A 49 2.83 -42.58 8.58
CA ALA A 49 2.31 -42.22 9.90
C ALA A 49 3.45 -41.67 10.76
N LEU A 50 3.13 -40.68 11.60
CA LEU A 50 4.09 -40.12 12.52
C LEU A 50 3.86 -40.61 13.95
N PHE A 51 4.94 -40.85 14.68
CA PHE A 51 4.86 -41.33 16.06
C PHE A 51 5.72 -40.50 16.99
N ASP A 52 5.30 -40.39 18.24
CA ASP A 52 6.01 -39.58 19.23
C ASP A 52 7.46 -39.98 19.42
N ALA A 53 7.71 -41.29 19.42
CA ALA A 53 9.05 -41.84 19.63
C ALA A 53 9.08 -43.24 19.04
N PRO A 54 10.29 -43.84 18.89
CA PRO A 54 10.41 -45.16 18.27
C PRO A 54 9.52 -46.26 18.88
N LEU A 55 9.31 -46.21 20.20
CA LEU A 55 8.55 -47.25 20.89
C LEU A 55 7.05 -47.26 20.52
N ASP A 56 6.54 -46.16 19.98
CA ASP A 56 5.15 -46.12 19.52
C ASP A 56 5.01 -46.63 18.10
N ALA A 57 6.12 -46.70 17.38
CA ALA A 57 6.10 -47.14 15.98
C ALA A 57 5.93 -48.65 15.90
N PRO A 58 5.21 -49.13 14.87
CA PRO A 58 5.01 -50.58 14.73
C PRO A 58 6.30 -51.36 14.43
N ASP A 59 6.35 -52.62 14.88
CA ASP A 59 7.41 -53.53 14.49
C ASP A 59 7.23 -53.83 13.02
N ALA A 60 8.17 -53.38 12.21
CA ALA A 60 8.09 -53.52 10.76
C ALA A 60 8.16 -54.97 10.29
N LYS A 61 8.66 -55.86 11.15
CA LYS A 61 8.73 -57.27 10.80
C LYS A 61 7.34 -57.90 10.75
N ASN A 62 6.36 -57.19 11.29
CA ASN A 62 4.97 -57.66 11.29
C ASN A 62 3.97 -56.77 10.53
N LEU A 63 4.47 -55.70 9.92
CA LEU A 63 3.60 -54.76 9.23
C LEU A 63 3.25 -55.24 7.82
N ASP A 64 1.95 -55.51 7.60
CA ASP A 64 1.38 -55.89 6.31
C ASP A 64 1.17 -54.65 5.46
N TRP A 65 1.07 -54.84 4.15
CA TRP A 65 0.54 -53.78 3.30
C TRP A 65 -0.93 -53.49 3.59
N GLU A 66 -1.70 -54.52 3.97
CA GLU A 66 -3.12 -54.36 4.29
C GLU A 66 -3.33 -53.42 5.47
N THR A 67 -2.39 -53.45 6.41
CA THR A 67 -2.43 -52.57 7.57
C THR A 67 -1.99 -51.15 7.19
N ALA A 68 -0.86 -51.03 6.50
CA ALA A 68 -0.26 -49.74 6.16
C ALA A 68 -1.12 -49.00 5.15
N LYS A 69 -1.63 -49.76 4.19
CA LYS A 69 -2.59 -49.29 3.18
C LYS A 69 -3.61 -48.26 3.69
N LYS A 70 -3.96 -48.34 4.97
CA LYS A 70 -5.05 -47.55 5.52
C LYS A 70 -4.60 -46.20 6.05
N TRP A 71 -3.29 -45.99 6.14
CA TRP A 71 -2.73 -44.71 6.58
C TRP A 71 -2.93 -43.62 5.53
N SER A 72 -2.81 -42.37 5.99
CA SER A 72 -2.70 -41.21 5.11
C SER A 72 -1.45 -41.31 4.25
N THR A 73 -1.45 -40.61 3.12
CA THR A 73 -0.29 -40.61 2.25
C THR A 73 0.50 -39.31 2.34
N ILE A 74 1.80 -39.42 2.14
CA ILE A 74 2.68 -38.27 2.01
C ILE A 74 3.37 -38.45 0.66
N SER A 75 3.81 -37.36 0.03
CA SER A 75 4.45 -37.52 -1.25
C SER A 75 5.97 -37.49 -1.05
N VAL A 76 6.64 -38.47 -1.64
CA VAL A 76 8.10 -38.63 -1.62
C VAL A 76 8.61 -38.16 -2.96
N PRO A 77 9.61 -37.26 -2.99
CA PRO A 77 10.33 -36.70 -1.84
C PRO A 77 9.77 -35.38 -1.32
N SER A 78 9.74 -35.25 0.00
CA SER A 78 9.34 -34.00 0.66
C SER A 78 9.72 -34.06 2.13
N HIS A 79 9.79 -32.90 2.77
CA HIS A 79 9.99 -32.83 4.22
C HIS A 79 8.68 -32.93 4.92
N TRP A 80 8.65 -33.57 6.08
CA TRP A 80 7.38 -33.65 6.75
C TRP A 80 6.99 -32.42 7.57
N GLU A 81 7.89 -31.46 7.71
CA GLU A 81 7.55 -30.17 8.33
C GLU A 81 7.08 -29.18 7.29
N LEU A 82 6.94 -29.62 6.04
CA LEU A 82 6.47 -28.75 4.98
C LEU A 82 5.26 -29.33 4.25
N GLN A 83 4.23 -29.65 5.01
CA GLN A 83 3.03 -30.26 4.44
C GLN A 83 1.84 -29.32 4.52
N GLU A 84 0.85 -29.52 3.64
CA GLU A 84 -0.46 -28.89 3.74
C GLU A 84 -0.91 -28.74 5.20
N ASP A 85 -1.20 -27.50 5.60
CA ASP A 85 -1.68 -27.19 6.94
C ASP A 85 -0.73 -27.58 8.08
N TRP A 86 0.55 -27.75 7.78
CA TRP A 86 1.55 -28.10 8.79
C TRP A 86 1.16 -29.35 9.56
N LYS A 87 0.52 -30.28 8.85
CA LYS A 87 0.02 -31.53 9.41
C LYS A 87 0.99 -32.24 10.36
N TYR A 88 2.28 -32.26 10.03
CA TYR A 88 3.29 -33.02 10.79
C TYR A 88 4.37 -32.14 11.45
N GLY A 89 3.96 -30.97 11.93
CA GLY A 89 4.84 -30.05 12.63
C GLY A 89 5.32 -28.90 11.75
N LYS A 90 6.14 -28.03 12.32
CA LYS A 90 6.68 -26.89 11.59
C LYS A 90 8.20 -26.92 11.60
N PRO A 91 8.83 -26.24 10.63
CA PRO A 91 10.30 -26.11 10.60
C PRO A 91 10.84 -25.43 11.85
N ILE A 92 12.08 -25.75 12.22
CA ILE A 92 12.76 -25.12 13.35
C ILE A 92 14.07 -24.53 12.85
N TYR A 93 14.31 -23.24 13.12
CA TYR A 93 15.59 -22.64 12.75
C TYR A 93 16.54 -22.42 13.93
N THR A 94 17.69 -23.09 13.91
CA THR A 94 18.79 -22.72 14.79
C THR A 94 20.08 -22.52 14.00
N ASN A 95 20.84 -21.50 14.39
CA ASN A 95 22.16 -21.26 13.85
C ASN A 95 23.17 -22.15 14.55
N VAL A 96 23.62 -21.73 15.73
CA VAL A 96 24.63 -22.46 16.47
C VAL A 96 23.99 -23.46 17.44
N GLN A 97 23.18 -22.96 18.37
CA GLN A 97 22.58 -23.75 19.44
C GLN A 97 21.89 -25.02 18.94
N TYR A 98 22.14 -26.14 19.63
CA TYR A 98 21.43 -27.36 19.32
C TYR A 98 20.00 -27.20 19.79
N PRO A 99 19.01 -27.74 19.03
CA PRO A 99 17.62 -27.68 19.44
C PRO A 99 17.26 -28.79 20.44
N ILE A 100 18.27 -29.56 20.84
CA ILE A 100 18.13 -30.66 21.79
C ILE A 100 19.13 -30.42 22.94
N PRO A 101 18.98 -31.12 24.07
CA PRO A 101 20.01 -31.02 25.10
C PRO A 101 21.26 -31.79 24.69
N ILE A 102 22.43 -31.36 25.15
CA ILE A 102 23.68 -32.09 24.85
C ILE A 102 24.00 -33.15 25.90
N ASP A 103 24.00 -34.40 25.44
CA ASP A 103 24.35 -35.55 26.24
C ASP A 103 24.90 -36.61 25.29
N ILE A 104 26.02 -36.28 24.65
CA ILE A 104 26.64 -37.11 23.63
C ILE A 104 26.91 -38.51 24.14
N PRO A 105 26.50 -39.54 23.37
CA PRO A 105 25.90 -39.46 22.03
C PRO A 105 24.37 -39.66 21.97
N ASN A 106 23.67 -39.36 23.07
CA ASN A 106 22.25 -39.65 23.15
C ASN A 106 21.39 -38.61 22.50
N PRO A 107 20.42 -39.04 21.67
CA PRO A 107 19.37 -38.14 21.22
C PRO A 107 18.33 -38.02 22.33
N PRO A 108 17.37 -37.08 22.21
CA PRO A 108 16.26 -37.10 23.15
C PRO A 108 15.46 -38.39 23.04
N THR A 109 14.84 -38.79 24.14
CA THR A 109 13.95 -39.95 24.16
C THR A 109 12.70 -39.67 23.34
N VAL A 110 12.15 -38.47 23.48
CA VAL A 110 11.07 -38.03 22.59
C VAL A 110 11.69 -37.62 21.27
N ASN A 111 11.46 -38.46 20.26
CA ASN A 111 12.21 -38.43 19.02
C ASN A 111 11.28 -38.79 17.86
N PRO A 112 10.69 -37.76 17.21
CA PRO A 112 9.72 -37.96 16.13
C PRO A 112 10.13 -39.06 15.15
N THR A 113 9.26 -40.03 14.97
CA THR A 113 9.52 -41.18 14.11
C THR A 113 8.45 -41.27 13.03
N GLY A 114 8.87 -41.15 11.77
CA GLY A 114 7.97 -41.32 10.65
C GLY A 114 8.19 -42.65 9.97
N VAL A 115 7.11 -43.39 9.74
CA VAL A 115 7.18 -44.66 9.04
C VAL A 115 6.55 -44.51 7.64
N TYR A 116 7.30 -44.90 6.61
CA TYR A 116 6.86 -44.83 5.23
C TYR A 116 6.64 -46.22 4.69
N ALA A 117 5.63 -46.38 3.83
CA ALA A 117 5.35 -47.67 3.22
C ALA A 117 4.73 -47.55 1.84
N ARG A 118 5.26 -48.32 0.89
CA ARG A 118 4.64 -48.44 -0.42
C ARG A 118 4.97 -49.79 -1.00
N THR A 119 4.33 -50.12 -2.12
CA THR A 119 4.61 -51.39 -2.80
C THR A 119 5.15 -51.13 -4.20
N PHE A 120 5.80 -52.15 -4.76
CA PHE A 120 6.14 -52.12 -6.17
C PHE A 120 6.02 -53.52 -6.76
N GLU A 121 5.85 -53.57 -8.07
CA GLU A 121 5.59 -54.83 -8.75
C GLU A 121 6.85 -55.41 -9.34
N LEU A 122 7.04 -56.71 -9.15
CA LEU A 122 8.15 -57.43 -9.78
C LEU A 122 7.73 -58.61 -10.64
N ASP A 123 8.32 -58.63 -11.83
CA ASP A 123 8.13 -59.65 -12.83
C ASP A 123 8.80 -60.98 -12.47
N SER A 124 8.25 -62.04 -13.04
CA SER A 124 8.94 -63.32 -13.04
C SER A 124 10.37 -63.18 -13.64
N LYS A 125 10.46 -62.64 -14.86
CA LYS A 125 11.73 -62.50 -15.56
C LYS A 125 12.69 -61.53 -14.90
N SER A 126 12.16 -60.50 -14.27
CA SER A 126 12.97 -59.45 -13.66
C SER A 126 13.96 -60.02 -12.62
N ILE A 127 13.46 -60.89 -11.73
CA ILE A 127 14.30 -61.51 -10.70
C ILE A 127 15.38 -62.42 -11.30
N GLU A 128 15.06 -63.05 -12.43
CA GLU A 128 16.03 -63.84 -13.16
C GLU A 128 17.07 -62.94 -13.87
N SER A 129 16.61 -61.85 -14.47
CA SER A 129 17.46 -60.96 -15.26
C SER A 129 18.36 -59.99 -14.49
N PHE A 130 17.92 -59.56 -13.30
CA PHE A 130 18.57 -58.41 -12.64
C PHE A 130 18.93 -58.59 -11.17
N GLU A 131 20.05 -57.98 -10.74
CA GLU A 131 20.32 -57.72 -9.32
C GLU A 131 19.54 -56.46 -8.93
N HIS A 132 18.72 -56.55 -7.89
CA HIS A 132 17.87 -55.46 -7.48
C HIS A 132 18.39 -54.72 -6.25
N ARG A 133 18.46 -53.40 -6.36
CA ARG A 133 18.91 -52.57 -5.25
C ARG A 133 17.88 -51.49 -4.94
N LEU A 134 17.96 -50.96 -3.73
CA LEU A 134 17.27 -49.70 -3.43
C LEU A 134 18.30 -48.59 -3.17
N ARG A 135 18.13 -47.46 -3.87
CA ARG A 135 19.00 -46.30 -3.66
C ARG A 135 18.20 -45.10 -3.13
N PHE A 136 18.65 -44.56 -2.00
CA PHE A 136 18.05 -43.39 -1.37
C PHE A 136 19.02 -42.23 -1.47
N GLU A 137 18.60 -41.15 -2.11
CA GLU A 137 19.51 -40.02 -2.36
C GLU A 137 19.72 -39.12 -1.15
N GLY A 138 18.83 -39.22 -0.15
CA GLY A 138 18.95 -38.41 1.06
C GLY A 138 17.76 -38.54 1.99
N VAL A 139 18.02 -38.91 3.24
CA VAL A 139 16.97 -39.05 4.25
C VAL A 139 17.48 -38.46 5.56
N ASP A 140 16.70 -37.59 6.18
CA ASP A 140 17.07 -36.85 7.39
C ASP A 140 16.22 -37.34 8.55
N ASN A 141 16.79 -37.86 9.65
CA ASN A 141 18.21 -37.94 9.98
C ASN A 141 18.84 -39.28 9.64
N CYS A 142 18.12 -40.36 9.90
CA CYS A 142 18.60 -41.72 9.67
C CYS A 142 17.41 -42.63 9.63
N TYR A 143 17.63 -43.88 9.20
CA TYR A 143 16.51 -44.77 8.94
C TYR A 143 16.87 -46.23 8.95
N GLU A 144 15.90 -47.09 9.28
CA GLU A 144 16.02 -48.51 8.98
C GLU A 144 15.09 -48.90 7.83
N LEU A 145 15.51 -49.91 7.07
CA LEU A 145 14.84 -50.29 5.83
C LEU A 145 14.37 -51.74 5.88
N TYR A 146 13.13 -51.96 5.48
CA TYR A 146 12.56 -53.29 5.46
C TYR A 146 11.97 -53.59 4.09
N VAL A 147 12.18 -54.79 3.60
CA VAL A 147 11.49 -55.27 2.42
C VAL A 147 10.76 -56.56 2.78
N ASN A 148 9.48 -56.64 2.42
CA ASN A 148 8.64 -57.82 2.65
C ASN A 148 8.67 -58.33 4.10
N GLY A 149 8.60 -57.41 5.05
CA GLY A 149 8.61 -57.74 6.46
C GLY A 149 9.97 -58.15 6.99
N GLN A 150 11.01 -57.98 6.17
CA GLN A 150 12.37 -58.38 6.56
C GLN A 150 13.32 -57.19 6.64
N TYR A 151 14.13 -57.18 7.69
CA TYR A 151 15.09 -56.10 7.93
C TYR A 151 16.24 -56.15 6.92
N VAL A 152 16.39 -55.08 6.14
CA VAL A 152 17.46 -54.99 5.17
C VAL A 152 18.70 -54.32 5.77
N GLY A 153 18.50 -53.18 6.40
CA GLY A 153 19.62 -52.43 6.97
C GLY A 153 19.28 -51.08 7.56
N PHE A 154 20.33 -50.31 7.83
CA PHE A 154 20.26 -49.05 8.57
C PHE A 154 21.23 -48.08 7.92
N ASN A 155 20.99 -46.78 8.10
CA ASN A 155 21.82 -45.74 7.48
C ASN A 155 21.78 -44.40 8.19
N LYS A 156 22.94 -43.74 8.24
CA LYS A 156 23.06 -42.37 8.70
C LYS A 156 23.81 -41.54 7.66
N GLY A 157 23.69 -40.21 7.78
CA GLY A 157 24.31 -39.28 6.84
C GLY A 157 23.25 -38.67 5.95
N SER A 158 22.66 -37.58 6.42
CA SER A 158 21.46 -36.99 5.82
C SER A 158 21.59 -36.51 4.38
N ARG A 159 22.74 -36.00 3.98
CA ARG A 159 22.89 -35.51 2.62
C ARG A 159 23.75 -36.40 1.74
N ASN A 160 24.10 -37.57 2.28
CA ASN A 160 24.77 -38.60 1.50
C ASN A 160 23.74 -39.60 1.00
N GLY A 161 24.10 -40.34 -0.05
CA GLY A 161 23.22 -41.35 -0.57
C GLY A 161 23.50 -42.70 0.05
N ALA A 162 22.69 -43.69 -0.33
CA ALA A 162 22.86 -45.05 0.18
C ALA A 162 22.21 -46.04 -0.77
N GLU A 163 22.92 -47.12 -1.06
CA GLU A 163 22.35 -48.26 -1.77
C GLU A 163 22.30 -49.50 -0.90
N PHE A 164 21.26 -50.31 -1.10
CA PHE A 164 21.10 -51.59 -0.40
C PHE A 164 20.72 -52.71 -1.39
N ASP A 165 21.41 -53.84 -1.29
CA ASP A 165 21.09 -55.03 -2.06
C ASP A 165 19.77 -55.62 -1.56
N ILE A 166 18.87 -55.90 -2.50
CA ILE A 166 17.48 -56.26 -2.21
C ILE A 166 17.15 -57.67 -2.72
N GLN A 167 18.07 -58.22 -3.51
CA GLN A 167 17.89 -59.53 -4.15
C GLN A 167 17.35 -60.67 -3.27
N LYS A 168 17.93 -60.83 -2.08
CA LYS A 168 17.51 -61.88 -1.14
C LYS A 168 16.05 -61.78 -0.69
N TYR A 169 15.52 -60.57 -0.62
CA TYR A 169 14.22 -60.28 0.04
C TYR A 169 13.05 -60.16 -0.94
N VAL A 170 13.39 -60.12 -2.22
CA VAL A 170 12.44 -59.81 -3.27
C VAL A 170 11.59 -61.03 -3.68
N SER A 171 10.33 -60.78 -4.04
CA SER A 171 9.39 -61.81 -4.48
C SER A 171 8.69 -61.45 -5.77
N GLU A 172 8.23 -62.46 -6.50
CA GLU A 172 7.42 -62.23 -7.68
C GLU A 172 6.08 -61.62 -7.28
N GLY A 173 5.66 -60.58 -8.01
CA GLY A 173 4.44 -59.87 -7.69
C GLY A 173 4.63 -58.64 -6.81
N GLU A 174 3.75 -58.48 -5.82
CA GLU A 174 3.78 -57.35 -4.90
C GLU A 174 4.93 -57.40 -3.92
N ASN A 175 5.70 -56.33 -3.88
CA ASN A 175 6.74 -56.20 -2.86
C ASN A 175 6.48 -55.01 -1.95
N LEU A 176 6.77 -55.18 -0.66
CA LEU A 176 6.52 -54.14 0.34
C LEU A 176 7.83 -53.47 0.81
N VAL A 177 7.89 -52.14 0.69
CA VAL A 177 9.02 -51.37 1.20
C VAL A 177 8.55 -50.57 2.39
N VAL A 178 9.24 -50.73 3.52
CA VAL A 178 8.91 -49.92 4.68
C VAL A 178 10.19 -49.25 5.17
N VAL A 179 10.10 -47.94 5.42
CA VAL A 179 11.25 -47.15 5.87
C VAL A 179 10.90 -46.44 7.16
N LYS A 180 11.62 -46.76 8.23
CA LYS A 180 11.44 -46.10 9.51
C LYS A 180 12.42 -44.94 9.64
N VAL A 181 11.92 -43.70 9.68
CA VAL A 181 12.78 -42.52 9.69
C VAL A 181 12.76 -41.82 11.05
N PHE A 182 13.94 -41.55 11.60
CA PHE A 182 14.06 -40.91 12.89
C PHE A 182 14.65 -39.50 12.77
N LYS A 183 14.12 -38.57 13.56
CA LYS A 183 14.51 -37.16 13.47
C LYS A 183 15.86 -36.88 14.12
N TRP A 184 16.07 -37.46 15.29
CA TRP A 184 17.30 -37.27 16.02
C TRP A 184 18.07 -38.58 16.14
N SER A 185 19.39 -38.47 16.28
CA SER A 185 20.28 -39.58 16.62
C SER A 185 21.61 -39.04 17.07
N ASP A 186 22.57 -39.93 17.35
CA ASP A 186 23.95 -39.51 17.65
C ASP A 186 24.55 -38.66 16.53
N SER A 187 23.96 -38.80 15.34
CA SER A 187 24.35 -38.11 14.14
C SER A 187 23.97 -36.63 14.19
N THR A 188 22.93 -36.30 14.94
CA THR A 188 22.45 -34.92 15.04
C THR A 188 23.59 -33.98 15.47
N TYR A 189 24.47 -34.47 16.35
CA TYR A 189 25.53 -33.65 16.89
C TYR A 189 26.51 -33.18 15.82
N ILE A 190 26.61 -33.94 14.74
CA ILE A 190 27.50 -33.57 13.64
C ILE A 190 26.76 -33.02 12.40
N GLU A 191 25.49 -32.66 12.58
CA GLU A 191 24.67 -32.09 11.51
C GLU A 191 24.03 -30.75 11.91
N ASP A 192 24.82 -29.87 12.52
CA ASP A 192 24.29 -28.64 13.10
C ASP A 192 24.62 -27.43 12.23
N GLN A 193 24.28 -27.51 10.95
CA GLN A 193 24.47 -26.39 10.02
C GLN A 193 23.53 -25.25 10.36
N ASP A 194 23.95 -24.02 10.04
CA ASP A 194 23.09 -22.86 10.20
C ASP A 194 22.00 -22.89 9.13
N GLN A 195 20.94 -23.65 9.42
CA GLN A 195 19.83 -23.89 8.49
C GLN A 195 18.58 -24.38 9.23
N TRP A 196 17.49 -24.54 8.47
CA TRP A 196 16.27 -25.16 8.97
C TRP A 196 16.51 -26.62 9.33
N TRP A 197 15.99 -27.02 10.50
CA TRP A 197 15.89 -28.42 10.87
C TRP A 197 14.66 -29.00 10.19
N LEU A 198 14.88 -29.92 9.26
CA LEU A 198 13.79 -30.55 8.51
C LEU A 198 14.05 -32.05 8.37
N SER A 199 12.98 -32.83 8.28
CA SER A 199 13.10 -34.29 8.34
C SER A 199 12.43 -35.00 7.18
N GLY A 200 12.74 -36.29 7.03
CA GLY A 200 12.05 -37.15 6.07
C GLY A 200 12.88 -37.59 4.88
N ILE A 201 12.26 -38.40 4.02
CA ILE A 201 12.83 -38.75 2.74
C ILE A 201 12.62 -37.54 1.84
N TYR A 202 13.62 -36.68 1.78
CA TYR A 202 13.52 -35.40 1.07
C TYR A 202 14.21 -35.46 -0.29
N ARG A 203 14.78 -36.61 -0.63
CA ARG A 203 15.37 -36.80 -1.95
C ARG A 203 14.84 -38.07 -2.61
N ASP A 204 15.18 -38.25 -3.88
CA ASP A 204 14.70 -39.37 -4.69
C ASP A 204 14.91 -40.71 -4.01
N VAL A 205 13.99 -41.62 -4.26
CA VAL A 205 14.17 -43.03 -3.98
C VAL A 205 14.08 -43.78 -5.31
N SER A 206 14.97 -44.74 -5.53
CA SER A 206 14.97 -45.48 -6.78
C SER A 206 15.11 -46.96 -6.58
N LEU A 207 14.51 -47.74 -7.48
CA LEU A 207 14.79 -49.15 -7.59
C LEU A 207 15.76 -49.33 -8.74
N LEU A 208 16.92 -49.91 -8.46
CA LEU A 208 17.93 -50.16 -9.50
C LEU A 208 17.84 -51.60 -9.97
N LYS A 209 17.86 -51.80 -11.27
CA LYS A 209 17.92 -53.13 -11.87
C LYS A 209 19.18 -53.28 -12.71
N LEU A 210 20.20 -53.88 -12.11
CA LEU A 210 21.48 -54.10 -12.77
C LEU A 210 21.54 -55.49 -13.38
N PRO A 211 22.20 -55.64 -14.56
CA PRO A 211 22.34 -56.97 -15.17
C PRO A 211 23.01 -57.93 -14.20
N LYS A 212 22.47 -59.15 -14.09
CA LYS A 212 22.80 -60.01 -12.95
C LYS A 212 24.18 -60.69 -12.99
N LYS A 213 24.47 -61.37 -14.10
CA LYS A 213 25.69 -62.18 -14.22
C LYS A 213 26.98 -61.34 -14.15
N ALA A 214 26.92 -60.14 -14.73
CA ALA A 214 28.01 -59.18 -14.74
C ALA A 214 27.47 -57.77 -14.99
N HIS A 215 28.08 -56.77 -14.34
CA HIS A 215 27.65 -55.37 -14.48
C HIS A 215 28.74 -54.41 -14.01
N ILE A 216 28.67 -53.17 -14.48
CA ILE A 216 29.65 -52.15 -14.11
C ILE A 216 29.30 -51.54 -12.76
N GLU A 217 30.21 -51.67 -11.81
CA GLU A 217 29.96 -51.20 -10.44
C GLU A 217 30.53 -49.82 -10.19
N ASP A 218 31.76 -49.60 -10.63
CA ASP A 218 32.44 -48.35 -10.35
C ASP A 218 33.36 -47.98 -11.50
N VAL A 219 33.55 -46.68 -11.69
CA VAL A 219 34.40 -46.15 -12.76
C VAL A 219 35.25 -45.03 -12.17
N ARG A 220 36.47 -44.90 -12.67
CA ARG A 220 37.35 -43.85 -12.21
C ARG A 220 38.08 -43.18 -13.37
N VAL A 221 37.85 -41.87 -13.51
CA VAL A 221 38.41 -41.14 -14.64
C VAL A 221 39.31 -40.01 -14.16
N THR A 222 40.58 -40.06 -14.57
CA THR A 222 41.51 -38.96 -14.27
C THR A 222 42.16 -38.44 -15.54
N THR A 223 42.39 -37.13 -15.56
CA THR A 223 43.14 -36.49 -16.63
C THR A 223 44.37 -35.82 -16.03
N THR A 224 45.55 -36.29 -16.42
CA THR A 224 46.82 -35.76 -15.92
C THR A 224 47.70 -35.33 -17.08
N PHE A 225 48.23 -34.12 -17.00
CA PHE A 225 49.17 -33.63 -18.00
C PHE A 225 50.56 -34.27 -17.83
N VAL A 226 51.11 -34.79 -18.92
CA VAL A 226 52.41 -35.49 -18.88
C VAL A 226 53.54 -34.51 -18.67
N ASP A 227 53.22 -33.22 -18.78
CA ASP A 227 54.21 -32.23 -19.14
C ASP A 227 54.12 -30.94 -18.36
N SER A 228 55.26 -30.27 -18.25
CA SER A 228 55.32 -28.96 -17.59
C SER A 228 54.61 -27.89 -18.41
N GLN A 229 54.32 -28.19 -19.68
CA GLN A 229 53.74 -27.19 -20.58
C GLN A 229 52.24 -27.43 -20.87
N TYR A 230 51.65 -28.37 -20.13
CA TYR A 230 50.19 -28.56 -20.10
C TYR A 230 49.59 -28.76 -21.49
N GLN A 231 50.17 -29.69 -22.24
CA GLN A 231 49.69 -30.01 -23.57
C GLN A 231 49.16 -31.44 -23.65
N ASP A 232 50.04 -32.40 -23.85
CA ASP A 232 49.61 -33.78 -23.92
C ASP A 232 49.16 -34.25 -22.55
N ALA A 233 48.15 -35.12 -22.51
CA ALA A 233 47.63 -35.60 -21.24
C ALA A 233 47.39 -37.10 -21.24
N GLU A 234 47.48 -37.71 -20.06
CA GLU A 234 47.16 -39.11 -19.90
C GLU A 234 45.73 -39.26 -19.36
N LEU A 235 44.88 -39.93 -20.12
CA LEU A 235 43.53 -40.24 -19.69
C LEU A 235 43.53 -41.63 -19.10
N SER A 236 43.25 -41.72 -17.82
CA SER A 236 43.22 -42.99 -17.12
C SER A 236 41.79 -43.40 -16.82
N VAL A 237 41.44 -44.61 -17.21
CA VAL A 237 40.12 -45.14 -16.92
C VAL A 237 40.21 -46.47 -16.20
N LYS A 238 39.74 -46.51 -14.98
CA LYS A 238 39.71 -47.75 -14.23
C LYS A 238 38.26 -48.16 -13.96
N VAL A 239 37.91 -49.38 -14.39
CA VAL A 239 36.55 -49.90 -14.22
C VAL A 239 36.57 -51.11 -13.30
N ASP A 240 35.68 -51.10 -12.30
CA ASP A 240 35.44 -52.25 -11.43
C ASP A 240 34.17 -52.96 -11.89
N VAL A 241 34.35 -54.11 -12.55
CA VAL A 241 33.23 -54.94 -13.01
C VAL A 241 32.92 -56.01 -11.97
N GLN A 242 31.64 -56.27 -11.74
CA GLN A 242 31.21 -57.21 -10.72
C GLN A 242 30.59 -58.44 -11.40
N GLY A 243 31.14 -59.62 -11.09
CA GLY A 243 30.72 -60.85 -11.76
C GLY A 243 31.74 -61.33 -12.78
N SER A 244 31.52 -62.55 -13.29
CA SER A 244 32.46 -63.20 -14.19
C SER A 244 32.04 -63.17 -15.66
N SER A 245 30.73 -63.21 -15.91
CA SER A 245 30.19 -63.42 -17.27
C SER A 245 30.29 -62.21 -18.23
N TYR A 246 31.52 -61.79 -18.51
CA TYR A 246 31.83 -60.72 -19.47
C TYR A 246 33.16 -61.04 -20.15
N ASP A 247 33.38 -60.46 -21.32
CA ASP A 247 34.61 -60.70 -22.08
C ASP A 247 35.63 -59.58 -21.89
N HIS A 248 35.22 -58.34 -22.19
CA HIS A 248 36.09 -57.16 -22.10
C HIS A 248 35.28 -55.85 -22.07
N ILE A 249 35.97 -54.72 -22.05
CA ILE A 249 35.29 -53.41 -22.12
C ILE A 249 35.76 -52.57 -23.32
N ASN A 250 34.85 -51.78 -23.87
CA ASN A 250 35.17 -50.83 -24.92
C ASN A 250 35.05 -49.41 -24.40
N PHE A 251 35.92 -48.55 -24.90
CA PHE A 251 35.87 -47.14 -24.58
C PHE A 251 35.91 -46.28 -25.83
N THR A 252 34.94 -45.41 -25.99
CA THR A 252 34.95 -44.47 -27.09
C THR A 252 34.89 -43.05 -26.56
N LEU A 253 35.90 -42.26 -26.94
CA LEU A 253 35.95 -40.84 -26.63
C LEU A 253 35.57 -40.04 -27.88
N TYR A 254 34.74 -39.02 -27.70
CA TYR A 254 34.26 -38.27 -28.85
C TYR A 254 34.91 -36.90 -28.96
N GLU A 255 34.87 -36.31 -30.16
CA GLU A 255 35.42 -34.98 -30.40
C GLU A 255 34.74 -33.99 -29.48
N PRO A 256 35.51 -33.03 -28.97
CA PRO A 256 35.01 -32.11 -27.93
C PRO A 256 33.92 -31.17 -28.41
N GLU A 257 33.09 -30.71 -27.48
CA GLU A 257 32.15 -29.63 -27.76
C GLU A 257 32.62 -28.43 -26.93
N ASP A 258 32.97 -27.34 -27.61
CA ASP A 258 33.55 -26.17 -26.95
C ASP A 258 32.70 -25.66 -25.79
N GLY A 259 33.38 -25.25 -24.72
CA GLY A 259 32.72 -24.70 -23.53
C GLY A 259 31.68 -23.60 -23.79
N SER A 260 31.73 -22.99 -24.97
CA SER A 260 30.77 -21.96 -25.38
C SER A 260 29.42 -22.50 -25.87
N LYS A 261 29.24 -23.83 -25.80
CA LYS A 261 27.96 -24.52 -26.05
C LYS A 261 26.76 -23.81 -25.44
N VAL A 262 25.69 -23.69 -26.21
CA VAL A 262 24.44 -23.14 -25.70
C VAL A 262 23.67 -24.21 -24.93
N TYR A 263 23.20 -23.85 -23.73
CA TYR A 263 22.35 -24.72 -22.94
C TYR A 263 21.09 -23.98 -22.56
N ASP A 264 20.07 -24.74 -22.15
CA ASP A 264 18.93 -24.17 -21.42
C ASP A 264 18.44 -25.21 -20.41
N ALA A 265 17.49 -24.81 -19.58
CA ALA A 265 16.94 -25.72 -18.56
C ALA A 265 16.55 -27.05 -19.18
N SER A 266 15.93 -27.00 -20.35
CA SER A 266 15.44 -28.18 -21.03
C SER A 266 16.55 -29.18 -21.39
N SER A 267 17.58 -28.72 -22.08
CA SER A 267 18.69 -29.59 -22.50
C SER A 267 19.60 -30.04 -21.33
N LEU A 268 19.78 -29.18 -20.34
CA LEU A 268 20.53 -29.57 -19.14
C LEU A 268 19.84 -30.69 -18.36
N LEU A 269 18.51 -30.73 -18.41
CA LEU A 269 17.74 -31.68 -17.61
C LEU A 269 17.37 -32.95 -18.35
N ASN A 270 17.45 -32.91 -19.67
CA ASN A 270 17.17 -34.07 -20.53
C ASN A 270 17.95 -35.30 -20.07
N GLU A 271 17.22 -36.37 -19.80
CA GLU A 271 17.80 -37.56 -19.18
C GLU A 271 17.73 -38.75 -20.09
N GLU A 272 17.33 -38.53 -21.34
CA GLU A 272 17.13 -39.62 -22.29
C GLU A 272 18.42 -40.29 -22.73
N ASN A 273 18.38 -41.63 -22.76
CA ASN A 273 19.40 -42.45 -23.43
C ASN A 273 18.77 -43.75 -23.98
N GLY A 274 19.50 -44.86 -23.88
CA GLY A 274 19.08 -46.14 -24.46
C GLY A 274 19.22 -46.10 -25.98
N ASN A 275 18.10 -45.80 -26.67
CA ASN A 275 18.08 -45.77 -28.14
C ASN A 275 18.68 -44.50 -28.78
N THR A 276 18.78 -43.43 -28.00
CA THR A 276 19.45 -42.19 -28.45
C THR A 276 20.96 -42.45 -28.71
N THR A 277 21.39 -42.22 -29.95
CA THR A 277 22.79 -42.43 -30.33
C THR A 277 23.63 -41.31 -29.73
N PHE A 278 24.39 -41.65 -28.67
CA PHE A 278 25.08 -40.68 -27.81
C PHE A 278 25.84 -39.61 -28.62
N SER A 279 26.88 -40.04 -29.33
CA SER A 279 27.64 -39.19 -30.24
C SER A 279 28.20 -40.05 -31.39
N THR A 280 28.68 -39.37 -32.44
CA THR A 280 29.23 -40.02 -33.64
C THR A 280 30.69 -39.66 -33.90
N LYS A 281 31.04 -38.40 -33.66
CA LYS A 281 32.37 -37.85 -33.95
C LYS A 281 33.44 -38.54 -33.10
N GLU A 282 33.88 -39.72 -33.55
CA GLU A 282 34.82 -40.51 -32.78
C GLU A 282 36.20 -39.89 -32.82
N PHE A 283 36.86 -39.87 -31.67
CA PHE A 283 38.18 -39.30 -31.53
C PHE A 283 39.16 -40.40 -31.24
N ILE A 284 38.83 -41.24 -30.26
CA ILE A 284 39.67 -42.34 -29.82
C ILE A 284 38.82 -43.54 -29.42
N SER A 285 39.27 -44.74 -29.81
CA SER A 285 38.68 -45.98 -29.35
C SER A 285 39.72 -46.80 -28.60
N PHE A 286 39.25 -47.76 -27.79
CA PHE A 286 40.14 -48.67 -27.10
C PHE A 286 39.34 -49.88 -26.69
N SER A 287 40.00 -51.04 -26.66
CA SER A 287 39.37 -52.27 -26.22
C SER A 287 40.29 -52.98 -25.24
N THR A 288 39.69 -53.59 -24.23
CA THR A 288 40.41 -54.50 -23.36
C THR A 288 40.40 -55.88 -24.03
N LYS A 289 41.31 -56.75 -23.64
CA LYS A 289 41.29 -58.14 -24.10
C LYS A 289 40.72 -59.07 -23.03
N LYS A 290 40.18 -60.20 -23.49
CA LYS A 290 39.70 -61.28 -22.61
C LYS A 290 40.72 -61.59 -21.50
N ASN A 291 40.20 -61.75 -20.28
CA ASN A 291 41.02 -62.13 -19.10
C ASN A 291 42.07 -61.10 -18.65
N GLU A 292 41.93 -59.88 -19.11
CA GLU A 292 42.87 -58.83 -18.69
C GLU A 292 42.20 -57.71 -17.89
N GLU A 293 43.04 -57.03 -17.10
CA GLU A 293 42.69 -55.83 -16.34
C GLU A 293 41.66 -54.94 -17.07
N THR A 294 40.53 -54.70 -16.41
CA THR A 294 39.49 -53.80 -16.93
C THR A 294 39.79 -52.34 -16.59
N ALA A 295 41.00 -51.91 -16.93
CA ALA A 295 41.47 -50.54 -16.75
C ALA A 295 42.48 -50.24 -17.84
N PHE A 296 42.72 -48.96 -18.10
CA PHE A 296 43.76 -48.57 -19.06
C PHE A 296 44.18 -47.11 -18.92
N LYS A 297 45.31 -46.79 -19.54
CA LYS A 297 45.85 -45.44 -19.61
C LYS A 297 46.14 -45.15 -21.09
N ILE A 298 45.67 -44.02 -21.60
CA ILE A 298 46.00 -43.66 -22.98
C ILE A 298 46.52 -42.24 -23.10
N ASN A 299 47.45 -42.07 -24.03
CA ASN A 299 48.05 -40.77 -24.28
C ASN A 299 47.15 -39.99 -25.22
N VAL A 300 46.78 -38.78 -24.79
CA VAL A 300 45.91 -37.93 -25.59
C VAL A 300 46.66 -36.71 -26.14
N LYS A 301 46.55 -36.52 -27.44
CA LYS A 301 47.21 -35.43 -28.17
C LYS A 301 46.58 -34.06 -27.88
N ALA A 302 47.33 -33.20 -27.19
CA ALA A 302 46.93 -31.79 -26.95
C ALA A 302 45.42 -31.55 -26.86
N PRO A 303 44.77 -32.12 -25.83
CA PRO A 303 43.32 -31.98 -25.71
C PRO A 303 42.85 -30.57 -25.34
N GLU A 304 41.59 -30.32 -25.58
CA GLU A 304 40.95 -29.07 -25.18
C GLU A 304 40.80 -29.02 -23.65
N HIS A 305 41.37 -27.98 -23.04
CA HIS A 305 41.28 -27.81 -21.59
C HIS A 305 39.85 -27.53 -21.13
N TRP A 306 39.47 -28.17 -20.03
CA TRP A 306 38.27 -27.78 -19.28
C TRP A 306 38.61 -26.67 -18.31
N THR A 307 37.73 -25.69 -18.24
CA THR A 307 37.90 -24.53 -17.37
C THR A 307 36.51 -24.04 -16.95
N ALA A 308 36.41 -23.33 -15.85
CA ALA A 308 35.11 -22.77 -15.46
C ALA A 308 34.65 -21.68 -16.44
N GLU A 309 35.61 -20.98 -17.04
CA GLU A 309 35.31 -19.93 -18.02
C GLU A 309 35.02 -20.52 -19.40
N ASN A 310 35.56 -21.70 -19.66
CA ASN A 310 35.27 -22.43 -20.88
C ASN A 310 35.20 -23.94 -20.60
N PRO A 311 34.03 -24.42 -20.19
CA PRO A 311 33.86 -25.81 -19.76
C PRO A 311 33.76 -26.83 -20.90
N THR A 312 34.85 -27.01 -21.63
CA THR A 312 34.85 -27.90 -22.78
C THR A 312 34.87 -29.36 -22.35
N LEU A 313 33.91 -30.13 -22.82
CA LEU A 313 33.80 -31.54 -22.43
C LEU A 313 33.95 -32.48 -23.60
N TYR A 314 34.59 -33.62 -23.34
CA TYR A 314 34.67 -34.73 -24.29
C TYR A 314 33.73 -35.83 -23.80
N LYS A 315 32.66 -36.08 -24.55
CA LYS A 315 31.75 -37.15 -24.21
C LYS A 315 32.44 -38.49 -24.43
N TYR A 316 32.06 -39.49 -23.65
CA TYR A 316 32.56 -40.83 -23.85
C TYR A 316 31.49 -41.88 -23.63
N GLN A 317 31.72 -43.06 -24.19
CA GLN A 317 30.85 -44.19 -23.94
C GLN A 317 31.71 -45.36 -23.52
N LEU A 318 31.34 -45.99 -22.41
CA LEU A 318 32.02 -47.14 -21.90
C LEU A 318 31.09 -48.33 -22.03
N ASP A 319 31.52 -49.36 -22.75
CA ASP A 319 30.67 -50.55 -22.92
C ASP A 319 31.28 -51.79 -22.30
N LEU A 320 30.49 -52.48 -21.47
CA LEU A 320 30.86 -53.80 -21.00
C LEU A 320 30.36 -54.81 -22.02
N ILE A 321 31.25 -55.67 -22.49
CA ILE A 321 30.93 -56.55 -23.61
C ILE A 321 31.04 -58.02 -23.26
N GLY A 322 29.99 -58.76 -23.59
CA GLY A 322 29.93 -60.20 -23.32
C GLY A 322 30.69 -61.06 -24.31
N SER A 323 30.71 -62.36 -24.04
CA SER A 323 31.42 -63.35 -24.88
C SER A 323 30.86 -63.39 -26.31
N ASP A 324 29.53 -63.37 -26.41
CA ASP A 324 28.84 -63.33 -27.70
C ASP A 324 29.10 -62.02 -28.47
N GLY A 325 29.69 -61.04 -27.80
CA GLY A 325 29.98 -59.74 -28.43
C GLY A 325 28.94 -58.65 -28.23
N SER A 326 27.89 -58.95 -27.46
CA SER A 326 26.82 -57.98 -27.22
C SER A 326 27.13 -57.07 -26.04
N VAL A 327 26.47 -55.92 -26.03
CA VAL A 327 26.64 -54.89 -25.00
C VAL A 327 25.78 -55.20 -23.78
N ILE A 328 26.41 -55.65 -22.70
CA ILE A 328 25.75 -55.91 -21.41
C ILE A 328 25.30 -54.63 -20.70
N GLN A 329 26.18 -53.63 -20.69
CA GLN A 329 25.89 -52.34 -20.06
C GLN A 329 26.70 -51.20 -20.69
N SER A 330 26.13 -50.01 -20.68
CA SER A 330 26.83 -48.83 -21.17
C SER A 330 26.82 -47.74 -20.10
N ILE A 331 27.89 -46.95 -20.07
CA ILE A 331 27.90 -45.71 -19.33
C ILE A 331 28.22 -44.58 -20.29
N LYS A 332 27.34 -43.59 -20.33
CA LYS A 332 27.52 -42.43 -21.19
C LYS A 332 27.78 -41.23 -20.29
N HIS A 333 28.98 -40.67 -20.39
CA HIS A 333 29.37 -39.53 -19.57
C HIS A 333 30.39 -38.64 -20.27
N HIS A 334 31.13 -37.85 -19.51
CA HIS A 334 32.06 -36.90 -20.10
C HIS A 334 33.39 -36.78 -19.34
N VAL A 335 34.42 -36.38 -20.08
CA VAL A 335 35.75 -36.13 -19.53
C VAL A 335 36.03 -34.62 -19.62
N GLY A 336 36.54 -34.05 -18.53
CA GLY A 336 37.01 -32.67 -18.55
C GLY A 336 38.51 -32.68 -18.33
N PHE A 337 39.27 -32.32 -19.38
CA PHE A 337 40.72 -32.29 -19.27
C PHE A 337 41.19 -31.08 -18.50
N ARG A 338 41.59 -31.32 -17.26
CA ARG A 338 41.99 -30.28 -16.33
C ARG A 338 42.81 -30.94 -15.23
N GLN A 339 43.70 -30.19 -14.59
CA GLN A 339 44.49 -30.73 -13.48
C GLN A 339 44.67 -29.66 -12.41
N VAL A 340 44.39 -30.03 -11.17
CA VAL A 340 44.53 -29.10 -10.05
C VAL A 340 45.77 -29.44 -9.22
N GLU A 341 46.57 -28.42 -8.94
CA GLU A 341 47.79 -28.59 -8.15
C GLU A 341 47.96 -27.46 -7.12
N LEU A 342 48.70 -27.78 -6.07
CA LEU A 342 49.26 -26.78 -5.20
C LEU A 342 50.64 -26.55 -5.76
N LYS A 343 50.85 -25.40 -6.39
CA LYS A 343 52.07 -25.11 -7.13
C LYS A 343 52.60 -23.74 -6.76
N ASP A 344 53.82 -23.71 -6.24
CA ASP A 344 54.47 -22.48 -5.77
C ASP A 344 53.59 -21.73 -4.78
N GLY A 345 52.87 -22.51 -3.96
CA GLY A 345 51.99 -21.96 -2.94
C GLY A 345 50.67 -21.40 -3.43
N ASN A 346 50.25 -21.78 -4.63
CA ASN A 346 48.96 -21.38 -5.18
C ASN A 346 48.12 -22.58 -5.62
N ILE A 347 46.80 -22.43 -5.51
CA ILE A 347 45.86 -23.37 -6.12
C ILE A 347 45.90 -23.11 -7.60
N THR A 348 46.21 -24.16 -8.34
CA THR A 348 46.54 -24.04 -9.73
C THR A 348 45.70 -25.01 -10.54
N VAL A 349 45.05 -24.49 -11.57
CA VAL A 349 44.36 -25.35 -12.52
C VAL A 349 45.06 -25.17 -13.87
N ASN A 350 45.52 -26.29 -14.45
CA ASN A 350 46.19 -26.28 -15.74
C ASN A 350 47.36 -25.29 -15.80
N GLY A 351 48.12 -25.22 -14.70
CA GLY A 351 49.26 -24.33 -14.60
C GLY A 351 48.96 -22.95 -14.05
N LYS A 352 47.69 -22.58 -14.07
CA LYS A 352 47.30 -21.21 -13.80
C LYS A 352 46.73 -20.98 -12.41
N ASP A 353 47.26 -19.97 -11.74
CA ASP A 353 46.76 -19.56 -10.44
C ASP A 353 45.43 -18.79 -10.50
N ILE A 354 44.35 -19.50 -10.20
CA ILE A 354 43.02 -18.97 -10.46
C ILE A 354 42.51 -18.03 -9.38
N LEU A 355 41.42 -17.34 -9.70
CA LEU A 355 40.71 -16.47 -8.78
C LEU A 355 39.28 -16.97 -8.60
N PHE A 356 38.88 -17.20 -7.35
CA PHE A 356 37.50 -17.56 -7.04
C PHE A 356 36.65 -16.33 -7.00
N ARG A 357 35.64 -16.30 -7.87
CA ARG A 357 34.59 -15.30 -7.85
C ARG A 357 33.36 -16.05 -7.37
N GLY A 358 33.37 -16.40 -6.09
CA GLY A 358 32.51 -17.46 -5.60
C GLY A 358 31.34 -17.10 -4.73
N VAL A 359 30.49 -18.09 -4.49
CA VAL A 359 29.33 -17.97 -3.62
C VAL A 359 29.07 -19.30 -2.87
N ASN A 360 28.61 -19.18 -1.62
CA ASN A 360 28.11 -20.33 -0.87
C ASN A 360 26.64 -20.58 -1.18
N ARG A 361 26.31 -21.82 -1.55
CA ARG A 361 24.94 -22.17 -1.87
C ARG A 361 24.45 -23.33 -1.02
N HIS A 362 23.42 -23.08 -0.24
CA HIS A 362 22.65 -24.14 0.40
C HIS A 362 21.60 -24.69 -0.56
N ASP A 363 21.14 -25.90 -0.26
CA ASP A 363 19.92 -26.40 -0.87
C ASP A 363 18.78 -25.69 -0.17
N HIS A 364 18.04 -24.88 -0.91
CA HIS A 364 16.88 -24.23 -0.35
C HIS A 364 15.86 -23.87 -1.42
N HIS A 365 14.60 -24.15 -1.10
CA HIS A 365 13.45 -23.72 -1.88
C HIS A 365 12.42 -23.19 -0.88
N PRO A 366 11.77 -22.05 -1.19
CA PRO A 366 10.83 -21.40 -0.26
C PRO A 366 9.59 -22.20 0.11
N ARG A 367 9.29 -23.22 -0.67
CA ARG A 367 8.16 -24.10 -0.38
C ARG A 367 8.56 -25.54 -0.07
N PHE A 368 9.64 -26.02 -0.67
CA PHE A 368 10.03 -27.42 -0.52
C PHE A 368 11.22 -27.64 0.41
N GLY A 369 11.87 -26.57 0.84
CA GLY A 369 13.01 -26.67 1.73
C GLY A 369 14.29 -27.19 1.06
N ARG A 370 14.78 -28.32 1.54
CA ARG A 370 16.00 -28.92 1.03
C ARG A 370 15.69 -29.93 -0.08
N ALA A 371 14.40 -30.12 -0.35
CA ALA A 371 13.90 -30.98 -1.43
C ALA A 371 13.74 -30.15 -2.70
N VAL A 372 14.87 -29.74 -3.26
CA VAL A 372 14.90 -28.77 -4.33
C VAL A 372 14.77 -29.46 -5.68
N PRO A 373 13.77 -29.09 -6.48
CA PRO A 373 13.66 -29.69 -7.80
C PRO A 373 14.85 -29.26 -8.63
N LEU A 374 15.36 -30.16 -9.46
CA LEU A 374 16.50 -29.84 -10.31
C LEU A 374 16.28 -28.57 -11.12
N ASP A 375 15.07 -28.44 -11.65
CA ASP A 375 14.64 -27.27 -12.39
C ASP A 375 15.08 -25.98 -11.70
N PHE A 376 14.92 -25.97 -10.37
CA PHE A 376 15.21 -24.80 -9.54
C PHE A 376 16.72 -24.60 -9.33
N VAL A 377 17.47 -25.69 -9.28
CA VAL A 377 18.93 -25.59 -9.14
C VAL A 377 19.54 -25.00 -10.41
N VAL A 378 19.04 -25.43 -11.57
CA VAL A 378 19.41 -24.85 -12.86
C VAL A 378 19.10 -23.37 -12.83
N ARG A 379 17.93 -23.01 -12.29
CA ARG A 379 17.54 -21.60 -12.14
C ARG A 379 18.60 -20.81 -11.37
N ASP A 380 19.03 -21.35 -10.22
CA ASP A 380 20.12 -20.78 -9.43
C ASP A 380 21.38 -20.53 -10.24
N LEU A 381 21.87 -21.59 -10.88
CA LEU A 381 23.17 -21.59 -11.55
C LEU A 381 23.21 -20.64 -12.75
N ILE A 382 22.14 -20.64 -13.55
CA ILE A 382 22.04 -19.72 -14.68
C ILE A 382 22.14 -18.29 -14.17
N LEU A 383 21.39 -17.98 -13.12
CA LEU A 383 21.45 -16.67 -12.48
C LEU A 383 22.87 -16.28 -12.00
N MET A 384 23.61 -17.26 -11.49
CA MET A 384 24.96 -17.01 -11.02
C MET A 384 25.85 -16.60 -12.17
N LYS A 385 25.79 -17.39 -13.24
CA LYS A 385 26.53 -17.10 -14.46
C LYS A 385 26.19 -15.72 -15.03
N LYS A 386 24.91 -15.35 -14.94
CA LYS A 386 24.45 -14.06 -15.41
C LYS A 386 25.01 -12.90 -14.56
N PHE A 387 25.50 -13.21 -13.36
CA PHE A 387 26.04 -12.16 -12.48
C PHE A 387 27.54 -12.33 -12.19
N ASN A 388 28.23 -12.95 -13.15
CA ASN A 388 29.71 -13.04 -13.20
C ASN A 388 30.38 -14.02 -12.24
N ILE A 389 29.59 -14.86 -11.57
CA ILE A 389 30.11 -15.85 -10.64
C ILE A 389 30.78 -16.99 -11.39
N ASN A 390 31.86 -17.52 -10.82
CA ASN A 390 32.59 -18.64 -11.42
C ASN A 390 32.84 -19.82 -10.48
N ALA A 391 32.43 -19.68 -9.22
CA ALA A 391 32.70 -20.72 -8.23
C ALA A 391 31.57 -20.89 -7.23
N VAL A 392 31.35 -22.12 -6.79
CA VAL A 392 30.32 -22.42 -5.81
C VAL A 392 30.89 -23.30 -4.71
N ARG A 393 30.51 -22.99 -3.47
CA ARG A 393 30.84 -23.86 -2.35
C ARG A 393 29.58 -24.53 -1.83
N ASN A 394 29.61 -25.86 -1.75
CA ASN A 394 28.46 -26.64 -1.30
C ASN A 394 28.32 -26.58 0.21
N SER A 395 27.92 -25.41 0.71
CA SER A 395 27.76 -25.22 2.13
C SER A 395 26.48 -25.92 2.62
N HIS A 396 26.60 -26.83 3.60
CA HIS A 396 27.85 -27.42 4.06
C HIS A 396 27.61 -28.91 4.03
N TYR A 397 27.50 -29.46 2.82
CA TYR A 397 27.12 -30.86 2.58
C TYR A 397 27.01 -31.06 1.07
N PRO A 398 27.09 -32.31 0.59
CA PRO A 398 26.87 -32.54 -0.83
C PRO A 398 25.42 -32.31 -1.22
N ASN A 399 25.20 -31.89 -2.46
CA ASN A 399 23.87 -31.67 -2.99
C ASN A 399 23.35 -32.95 -3.63
N HIS A 400 22.19 -32.87 -4.29
CA HIS A 400 21.66 -33.98 -5.08
C HIS A 400 22.70 -34.37 -6.13
N PRO A 401 22.99 -35.68 -6.28
CA PRO A 401 24.07 -36.14 -7.16
C PRO A 401 23.99 -35.62 -8.59
N LYS A 402 22.77 -35.38 -9.07
CA LYS A 402 22.56 -34.89 -10.44
C LYS A 402 23.00 -33.43 -10.68
N VAL A 403 23.28 -32.70 -9.61
CA VAL A 403 23.66 -31.29 -9.70
C VAL A 403 25.05 -31.12 -10.26
N TYR A 404 25.92 -32.08 -9.99
CA TYR A 404 27.33 -31.96 -10.34
C TYR A 404 27.63 -31.95 -11.84
N ASP A 405 26.79 -32.63 -12.62
CA ASP A 405 26.85 -32.50 -14.07
C ASP A 405 26.58 -31.07 -14.54
N LEU A 406 25.70 -30.37 -13.83
CA LEU A 406 25.39 -28.98 -14.13
C LEU A 406 26.61 -28.09 -13.95
N PHE A 407 27.36 -28.32 -12.86
CA PHE A 407 28.62 -27.63 -12.65
C PHE A 407 29.60 -27.92 -13.80
N ASP A 408 29.75 -29.20 -14.15
CA ASP A 408 30.62 -29.63 -15.24
C ASP A 408 30.31 -28.89 -16.55
N LYS A 409 29.02 -28.78 -16.87
CA LYS A 409 28.58 -28.25 -18.17
C LYS A 409 28.53 -26.74 -18.22
N LEU A 410 28.16 -26.11 -17.11
CA LEU A 410 28.06 -24.65 -17.05
C LEU A 410 29.39 -23.98 -16.69
N GLY A 411 30.25 -24.72 -15.99
CA GLY A 411 31.57 -24.22 -15.64
C GLY A 411 31.61 -23.45 -14.34
N PHE A 412 31.78 -24.17 -13.23
CA PHE A 412 31.99 -23.57 -11.93
C PHE A 412 33.17 -24.26 -11.25
N TRP A 413 33.99 -23.49 -10.53
CA TRP A 413 34.98 -24.10 -9.63
C TRP A 413 34.22 -24.50 -8.38
N VAL A 414 34.23 -25.78 -8.04
CA VAL A 414 33.37 -26.27 -6.97
C VAL A 414 34.15 -26.80 -5.78
N ILE A 415 33.80 -26.31 -4.59
CA ILE A 415 34.21 -26.93 -3.35
C ILE A 415 33.08 -27.82 -2.86
N ASP A 416 33.26 -29.14 -3.00
CA ASP A 416 32.31 -30.12 -2.50
C ASP A 416 32.65 -30.45 -1.06
N GLU A 417 31.68 -30.29 -0.17
CA GLU A 417 31.94 -30.29 1.28
C GLU A 417 31.26 -31.45 1.99
N ALA A 418 31.98 -32.07 2.93
CA ALA A 418 31.41 -33.14 3.74
C ALA A 418 30.25 -32.63 4.60
N ASP A 419 29.28 -33.50 4.83
CA ASP A 419 28.14 -33.19 5.69
C ASP A 419 28.55 -33.33 7.14
N LEU A 420 29.19 -32.30 7.68
CA LEU A 420 29.70 -32.35 9.06
C LEU A 420 29.91 -30.97 9.69
N GLU A 421 28.96 -30.52 10.52
CA GLU A 421 29.14 -29.32 11.35
C GLU A 421 28.87 -29.64 12.80
N THR A 422 29.73 -29.12 13.68
CA THR A 422 29.74 -29.49 15.09
C THR A 422 29.52 -28.27 15.99
N HIS A 423 29.19 -27.16 15.33
CA HIS A 423 29.12 -25.83 15.93
C HIS A 423 28.50 -25.74 17.32
N GLY A 424 27.39 -26.44 17.54
CA GLY A 424 26.63 -26.36 18.78
C GLY A 424 27.35 -26.60 20.08
N VAL A 425 28.46 -27.34 20.02
CA VAL A 425 29.28 -27.59 21.20
C VAL A 425 29.80 -26.29 21.81
N GLN A 426 29.89 -25.24 20.99
CA GLN A 426 30.44 -23.96 21.42
C GLN A 426 29.48 -23.12 22.25
N GLU A 427 28.18 -23.30 22.02
CA GLU A 427 27.20 -22.35 22.53
C GLU A 427 27.21 -22.15 24.05
N PRO A 428 27.21 -23.25 24.84
CA PRO A 428 27.27 -23.07 26.28
C PRO A 428 28.53 -22.35 26.74
N PHE A 429 29.63 -22.61 26.04
CA PHE A 429 30.92 -21.97 26.30
C PHE A 429 30.83 -20.48 26.00
N ASN A 430 30.27 -20.15 24.83
CA ASN A 430 30.04 -18.76 24.46
C ASN A 430 29.24 -18.03 25.52
N ARG A 431 28.21 -18.69 26.06
CA ARG A 431 27.36 -18.06 27.07
C ARG A 431 28.00 -18.03 28.45
N HIS A 432 28.65 -19.12 28.84
CA HIS A 432 29.28 -19.21 30.15
C HIS A 432 30.38 -18.16 30.33
N THR A 433 31.14 -17.94 29.25
CA THR A 433 32.27 -17.01 29.28
C THR A 433 31.94 -15.61 28.75
N ASN A 434 30.66 -15.38 28.44
CA ASN A 434 30.15 -14.11 27.90
C ASN A 434 30.87 -13.62 26.64
N LEU A 435 31.31 -14.57 25.81
CA LEU A 435 32.05 -14.26 24.58
C LEU A 435 31.21 -13.39 23.63
N GLU A 436 31.80 -12.25 23.25
CA GLU A 436 31.17 -11.28 22.36
C GLU A 436 31.54 -11.48 20.89
N ALA A 437 32.85 -11.62 20.63
CA ALA A 437 33.37 -11.67 19.25
C ALA A 437 34.36 -12.80 18.99
N GLU A 438 34.32 -13.33 17.76
CA GLU A 438 35.32 -14.27 17.26
C GLU A 438 36.06 -13.63 16.08
N TYR A 439 37.37 -13.85 16.00
CA TYR A 439 38.22 -13.32 14.93
C TYR A 439 39.05 -14.43 14.27
N PRO A 440 39.19 -14.39 12.92
CA PRO A 440 39.75 -15.50 12.11
C PRO A 440 41.15 -15.98 12.49
N ASP A 441 41.97 -15.09 13.05
CA ASP A 441 43.37 -15.43 13.41
C ASP A 441 43.53 -15.97 14.83
N THR A 442 42.45 -15.91 15.60
CA THR A 442 42.51 -16.05 17.06
C THR A 442 41.45 -17.04 17.61
N LYS A 443 40.36 -17.21 16.88
CA LYS A 443 39.14 -17.94 17.34
C LYS A 443 39.27 -19.45 17.52
N ASN A 444 40.23 -20.07 16.85
CA ASN A 444 40.42 -21.53 16.92
C ASN A 444 40.79 -22.04 18.33
N LYS A 445 41.28 -21.16 19.18
CA LYS A 445 41.59 -21.46 20.58
C LYS A 445 40.30 -21.70 21.38
N LEU A 446 39.24 -21.01 20.95
CA LEU A 446 37.93 -21.15 21.58
C LEU A 446 37.29 -22.48 21.18
N TYR A 447 37.57 -22.96 19.97
CA TYR A 447 37.05 -24.25 19.50
C TYR A 447 37.87 -25.43 20.04
N ASP A 448 39.17 -25.17 20.30
CA ASP A 448 40.10 -26.16 20.85
C ASP A 448 39.64 -26.76 22.18
N VAL A 449 39.06 -25.90 23.04
CA VAL A 449 38.60 -26.27 24.37
C VAL A 449 37.41 -27.25 24.37
N ASN A 450 36.62 -27.24 23.30
CA ASN A 450 35.47 -28.17 23.20
C ASN A 450 35.62 -29.29 22.14
N ALA A 451 36.79 -29.36 21.50
CA ALA A 451 37.01 -30.35 20.44
C ALA A 451 36.86 -31.79 20.93
N HIS A 452 37.17 -32.03 22.20
CA HIS A 452 37.18 -33.39 22.78
C HIS A 452 35.84 -34.11 22.74
N TYR A 453 34.75 -33.34 22.69
CA TYR A 453 33.39 -33.89 22.66
C TYR A 453 33.11 -34.67 21.38
N LEU A 454 33.61 -34.17 20.25
CA LEU A 454 33.28 -34.76 18.94
C LEU A 454 34.47 -34.94 17.99
N SER A 455 35.07 -33.84 17.55
CA SER A 455 36.13 -33.88 16.54
C SER A 455 37.44 -34.48 17.04
N ASP A 456 37.64 -34.47 18.35
CA ASP A 456 38.79 -35.13 18.94
C ASP A 456 38.37 -36.39 19.69
N ASN A 457 37.12 -36.81 19.48
CA ASN A 457 36.52 -37.96 20.16
C ASN A 457 36.66 -39.23 19.31
N PRO A 458 37.43 -40.21 19.81
CA PRO A 458 37.72 -41.44 19.05
C PRO A 458 36.47 -42.28 18.73
N GLU A 459 35.41 -42.10 19.51
CA GLU A 459 34.14 -42.78 19.26
C GLU A 459 33.48 -42.31 17.96
N TYR A 460 33.86 -41.11 17.51
CA TYR A 460 33.27 -40.53 16.31
C TYR A 460 34.10 -40.69 15.06
N GLU A 461 35.29 -41.28 15.20
CA GLU A 461 36.19 -41.45 14.05
C GLU A 461 35.51 -42.13 12.86
N VAL A 462 34.88 -43.28 13.09
CA VAL A 462 34.19 -44.01 12.03
C VAL A 462 33.17 -43.13 11.30
N ALA A 463 32.41 -42.33 12.05
CA ALA A 463 31.43 -41.42 11.47
C ALA A 463 32.07 -40.33 10.60
N TYR A 464 33.12 -39.69 11.13
CA TYR A 464 33.85 -38.65 10.42
C TYR A 464 34.46 -39.18 9.13
N LEU A 465 35.03 -40.39 9.20
CA LEU A 465 35.64 -41.04 8.04
C LEU A 465 34.59 -41.34 6.99
N ASP A 466 33.44 -41.80 7.46
CA ASP A 466 32.32 -42.13 6.60
C ASP A 466 31.80 -40.91 5.81
N ARG A 467 31.68 -39.76 6.47
CA ARG A 467 31.30 -38.52 5.80
C ARG A 467 32.31 -38.14 4.73
N ALA A 468 33.59 -38.42 4.98
CA ALA A 468 34.65 -38.15 4.02
C ALA A 468 34.64 -39.14 2.86
N SER A 469 34.46 -40.42 3.17
CA SER A 469 34.48 -41.49 2.18
C SER A 469 33.30 -41.30 1.25
N GLN A 470 32.16 -40.98 1.85
CA GLN A 470 30.93 -40.84 1.11
C GLN A 470 30.97 -39.62 0.22
N LEU A 471 31.53 -38.52 0.72
CA LEU A 471 31.69 -37.27 -0.03
C LEU A 471 32.47 -37.47 -1.31
N VAL A 472 33.66 -38.08 -1.19
CA VAL A 472 34.60 -38.21 -2.29
C VAL A 472 34.16 -39.26 -3.32
N LEU A 473 33.81 -40.44 -2.83
CA LEU A 473 33.60 -41.55 -3.73
C LEU A 473 32.38 -41.38 -4.66
N ARG A 474 31.39 -40.63 -4.20
CA ARG A 474 30.21 -40.41 -5.02
C ARG A 474 30.46 -39.42 -6.17
N ASP A 475 31.28 -38.41 -5.89
CA ASP A 475 31.42 -37.28 -6.80
C ASP A 475 32.81 -37.15 -7.45
N VAL A 476 33.64 -38.18 -7.32
CA VAL A 476 35.06 -38.17 -7.75
C VAL A 476 35.35 -37.94 -9.26
N ASN A 477 34.35 -38.10 -10.11
CA ASN A 477 34.56 -37.98 -11.55
C ASN A 477 34.08 -36.68 -12.19
N HIS A 478 33.81 -35.67 -11.36
CA HIS A 478 33.34 -34.37 -11.86
C HIS A 478 34.47 -33.35 -11.90
N PRO A 479 34.90 -32.97 -13.13
CA PRO A 479 36.00 -32.03 -13.32
C PRO A 479 35.80 -30.67 -12.64
N SER A 480 34.56 -30.28 -12.41
CA SER A 480 34.27 -29.00 -11.77
C SER A 480 34.67 -28.96 -10.29
N ILE A 481 34.69 -30.12 -9.64
CA ILE A 481 35.12 -30.20 -8.25
C ILE A 481 36.63 -30.18 -8.21
N ILE A 482 37.20 -29.17 -7.56
CA ILE A 482 38.66 -29.05 -7.51
C ILE A 482 39.16 -29.16 -6.08
N ILE A 483 38.25 -29.00 -5.13
CA ILE A 483 38.60 -29.04 -3.72
C ILE A 483 37.57 -29.85 -2.93
N TRP A 484 38.05 -30.78 -2.11
CA TRP A 484 37.24 -31.46 -1.11
C TRP A 484 37.34 -30.71 0.20
N SER A 485 36.21 -30.53 0.88
CA SER A 485 36.21 -29.86 2.17
C SER A 485 35.67 -30.76 3.27
N LEU A 486 36.35 -30.74 4.41
CA LEU A 486 36.09 -31.66 5.52
C LEU A 486 34.84 -31.31 6.33
N GLY A 487 34.15 -30.26 5.92
CA GLY A 487 32.98 -29.82 6.65
C GLY A 487 33.11 -28.37 7.02
N ASN A 488 32.35 -27.96 8.04
CA ASN A 488 32.34 -26.58 8.49
C ASN A 488 32.21 -26.50 10.00
N GLU A 489 32.94 -25.56 10.62
CA GLU A 489 32.82 -25.25 12.06
C GLU A 489 32.63 -26.49 12.95
N ALA A 490 33.58 -27.41 12.86
CA ALA A 490 33.57 -28.62 13.68
C ALA A 490 34.80 -28.67 14.58
N CYS A 491 35.30 -27.50 14.98
CA CYS A 491 36.56 -27.37 15.73
C CYS A 491 37.73 -28.01 14.96
N TYR A 492 38.73 -28.50 15.68
CA TYR A 492 39.82 -29.26 15.06
C TYR A 492 40.28 -30.38 15.97
N GLY A 493 40.48 -31.56 15.40
CA GLY A 493 40.87 -32.73 16.18
C GLY A 493 41.41 -33.88 15.35
N ARG A 494 41.74 -34.99 16.02
CA ARG A 494 42.38 -36.15 15.39
C ARG A 494 41.54 -36.73 14.24
N ASN A 495 40.23 -36.67 14.40
CA ASN A 495 39.29 -37.13 13.37
C ASN A 495 39.43 -36.38 12.05
N HIS A 496 39.75 -35.09 12.11
CA HIS A 496 39.98 -34.31 10.90
C HIS A 496 41.26 -34.78 10.19
N LYS A 497 42.30 -35.09 10.96
CA LYS A 497 43.53 -35.58 10.36
C LYS A 497 43.24 -36.90 9.66
N ALA A 498 42.44 -37.75 10.32
CA ALA A 498 42.05 -39.04 9.77
C ALA A 498 41.30 -38.85 8.45
N MET A 499 40.36 -37.91 8.42
CA MET A 499 39.65 -37.55 7.20
C MET A 499 40.60 -37.17 6.08
N TYR A 500 41.55 -36.28 6.40
CA TYR A 500 42.54 -35.81 5.44
C TYR A 500 43.36 -36.95 4.83
N LYS A 501 43.89 -37.83 5.68
CA LYS A 501 44.65 -38.99 5.22
C LYS A 501 43.82 -39.84 4.26
N LEU A 502 42.57 -40.12 4.64
CA LEU A 502 41.69 -40.95 3.82
C LEU A 502 41.42 -40.34 2.45
N ILE A 503 41.15 -39.03 2.42
CA ILE A 503 40.82 -38.38 1.16
C ILE A 503 41.98 -38.40 0.16
N LYS A 504 43.19 -38.04 0.62
CA LYS A 504 44.40 -38.07 -0.21
C LYS A 504 44.67 -39.48 -0.72
N GLN A 505 44.28 -40.45 0.08
CA GLN A 505 44.41 -41.87 -0.25
C GLN A 505 43.42 -42.23 -1.34
N LEU A 506 42.15 -41.85 -1.16
CA LEU A 506 41.11 -42.15 -2.14
C LEU A 506 41.23 -41.32 -3.42
N ASP A 507 41.51 -40.02 -3.28
CA ASP A 507 41.58 -39.14 -4.44
C ASP A 507 42.80 -38.22 -4.33
N PRO A 508 43.96 -38.68 -4.85
CA PRO A 508 45.18 -37.86 -4.83
C PRO A 508 45.07 -36.62 -5.72
N THR A 509 44.10 -36.59 -6.64
CA THR A 509 44.05 -35.57 -7.69
C THR A 509 43.55 -34.18 -7.26
N ARG A 510 42.96 -34.08 -6.07
CA ARG A 510 42.39 -32.79 -5.64
C ARG A 510 42.97 -32.31 -4.32
N LEU A 511 42.69 -31.06 -3.98
CA LEU A 511 43.17 -30.44 -2.75
C LEU A 511 42.11 -30.49 -1.63
N VAL A 512 42.55 -30.43 -0.38
CA VAL A 512 41.66 -30.52 0.77
C VAL A 512 41.57 -29.19 1.54
N HIS A 513 40.34 -28.77 1.83
CA HIS A 513 40.08 -27.53 2.54
C HIS A 513 39.45 -27.83 3.90
N TYR A 514 39.90 -27.12 4.93
CA TYR A 514 39.16 -27.09 6.18
C TYR A 514 39.45 -25.86 7.04
N GLU A 515 38.48 -24.95 7.07
CA GLU A 515 38.61 -23.65 7.72
C GLU A 515 38.91 -23.74 9.23
N GLY A 516 38.35 -24.75 9.90
CA GLY A 516 38.58 -24.96 11.33
C GLY A 516 40.01 -25.33 11.70
N ASP A 517 40.75 -25.78 10.69
CA ASP A 517 42.17 -26.12 10.81
C ASP A 517 42.95 -24.86 10.42
N LEU A 518 43.15 -23.98 11.39
CA LEU A 518 43.75 -22.66 11.14
C LEU A 518 45.11 -22.75 10.46
N ASN A 519 45.98 -23.63 10.96
CA ASN A 519 47.35 -23.75 10.44
C ASN A 519 47.51 -24.78 9.33
N ALA A 520 46.39 -25.24 8.78
CA ALA A 520 46.38 -26.25 7.72
C ALA A 520 47.37 -27.40 7.95
N LEU A 521 47.35 -27.95 9.17
CA LEU A 521 48.16 -29.14 9.51
C LEU A 521 47.66 -30.37 8.75
N SER A 522 46.35 -30.45 8.53
CA SER A 522 45.76 -31.46 7.66
C SER A 522 44.80 -30.83 6.65
N ALA A 523 45.31 -29.82 5.93
CA ALA A 523 44.65 -29.20 4.77
C ALA A 523 45.71 -28.63 3.86
N ASP A 524 45.35 -28.36 2.61
CA ASP A 524 46.32 -27.88 1.61
C ASP A 524 46.23 -26.37 1.37
N ILE A 525 45.24 -25.73 1.99
CA ILE A 525 44.85 -24.34 1.70
C ILE A 525 44.65 -23.64 3.04
N PHE A 526 44.95 -22.35 3.09
CA PHE A 526 44.51 -21.49 4.19
C PHE A 526 43.14 -20.92 3.86
N SER A 527 42.32 -20.75 4.90
CA SER A 527 40.94 -20.32 4.73
C SER A 527 40.49 -19.46 5.90
N PHE A 528 39.99 -18.27 5.58
CA PHE A 528 39.41 -17.40 6.60
C PHE A 528 37.94 -17.13 6.30
N MET A 529 37.19 -16.80 7.34
CA MET A 529 35.85 -16.24 7.15
C MET A 529 35.65 -14.87 7.81
N TYR A 530 35.18 -13.91 7.00
CA TYR A 530 34.86 -12.54 7.42
C TYR A 530 36.05 -11.75 8.03
N PRO A 531 37.27 -11.92 7.48
CA PRO A 531 38.40 -11.28 8.15
C PRO A 531 38.50 -9.79 7.79
N THR A 532 39.11 -8.99 8.66
CA THR A 532 39.42 -7.61 8.27
C THR A 532 40.64 -7.64 7.35
N PHE A 533 40.88 -6.53 6.67
CA PHE A 533 42.05 -6.41 5.81
C PHE A 533 43.33 -6.55 6.61
N GLU A 534 43.40 -5.87 7.77
CA GLU A 534 44.53 -6.01 8.72
C GLU A 534 44.83 -7.47 9.01
N ILE A 535 43.78 -8.24 9.26
CA ILE A 535 43.93 -9.65 9.64
C ILE A 535 44.41 -10.52 8.45
N MET A 536 43.87 -10.24 7.25
CA MET A 536 44.33 -10.89 6.02
C MET A 536 45.80 -10.59 5.77
N GLU A 537 46.15 -9.32 5.94
CA GLU A 537 47.47 -8.80 5.68
C GLU A 537 48.53 -9.37 6.64
N ARG A 538 48.23 -9.43 7.94
CA ARG A 538 49.14 -10.04 8.92
C ARG A 538 49.43 -11.50 8.57
N TRP A 539 48.37 -12.21 8.22
CA TRP A 539 48.49 -13.61 7.88
C TRP A 539 49.40 -13.77 6.69
N ARG A 540 49.15 -12.99 5.65
CA ARG A 540 50.01 -12.99 4.45
C ARG A 540 51.50 -12.86 4.81
N LYS A 541 51.82 -11.80 5.55
CA LYS A 541 53.20 -11.51 5.95
C LYS A 541 53.83 -12.60 6.83
N ASN A 542 53.05 -13.23 7.70
CA ASN A 542 53.58 -14.30 8.54
C ASN A 542 53.75 -15.61 7.82
N HIS A 543 53.26 -15.69 6.58
CA HIS A 543 53.35 -16.92 5.80
C HIS A 543 54.07 -16.73 4.47
N THR A 544 54.55 -15.50 4.24
CA THR A 544 55.47 -15.18 3.15
C THR A 544 56.89 -15.02 3.72
N ASP A 545 57.80 -15.88 3.28
CA ASP A 545 59.18 -15.82 3.75
C ASP A 545 59.98 -14.67 3.12
N GLU A 546 61.28 -14.64 3.40
CA GLU A 546 62.19 -13.56 2.99
C GLU A 546 62.38 -13.49 1.48
N ASN A 547 62.29 -14.66 0.83
CA ASN A 547 62.31 -14.80 -0.62
C ASN A 547 61.07 -14.25 -1.36
N GLY A 548 59.97 -14.06 -0.63
CA GLY A 548 58.69 -13.72 -1.26
C GLY A 548 57.88 -14.97 -1.57
N LYS A 549 58.40 -16.13 -1.16
CA LYS A 549 57.70 -17.41 -1.36
C LYS A 549 56.71 -17.69 -0.24
N PHE A 550 55.55 -18.22 -0.61
CA PHE A 550 54.62 -18.81 0.35
C PHE A 550 54.36 -20.26 0.00
N GLU A 551 53.98 -21.04 1.00
CA GLU A 551 53.82 -22.48 0.86
C GLU A 551 52.37 -22.91 0.52
N LYS A 552 51.41 -22.15 1.03
CA LYS A 552 49.98 -22.34 0.78
C LYS A 552 49.30 -20.97 0.62
N PRO A 553 48.21 -20.89 -0.15
CA PRO A 553 47.50 -19.61 -0.37
C PRO A 553 46.35 -19.40 0.60
N LEU A 554 45.78 -18.21 0.60
CA LEU A 554 44.58 -17.94 1.40
C LEU A 554 43.36 -17.70 0.53
N ILE A 555 42.27 -18.39 0.83
CA ILE A 555 40.96 -18.05 0.26
C ILE A 555 40.06 -17.60 1.38
N LEU A 556 39.00 -16.88 1.05
CA LEU A 556 37.97 -16.57 2.02
C LEU A 556 36.79 -17.46 1.68
N CYS A 557 36.64 -18.55 2.44
CA CYS A 557 35.55 -19.48 2.18
C CYS A 557 34.19 -18.83 2.47
N GLU A 558 34.20 -17.78 3.28
CA GLU A 558 33.02 -16.95 3.52
C GLU A 558 33.47 -15.53 3.78
N TYR A 559 32.89 -14.58 3.06
CA TYR A 559 33.12 -13.16 3.35
C TYR A 559 31.94 -12.34 2.82
N GLY A 560 31.90 -11.05 3.18
CA GLY A 560 30.87 -10.14 2.71
C GLY A 560 29.46 -10.63 2.95
N HIS A 561 29.20 -11.01 4.21
CA HIS A 561 27.88 -11.46 4.66
C HIS A 561 26.77 -10.61 4.06
N ALA A 562 25.97 -11.25 3.19
CA ALA A 562 24.99 -10.58 2.36
C ALA A 562 23.61 -10.34 3.00
N MET A 563 23.57 -10.26 4.32
CA MET A 563 22.31 -10.12 5.03
C MET A 563 21.71 -8.74 4.82
N GLY A 564 20.49 -8.70 4.29
CA GLY A 564 19.77 -7.44 4.10
C GLY A 564 20.50 -6.43 3.24
N ASN A 565 20.36 -5.15 3.59
CA ASN A 565 21.01 -4.05 2.88
C ASN A 565 22.52 -4.14 3.04
N GLY A 566 23.18 -4.54 1.96
CA GLY A 566 24.60 -4.86 1.98
C GLY A 566 24.90 -5.96 0.99
N PRO A 567 26.13 -6.50 1.02
CA PRO A 567 27.22 -6.08 1.89
C PRO A 567 27.96 -4.86 1.39
N GLY A 568 28.54 -4.11 2.33
CA GLY A 568 29.37 -2.97 2.01
C GLY A 568 30.82 -3.35 1.83
N SER A 569 31.54 -2.57 1.03
CA SER A 569 32.97 -2.66 0.89
C SER A 569 33.51 -3.91 0.17
N LEU A 570 32.67 -4.52 -0.66
CA LEU A 570 33.13 -5.59 -1.54
C LEU A 570 34.29 -5.12 -2.42
N LYS A 571 34.28 -3.81 -2.70
CA LYS A 571 35.31 -3.11 -3.45
C LYS A 571 36.68 -3.29 -2.83
N GLU A 572 36.77 -3.00 -1.54
CA GLU A 572 38.05 -3.03 -0.85
C GLU A 572 38.61 -4.45 -0.68
N TYR A 573 37.73 -5.44 -0.55
CA TYR A 573 38.14 -6.85 -0.60
C TYR A 573 38.73 -7.23 -1.97
N GLN A 574 38.11 -6.74 -3.03
CA GLN A 574 38.49 -7.13 -4.38
C GLN A 574 39.85 -6.54 -4.75
N GLU A 575 40.09 -5.29 -4.33
CA GLU A 575 41.37 -4.62 -4.53
C GLU A 575 42.49 -5.49 -3.97
N LEU A 576 42.25 -6.00 -2.76
CA LEU A 576 43.17 -6.90 -2.11
C LEU A 576 43.38 -8.20 -2.91
N PHE A 577 42.30 -8.77 -3.45
CA PHE A 577 42.41 -10.02 -4.23
C PHE A 577 43.33 -9.90 -5.44
N TYR A 578 43.13 -8.83 -6.23
CA TYR A 578 43.90 -8.58 -7.44
C TYR A 578 45.35 -8.19 -7.14
N LYS A 579 45.58 -7.53 -6.00
CA LYS A 579 46.90 -7.01 -5.64
C LYS A 579 47.94 -8.10 -5.31
N GLU A 580 47.53 -9.09 -4.53
CA GLU A 580 48.47 -10.10 -4.01
C GLU A 580 48.22 -11.47 -4.59
N LYS A 581 49.30 -12.14 -4.99
CA LYS A 581 49.23 -13.50 -5.52
C LYS A 581 48.82 -14.49 -4.44
N PHE A 582 49.12 -14.14 -3.19
CA PHE A 582 48.76 -14.95 -2.03
C PHE A 582 47.23 -15.11 -1.83
N TYR A 583 46.46 -14.07 -2.17
CA TYR A 583 44.99 -14.13 -2.09
C TYR A 583 44.42 -14.65 -3.40
N GLN A 584 43.57 -15.68 -3.31
CA GLN A 584 42.93 -16.23 -4.49
C GLN A 584 41.40 -16.08 -4.49
N GLY A 585 40.92 -15.01 -3.87
CA GLY A 585 39.51 -14.66 -3.92
C GLY A 585 38.75 -15.29 -2.79
N GLY A 586 37.46 -15.49 -3.01
CA GLY A 586 36.59 -16.02 -1.97
C GLY A 586 35.16 -16.29 -2.38
N PHE A 587 34.35 -16.66 -1.39
CA PHE A 587 32.96 -17.00 -1.64
C PHE A 587 32.07 -16.17 -0.73
N ILE A 588 31.10 -15.45 -1.30
CA ILE A 588 30.13 -14.70 -0.50
C ILE A 588 29.23 -15.65 0.27
N TRP A 589 28.99 -15.32 1.54
CA TRP A 589 27.90 -15.93 2.29
C TRP A 589 26.72 -14.98 2.19
N GLU A 590 25.64 -15.33 1.49
CA GLU A 590 25.29 -16.67 1.04
C GLU A 590 24.56 -16.45 -0.30
N TRP A 591 24.17 -17.51 -1.01
CA TRP A 591 23.47 -17.31 -2.28
C TRP A 591 22.06 -16.74 -2.11
N ALA A 592 21.28 -17.29 -1.19
CA ALA A 592 19.88 -16.89 -1.04
C ALA A 592 19.32 -17.00 0.39
N ASN A 593 18.43 -16.05 0.76
CA ASN A 593 17.65 -16.13 2.00
C ASN A 593 16.96 -17.48 2.10
N HIS A 594 16.91 -18.05 3.30
CA HIS A 594 16.23 -19.34 3.48
C HIS A 594 14.76 -19.20 3.88
N GLY A 595 14.10 -18.11 3.49
CA GLY A 595 12.72 -17.91 3.86
C GLY A 595 11.79 -19.03 3.42
N ILE A 596 10.85 -19.39 4.28
CA ILE A 596 9.79 -20.33 3.95
C ILE A 596 8.49 -19.56 3.83
N GLU A 597 7.76 -19.80 2.74
CA GLU A 597 6.48 -19.16 2.50
C GLU A 597 5.47 -19.58 3.55
N PHE A 598 4.72 -18.61 4.07
CA PHE A 598 3.70 -18.87 5.09
C PHE A 598 2.72 -17.72 5.14
N GLU A 599 1.74 -17.79 6.03
CA GLU A 599 0.73 -16.77 6.11
C GLU A 599 0.85 -15.98 7.40
N ASP A 600 1.12 -14.69 7.24
CA ASP A 600 1.43 -13.81 8.36
C ASP A 600 0.27 -12.84 8.57
N VAL A 601 -0.09 -12.57 9.81
CA VAL A 601 -1.08 -11.52 10.05
C VAL A 601 -0.34 -10.19 10.01
N SER A 602 -0.86 -9.25 9.23
CA SER A 602 -0.18 -8.00 9.01
C SER A 602 -0.35 -7.06 10.17
N THR A 603 0.72 -6.36 10.49
CA THR A 603 0.73 -5.38 11.56
C THR A 603 0.09 -4.08 11.07
N ALA A 604 -0.01 -3.94 9.75
CA ALA A 604 -0.50 -2.71 9.14
C ALA A 604 -1.97 -2.80 8.78
N ASP A 605 -2.49 -4.02 8.78
CA ASP A 605 -3.68 -4.37 8.01
C ASP A 605 -4.73 -5.10 8.84
N GLY A 606 -4.26 -5.93 9.76
CA GLY A 606 -5.13 -6.84 10.49
C GLY A 606 -5.59 -7.99 9.61
N LYS A 607 -4.90 -8.20 8.49
CA LYS A 607 -5.28 -9.23 7.54
C LYS A 607 -4.16 -10.24 7.25
N LEU A 608 -4.49 -11.31 6.55
CA LEU A 608 -3.56 -12.40 6.25
C LEU A 608 -2.85 -12.16 4.91
N HIS A 609 -1.53 -12.28 4.91
CA HIS A 609 -0.74 -12.10 3.71
C HIS A 609 0.33 -13.17 3.55
N LYS A 610 0.70 -13.43 2.30
CA LYS A 610 1.84 -14.28 1.98
C LYS A 610 3.11 -13.56 2.47
N ALA A 611 3.95 -14.28 3.19
CA ALA A 611 5.23 -13.74 3.66
C ALA A 611 6.32 -14.82 3.69
N TYR A 612 7.55 -14.42 4.00
CA TYR A 612 8.63 -15.39 4.08
C TYR A 612 9.17 -15.51 5.50
N ALA A 613 9.05 -16.71 6.06
CA ALA A 613 9.35 -16.99 7.45
C ALA A 613 10.81 -17.14 7.77
N TYR A 614 11.19 -16.64 8.92
CA TYR A 614 12.48 -16.91 9.51
C TYR A 614 12.23 -17.34 10.96
N GLY A 615 13.30 -17.47 11.75
CA GLY A 615 13.18 -17.95 13.13
C GLY A 615 12.17 -17.13 13.92
N GLY A 616 11.33 -17.81 14.68
CA GLY A 616 10.32 -17.14 15.50
C GLY A 616 8.93 -17.21 14.91
N ASP A 617 8.86 -17.22 13.57
CA ASP A 617 7.59 -17.27 12.86
C ASP A 617 6.90 -18.62 13.03
N PHE A 618 7.69 -19.68 13.14
CA PHE A 618 7.12 -21.00 13.44
C PHE A 618 7.16 -21.32 14.94
N LYS A 619 7.30 -20.27 15.75
CA LYS A 619 7.15 -20.33 17.21
C LYS A 619 8.01 -21.40 17.88
N GLU A 620 9.28 -21.44 17.52
CA GLU A 620 10.25 -22.36 18.09
C GLU A 620 10.55 -22.05 19.57
N GLU A 621 10.83 -23.08 20.35
CA GLU A 621 11.36 -22.90 21.70
C GLU A 621 12.59 -22.00 21.71
N VAL A 622 13.59 -22.40 20.92
CA VAL A 622 14.80 -21.62 20.69
C VAL A 622 14.98 -21.47 19.18
N HIS A 623 15.38 -20.27 18.77
CA HIS A 623 15.62 -19.97 17.36
C HIS A 623 16.59 -18.80 17.21
N ASP A 624 17.07 -18.59 15.99
CA ASP A 624 18.07 -17.55 15.75
C ASP A 624 17.57 -16.43 14.83
N GLY A 625 16.26 -16.26 14.79
CA GLY A 625 15.62 -15.11 14.18
C GLY A 625 15.91 -14.91 12.71
N VAL A 626 16.36 -13.71 12.37
CA VAL A 626 16.53 -13.29 10.98
C VAL A 626 17.82 -13.79 10.33
N PHE A 627 18.67 -14.47 11.09
CA PHE A 627 19.96 -14.90 10.58
C PHE A 627 19.96 -15.89 9.42
N ILE A 628 18.77 -16.38 9.08
CA ILE A 628 18.56 -17.28 7.96
C ILE A 628 18.40 -16.44 6.68
N MET A 629 18.16 -15.13 6.85
CA MET A 629 17.87 -14.23 5.74
C MET A 629 19.10 -13.44 5.31
N ASP A 630 20.10 -14.17 4.83
CA ASP A 630 21.42 -13.59 4.59
C ASP A 630 21.96 -13.85 3.19
N GLY A 631 21.10 -13.80 2.18
CA GLY A 631 21.51 -14.10 0.83
C GLY A 631 21.74 -12.91 -0.07
N LEU A 632 22.47 -13.15 -1.16
CA LEU A 632 22.56 -12.22 -2.26
C LEU A 632 21.23 -12.19 -3.02
N CYS A 633 20.50 -13.31 -2.98
CA CYS A 633 19.14 -13.37 -3.51
C CYS A 633 18.14 -13.52 -2.36
N ASN A 634 16.90 -13.12 -2.62
CA ASN A 634 15.83 -13.24 -1.63
C ASN A 634 15.31 -14.67 -1.54
N SER A 635 14.30 -14.87 -0.69
CA SER A 635 13.78 -16.23 -0.40
C SER A 635 13.21 -16.90 -1.63
N GLU A 636 12.79 -16.08 -2.58
CA GLU A 636 12.23 -16.54 -3.84
C GLU A 636 13.35 -16.72 -4.87
N HIS A 637 14.60 -16.54 -4.42
CA HIS A 637 15.82 -16.75 -5.22
C HIS A 637 16.01 -15.77 -6.38
N ASN A 638 15.58 -14.53 -6.16
CA ASN A 638 15.75 -13.44 -7.12
C ASN A 638 16.79 -12.41 -6.63
N PRO A 639 17.46 -11.71 -7.56
CA PRO A 639 18.58 -10.83 -7.21
C PRO A 639 18.18 -9.68 -6.29
N THR A 640 18.98 -9.45 -5.27
CA THR A 640 18.86 -8.26 -4.43
C THR A 640 19.93 -7.27 -4.91
N PRO A 641 19.92 -6.02 -4.41
CA PRO A 641 20.99 -5.08 -4.72
C PRO A 641 22.37 -5.59 -4.34
N GLY A 642 22.43 -6.54 -3.41
CA GLY A 642 23.68 -7.21 -3.06
C GLY A 642 24.31 -7.96 -4.22
N LEU A 643 23.49 -8.72 -4.95
CA LEU A 643 23.97 -9.46 -6.10
C LEU A 643 24.36 -8.52 -7.25
N VAL A 644 23.58 -7.45 -7.42
CA VAL A 644 23.83 -6.48 -8.47
C VAL A 644 25.19 -5.82 -8.25
N GLU A 645 25.50 -5.53 -6.98
CA GLU A 645 26.78 -4.94 -6.63
C GLU A 645 27.93 -5.94 -6.81
N TYR A 646 27.70 -7.19 -6.39
CA TYR A 646 28.71 -8.22 -6.51
C TYR A 646 29.13 -8.44 -7.96
N LYS A 647 28.16 -8.48 -8.88
CA LYS A 647 28.45 -8.66 -10.31
C LYS A 647 29.44 -7.61 -10.84
N LYS A 648 29.30 -6.38 -10.35
CA LYS A 648 30.16 -5.30 -10.76
C LYS A 648 31.58 -5.47 -10.21
N VAL A 649 31.72 -5.67 -8.90
CA VAL A 649 33.05 -5.70 -8.31
C VAL A 649 33.90 -6.87 -8.85
N ILE A 650 33.24 -7.97 -9.20
CA ILE A 650 33.94 -9.16 -9.71
C ILE A 650 33.99 -9.25 -11.23
N GLU A 651 33.54 -8.19 -11.92
CA GLU A 651 33.55 -8.20 -13.38
C GLU A 651 34.94 -8.60 -13.91
N PRO A 652 34.97 -9.53 -14.90
CA PRO A 652 36.23 -10.09 -15.35
C PRO A 652 36.96 -9.25 -16.39
N VAL A 653 36.48 -8.05 -16.64
CA VAL A 653 37.17 -7.10 -17.52
C VAL A 653 37.08 -5.72 -16.88
N HIS A 654 38.21 -5.01 -16.81
CA HIS A 654 38.22 -3.65 -16.28
C HIS A 654 38.21 -2.62 -17.40
N ILE A 655 37.30 -1.67 -17.32
CA ILE A 655 37.24 -0.61 -18.29
C ILE A 655 37.37 0.74 -17.59
N LYS A 656 38.48 1.42 -17.87
CA LYS A 656 38.77 2.72 -17.26
C LYS A 656 38.84 3.83 -18.28
N ILE A 657 38.11 4.91 -18.03
CA ILE A 657 38.07 6.03 -18.96
C ILE A 657 38.57 7.31 -18.30
N ALA A 658 39.74 7.77 -18.75
CA ALA A 658 40.35 9.02 -18.31
C ALA A 658 41.30 9.57 -19.38
N HIS A 659 41.46 10.90 -19.38
CA HIS A 659 42.42 11.60 -20.23
C HIS A 659 42.28 11.22 -21.68
N GLY A 660 41.04 11.29 -22.19
CA GLY A 660 40.74 10.98 -23.59
C GLY A 660 41.13 9.58 -24.00
N SER A 661 41.18 8.68 -23.01
CA SER A 661 41.56 7.30 -23.25
C SER A 661 40.69 6.28 -22.53
N VAL A 662 40.50 5.13 -23.20
CA VAL A 662 39.86 3.95 -22.61
C VAL A 662 40.91 2.88 -22.42
N THR A 663 41.17 2.51 -21.17
CA THR A 663 42.08 1.43 -20.89
C THR A 663 41.27 0.19 -20.48
N ILE A 664 41.48 -0.88 -21.22
CA ILE A 664 40.74 -2.14 -21.05
C ILE A 664 41.70 -3.24 -20.63
N THR A 665 41.49 -3.81 -19.44
CA THR A 665 42.34 -4.92 -18.97
C THR A 665 41.51 -6.19 -18.83
N ASN A 666 42.01 -7.27 -19.43
CA ASN A 666 41.39 -8.57 -19.31
C ASN A 666 41.76 -9.20 -17.98
N LYS A 667 40.73 -9.44 -17.16
CA LYS A 667 40.90 -9.95 -15.80
C LYS A 667 40.35 -11.37 -15.64
N HIS A 668 40.12 -12.06 -16.75
CA HIS A 668 39.79 -13.48 -16.73
C HIS A 668 41.01 -14.28 -16.34
N ASP A 669 40.82 -15.57 -16.09
CA ASP A 669 41.93 -16.47 -15.81
C ASP A 669 42.43 -17.20 -17.04
N PHE A 670 41.53 -17.47 -18.00
CA PHE A 670 41.87 -18.33 -19.13
C PHE A 670 41.46 -17.80 -20.51
N ILE A 671 40.25 -17.29 -20.60
CA ILE A 671 39.69 -16.87 -21.88
C ILE A 671 40.11 -15.46 -22.27
N THR A 672 40.11 -15.21 -23.59
CA THR A 672 40.43 -13.90 -24.14
C THR A 672 39.20 -13.00 -24.08
N THR A 673 39.27 -11.83 -24.72
CA THR A 673 38.14 -10.89 -24.77
C THR A 673 37.41 -10.98 -26.10
N ASP A 674 37.82 -11.94 -26.91
CA ASP A 674 37.39 -12.08 -28.30
C ASP A 674 35.88 -12.29 -28.51
N HIS A 675 35.23 -12.91 -27.51
CA HIS A 675 33.79 -13.19 -27.53
C HIS A 675 32.98 -11.94 -27.18
N LEU A 676 33.64 -10.87 -26.78
CA LEU A 676 32.95 -9.66 -26.35
C LEU A 676 32.94 -8.56 -27.40
N LEU A 677 31.81 -7.86 -27.45
CA LEU A 677 31.65 -6.71 -28.30
C LEU A 677 31.73 -5.47 -27.41
N PHE A 678 32.68 -4.58 -27.69
CA PHE A 678 32.81 -3.36 -26.91
C PHE A 678 32.07 -2.20 -27.58
N ILE A 679 31.08 -1.63 -26.90
CA ILE A 679 30.29 -0.54 -27.48
C ILE A 679 30.62 0.79 -26.81
N ASP A 680 30.82 1.83 -27.64
CA ASP A 680 30.91 3.20 -27.19
C ASP A 680 29.49 3.65 -27.05
N LYS A 681 29.05 3.84 -25.81
CA LYS A 681 27.64 4.11 -25.53
C LYS A 681 27.20 5.52 -25.87
N ASP A 682 28.16 6.43 -26.01
CA ASP A 682 27.85 7.80 -26.43
C ASP A 682 27.47 7.89 -27.92
N THR A 683 27.94 6.94 -28.72
CA THR A 683 27.66 6.95 -30.17
C THR A 683 26.88 5.73 -30.61
N GLY A 684 26.96 4.65 -29.83
CA GLY A 684 26.32 3.40 -30.17
C GLY A 684 27.15 2.59 -31.15
N LYS A 685 28.30 3.11 -31.57
CA LYS A 685 29.12 2.35 -32.50
C LYS A 685 30.20 1.58 -31.77
N THR A 686 30.53 0.40 -32.28
CA THR A 686 31.43 -0.51 -31.59
C THR A 686 32.85 0.03 -31.65
N ILE A 687 33.64 -0.32 -30.64
CA ILE A 687 35.05 0.01 -30.60
C ILE A 687 35.82 -1.26 -30.98
N ASP A 688 36.73 -1.12 -31.94
CA ASP A 688 37.57 -2.23 -32.35
C ASP A 688 38.64 -2.47 -31.30
N VAL A 689 38.47 -3.53 -30.51
CA VAL A 689 39.41 -3.84 -29.45
C VAL A 689 40.15 -5.10 -29.83
N PRO A 690 41.50 -5.04 -29.83
CA PRO A 690 42.32 -6.22 -30.12
C PRO A 690 42.03 -7.36 -29.15
N SER A 691 42.40 -8.59 -29.52
CA SER A 691 42.20 -9.73 -28.65
C SER A 691 43.15 -9.66 -27.47
N LEU A 692 42.60 -9.60 -26.26
CA LEU A 692 43.42 -9.48 -25.06
C LEU A 692 43.46 -10.79 -24.29
N LYS A 693 44.66 -11.26 -23.97
CA LYS A 693 44.84 -12.45 -23.13
C LYS A 693 44.65 -12.11 -21.65
N PRO A 694 44.54 -13.14 -20.79
CA PRO A 694 44.55 -12.84 -19.36
C PRO A 694 45.68 -11.87 -18.96
N GLU A 695 45.31 -10.80 -18.27
CA GLU A 695 46.22 -9.78 -17.72
C GLU A 695 46.80 -8.78 -18.71
N GLU A 696 46.49 -8.95 -19.99
CA GLU A 696 46.89 -7.98 -21.01
C GLU A 696 45.96 -6.79 -21.03
N SER A 697 46.49 -5.60 -21.34
CA SER A 697 45.65 -4.41 -21.49
C SER A 697 46.01 -3.54 -22.69
N VAL A 698 45.06 -2.71 -23.10
CA VAL A 698 45.27 -1.78 -24.19
C VAL A 698 44.68 -0.42 -23.84
N THR A 699 45.35 0.65 -24.28
CA THR A 699 44.84 2.00 -24.16
C THR A 699 44.42 2.47 -25.54
N ILE A 700 43.15 2.86 -25.68
CA ILE A 700 42.63 3.37 -26.95
C ILE A 700 42.19 4.81 -26.77
N PRO A 701 42.71 5.74 -27.60
CA PRO A 701 42.26 7.11 -27.48
C PRO A 701 40.84 7.25 -28.01
N SER A 702 40.01 7.96 -27.25
CA SER A 702 38.60 8.14 -27.58
C SER A 702 37.99 9.31 -26.78
N ASP A 703 36.93 9.88 -27.34
CA ASP A 703 36.17 10.97 -26.71
C ASP A 703 35.08 10.46 -25.76
N THR A 704 35.00 9.14 -25.61
CA THR A 704 33.88 8.49 -24.96
C THR A 704 33.78 8.73 -23.46
N THR A 705 32.59 8.51 -22.94
CA THR A 705 32.23 8.75 -21.54
C THR A 705 31.81 7.45 -20.85
N TYR A 706 31.39 6.49 -21.66
CA TYR A 706 30.66 5.34 -21.19
C TYR A 706 30.88 4.20 -22.18
N VAL A 707 31.55 3.14 -21.72
CA VAL A 707 31.83 1.98 -22.55
C VAL A 707 31.33 0.71 -21.90
N VAL A 708 30.72 -0.15 -22.72
CA VAL A 708 30.09 -1.38 -22.29
C VAL A 708 30.74 -2.57 -22.99
N ALA A 709 30.96 -3.65 -22.24
CA ALA A 709 31.44 -4.89 -22.82
C ALA A 709 30.35 -5.96 -22.76
N VAL A 710 29.96 -6.46 -23.92
CA VAL A 710 28.77 -7.25 -24.09
C VAL A 710 29.07 -8.50 -24.92
N LEU A 711 28.26 -9.54 -24.74
CA LEU A 711 28.45 -10.80 -25.46
C LEU A 711 28.08 -10.72 -26.94
N LYS A 712 28.98 -11.15 -27.83
CA LYS A 712 28.70 -11.16 -29.27
C LYS A 712 27.56 -12.12 -29.64
N ASP A 713 27.66 -13.34 -29.15
CA ASP A 713 26.69 -14.38 -29.50
C ASP A 713 26.27 -15.15 -28.27
N ASP A 714 25.10 -15.77 -28.34
CA ASP A 714 24.67 -16.76 -27.33
C ASP A 714 25.81 -17.72 -27.04
N ALA A 715 26.10 -17.91 -25.75
CA ALA A 715 27.15 -18.81 -25.31
C ALA A 715 26.80 -19.29 -23.90
N GLY A 716 26.94 -20.59 -23.66
CA GLY A 716 26.53 -21.20 -22.40
C GLY A 716 25.06 -20.97 -22.13
N VAL A 717 24.76 -20.36 -21.00
CA VAL A 717 23.39 -20.00 -20.67
C VAL A 717 23.13 -18.50 -20.77
N LEU A 718 24.07 -17.79 -21.38
CA LEU A 718 23.98 -16.35 -21.57
C LEU A 718 23.58 -16.01 -23.00
N LYS A 719 22.85 -14.91 -23.16
CA LYS A 719 22.36 -14.46 -24.48
C LYS A 719 23.22 -13.37 -25.10
N ALA A 720 23.22 -13.31 -26.43
CA ALA A 720 23.88 -12.23 -27.15
C ALA A 720 23.39 -10.89 -26.61
N GLY A 721 24.32 -10.01 -26.27
CA GLY A 721 23.97 -8.69 -25.76
C GLY A 721 24.01 -8.60 -24.24
N HIS A 722 24.25 -9.73 -23.59
CA HIS A 722 24.41 -9.73 -22.14
C HIS A 722 25.65 -8.96 -21.70
N GLU A 723 25.47 -8.12 -20.70
CA GLU A 723 26.52 -7.24 -20.21
C GLU A 723 27.43 -7.94 -19.20
N ILE A 724 28.70 -8.08 -19.57
CA ILE A 724 29.73 -8.68 -18.72
C ILE A 724 30.40 -7.60 -17.86
N ALA A 725 30.84 -6.53 -18.51
CA ALA A 725 31.52 -5.43 -17.83
C ALA A 725 31.18 -4.06 -18.43
N TRP A 726 31.49 -3.00 -17.69
CA TRP A 726 31.33 -1.64 -18.20
C TRP A 726 32.24 -0.65 -17.47
N GLY A 727 32.37 0.55 -18.01
CA GLY A 727 33.14 1.64 -17.40
C GLY A 727 32.59 2.99 -17.80
N GLN A 728 32.78 3.97 -16.93
CA GLN A 728 32.39 5.34 -17.22
C GLN A 728 33.51 6.31 -16.85
N ALA A 729 33.61 7.41 -17.59
CA ALA A 729 34.42 8.56 -17.19
C ALA A 729 33.69 9.27 -16.06
N GLU A 730 34.44 9.87 -15.14
CA GLU A 730 33.82 10.48 -13.99
C GLU A 730 33.05 11.74 -14.39
N LEU A 731 31.85 11.89 -13.85
CA LEU A 731 30.96 12.95 -14.28
C LEU A 731 31.04 14.13 -13.31
N PRO A 732 31.51 15.30 -13.79
CA PRO A 732 31.59 16.48 -12.92
C PRO A 732 30.19 16.98 -12.60
N LEU A 733 30.03 17.58 -11.42
CA LEU A 733 28.74 18.13 -11.01
C LEU A 733 28.51 19.44 -11.73
N LYS A 734 27.58 19.42 -12.68
CA LYS A 734 27.23 20.64 -13.43
C LYS A 734 25.99 21.28 -12.80
N VAL A 735 26.07 22.58 -12.51
CA VAL A 735 24.93 23.37 -12.00
C VAL A 735 23.90 23.48 -13.13
N PRO A 736 22.65 23.00 -12.93
CA PRO A 736 21.68 23.07 -14.01
C PRO A 736 21.42 24.53 -14.34
N ASP A 737 21.12 24.81 -15.62
CA ASP A 737 20.96 26.20 -16.07
C ASP A 737 19.52 26.68 -15.87
N PHE A 738 19.01 26.47 -14.65
CA PHE A 738 17.72 27.01 -14.26
C PHE A 738 17.85 28.53 -14.16
N VAL A 739 16.81 29.25 -14.60
CA VAL A 739 16.83 30.70 -14.54
C VAL A 739 15.98 31.21 -13.39
N THR A 740 16.65 31.77 -12.39
CA THR A 740 15.98 32.36 -11.23
C THR A 740 15.33 33.69 -11.63
N GLU A 741 14.06 33.86 -11.26
CA GLU A 741 13.37 35.14 -11.49
C GLU A 741 13.71 36.18 -10.43
N THR A 742 14.55 37.15 -10.81
CA THR A 742 14.99 38.23 -9.91
C THR A 742 14.30 39.58 -10.17
N ALA A 743 13.28 39.58 -11.04
CA ALA A 743 12.57 40.81 -11.39
C ALA A 743 11.85 41.38 -10.16
N GLU A 744 11.78 42.70 -10.09
CA GLU A 744 11.14 43.39 -8.98
C GLU A 744 9.64 43.13 -8.99
N LYS A 745 9.23 42.23 -8.12
CA LYS A 745 7.83 41.97 -7.89
C LYS A 745 7.50 42.28 -6.42
N ALA A 746 6.45 43.08 -6.21
CA ALA A 746 6.00 43.38 -4.85
C ALA A 746 5.51 42.08 -4.16
N ALA A 747 5.86 41.93 -2.89
CA ALA A 747 5.52 40.73 -2.13
C ALA A 747 4.87 41.09 -0.82
N LYS A 748 3.75 40.43 -0.49
CA LYS A 748 3.09 40.66 0.78
C LYS A 748 3.69 39.78 1.87
N ILE A 749 4.34 40.44 2.83
CA ILE A 749 5.02 39.78 3.94
C ILE A 749 4.27 40.01 5.25
N ASN A 750 3.85 38.92 5.89
CA ASN A 750 3.20 38.99 7.20
C ASN A 750 3.96 38.21 8.29
N ASP A 751 4.61 38.94 9.19
CA ASP A 751 5.33 38.35 10.31
C ASP A 751 4.42 38.37 11.53
N GLY A 752 3.51 37.39 11.59
CA GLY A 752 2.52 37.29 12.66
C GLY A 752 3.08 36.84 13.99
N LYS A 753 2.17 36.61 14.93
CA LYS A 753 2.50 36.20 16.29
C LYS A 753 3.25 34.89 16.27
N ARG A 754 2.70 33.91 15.55
CA ARG A 754 3.28 32.55 15.42
C ARG A 754 3.69 32.20 14.00
N TYR A 755 2.89 32.60 13.03
CA TYR A 755 3.15 32.22 11.64
C TYR A 755 3.69 33.37 10.81
N VAL A 756 4.69 33.07 9.97
CA VAL A 756 5.18 34.06 9.01
C VAL A 756 4.77 33.67 7.59
N SER A 757 4.24 34.65 6.87
CA SER A 757 3.65 34.43 5.58
C SER A 757 4.35 35.27 4.50
N VAL A 758 4.67 34.64 3.37
CA VAL A 758 5.19 35.38 2.22
C VAL A 758 4.35 35.04 1.00
N GLU A 759 3.58 36.01 0.52
CA GLU A 759 2.72 35.82 -0.64
C GLU A 759 3.18 36.71 -1.79
N SER A 760 3.29 36.11 -2.97
CA SER A 760 3.53 36.87 -4.18
C SER A 760 2.76 36.20 -5.29
N SER A 761 2.98 36.65 -6.52
CA SER A 761 2.33 36.06 -7.67
C SER A 761 2.87 34.66 -7.92
N GLY A 762 2.00 33.65 -7.84
CA GLY A 762 2.40 32.26 -8.01
C GLY A 762 3.11 31.65 -6.81
N LEU A 763 3.10 32.34 -5.67
CA LEU A 763 3.86 31.92 -4.51
C LEU A 763 3.12 32.14 -3.19
N HIS A 764 3.18 31.12 -2.34
CA HIS A 764 2.62 31.17 -1.00
C HIS A 764 3.48 30.32 -0.07
N PHE A 765 4.16 31.02 0.83
CA PHE A 765 5.09 30.40 1.76
C PHE A 765 4.65 30.70 3.17
N ILE A 766 4.36 29.66 3.95
CA ILE A 766 3.98 29.81 5.36
C ILE A 766 4.93 29.01 6.24
N LEU A 767 5.49 29.66 7.25
CA LEU A 767 6.36 28.99 8.22
C LEU A 767 5.84 29.16 9.64
N ASP A 768 5.79 28.05 10.36
CA ASP A 768 5.44 28.05 11.77
C ASP A 768 6.69 28.38 12.59
N LYS A 769 6.71 29.56 13.20
CA LYS A 769 7.89 30.03 13.95
C LYS A 769 8.16 29.24 15.23
N LEU A 770 7.09 28.78 15.85
CA LEU A 770 7.23 27.92 17.03
C LEU A 770 7.98 26.62 16.73
N LEU A 771 7.82 26.06 15.53
CA LEU A 771 8.36 24.73 15.23
C LEU A 771 9.53 24.69 14.24
N GLY A 772 9.67 25.74 13.43
CA GLY A 772 10.65 25.76 12.32
C GLY A 772 10.13 24.99 11.12
N LYS A 773 8.81 24.88 11.07
CA LYS A 773 8.10 24.00 10.15
C LYS A 773 7.51 24.79 8.98
N ILE A 774 7.74 24.32 7.76
CA ILE A 774 7.04 24.86 6.61
C ILE A 774 5.63 24.27 6.64
N GLU A 775 4.64 25.10 6.98
CA GLU A 775 3.24 24.67 6.98
C GLU A 775 2.84 24.34 5.57
N SER A 776 3.25 25.20 4.64
CA SER A 776 2.89 25.09 3.24
C SER A 776 3.84 25.90 2.37
N LEU A 777 4.27 25.31 1.26
CA LEU A 777 4.99 26.03 0.24
C LEU A 777 4.36 25.68 -1.11
N LYS A 778 3.71 26.65 -1.73
CA LYS A 778 2.99 26.43 -2.97
C LYS A 778 3.50 27.40 -4.01
N VAL A 779 4.28 26.88 -4.94
CA VAL A 779 4.84 27.67 -6.02
C VAL A 779 4.42 27.15 -7.40
N LYS A 780 3.66 27.97 -8.12
CA LYS A 780 3.18 27.67 -9.48
C LYS A 780 2.43 26.34 -9.55
N GLY A 781 1.42 26.21 -8.70
CA GLY A 781 0.58 24.99 -8.66
C GLY A 781 1.19 23.77 -7.99
N LYS A 782 2.45 23.85 -7.57
CA LYS A 782 3.13 22.72 -6.94
C LYS A 782 3.28 22.97 -5.44
N GLU A 783 2.90 22.00 -4.62
CA GLU A 783 2.95 22.16 -3.17
C GLU A 783 3.88 21.16 -2.47
N ILE A 784 4.70 21.65 -1.56
CA ILE A 784 5.37 20.80 -0.57
C ILE A 784 5.17 21.39 0.83
N SER A 785 5.46 20.58 1.85
CA SER A 785 5.44 21.05 3.23
C SER A 785 6.35 20.15 4.04
N SER A 786 6.72 20.59 5.24
CA SER A 786 7.56 19.78 6.11
C SER A 786 6.84 18.55 6.63
N LYS A 787 7.50 17.40 6.50
CA LYS A 787 7.09 16.21 7.21
C LYS A 787 7.78 16.29 8.57
N PHE A 788 7.00 16.68 9.58
CA PHE A 788 7.53 17.11 10.86
C PHE A 788 7.06 16.24 12.01
N GLU A 789 8.02 15.65 12.71
CA GLU A 789 7.79 15.07 14.02
C GLU A 789 9.01 15.39 14.88
N GLY A 790 8.93 16.48 15.63
CA GLY A 790 10.02 16.91 16.49
C GLY A 790 11.00 17.89 15.89
N SER A 791 11.47 17.62 14.67
CA SER A 791 12.49 18.45 14.03
C SER A 791 12.34 18.51 12.51
N SER A 792 12.77 19.63 11.92
CA SER A 792 12.72 19.80 10.48
C SER A 792 13.90 19.14 9.78
N ILE A 793 14.97 18.89 10.53
CA ILE A 793 16.12 18.11 10.07
C ILE A 793 16.17 16.87 10.93
N THR A 794 16.12 15.70 10.31
CA THR A 794 16.05 14.41 11.01
C THR A 794 17.27 13.58 10.68
N PHE A 795 17.52 12.53 11.47
CA PHE A 795 18.76 11.79 11.40
C PHE A 795 18.56 10.28 11.34
N TRP A 796 17.33 9.83 11.52
CA TRP A 796 17.04 8.40 11.69
C TRP A 796 16.78 7.62 10.39
N ARG A 797 17.16 6.35 10.41
CA ARG A 797 16.76 5.42 9.37
C ARG A 797 16.32 4.12 10.03
N PRO A 798 15.46 3.34 9.34
CA PRO A 798 15.11 2.03 9.85
C PRO A 798 16.33 1.12 9.80
N PRO A 799 16.74 0.59 10.97
CA PRO A 799 18.02 -0.11 11.04
C PRO A 799 18.14 -1.28 10.09
N THR A 800 19.24 -1.36 9.35
CA THR A 800 19.52 -2.53 8.52
C THR A 800 19.89 -3.71 9.42
N ASN A 801 20.01 -4.89 8.82
CA ASN A 801 20.45 -6.05 9.58
C ASN A 801 21.85 -5.81 10.13
N ASN A 802 22.68 -5.14 9.33
CA ASN A 802 24.04 -4.77 9.72
C ASN A 802 24.10 -3.70 10.82
N ASP A 803 23.10 -2.82 10.85
CA ASP A 803 23.03 -1.77 11.86
C ASP A 803 22.74 -2.33 13.25
N GLU A 804 22.02 -3.46 13.29
CA GLU A 804 21.41 -4.00 14.51
C GLU A 804 22.39 -4.26 15.68
N PRO A 805 23.51 -4.96 15.44
CA PRO A 805 24.35 -5.33 16.57
C PRO A 805 25.10 -4.20 17.27
N ARG A 806 25.50 -3.14 16.56
CA ARG A 806 26.27 -2.07 17.19
C ARG A 806 25.76 -0.66 16.91
N ASP A 807 25.78 -0.25 15.63
CA ASP A 807 25.43 1.12 15.26
C ASP A 807 24.05 1.51 15.74
N PHE A 808 23.07 0.62 15.54
CA PHE A 808 21.71 0.84 16.04
C PHE A 808 21.71 1.04 17.55
N LYS A 809 22.43 0.16 18.26
CA LYS A 809 22.55 0.25 19.72
C LYS A 809 23.03 1.64 20.11
N ASN A 810 24.07 2.12 19.44
CA ASN A 810 24.63 3.45 19.71
C ASN A 810 23.65 4.55 19.42
N TRP A 811 23.07 4.53 18.22
CA TRP A 811 22.12 5.57 17.82
C TRP A 811 20.93 5.63 18.77
N LYS A 812 20.44 4.46 19.20
CA LYS A 812 19.31 4.39 20.12
C LYS A 812 19.69 4.93 21.49
N LYS A 813 20.88 4.56 21.93
CA LYS A 813 21.45 4.97 23.20
C LYS A 813 21.55 6.48 23.28
N TYR A 814 21.92 7.10 22.16
CA TYR A 814 22.07 8.55 22.09
C TYR A 814 20.79 9.26 21.67
N ASN A 815 19.68 8.52 21.58
CA ASN A 815 18.35 9.09 21.30
C ASN A 815 18.23 9.81 19.96
N ILE A 816 19.01 9.39 18.97
CA ILE A 816 19.04 10.05 17.68
C ILE A 816 17.66 10.10 17.01
N ASP A 817 16.82 9.11 17.32
CA ASP A 817 15.44 9.05 16.81
C ASP A 817 14.51 10.04 17.49
N LEU A 818 15.01 10.73 18.51
CA LEU A 818 14.17 11.67 19.26
C LEU A 818 14.73 13.07 19.25
N MET A 819 15.36 13.41 18.12
CA MET A 819 15.94 14.72 17.92
C MET A 819 14.83 15.75 17.87
N LYS A 820 15.02 16.85 18.61
CA LYS A 820 14.05 17.95 18.69
C LYS A 820 14.66 19.26 18.22
N GLN A 821 13.86 20.07 17.55
CA GLN A 821 14.33 21.36 17.11
C GLN A 821 13.68 22.41 17.98
N ASN A 822 14.48 23.10 18.78
CA ASN A 822 13.97 24.15 19.65
C ASN A 822 14.31 25.53 19.12
N ILE A 823 13.28 26.24 18.67
CA ILE A 823 13.48 27.50 17.97
C ILE A 823 13.78 28.60 18.97
N HIS A 824 14.80 29.40 18.64
CA HIS A 824 15.24 30.47 19.52
C HIS A 824 14.75 31.79 18.98
N GLY A 825 14.97 32.01 17.69
CA GLY A 825 14.58 33.25 17.05
C GLY A 825 14.35 33.06 15.58
N VAL A 826 13.39 33.83 15.06
CA VAL A 826 13.14 33.89 13.62
C VAL A 826 13.22 35.34 13.15
N SER A 827 14.03 35.54 12.11
CA SER A 827 14.29 36.84 11.54
C SER A 827 13.62 36.92 10.17
N VAL A 828 12.91 38.03 9.92
CA VAL A 828 12.18 38.25 8.66
C VAL A 828 12.51 39.61 8.03
N GLU A 829 13.04 39.57 6.82
CA GLU A 829 13.41 40.81 6.13
C GLU A 829 13.03 40.80 4.64
N LYS A 830 12.84 42.00 4.10
CA LYS A 830 12.53 42.20 2.68
C LYS A 830 13.68 41.77 1.80
N GLY A 831 13.35 41.34 0.59
CA GLY A 831 14.35 40.87 -0.38
C GLY A 831 15.31 41.94 -0.82
N SER A 832 16.47 41.50 -1.31
CA SER A 832 17.54 42.41 -1.72
C SER A 832 17.91 42.16 -3.17
N ASN A 833 18.84 41.25 -3.42
CA ASN A 833 19.35 41.08 -4.78
C ASN A 833 18.43 40.29 -5.68
N GLY A 834 17.18 40.74 -5.81
CA GLY A 834 16.21 40.05 -6.64
C GLY A 834 15.30 39.10 -5.89
N SER A 835 15.65 38.79 -4.64
CA SER A 835 14.83 37.93 -3.80
C SER A 835 13.57 38.68 -3.34
N LEU A 836 12.55 37.94 -2.96
CA LEU A 836 11.32 38.54 -2.41
C LEU A 836 11.41 38.78 -0.91
N ALA A 837 12.03 37.83 -0.20
CA ALA A 837 12.13 37.88 1.25
C ALA A 837 13.24 36.96 1.73
N VAL A 838 13.79 37.27 2.90
CA VAL A 838 14.73 36.37 3.57
C VAL A 838 14.18 36.02 4.96
N VAL A 839 13.96 34.73 5.19
CA VAL A 839 13.53 34.23 6.49
C VAL A 839 14.63 33.36 7.11
N THR A 840 15.15 33.81 8.25
CA THR A 840 16.25 33.12 8.94
C THR A 840 15.76 32.53 10.26
N VAL A 841 16.03 31.24 10.45
CA VAL A 841 15.61 30.52 11.63
C VAL A 841 16.82 30.08 12.47
N ASN A 842 16.86 30.53 13.72
CA ASN A 842 17.91 30.17 14.67
C ASN A 842 17.38 29.20 15.72
N SER A 843 18.01 28.04 15.81
CA SER A 843 17.54 27.00 16.72
C SER A 843 18.63 26.08 17.22
N ARG A 844 18.31 25.30 18.25
CA ARG A 844 19.15 24.19 18.65
C ARG A 844 18.45 22.91 18.26
N ILE A 845 19.17 22.03 17.56
CA ILE A 845 18.67 20.71 17.24
C ILE A 845 19.37 19.70 18.12
N SER A 846 18.61 19.06 19.01
CA SER A 846 19.15 18.26 20.09
C SER A 846 18.08 17.28 20.57
N PRO A 847 18.49 16.04 20.92
CA PRO A 847 17.48 15.09 21.36
C PRO A 847 17.12 15.30 22.81
N VAL A 848 16.00 14.79 23.25
CA VAL A 848 15.69 14.86 24.64
C VAL A 848 16.70 14.08 25.41
N VAL A 849 16.98 14.61 26.58
CA VAL A 849 17.74 14.02 27.66
C VAL A 849 19.20 14.17 27.53
N PHE A 850 19.65 14.86 26.51
CA PHE A 850 21.05 14.93 26.19
C PHE A 850 21.45 16.35 26.03
N TYR A 851 22.75 16.63 26.19
CA TYR A 851 23.37 17.95 26.01
C TYR A 851 23.67 18.21 24.54
N TYR A 852 24.20 17.19 23.86
CA TYR A 852 24.76 17.36 22.52
C TYR A 852 23.69 17.78 21.53
N GLY A 853 24.09 18.60 20.57
CA GLY A 853 23.17 19.11 19.56
C GLY A 853 23.85 20.07 18.61
N PHE A 854 23.06 20.64 17.69
CA PHE A 854 23.62 21.54 16.69
C PHE A 854 23.04 22.92 16.85
N GLU A 855 23.90 23.93 17.04
CA GLU A 855 23.45 25.31 16.89
C GLU A 855 23.19 25.51 15.41
N THR A 856 21.93 25.72 15.06
CA THR A 856 21.47 25.62 13.68
C THR A 856 20.98 26.96 13.20
N VAL A 857 21.34 27.29 11.96
CA VAL A 857 20.82 28.46 11.28
C VAL A 857 20.30 28.01 9.92
N GLN A 858 18.99 28.17 9.73
CA GLN A 858 18.36 27.87 8.46
C GLN A 858 17.93 29.18 7.79
N LYS A 859 18.58 29.51 6.67
CA LYS A 859 18.25 30.72 5.93
C LYS A 859 17.45 30.41 4.65
N TYR A 860 16.19 30.84 4.62
CA TYR A 860 15.34 30.69 3.45
C TYR A 860 15.35 31.98 2.65
N THR A 861 15.94 31.92 1.45
CA THR A 861 15.89 33.05 0.51
C THR A 861 14.86 32.72 -0.55
N ILE A 862 13.81 33.54 -0.59
CA ILE A 862 12.63 33.24 -1.38
C ILE A 862 12.58 34.09 -2.65
N PHE A 863 12.56 33.41 -3.79
CA PHE A 863 12.36 34.06 -5.10
C PHE A 863 10.99 33.66 -5.65
N ALA A 864 10.58 34.32 -6.73
CA ALA A 864 9.29 34.04 -7.37
C ALA A 864 9.14 32.59 -7.83
N ASN A 865 10.24 31.99 -8.27
CA ASN A 865 10.19 30.64 -8.82
C ASN A 865 11.21 29.70 -8.18
N LYS A 866 11.84 30.15 -7.10
CA LYS A 866 12.89 29.38 -6.45
C LYS A 866 12.99 29.68 -4.97
N ILE A 867 13.38 28.65 -4.20
CA ILE A 867 13.71 28.81 -2.79
C ILE A 867 15.09 28.25 -2.49
N ASN A 868 15.98 29.13 -2.03
CA ASN A 868 17.33 28.75 -1.64
C ASN A 868 17.33 28.49 -0.15
N LEU A 869 17.79 27.30 0.23
CA LEU A 869 17.83 26.92 1.64
C LEU A 869 19.26 26.64 2.09
N ASN A 870 19.81 27.54 2.90
CA ASN A 870 21.15 27.39 3.43
C ASN A 870 21.12 26.90 4.86
N THR A 871 21.77 25.76 5.08
CA THR A 871 21.74 25.11 6.38
C THR A 871 23.12 25.06 6.99
N SER A 872 23.20 25.62 8.18
CA SER A 872 24.41 25.64 8.97
C SER A 872 24.15 24.89 10.27
N MET A 873 24.95 23.87 10.55
CA MET A 873 24.75 23.06 11.75
C MET A 873 26.06 22.85 12.49
N LYS A 874 26.11 23.36 13.71
CA LYS A 874 27.34 23.37 14.47
C LYS A 874 27.24 22.48 15.71
N LEU A 875 27.99 21.38 15.70
CA LEU A 875 27.93 20.38 16.76
C LEU A 875 28.53 20.85 18.09
N THR A 876 27.72 20.81 19.12
CA THR A 876 28.04 21.35 20.45
C THR A 876 27.66 20.38 21.58
N GLY A 877 28.36 20.46 22.71
CA GLY A 877 27.96 19.77 23.95
C GLY A 877 28.74 18.52 24.28
N GLU A 878 28.79 18.18 25.56
CA GLU A 878 29.46 16.97 26.02
C GLU A 878 28.66 15.71 25.73
N TYR A 879 29.36 14.58 25.66
CA TYR A 879 28.76 13.25 25.46
C TYR A 879 28.02 13.12 24.13
N GLN A 880 28.81 13.03 23.07
CA GLN A 880 28.31 13.00 21.71
C GLN A 880 28.29 11.59 21.15
N PRO A 881 27.38 11.31 20.20
CA PRO A 881 27.43 10.01 19.56
C PRO A 881 28.58 9.98 18.56
N PRO A 882 29.05 8.77 18.21
CA PRO A 882 30.16 8.66 17.26
C PRO A 882 29.76 9.08 15.86
N ASP A 883 28.55 8.71 15.45
CA ASP A 883 28.09 8.86 14.07
C ASP A 883 26.57 8.99 14.04
N PHE A 884 26.02 9.25 12.86
CA PHE A 884 24.58 9.34 12.66
C PHE A 884 24.21 8.42 11.51
N PRO A 885 22.94 7.98 11.44
CA PRO A 885 22.47 7.21 10.30
C PRO A 885 22.37 8.06 9.04
N ARG A 886 22.02 9.33 9.20
CA ARG A 886 21.83 10.25 8.08
C ARG A 886 21.56 11.66 8.62
N VAL A 887 21.52 12.65 7.73
CA VAL A 887 21.16 14.00 8.13
C VAL A 887 20.47 14.66 6.95
N GLY A 888 19.27 15.19 7.17
CA GLY A 888 18.55 15.81 6.08
C GLY A 888 17.13 16.23 6.36
N TYR A 889 16.43 16.66 5.32
CA TYR A 889 15.07 17.17 5.42
C TYR A 889 14.05 16.12 5.00
N GLU A 890 12.83 16.27 5.49
CA GLU A 890 11.71 15.44 5.08
C GLU A 890 10.54 16.34 4.66
N PHE A 891 10.08 16.17 3.42
CA PHE A 891 8.97 16.97 2.91
C PHE A 891 7.84 16.10 2.44
N TRP A 892 6.62 16.49 2.79
CA TRP A 892 5.43 15.93 2.16
C TRP A 892 5.33 16.47 0.74
N LEU A 893 5.06 15.62 -0.23
CA LEU A 893 4.74 16.08 -1.58
C LEU A 893 3.23 16.27 -1.73
N GLY A 894 2.81 17.29 -2.46
CA GLY A 894 1.38 17.57 -2.68
C GLY A 894 0.64 16.46 -3.42
N ASP A 895 -0.69 16.47 -3.31
CA ASP A 895 -1.57 15.48 -3.97
C ASP A 895 -1.28 15.28 -5.46
N SER A 896 -0.91 16.36 -6.16
CA SER A 896 -0.55 16.34 -7.57
C SER A 896 0.62 15.42 -7.90
N TYR A 897 1.46 15.11 -6.90
CA TYR A 897 2.70 14.39 -7.14
C TYR A 897 2.43 13.12 -7.93
N GLU A 898 3.20 12.91 -9.00
CA GLU A 898 3.00 11.70 -9.81
C GLU A 898 4.22 10.79 -10.03
N SER A 899 5.38 11.37 -10.33
CA SER A 899 6.62 10.59 -10.50
C SER A 899 7.87 11.43 -10.30
N PHE A 900 9.03 10.79 -10.42
CA PHE A 900 10.26 11.53 -10.32
C PHE A 900 11.30 11.07 -11.31
N GLU A 901 12.32 11.90 -11.48
CA GLU A 901 13.38 11.63 -12.43
C GLU A 901 14.64 12.27 -11.88
N TRP A 902 15.78 11.60 -12.05
CA TRP A 902 17.01 12.12 -11.46
C TRP A 902 18.26 11.86 -12.28
N LEU A 903 19.23 12.77 -12.16
CA LEU A 903 20.56 12.55 -12.71
C LEU A 903 21.44 12.10 -11.56
N GLY A 904 22.06 10.94 -11.72
CA GLY A 904 22.84 10.36 -10.64
C GLY A 904 23.04 8.88 -10.88
N ARG A 905 23.12 8.12 -9.80
CA ARG A 905 23.33 6.68 -9.86
C ARG A 905 22.01 5.94 -9.93
N GLY A 906 21.98 4.87 -10.70
CA GLY A 906 20.75 4.11 -10.88
C GLY A 906 20.99 2.88 -11.73
N PRO A 907 19.92 2.13 -12.08
CA PRO A 907 18.51 2.45 -11.80
C PRO A 907 18.07 2.21 -10.35
N GLY A 908 18.80 1.39 -9.60
CA GLY A 908 18.39 1.01 -8.24
C GLY A 908 19.02 1.83 -7.14
N GLU A 909 18.84 1.38 -5.90
CA GLU A 909 19.36 2.08 -4.71
C GLU A 909 20.88 2.10 -4.65
N SER A 910 21.44 3.10 -3.95
CA SER A 910 22.89 3.18 -3.78
C SER A 910 23.23 3.77 -2.43
N TYR A 911 24.35 3.30 -1.88
CA TYR A 911 24.85 3.76 -0.58
C TYR A 911 26.38 3.94 -0.66
N PRO A 912 26.95 4.81 0.21
CA PRO A 912 28.37 5.14 0.17
C PRO A 912 29.33 3.96 -0.10
N ASP A 913 29.12 2.82 0.56
CA ASP A 913 29.96 1.64 0.38
C ASP A 913 29.29 0.51 -0.44
N LYS A 914 28.27 0.89 -1.21
CA LYS A 914 27.52 -0.03 -2.07
C LYS A 914 26.83 0.81 -3.14
N LYS A 915 27.60 1.28 -4.12
CA LYS A 915 27.09 2.21 -5.12
C LYS A 915 27.65 2.06 -6.53
N GLU A 916 28.82 1.43 -6.67
CA GLU A 916 29.51 1.45 -7.96
C GLU A 916 28.87 0.64 -9.08
N SER A 917 27.99 -0.29 -8.74
CA SER A 917 27.23 -1.04 -9.75
C SER A 917 26.12 -0.18 -10.34
N GLN A 918 25.77 0.90 -9.64
CA GLN A 918 24.75 1.82 -10.14
C GLN A 918 25.43 2.96 -10.87
N ARG A 919 25.56 2.82 -12.20
CA ARG A 919 26.19 3.79 -13.08
C ARG A 919 25.43 5.11 -13.16
N PHE A 920 26.13 6.17 -13.56
CA PHE A 920 25.54 7.49 -13.75
C PHE A 920 24.70 7.56 -15.01
N GLY A 921 23.59 8.28 -14.92
CA GLY A 921 22.64 8.41 -16.02
C GLY A 921 21.45 9.22 -15.58
N LEU A 922 20.55 9.49 -16.51
CA LEU A 922 19.28 10.09 -16.21
C LEU A 922 18.25 8.97 -16.03
N TYR A 923 17.65 8.89 -14.86
CA TYR A 923 16.70 7.83 -14.56
C TYR A 923 15.28 8.33 -14.28
N ASP A 924 14.31 7.50 -14.68
CA ASP A 924 12.90 7.79 -14.48
C ASP A 924 12.34 6.76 -13.52
N SER A 925 11.66 7.22 -12.46
CA SER A 925 11.04 6.33 -11.47
C SER A 925 10.15 5.26 -12.12
N LYS A 926 9.49 5.64 -13.22
CA LYS A 926 8.57 4.76 -13.94
C LYS A 926 9.23 3.54 -14.58
N ASP A 927 10.51 3.65 -14.90
CA ASP A 927 11.26 2.58 -15.56
C ASP A 927 11.87 1.56 -14.60
N VAL A 928 11.66 1.77 -13.29
CA VAL A 928 12.38 1.02 -12.26
C VAL A 928 11.45 0.23 -11.37
N GLU A 929 11.71 -1.07 -11.24
CA GLU A 929 11.03 -1.85 -10.20
C GLU A 929 11.75 -1.72 -8.88
N GLU A 930 11.09 -1.03 -7.96
CA GLU A 930 11.60 -0.81 -6.62
C GLU A 930 11.77 -2.15 -5.91
N PHE A 931 12.93 -2.34 -5.29
CA PHE A 931 13.22 -3.60 -4.60
C PHE A 931 12.57 -3.68 -3.21
N VAL A 932 11.86 -4.78 -2.98
CA VAL A 932 11.25 -5.08 -1.68
C VAL A 932 12.14 -6.04 -0.87
N TYR A 933 12.64 -5.59 0.28
CA TYR A 933 13.42 -6.45 1.17
C TYR A 933 12.51 -7.44 1.90
N ASP A 934 12.99 -8.68 2.04
CA ASP A 934 12.27 -9.72 2.78
C ASP A 934 12.10 -9.33 4.25
N TYR A 935 13.16 -8.79 4.84
CA TYR A 935 13.07 -8.16 6.15
C TYR A 935 13.12 -6.66 5.95
N PRO A 936 12.03 -5.95 6.27
CA PRO A 936 11.97 -4.50 6.06
C PRO A 936 13.06 -3.74 6.81
N GLN A 937 13.78 -2.89 6.09
CA GLN A 937 14.88 -2.09 6.62
C GLN A 937 15.18 -0.91 5.69
N GLU A 938 16.10 -0.03 6.10
CA GLU A 938 16.56 1.05 5.25
C GLU A 938 16.73 0.62 3.79
N ASN A 939 16.05 1.34 2.89
CA ASN A 939 16.11 1.06 1.45
C ASN A 939 15.81 2.30 0.62
N GLY A 940 16.17 2.24 -0.67
CA GLY A 940 15.64 3.17 -1.66
C GLY A 940 16.30 4.52 -1.70
N ASN A 941 17.48 4.60 -1.09
CA ASN A 941 18.32 5.78 -1.15
C ASN A 941 19.08 5.81 -2.45
N HIS A 942 19.25 7.02 -2.97
CA HIS A 942 20.05 7.23 -4.16
C HIS A 942 21.15 8.19 -3.79
N THR A 943 22.38 7.71 -3.89
CA THR A 943 23.54 8.50 -3.52
C THR A 943 24.17 9.13 -4.76
N ASP A 944 25.01 10.13 -4.55
CA ASP A 944 25.66 10.88 -5.63
C ASP A 944 24.66 11.42 -6.64
N THR A 945 23.58 11.99 -6.13
CA THR A 945 22.55 12.57 -6.99
C THR A 945 22.94 13.99 -7.40
N HIS A 946 23.04 14.20 -8.70
CA HIS A 946 23.38 15.51 -9.24
C HIS A 946 22.18 16.45 -9.17
N PHE A 947 21.03 16.02 -9.69
CA PHE A 947 19.79 16.75 -9.51
C PHE A 947 18.57 15.83 -9.53
N LEU A 948 17.50 16.29 -8.88
CA LEU A 948 16.25 15.56 -8.80
C LEU A 948 15.09 16.40 -9.33
N ASN A 949 14.33 15.82 -10.26
CA ASN A 949 13.09 16.42 -10.76
C ASN A 949 11.87 15.67 -10.23
N ILE A 950 10.97 16.40 -9.59
CA ILE A 950 9.73 15.81 -9.11
C ILE A 950 8.55 16.34 -9.90
N LYS A 951 7.88 15.46 -10.63
CA LYS A 951 6.78 15.85 -11.53
C LYS A 951 5.43 15.89 -10.82
N PHE A 952 4.71 17.00 -11.00
CA PHE A 952 3.36 17.15 -10.48
C PHE A 952 2.39 17.20 -11.62
N GLU A 953 1.29 16.47 -11.46
CA GLU A 953 0.21 16.41 -12.47
C GLU A 953 -0.19 17.81 -12.95
N GLY A 954 0.04 18.08 -14.23
CA GLY A 954 -0.42 19.30 -14.86
C GLY A 954 0.14 20.60 -14.29
N ALA A 955 1.30 20.52 -13.64
CA ALA A 955 1.94 21.68 -13.02
C ALA A 955 3.47 21.71 -13.21
N GLY A 956 3.98 20.88 -14.11
CA GLY A 956 5.41 20.85 -14.40
C GLY A 956 6.22 20.10 -13.35
N LYS A 957 7.45 20.56 -13.14
CA LYS A 957 8.36 19.87 -12.26
C LYS A 957 8.98 20.78 -11.21
N LEU A 958 9.42 20.17 -10.10
CA LEU A 958 10.24 20.83 -9.10
C LEU A 958 11.64 20.23 -9.22
N SER A 959 12.62 21.09 -9.51
CA SER A 959 14.02 20.68 -9.65
C SER A 959 14.78 20.98 -8.38
N ILE A 960 15.49 19.96 -7.88
CA ILE A 960 16.24 20.10 -6.63
C ILE A 960 17.71 19.74 -6.86
N PHE A 961 18.59 20.59 -6.35
CA PHE A 961 20.02 20.33 -6.43
C PHE A 961 20.78 20.97 -5.27
N GLN A 962 21.92 20.38 -4.93
CA GLN A 962 22.74 20.82 -3.81
C GLN A 962 23.98 21.48 -4.33
N LYS A 963 24.37 22.56 -3.68
CA LYS A 963 25.53 23.32 -4.13
C LYS A 963 26.84 22.56 -3.88
N GLU A 964 27.70 22.56 -4.91
CA GLU A 964 29.08 22.06 -4.84
C GLU A 964 29.31 20.58 -4.55
N LYS A 965 28.24 19.82 -4.37
CA LYS A 965 28.37 18.42 -3.94
C LYS A 965 27.08 17.66 -4.23
N PRO A 966 27.21 16.40 -4.70
CA PRO A 966 26.01 15.59 -4.95
C PRO A 966 25.34 15.18 -3.65
N PHE A 967 24.06 14.85 -3.71
CA PHE A 967 23.28 14.59 -2.51
C PHE A 967 22.60 13.20 -2.52
N ASN A 968 21.87 12.92 -1.43
CA ASN A 968 21.15 11.67 -1.29
C ASN A 968 19.65 11.90 -1.23
N PHE A 969 18.85 11.00 -1.81
CA PHE A 969 17.41 11.12 -1.69
C PHE A 969 16.65 9.79 -1.74
N LYS A 970 15.50 9.78 -1.10
CA LYS A 970 14.55 8.69 -1.16
C LYS A 970 13.17 9.30 -1.34
N ILE A 971 12.32 8.67 -2.15
CA ILE A 971 10.92 9.08 -2.27
C ILE A 971 10.05 7.86 -2.08
N SER A 972 9.20 7.89 -1.05
CA SER A 972 8.34 6.76 -0.72
C SER A 972 7.11 7.23 0.01
N ASP A 973 6.20 6.30 0.28
CA ASP A 973 5.02 6.55 1.10
C ASP A 973 5.04 5.65 2.34
N GLU A 974 6.13 4.93 2.53
CA GLU A 974 6.22 3.89 3.57
C GLU A 974 6.60 4.43 4.97
N TYR A 975 6.11 3.75 6.01
CA TYR A 975 6.56 4.00 7.38
C TYR A 975 6.30 2.77 8.22
N GLY A 976 6.81 2.77 9.45
CA GLY A 976 6.65 1.62 10.35
C GLY A 976 7.56 0.49 9.95
N VAL A 977 8.65 0.83 9.27
CA VAL A 977 9.61 -0.15 8.74
C VAL A 977 10.42 -0.79 9.88
N ASP A 978 10.73 0.00 10.90
CA ASP A 978 11.46 -0.48 12.08
C ASP A 978 10.79 -1.72 12.69
N GLU A 979 9.49 -1.60 12.95
CA GLU A 979 8.74 -2.64 13.66
C GLU A 979 8.23 -3.73 12.71
N ALA A 980 8.21 -3.45 11.41
CA ALA A 980 7.71 -4.42 10.44
C ALA A 980 8.61 -5.64 10.36
N ALA A 981 8.03 -6.81 10.62
CA ALA A 981 8.75 -8.06 10.58
C ALA A 981 8.82 -8.60 9.14
N HIS A 982 7.79 -8.32 8.36
CA HIS A 982 7.70 -8.83 7.00
C HIS A 982 7.20 -7.74 6.07
N ALA A 983 7.37 -7.93 4.76
CA ALA A 983 6.96 -6.94 3.76
C ALA A 983 5.53 -6.45 3.93
N CYS A 984 4.62 -7.39 4.19
CA CYS A 984 3.21 -7.09 4.43
C CYS A 984 2.91 -6.28 5.69
N ASP A 985 3.89 -6.14 6.58
CA ASP A 985 3.72 -5.41 7.83
C ASP A 985 4.02 -3.94 7.66
N VAL A 986 4.49 -3.56 6.48
CA VAL A 986 4.88 -2.18 6.22
C VAL A 986 3.67 -1.27 6.00
N LYS A 987 3.61 -0.19 6.78
CA LYS A 987 2.53 0.80 6.69
C LYS A 987 2.79 1.84 5.60
N ARG A 988 1.72 2.38 5.03
CA ARG A 988 1.84 3.36 3.96
C ARG A 988 0.93 4.57 4.14
N TYR A 989 1.50 5.75 4.00
CA TYR A 989 0.76 7.02 4.08
C TYR A 989 -0.13 7.23 2.85
N GLY A 990 -1.04 8.20 2.93
CA GLY A 990 -1.92 8.54 1.82
C GLY A 990 -1.30 9.50 0.82
N ARG A 991 -0.04 9.85 1.02
CA ARG A 991 0.70 10.74 0.15
C ARG A 991 2.17 10.39 0.24
N HIS A 992 2.97 10.87 -0.71
CA HIS A 992 4.40 10.59 -0.71
C HIS A 992 5.21 11.65 0.05
N TYR A 993 6.43 11.28 0.41
CA TYR A 993 7.37 12.22 1.01
C TYR A 993 8.71 12.16 0.31
N LEU A 994 9.46 13.25 0.40
CA LEU A 994 10.83 13.26 -0.04
C LEU A 994 11.74 13.32 1.17
N ARG A 995 12.69 12.40 1.19
CA ARG A 995 13.74 12.42 2.18
C ARG A 995 14.94 12.97 1.44
N LEU A 996 15.31 14.20 1.79
CA LEU A 996 16.37 14.93 1.11
C LEU A 996 17.54 15.07 2.05
N ASP A 997 18.62 14.32 1.80
CA ASP A 997 19.72 14.18 2.75
C ASP A 997 21.05 14.71 2.23
N HIS A 998 21.76 15.42 3.10
CA HIS A 998 23.11 15.88 2.81
C HIS A 998 24.10 14.72 2.83
N ALA A 999 23.89 13.78 3.73
CA ALA A 999 24.80 12.68 3.95
C ALA A 999 24.09 11.47 4.57
N ILE A 1000 24.70 10.30 4.40
CA ILE A 1000 24.13 9.04 4.86
C ILE A 1000 25.22 8.06 5.29
N HIS A 1001 25.00 7.36 6.39
CA HIS A 1001 25.93 6.37 6.90
C HIS A 1001 26.04 5.21 5.93
N GLY A 1002 27.22 4.61 5.83
CA GLY A 1002 27.43 3.45 4.99
C GLY A 1002 26.68 2.25 5.51
N VAL A 1003 26.88 1.11 4.87
CA VAL A 1003 26.03 -0.03 5.10
C VAL A 1003 26.78 -1.20 5.75
N GLY A 1004 28.02 -1.44 5.30
CA GLY A 1004 28.94 -2.41 5.90
C GLY A 1004 28.52 -3.87 5.81
N SER A 1005 29.00 -4.68 6.74
CA SER A 1005 28.60 -6.08 6.84
C SER A 1005 28.64 -6.60 8.28
N GLU A 1006 28.34 -5.71 9.24
CA GLU A 1006 28.58 -5.98 10.66
C GLU A 1006 27.66 -7.01 11.32
N ALA A 1007 26.55 -7.37 10.68
CA ALA A 1007 25.73 -8.48 11.19
C ALA A 1007 26.64 -9.69 11.37
N CYS A 1008 27.62 -9.84 10.49
CA CYS A 1008 28.66 -10.85 10.62
C CYS A 1008 29.86 -10.48 9.76
N GLY A 1009 30.81 -9.76 10.35
CA GLY A 1009 31.97 -9.27 9.63
C GLY A 1009 32.31 -7.84 10.01
N PRO A 1010 33.12 -7.17 9.18
CA PRO A 1010 33.63 -5.84 9.54
C PRO A 1010 32.59 -4.73 9.55
N ALA A 1011 32.77 -3.78 10.48
CA ALA A 1011 31.96 -2.57 10.58
C ALA A 1011 32.11 -1.75 9.31
N VAL A 1012 31.20 -0.80 9.10
CA VAL A 1012 31.32 0.16 8.02
C VAL A 1012 32.72 0.79 8.13
N LEU A 1013 33.49 0.71 7.04
CA LEU A 1013 34.84 1.27 7.02
C LEU A 1013 34.82 2.76 7.31
N ASP A 1014 35.91 3.22 7.89
CA ASP A 1014 36.02 4.58 8.37
C ASP A 1014 35.60 5.66 7.37
N GLN A 1015 36.02 5.54 6.11
CA GLN A 1015 35.70 6.58 5.12
C GLN A 1015 34.26 6.55 4.63
N TYR A 1016 33.47 5.60 5.13
CA TYR A 1016 32.07 5.50 4.74
C TYR A 1016 31.13 5.81 5.90
N ARG A 1017 31.70 5.93 7.10
CA ARG A 1017 30.94 6.26 8.29
C ARG A 1017 30.56 7.73 8.25
N LEU A 1018 29.30 8.03 8.57
CA LEU A 1018 28.86 9.41 8.72
C LEU A 1018 29.21 9.90 10.12
N LYS A 1019 30.42 10.40 10.28
CA LYS A 1019 30.95 10.79 11.59
C LYS A 1019 30.35 12.07 12.09
N ALA A 1020 30.25 12.17 13.42
CA ALA A 1020 29.67 13.34 14.08
C ALA A 1020 30.60 14.50 13.83
N GLN A 1021 30.03 15.60 13.33
CA GLN A 1021 30.79 16.77 12.88
C GLN A 1021 29.80 17.89 12.54
N ASP A 1022 30.32 19.09 12.27
CA ASP A 1022 29.49 20.20 11.79
C ASP A 1022 28.96 19.91 10.39
N PHE A 1023 27.77 20.39 10.09
CA PHE A 1023 27.23 20.27 8.72
C PHE A 1023 26.89 21.63 8.10
N ASN A 1024 27.25 21.79 6.82
CA ASN A 1024 26.98 23.02 6.05
C ASN A 1024 26.65 22.67 4.62
N PHE A 1025 25.43 22.99 4.21
CA PHE A 1025 24.96 22.64 2.87
C PHE A 1025 23.82 23.55 2.40
N GLU A 1026 23.81 23.81 1.10
CA GLU A 1026 22.82 24.69 0.47
C GLU A 1026 22.04 23.92 -0.60
N PHE A 1027 20.73 24.06 -0.56
CA PHE A 1027 19.86 23.44 -1.55
C PHE A 1027 19.08 24.49 -2.29
N ASP A 1028 18.86 24.27 -3.58
CA ASP A 1028 17.89 25.06 -4.33
C ASP A 1028 16.66 24.23 -4.62
N LEU A 1029 15.49 24.84 -4.38
CA LEU A 1029 14.21 24.27 -4.77
C LEU A 1029 13.64 25.10 -5.91
N ALA A 1030 13.93 24.68 -7.13
CA ALA A 1030 13.60 25.44 -8.32
C ALA A 1030 12.29 24.94 -8.94
N PHE A 1031 11.32 25.83 -9.06
CA PHE A 1031 10.00 25.47 -9.57
C PHE A 1031 9.83 25.92 -11.03
N GLU A 1032 9.44 24.98 -11.89
CA GLU A 1032 9.22 25.27 -13.32
C GLU A 1032 8.07 26.26 -13.57
N SER B 9 -1.35 -13.83 -57.25
CA SER B 9 -0.70 -13.33 -55.99
C SER B 9 0.59 -14.09 -55.71
N CYS B 10 1.61 -13.89 -56.54
CA CYS B 10 2.85 -14.64 -56.42
C CYS B 10 3.83 -14.16 -55.32
N LEU B 11 3.60 -12.97 -54.76
CA LEU B 11 4.38 -12.48 -53.61
C LEU B 11 3.98 -13.12 -52.28
N ILE B 12 2.92 -13.93 -52.31
CA ILE B 12 2.60 -14.78 -51.17
C ILE B 12 2.59 -16.20 -51.69
N PRO B 13 3.37 -17.09 -51.04
CA PRO B 13 3.55 -18.47 -51.51
C PRO B 13 2.22 -19.24 -51.63
N GLU B 14 2.16 -20.12 -52.62
CA GLU B 14 0.96 -20.87 -52.95
C GLU B 14 0.38 -21.60 -51.74
N ASN B 15 1.24 -22.28 -50.97
CA ASN B 15 0.78 -23.15 -49.87
C ASN B 15 0.20 -22.41 -48.67
N LEU B 16 0.50 -21.12 -48.57
CA LEU B 16 -0.04 -20.28 -47.51
C LEU B 16 -1.41 -19.73 -47.88
N ARG B 17 -1.81 -19.90 -49.15
CA ARG B 17 -3.06 -19.33 -49.64
C ARG B 17 -3.93 -20.40 -50.33
N ASN B 18 -3.77 -21.64 -49.90
CA ASN B 18 -4.50 -22.76 -50.46
C ASN B 18 -5.09 -23.60 -49.34
N PRO B 19 -6.41 -23.46 -49.12
CA PRO B 19 -7.13 -24.14 -48.05
C PRO B 19 -7.10 -25.68 -48.17
N LYS B 20 -6.96 -26.19 -49.40
CA LYS B 20 -6.86 -27.63 -49.63
C LYS B 20 -5.47 -28.19 -49.28
N LYS B 21 -4.46 -27.33 -49.29
CA LYS B 21 -3.10 -27.72 -48.94
C LYS B 21 -2.99 -27.77 -47.40
N VAL B 22 -3.57 -28.84 -46.85
CA VAL B 22 -3.69 -29.02 -45.41
C VAL B 22 -2.37 -29.56 -44.84
N HIS B 23 -1.66 -30.29 -45.69
CA HIS B 23 -0.37 -30.87 -45.37
C HIS B 23 0.25 -31.42 -46.65
N GLU B 24 1.55 -31.64 -46.62
CA GLU B 24 2.19 -32.41 -47.66
C GLU B 24 3.04 -33.49 -47.02
N ASN B 25 2.77 -34.74 -47.37
CA ASN B 25 3.55 -35.91 -46.88
C ASN B 25 3.39 -36.23 -45.40
N ARG B 26 2.35 -35.70 -44.75
CA ARG B 26 2.08 -36.06 -43.36
C ARG B 26 1.51 -37.45 -43.29
N LEU B 27 2.06 -38.25 -42.36
CA LEU B 27 1.55 -39.59 -42.10
C LEU B 27 0.12 -39.54 -41.56
N PRO B 28 -0.66 -40.59 -41.82
CA PRO B 28 -2.04 -40.62 -41.30
C PRO B 28 -2.08 -40.55 -39.78
N THR B 29 -3.12 -39.94 -39.24
CA THR B 29 -3.24 -39.80 -37.78
C THR B 29 -3.48 -41.16 -37.14
N ARG B 30 -2.82 -41.39 -36.02
CA ARG B 30 -3.00 -42.64 -35.26
C ARG B 30 -3.21 -42.32 -33.80
N ALA B 31 -3.68 -43.29 -33.03
CA ALA B 31 -3.87 -43.10 -31.60
C ALA B 31 -2.53 -42.84 -30.94
N TYR B 32 -2.48 -41.83 -30.08
CA TYR B 32 -1.24 -41.41 -29.42
C TYR B 32 -0.91 -42.31 -28.25
N TYR B 33 0.36 -42.72 -28.21
CA TYR B 33 0.90 -43.44 -27.08
C TYR B 33 2.35 -42.99 -26.91
N TYR B 34 2.69 -42.47 -25.73
CA TYR B 34 4.08 -42.15 -25.42
C TYR B 34 4.87 -43.38 -24.96
N ASP B 35 6.03 -43.57 -25.58
CA ASP B 35 6.92 -44.67 -25.28
C ASP B 35 8.33 -44.12 -25.18
N GLN B 36 8.92 -44.28 -24.00
CA GLN B 36 10.26 -43.78 -23.67
C GLN B 36 11.34 -44.34 -24.59
N ASP B 37 11.15 -45.60 -25.01
CA ASP B 37 12.10 -46.30 -25.88
C ASP B 37 12.04 -45.85 -27.33
N ILE B 38 10.91 -45.29 -27.74
CA ILE B 38 10.71 -44.85 -29.13
C ILE B 38 10.90 -43.34 -29.28
N PHE B 39 10.37 -42.57 -28.31
CA PHE B 39 10.43 -41.11 -28.33
C PHE B 39 11.77 -40.58 -27.81
N GLU B 40 12.52 -39.93 -28.69
CA GLU B 40 13.71 -39.17 -28.30
C GLU B 40 13.39 -37.67 -28.42
N SER B 41 13.60 -36.91 -27.35
CA SER B 41 13.24 -35.50 -27.34
C SER B 41 14.21 -34.61 -28.08
N LEU B 42 13.68 -33.74 -28.94
CA LEU B 42 14.49 -32.77 -29.66
C LEU B 42 14.29 -31.36 -29.12
N ASN B 43 13.67 -31.27 -27.94
CA ASN B 43 13.47 -30.01 -27.26
C ASN B 43 14.81 -29.46 -26.79
N GLY B 44 14.87 -28.17 -26.57
CA GLY B 44 16.11 -27.53 -26.16
C GLY B 44 16.38 -26.32 -27.04
N PRO B 45 17.64 -25.86 -27.04
CA PRO B 45 17.94 -24.66 -27.82
C PRO B 45 18.12 -24.97 -29.29
N TRP B 46 17.49 -24.16 -30.14
CA TRP B 46 17.61 -24.30 -31.59
C TRP B 46 18.07 -22.97 -32.15
N ALA B 47 18.84 -23.01 -33.22
CA ALA B 47 19.15 -21.81 -33.99
C ALA B 47 17.85 -21.26 -34.55
N PHE B 48 17.72 -19.94 -34.55
CA PHE B 48 16.48 -19.30 -34.93
C PHE B 48 16.72 -17.89 -35.47
N ALA B 49 16.02 -17.57 -36.56
CA ALA B 49 15.98 -16.20 -37.08
C ALA B 49 14.56 -15.82 -37.50
N LEU B 50 14.19 -14.57 -37.27
CA LEU B 50 12.90 -14.07 -37.69
C LEU B 50 13.03 -13.19 -38.94
N PHE B 51 12.06 -13.31 -39.84
CA PHE B 51 12.05 -12.56 -41.09
C PHE B 51 10.71 -11.86 -41.28
N ASP B 52 10.73 -10.73 -42.00
CA ASP B 52 9.53 -9.95 -42.22
C ASP B 52 8.43 -10.74 -42.94
N ALA B 53 8.83 -11.56 -43.90
CA ALA B 53 7.93 -12.32 -44.77
C ALA B 53 8.72 -13.45 -45.40
N PRO B 54 8.03 -14.44 -45.99
CA PRO B 54 8.69 -15.62 -46.56
C PRO B 54 9.82 -15.34 -47.55
N LEU B 55 9.70 -14.29 -48.35
CA LEU B 55 10.71 -13.98 -49.35
C LEU B 55 12.07 -13.54 -48.77
N ASP B 56 12.08 -13.11 -47.51
CA ASP B 56 13.33 -12.73 -46.85
C ASP B 56 13.99 -13.93 -46.23
N ALA B 57 13.23 -15.00 -46.01
CA ALA B 57 13.76 -16.23 -45.42
C ALA B 57 14.66 -17.00 -46.40
N PRO B 58 15.73 -17.65 -45.89
CA PRO B 58 16.63 -18.39 -46.77
C PRO B 58 15.96 -19.61 -47.41
N ASP B 59 16.39 -19.96 -48.62
CA ASP B 59 16.03 -21.23 -49.24
C ASP B 59 16.67 -22.36 -48.44
N ALA B 60 15.83 -23.15 -47.80
CA ALA B 60 16.28 -24.20 -46.89
C ALA B 60 17.00 -25.35 -47.60
N LYS B 61 16.80 -25.45 -48.91
CA LYS B 61 17.50 -26.44 -49.70
C LYS B 61 19.00 -26.15 -49.81
N ASN B 62 19.41 -24.93 -49.44
CA ASN B 62 20.81 -24.52 -49.46
C ASN B 62 21.38 -24.12 -48.12
N LEU B 63 20.59 -24.24 -47.05
CA LEU B 63 21.04 -23.83 -45.73
C LEU B 63 21.90 -24.91 -45.08
N ASP B 64 23.18 -24.59 -44.85
CA ASP B 64 24.11 -25.42 -44.10
C ASP B 64 23.88 -25.26 -42.60
N TRP B 65 24.32 -26.24 -41.82
CA TRP B 65 24.44 -26.05 -40.38
C TRP B 65 25.50 -24.98 -40.05
N GLU B 66 26.55 -24.91 -40.85
CA GLU B 66 27.62 -23.91 -40.62
C GLU B 66 27.09 -22.49 -40.70
N THR B 67 26.10 -22.29 -41.57
CA THR B 67 25.46 -20.98 -41.72
C THR B 67 24.49 -20.71 -40.58
N ALA B 68 23.62 -21.68 -40.31
CA ALA B 68 22.57 -21.55 -39.28
C ALA B 68 23.16 -21.44 -37.88
N LYS B 69 24.19 -22.27 -37.65
CA LYS B 69 24.99 -22.30 -36.43
C LYS B 69 25.24 -20.93 -35.82
N LYS B 70 25.34 -19.91 -36.67
CA LYS B 70 25.75 -18.58 -36.24
C LYS B 70 24.61 -17.72 -35.74
N TRP B 71 23.37 -18.17 -35.93
CA TRP B 71 22.19 -17.45 -35.43
C TRP B 71 22.05 -17.52 -33.91
N SER B 72 21.23 -16.61 -33.37
CA SER B 72 20.78 -16.68 -31.99
C SER B 72 19.96 -17.95 -31.78
N THR B 73 19.84 -18.37 -30.52
CA THR B 73 19.06 -19.54 -30.19
C THR B 73 17.75 -19.16 -29.52
N ILE B 74 16.75 -19.99 -29.72
CA ILE B 74 15.48 -19.90 -29.02
C ILE B 74 15.26 -21.28 -28.41
N SER B 75 14.54 -21.36 -27.31
CA SER B 75 14.31 -22.66 -26.73
C SER B 75 12.97 -23.22 -27.21
N VAL B 76 12.99 -24.47 -27.64
CA VAL B 76 11.82 -25.21 -28.08
C VAL B 76 11.47 -26.19 -26.95
N PRO B 77 10.18 -26.21 -26.53
CA PRO B 77 9.05 -25.45 -27.07
C PRO B 77 8.81 -24.12 -26.36
N SER B 78 8.47 -23.10 -27.13
CA SER B 78 8.09 -21.80 -26.62
C SER B 78 7.49 -20.96 -27.75
N HIS B 79 6.73 -19.93 -27.38
CA HIS B 79 6.20 -18.98 -28.34
C HIS B 79 7.22 -17.92 -28.58
N TRP B 80 7.27 -17.41 -29.80
CA TRP B 80 8.23 -16.37 -30.02
C TRP B 80 7.79 -14.97 -29.62
N GLU B 81 6.54 -14.80 -29.21
CA GLU B 81 6.10 -13.53 -28.66
C GLU B 81 6.26 -13.52 -27.15
N LEU B 82 6.87 -14.56 -26.59
CA LEU B 82 7.08 -14.63 -25.14
C LEU B 82 8.54 -14.88 -24.76
N GLN B 83 9.42 -14.03 -25.28
CA GLN B 83 10.85 -14.19 -25.06
C GLN B 83 11.38 -13.07 -24.17
N GLU B 84 12.50 -13.34 -23.51
CA GLU B 84 13.29 -12.32 -22.83
C GLU B 84 13.29 -11.01 -23.61
N ASP B 85 12.85 -9.94 -22.94
CA ASP B 85 12.84 -8.59 -23.51
C ASP B 85 11.96 -8.43 -24.75
N TRP B 86 11.02 -9.36 -24.97
CA TRP B 86 10.09 -9.29 -26.12
C TRP B 86 10.87 -9.19 -27.41
N LYS B 87 11.99 -9.90 -27.46
CA LYS B 87 12.90 -9.90 -28.60
C LYS B 87 12.22 -10.04 -29.95
N TYR B 88 11.22 -10.92 -30.03
CA TYR B 88 10.55 -11.22 -31.31
C TYR B 88 9.08 -10.81 -31.36
N GLY B 89 8.79 -9.65 -30.77
CA GLY B 89 7.45 -9.09 -30.79
C GLY B 89 6.69 -9.37 -29.51
N LYS B 90 5.44 -8.94 -29.49
CA LYS B 90 4.58 -9.12 -28.33
C LYS B 90 3.28 -9.84 -28.69
N PRO B 91 2.62 -10.45 -27.69
CA PRO B 91 1.31 -11.08 -27.90
C PRO B 91 0.27 -10.10 -28.41
N ILE B 92 -0.71 -10.60 -29.14
CA ILE B 92 -1.85 -9.80 -29.59
C ILE B 92 -3.13 -10.48 -29.14
N TYR B 93 -4.00 -9.73 -28.47
CA TYR B 93 -5.32 -10.27 -28.09
C TYR B 93 -6.47 -9.76 -28.96
N THR B 94 -7.11 -10.67 -29.68
CA THR B 94 -8.43 -10.38 -30.23
C THR B 94 -9.45 -11.45 -29.83
N ASN B 95 -10.67 -11.01 -29.55
CA ASN B 95 -11.79 -11.90 -29.32
C ASN B 95 -12.37 -12.37 -30.65
N VAL B 96 -13.21 -11.52 -31.27
CA VAL B 96 -13.90 -11.85 -32.51
C VAL B 96 -13.08 -11.38 -33.71
N GLN B 97 -12.85 -10.07 -33.79
CA GLN B 97 -12.18 -9.44 -34.94
C GLN B 97 -10.88 -10.12 -35.35
N TYR B 98 -10.72 -10.40 -36.64
CA TYR B 98 -9.44 -10.87 -37.16
C TYR B 98 -8.41 -9.76 -37.01
N PRO B 99 -7.16 -10.11 -36.68
CA PRO B 99 -6.09 -9.11 -36.60
C PRO B 99 -5.48 -8.81 -37.97
N ILE B 100 -6.05 -9.40 -39.01
CA ILE B 100 -5.62 -9.23 -40.39
C ILE B 100 -6.82 -8.73 -41.20
N PRO B 101 -6.60 -8.22 -42.43
CA PRO B 101 -7.76 -7.96 -43.29
C PRO B 101 -8.35 -9.25 -43.85
N ILE B 102 -9.66 -9.27 -44.11
CA ILE B 102 -10.31 -10.47 -44.69
C ILE B 102 -10.28 -10.43 -46.22
N ASP B 103 -9.57 -11.41 -46.79
CA ASP B 103 -9.51 -11.61 -48.22
C ASP B 103 -9.27 -13.09 -48.46
N ILE B 104 -10.25 -13.88 -48.04
CA ILE B 104 -10.15 -15.33 -48.08
C ILE B 104 -9.81 -15.83 -49.49
N PRO B 105 -8.80 -16.72 -49.61
CA PRO B 105 -8.04 -17.34 -48.51
C PRO B 105 -6.65 -16.74 -48.28
N ASN B 106 -6.43 -15.49 -48.68
CA ASN B 106 -5.10 -14.89 -48.60
C ASN B 106 -4.73 -14.40 -47.20
N PRO B 107 -3.52 -14.77 -46.75
CA PRO B 107 -2.93 -14.13 -45.58
C PRO B 107 -2.30 -12.81 -45.99
N PRO B 108 -1.94 -11.95 -45.03
CA PRO B 108 -1.21 -10.76 -45.43
C PRO B 108 0.12 -11.13 -46.09
N THR B 109 0.59 -10.27 -46.99
CA THR B 109 1.88 -10.43 -47.62
C THR B 109 3.00 -10.27 -46.57
N VAL B 110 2.86 -9.30 -45.69
CA VAL B 110 3.75 -9.16 -44.55
C VAL B 110 3.32 -10.19 -43.53
N ASN B 111 4.15 -11.23 -43.36
CA ASN B 111 3.78 -12.45 -42.68
C ASN B 111 5.00 -13.00 -41.94
N PRO B 112 5.18 -12.63 -40.67
CA PRO B 112 6.31 -13.03 -39.86
C PRO B 112 6.70 -14.51 -40.06
N THR B 113 7.94 -14.73 -40.47
CA THR B 113 8.44 -16.07 -40.76
C THR B 113 9.63 -16.41 -39.88
N GLY B 114 9.49 -17.46 -39.06
CA GLY B 114 10.57 -17.91 -38.20
C GLY B 114 11.18 -19.18 -38.73
N VAL B 115 12.50 -19.21 -38.84
CA VAL B 115 13.22 -20.40 -39.30
C VAL B 115 13.97 -21.00 -38.12
N TYR B 116 13.73 -22.28 -37.87
CA TYR B 116 14.37 -23.01 -36.78
C TYR B 116 15.36 -24.01 -37.34
N ALA B 117 16.49 -24.19 -36.66
CA ALA B 117 17.48 -25.19 -37.09
C ALA B 117 18.21 -25.82 -35.93
N ARG B 118 18.36 -27.13 -35.99
CA ARG B 118 19.23 -27.85 -35.04
C ARG B 118 19.72 -29.12 -35.69
N THR B 119 20.67 -29.79 -35.04
CA THR B 119 21.17 -31.05 -35.54
C THR B 119 20.89 -32.17 -34.55
N PHE B 120 20.94 -33.40 -35.04
CA PHE B 120 20.95 -34.57 -34.15
C PHE B 120 21.84 -35.67 -34.72
N GLU B 121 22.33 -36.52 -33.83
CA GLU B 121 23.30 -37.54 -34.20
C GLU B 121 22.64 -38.88 -34.48
N LEU B 122 23.07 -39.51 -35.56
CA LEU B 122 22.60 -40.84 -35.88
C LEU B 122 23.71 -41.87 -36.05
N ASP B 123 23.45 -43.03 -35.46
CA ASP B 123 24.34 -44.16 -35.44
C ASP B 123 24.33 -44.92 -36.75
N SER B 124 25.42 -45.64 -37.01
CA SER B 124 25.45 -46.63 -38.10
C SER B 124 24.35 -47.68 -37.93
N LYS B 125 24.24 -48.26 -36.75
CA LYS B 125 23.23 -49.28 -36.46
C LYS B 125 21.80 -48.75 -36.42
N SER B 126 21.62 -47.50 -35.99
CA SER B 126 20.28 -46.90 -35.86
C SER B 126 19.48 -46.93 -37.16
N ILE B 127 20.12 -46.57 -38.27
CA ILE B 127 19.47 -46.54 -39.59
C ILE B 127 19.14 -47.95 -40.07
N GLU B 128 19.96 -48.91 -39.67
CA GLU B 128 19.68 -50.32 -39.96
C GLU B 128 18.52 -50.84 -39.11
N SER B 129 18.53 -50.50 -37.82
CA SER B 129 17.55 -51.01 -36.85
C SER B 129 16.14 -50.39 -36.90
N PHE B 130 16.04 -49.11 -37.26
CA PHE B 130 14.80 -48.35 -37.06
C PHE B 130 14.27 -47.57 -38.26
N GLU B 131 12.94 -47.46 -38.36
CA GLU B 131 12.29 -46.44 -39.20
C GLU B 131 12.25 -45.15 -38.40
N HIS B 132 12.73 -44.06 -38.99
CA HIS B 132 12.86 -42.80 -38.28
C HIS B 132 11.78 -41.79 -38.70
N ARG B 133 11.11 -41.21 -37.71
CA ARG B 133 10.09 -40.19 -37.97
C ARG B 133 10.38 -38.94 -37.16
N LEU B 134 9.81 -37.82 -37.60
CA LEU B 134 9.71 -36.62 -36.76
C LEU B 134 8.26 -36.35 -36.38
N ARG B 135 8.03 -36.11 -35.09
CA ARG B 135 6.69 -35.81 -34.59
C ARG B 135 6.68 -34.45 -33.89
N PHE B 136 5.81 -33.57 -34.39
CA PHE B 136 5.60 -32.24 -33.84
C PHE B 136 4.24 -32.18 -33.17
N GLU B 137 4.21 -31.86 -31.88
CA GLU B 137 2.95 -31.89 -31.13
C GLU B 137 2.05 -30.66 -31.35
N GLY B 138 2.63 -29.60 -31.90
CA GLY B 138 1.91 -28.36 -32.17
C GLY B 138 2.82 -27.21 -32.61
N VAL B 139 2.50 -26.62 -33.76
CA VAL B 139 3.23 -25.50 -34.31
C VAL B 139 2.23 -24.52 -34.91
N ASP B 140 2.34 -23.24 -34.52
CA ASP B 140 1.40 -22.17 -34.89
C ASP B 140 2.13 -21.21 -35.83
N ASN B 141 1.66 -20.97 -37.07
CA ASN B 141 0.39 -21.44 -37.64
C ASN B 141 0.57 -22.68 -38.51
N CYS B 142 1.64 -22.70 -39.28
CA CYS B 142 1.94 -23.79 -40.19
C CYS B 142 3.41 -23.75 -40.55
N TYR B 143 3.91 -24.81 -41.17
CA TYR B 143 5.33 -24.92 -41.39
C TYR B 143 5.73 -25.87 -42.51
N GLU B 144 6.87 -25.59 -43.13
CA GLU B 144 7.54 -26.60 -43.95
C GLU B 144 8.75 -27.19 -43.23
N LEU B 145 9.03 -28.45 -43.53
CA LEU B 145 10.05 -29.24 -42.84
C LEU B 145 11.12 -29.75 -43.79
N TYR B 146 12.37 -29.53 -43.42
CA TYR B 146 13.52 -29.98 -44.22
C TYR B 146 14.47 -30.79 -43.36
N VAL B 147 14.97 -31.88 -43.93
CA VAL B 147 16.05 -32.65 -43.32
C VAL B 147 17.20 -32.75 -44.29
N ASN B 148 18.40 -32.43 -43.82
CA ASN B 148 19.64 -32.48 -44.63
C ASN B 148 19.54 -31.75 -45.97
N GLY B 149 18.96 -30.55 -45.94
CA GLY B 149 18.79 -29.71 -47.13
C GLY B 149 17.71 -30.20 -48.09
N GLN B 150 16.90 -31.17 -47.65
CA GLN B 150 15.87 -31.76 -48.50
C GLN B 150 14.48 -31.56 -47.93
N TYR B 151 13.56 -31.18 -48.80
CA TYR B 151 12.18 -30.89 -48.42
C TYR B 151 11.42 -32.16 -48.04
N VAL B 152 10.99 -32.24 -46.79
CA VAL B 152 10.25 -33.41 -46.33
C VAL B 152 8.76 -33.19 -46.54
N GLY B 153 8.24 -32.05 -46.09
CA GLY B 153 6.82 -31.80 -46.19
C GLY B 153 6.31 -30.51 -45.55
N PHE B 154 4.99 -30.42 -45.43
CA PHE B 154 4.27 -29.20 -45.03
C PHE B 154 3.12 -29.60 -44.11
N ASN B 155 2.67 -28.69 -43.25
CA ASN B 155 1.60 -28.99 -42.31
C ASN B 155 0.81 -27.78 -41.84
N LYS B 156 -0.50 -27.96 -41.69
CA LYS B 156 -1.37 -26.99 -41.03
C LYS B 156 -2.16 -27.64 -39.89
N GLY B 157 -2.67 -26.81 -38.98
CA GLY B 157 -3.44 -27.28 -37.84
C GLY B 157 -2.66 -27.09 -36.57
N SER B 158 -2.78 -25.90 -35.99
CA SER B 158 -1.93 -25.44 -34.91
C SER B 158 -1.94 -26.30 -33.66
N ARG B 159 -3.09 -26.84 -33.27
CA ARG B 159 -3.14 -27.63 -32.04
C ARG B 159 -3.24 -29.13 -32.28
N ASN B 160 -3.09 -29.52 -33.53
CA ASN B 160 -3.02 -30.92 -33.90
C ASN B 160 -1.56 -31.32 -34.06
N GLY B 161 -1.30 -32.62 -33.99
CA GLY B 161 0.04 -33.12 -34.13
C GLY B 161 0.30 -33.48 -35.57
N ALA B 162 1.54 -33.89 -35.85
CA ALA B 162 1.97 -34.31 -37.18
C ALA B 162 3.21 -35.21 -37.11
N GLU B 163 3.19 -36.29 -37.88
CA GLU B 163 4.36 -37.14 -38.02
C GLU B 163 4.81 -37.18 -39.47
N PHE B 164 6.13 -37.26 -39.66
CA PHE B 164 6.72 -37.33 -40.99
C PHE B 164 7.80 -38.41 -41.04
N ASP B 165 7.73 -39.26 -42.05
CA ASP B 165 8.76 -40.25 -42.34
C ASP B 165 10.05 -39.58 -42.80
N ILE B 166 11.14 -39.93 -42.14
CA ILE B 166 12.44 -39.26 -42.29
C ILE B 166 13.50 -40.21 -42.88
N GLN B 167 13.15 -41.50 -42.97
CA GLN B 167 14.06 -42.56 -43.40
C GLN B 167 14.85 -42.29 -44.69
N LYS B 168 14.19 -41.78 -45.71
CA LYS B 168 14.85 -41.45 -46.97
C LYS B 168 15.94 -40.40 -46.89
N TYR B 169 15.83 -39.48 -45.93
CA TYR B 169 16.65 -38.27 -45.89
C TYR B 169 17.79 -38.34 -44.90
N VAL B 170 17.76 -39.38 -44.08
CA VAL B 170 18.64 -39.51 -42.93
C VAL B 170 20.04 -40.01 -43.34
N SER B 171 21.07 -39.52 -42.64
CA SER B 171 22.47 -39.96 -42.84
C SER B 171 23.15 -40.38 -41.55
N GLU B 172 24.20 -41.17 -41.67
CA GLU B 172 25.04 -41.51 -40.54
C GLU B 172 25.79 -40.27 -40.08
N GLY B 173 25.80 -40.03 -38.77
CA GLY B 173 26.46 -38.85 -38.22
C GLY B 173 25.51 -37.70 -37.98
N GLU B 174 25.97 -36.49 -38.32
CA GLU B 174 25.20 -35.26 -38.16
C GLU B 174 24.02 -35.18 -39.12
N ASN B 175 22.84 -34.89 -38.58
CA ASN B 175 21.66 -34.62 -39.38
C ASN B 175 21.10 -33.24 -39.08
N LEU B 176 20.66 -32.56 -40.12
CA LEU B 176 20.14 -31.20 -39.99
C LEU B 176 18.63 -31.13 -40.15
N VAL B 177 17.95 -30.57 -39.14
CA VAL B 177 16.52 -30.31 -39.20
C VAL B 177 16.30 -28.83 -39.31
N VAL B 178 15.56 -28.42 -40.34
CA VAL B 178 15.19 -27.03 -40.49
C VAL B 178 13.67 -26.95 -40.62
N VAL B 179 13.07 -26.04 -39.85
CA VAL B 179 11.62 -25.84 -39.84
C VAL B 179 11.32 -24.39 -40.13
N LYS B 180 10.60 -24.14 -41.22
CA LYS B 180 10.14 -22.80 -41.56
C LYS B 180 8.72 -22.61 -41.06
N VAL B 181 8.54 -21.70 -40.10
CA VAL B 181 7.24 -21.49 -39.48
C VAL B 181 6.64 -20.15 -39.88
N PHE B 182 5.37 -20.16 -40.27
CA PHE B 182 4.70 -18.95 -40.74
C PHE B 182 3.56 -18.57 -39.80
N LYS B 183 3.38 -17.28 -39.56
CA LYS B 183 2.41 -16.80 -38.58
C LYS B 183 0.99 -16.82 -39.14
N TRP B 184 0.84 -16.44 -40.40
CA TRP B 184 -0.47 -16.39 -41.02
C TRP B 184 -0.52 -17.35 -42.20
N SER B 185 -1.74 -17.83 -42.49
CA SER B 185 -2.03 -18.59 -43.72
C SER B 185 -3.53 -18.65 -43.89
N ASP B 186 -3.99 -19.36 -44.91
CA ASP B 186 -5.43 -19.57 -45.16
C ASP B 186 -6.10 -20.20 -43.95
N SER B 187 -5.27 -20.82 -43.13
CA SER B 187 -5.68 -21.49 -41.92
C SER B 187 -6.08 -20.49 -40.80
N THR B 188 -5.52 -19.29 -40.84
CA THR B 188 -5.80 -18.28 -39.83
C THR B 188 -7.29 -18.02 -39.72
N TYR B 189 -7.98 -18.07 -40.84
CA TYR B 189 -9.40 -17.77 -40.88
C TYR B 189 -10.23 -18.76 -40.06
N ILE B 190 -9.72 -19.97 -39.87
CA ILE B 190 -10.42 -20.98 -39.09
C ILE B 190 -9.78 -21.21 -37.72
N GLU B 191 -8.89 -20.30 -37.32
CA GLU B 191 -8.25 -20.38 -36.01
C GLU B 191 -8.44 -19.11 -35.18
N ASP B 192 -9.66 -18.60 -35.16
CA ASP B 192 -9.95 -17.32 -34.53
C ASP B 192 -10.64 -17.45 -33.17
N GLN B 193 -10.04 -18.26 -32.30
CA GLN B 193 -10.49 -18.39 -30.92
C GLN B 193 -10.31 -17.08 -30.16
N ASP B 194 -11.15 -16.85 -29.15
CA ASP B 194 -11.00 -15.73 -28.23
C ASP B 194 -9.83 -15.98 -27.29
N GLN B 195 -8.63 -15.68 -27.78
CA GLN B 195 -7.39 -15.95 -27.07
C GLN B 195 -6.25 -15.10 -27.65
N TRP B 196 -5.06 -15.21 -27.02
CA TRP B 196 -3.85 -14.57 -27.50
C TRP B 196 -3.40 -15.17 -28.83
N TRP B 197 -3.03 -14.30 -29.77
CA TRP B 197 -2.37 -14.72 -30.99
C TRP B 197 -0.90 -14.94 -30.65
N LEU B 198 -0.46 -16.18 -30.71
CA LEU B 198 0.94 -16.55 -30.41
C LEU B 198 1.47 -17.55 -31.42
N SER B 199 2.76 -17.50 -31.69
CA SER B 199 3.36 -18.27 -32.79
C SER B 199 4.52 -19.15 -32.35
N GLY B 200 4.92 -20.07 -33.24
CA GLY B 200 6.13 -20.87 -33.03
C GLY B 200 5.90 -22.33 -32.75
N ILE B 201 7.00 -23.06 -32.60
CA ILE B 201 6.95 -24.43 -32.13
C ILE B 201 6.75 -24.37 -30.63
N TYR B 202 5.49 -24.41 -30.22
CA TYR B 202 5.11 -24.20 -28.83
C TYR B 202 4.83 -25.53 -28.10
N ARG B 203 4.94 -26.64 -28.81
CA ARG B 203 4.84 -27.98 -28.19
C ARG B 203 6.05 -28.86 -28.53
N ASP B 204 6.13 -30.00 -27.86
CA ASP B 204 7.23 -30.94 -28.03
C ASP B 204 7.55 -31.25 -29.49
N VAL B 205 8.84 -31.47 -29.75
CA VAL B 205 9.30 -32.08 -30.99
C VAL B 205 10.00 -33.37 -30.61
N SER B 206 9.77 -34.44 -31.36
CA SER B 206 10.41 -35.72 -31.03
C SER B 206 10.95 -36.41 -32.26
N LEU B 207 12.02 -37.17 -32.06
CA LEU B 207 12.49 -38.12 -33.04
C LEU B 207 12.00 -39.49 -32.62
N LEU B 208 11.20 -40.13 -33.48
CA LEU B 208 10.72 -41.48 -33.19
C LEU B 208 11.58 -42.54 -33.86
N LYS B 209 11.97 -43.55 -33.10
CA LYS B 209 12.68 -44.70 -33.65
C LYS B 209 11.85 -45.96 -33.50
N LEU B 210 11.16 -46.35 -34.57
CA LEU B 210 10.31 -47.54 -34.57
C LEU B 210 11.04 -48.74 -35.15
N PRO B 211 10.81 -49.95 -34.61
CA PRO B 211 11.44 -51.15 -35.17
C PRO B 211 11.13 -51.28 -36.66
N LYS B 212 12.15 -51.58 -37.45
CA LYS B 212 12.04 -51.39 -38.91
C LYS B 212 11.20 -52.42 -39.65
N LYS B 213 11.52 -53.70 -39.47
CA LYS B 213 10.90 -54.78 -40.26
C LYS B 213 9.40 -54.92 -39.98
N ALA B 214 9.01 -54.65 -38.74
CA ALA B 214 7.61 -54.67 -38.31
C ALA B 214 7.45 -53.87 -37.02
N HIS B 215 6.32 -53.18 -36.88
CA HIS B 215 6.04 -52.36 -35.71
C HIS B 215 4.54 -52.05 -35.56
N ILE B 216 4.11 -51.69 -34.36
CA ILE B 216 2.72 -51.36 -34.12
C ILE B 216 2.44 -49.92 -34.54
N GLU B 217 1.55 -49.76 -35.51
CA GLU B 217 1.21 -48.43 -36.02
C GLU B 217 0.03 -47.79 -35.26
N ASP B 218 -1.05 -48.56 -35.11
CA ASP B 218 -2.29 -48.04 -34.56
C ASP B 218 -2.98 -49.12 -33.74
N VAL B 219 -3.75 -48.67 -32.75
CA VAL B 219 -4.49 -49.55 -31.87
C VAL B 219 -5.88 -48.94 -31.67
N ARG B 220 -6.88 -49.81 -31.50
CA ARG B 220 -8.24 -49.36 -31.26
C ARG B 220 -8.90 -50.18 -30.18
N VAL B 221 -9.30 -49.52 -29.10
CA VAL B 221 -9.89 -50.21 -27.96
C VAL B 221 -11.30 -49.69 -27.69
N THR B 222 -12.29 -50.58 -27.73
CA THR B 222 -13.66 -50.23 -27.36
C THR B 222 -14.19 -51.16 -26.29
N THR B 223 -14.96 -50.61 -25.37
CA THR B 223 -15.70 -51.40 -24.41
C THR B 223 -17.19 -51.18 -24.63
N THR B 224 -17.89 -52.28 -24.95
CA THR B 224 -19.33 -52.26 -25.22
C THR B 224 -20.02 -53.28 -24.32
N PHE B 225 -21.09 -52.85 -23.65
CA PHE B 225 -21.87 -53.77 -22.83
C PHE B 225 -22.78 -54.63 -23.71
N VAL B 226 -22.79 -55.94 -23.44
CA VAL B 226 -23.57 -56.89 -24.25
C VAL B 226 -25.05 -56.76 -23.96
N ASP B 227 -25.36 -56.03 -22.90
CA ASP B 227 -26.62 -56.22 -22.21
C ASP B 227 -27.32 -54.95 -21.80
N SER B 228 -28.63 -55.06 -21.65
CA SER B 228 -29.44 -53.95 -21.19
C SER B 228 -29.15 -53.62 -19.73
N GLN B 229 -28.50 -54.56 -19.03
CA GLN B 229 -28.30 -54.41 -17.59
C GLN B 229 -26.86 -54.00 -17.22
N TYR B 230 -26.06 -53.69 -18.22
CA TYR B 230 -24.75 -53.07 -18.04
C TYR B 230 -23.83 -53.87 -17.10
N GLN B 231 -23.70 -55.15 -17.41
CA GLN B 231 -22.86 -56.05 -16.65
C GLN B 231 -21.70 -56.58 -17.48
N ASP B 232 -21.94 -57.62 -18.26
CA ASP B 232 -20.90 -58.23 -19.08
C ASP B 232 -20.58 -57.30 -20.24
N ALA B 233 -19.32 -57.24 -20.63
CA ALA B 233 -18.91 -56.34 -21.71
C ALA B 233 -18.03 -57.03 -22.71
N GLU B 234 -18.08 -56.55 -23.94
CA GLU B 234 -17.16 -57.01 -24.97
C GLU B 234 -16.00 -56.01 -25.07
N LEU B 235 -14.78 -56.49 -24.85
CA LEU B 235 -13.59 -55.69 -25.06
C LEU B 235 -13.05 -55.99 -26.45
N SER B 236 -13.04 -54.98 -27.32
CA SER B 236 -12.57 -55.14 -28.69
C SER B 236 -11.20 -54.49 -28.87
N VAL B 237 -10.23 -55.24 -29.37
CA VAL B 237 -8.92 -54.67 -29.62
C VAL B 237 -8.55 -54.89 -31.08
N LYS B 238 -8.36 -53.80 -31.81
CA LYS B 238 -7.94 -53.88 -33.18
C LYS B 238 -6.55 -53.25 -33.31
N VAL B 239 -5.60 -54.02 -33.84
CA VAL B 239 -4.23 -53.54 -34.03
C VAL B 239 -3.86 -53.52 -35.51
N ASP B 240 -3.33 -52.38 -35.97
CA ASP B 240 -2.76 -52.27 -37.30
C ASP B 240 -1.24 -52.37 -37.19
N VAL B 241 -0.70 -53.51 -37.62
CA VAL B 241 0.75 -53.74 -37.63
C VAL B 241 1.29 -53.41 -39.02
N GLN B 242 2.45 -52.77 -39.07
CA GLN B 242 3.06 -52.33 -40.33
C GLN B 242 4.32 -53.14 -40.61
N GLY B 243 4.34 -53.82 -41.75
CA GLY B 243 5.42 -54.75 -42.08
C GLY B 243 5.02 -56.21 -41.93
N SER B 244 5.87 -57.10 -42.43
CA SER B 244 5.59 -58.55 -42.47
C SER B 244 6.27 -59.35 -41.36
N SER B 245 7.44 -58.90 -40.92
CA SER B 245 8.31 -59.73 -40.08
C SER B 245 7.85 -59.81 -38.62
N TYR B 246 6.67 -60.39 -38.42
CA TYR B 246 6.13 -60.66 -37.09
C TYR B 246 5.31 -61.96 -37.15
N ASP B 247 5.10 -62.58 -36.00
CA ASP B 247 4.35 -63.83 -35.92
C ASP B 247 2.90 -63.59 -35.48
N HIS B 248 2.74 -62.97 -34.32
CA HIS B 248 1.41 -62.70 -33.74
C HIS B 248 1.46 -61.62 -32.65
N ILE B 249 0.31 -61.32 -32.04
CA ILE B 249 0.26 -60.40 -30.90
C ILE B 249 -0.26 -61.04 -29.62
N ASN B 250 0.25 -60.58 -28.49
CA ASN B 250 -0.26 -60.98 -27.20
C ASN B 250 -0.97 -59.83 -26.53
N PHE B 251 -2.00 -60.15 -25.75
CA PHE B 251 -2.71 -59.16 -24.96
C PHE B 251 -2.88 -59.61 -23.52
N THR B 252 -2.45 -58.78 -22.59
CA THR B 252 -2.64 -59.08 -21.18
C THR B 252 -3.39 -57.94 -20.50
N LEU B 253 -4.55 -58.27 -19.92
CA LEU B 253 -5.33 -57.32 -19.16
C LEU B 253 -5.12 -57.61 -17.68
N TYR B 254 -4.92 -56.58 -16.89
CA TYR B 254 -4.64 -56.76 -15.47
C TYR B 254 -5.83 -56.44 -14.57
N GLU B 255 -5.82 -57.00 -13.36
CA GLU B 255 -6.84 -56.71 -12.37
C GLU B 255 -6.95 -55.20 -12.14
N PRO B 256 -8.18 -54.70 -11.96
CA PRO B 256 -8.42 -53.26 -11.92
C PRO B 256 -7.86 -52.58 -10.68
N GLU B 257 -7.58 -51.29 -10.80
CA GLU B 257 -7.24 -50.46 -9.64
C GLU B 257 -8.37 -49.48 -9.45
N ASP B 258 -9.05 -49.58 -8.30
CA ASP B 258 -10.24 -48.77 -8.03
C ASP B 258 -10.01 -47.30 -8.26
N GLY B 259 -11.03 -46.63 -8.79
CA GLY B 259 -10.96 -45.18 -9.08
C GLY B 259 -10.54 -44.32 -7.91
N SER B 260 -10.61 -44.88 -6.69
CA SER B 260 -10.22 -44.14 -5.49
C SER B 260 -8.69 -44.13 -5.25
N LYS B 261 -7.92 -44.72 -6.16
CA LYS B 261 -6.46 -44.65 -6.15
C LYS B 261 -5.93 -43.28 -5.79
N VAL B 262 -4.91 -43.25 -4.97
CA VAL B 262 -4.21 -42.01 -4.65
C VAL B 262 -3.18 -41.66 -5.73
N TYR B 263 -3.21 -40.41 -6.17
CA TYR B 263 -2.25 -39.87 -7.14
C TYR B 263 -1.62 -38.60 -6.60
N ASP B 264 -0.48 -38.23 -7.16
CA ASP B 264 0.04 -36.89 -7.01
C ASP B 264 0.74 -36.46 -8.30
N ALA B 265 1.17 -35.20 -8.37
CA ALA B 265 1.85 -34.69 -9.56
C ALA B 265 2.95 -35.65 -10.02
N SER B 266 3.71 -36.15 -9.06
CA SER B 266 4.83 -37.02 -9.34
C SER B 266 4.43 -38.33 -10.04
N SER B 267 3.47 -39.05 -9.48
CA SER B 267 3.06 -40.34 -10.07
C SER B 267 2.25 -40.20 -11.35
N LEU B 268 1.51 -39.10 -11.48
CA LEU B 268 0.77 -38.81 -12.72
C LEU B 268 1.72 -38.52 -13.90
N LEU B 269 2.88 -37.94 -13.59
CA LEU B 269 3.81 -37.51 -14.63
C LEU B 269 4.91 -38.53 -14.94
N ASN B 270 5.12 -39.47 -14.01
CA ASN B 270 6.08 -40.55 -14.20
C ASN B 270 5.88 -41.21 -15.57
N GLU B 271 6.94 -41.23 -16.36
CA GLU B 271 6.90 -41.73 -17.75
C GLU B 271 7.74 -42.97 -17.96
N GLU B 272 8.22 -43.55 -16.86
CA GLU B 272 9.14 -44.68 -16.95
C GLU B 272 8.47 -45.97 -17.41
N ASN B 273 9.15 -46.67 -18.31
CA ASN B 273 8.84 -48.05 -18.69
C ASN B 273 10.11 -48.79 -19.12
N GLY B 274 10.01 -49.65 -20.13
CA GLY B 274 11.12 -50.54 -20.53
C GLY B 274 11.29 -51.68 -19.52
N ASN B 275 12.25 -51.51 -18.61
CA ASN B 275 12.56 -52.52 -17.58
C ASN B 275 11.61 -52.60 -16.38
N THR B 276 10.83 -51.52 -16.16
CA THR B 276 9.76 -51.51 -15.14
C THR B 276 8.67 -52.55 -15.50
N THR B 277 8.44 -53.50 -14.59
CA THR B 277 7.43 -54.55 -14.82
C THR B 277 6.04 -53.93 -14.62
N PHE B 278 5.32 -53.78 -15.74
CA PHE B 278 4.09 -52.95 -15.80
C PHE B 278 3.10 -53.31 -14.68
N SER B 279 2.54 -54.53 -14.74
CA SER B 279 1.71 -55.10 -13.68
C SER B 279 1.89 -56.63 -13.64
N THR B 280 1.41 -57.23 -12.56
CA THR B 280 1.53 -58.68 -12.35
C THR B 280 0.17 -59.38 -12.25
N LYS B 281 -0.79 -58.70 -11.63
CA LYS B 281 -2.10 -59.26 -11.33
C LYS B 281 -2.87 -59.54 -12.62
N GLU B 282 -2.59 -60.67 -13.25
CA GLU B 282 -3.19 -61.01 -14.54
C GLU B 282 -4.64 -61.37 -14.41
N PHE B 283 -5.46 -60.81 -15.29
CA PHE B 283 -6.89 -61.06 -15.28
C PHE B 283 -7.27 -61.90 -16.50
N ILE B 284 -6.78 -61.48 -17.67
CA ILE B 284 -7.08 -62.15 -18.91
C ILE B 284 -5.87 -62.07 -19.84
N SER B 285 -5.60 -63.19 -20.51
CA SER B 285 -4.60 -63.23 -21.58
C SER B 285 -5.25 -63.64 -22.89
N PHE B 286 -4.60 -63.32 -24.00
CA PHE B 286 -5.05 -63.74 -25.31
C PHE B 286 -3.88 -63.69 -26.28
N SER B 287 -3.88 -64.62 -27.22
CA SER B 287 -2.87 -64.64 -28.27
C SER B 287 -3.51 -64.78 -29.64
N THR B 288 -2.94 -64.09 -30.62
CA THR B 288 -3.31 -64.27 -32.01
C THR B 288 -2.50 -65.46 -32.54
N LYS B 289 -2.92 -66.06 -33.64
CA LYS B 289 -2.14 -67.12 -34.28
C LYS B 289 -1.47 -66.61 -35.54
N LYS B 290 -0.34 -67.23 -35.89
CA LYS B 290 0.39 -66.93 -37.14
C LYS B 290 -0.56 -66.78 -38.33
N ASN B 291 -0.31 -65.74 -39.14
CA ASN B 291 -1.08 -65.48 -40.38
C ASN B 291 -2.56 -65.13 -40.21
N GLU B 292 -2.95 -64.77 -39.00
CA GLU B 292 -4.32 -64.38 -38.76
C GLU B 292 -4.47 -62.92 -38.34
N GLU B 293 -5.68 -62.41 -38.57
CA GLU B 293 -6.12 -61.07 -38.17
C GLU B 293 -5.53 -60.63 -36.82
N THR B 294 -4.82 -59.50 -36.83
CA THR B 294 -4.24 -58.93 -35.61
C THR B 294 -5.26 -58.08 -34.86
N ALA B 295 -6.41 -58.68 -34.58
CA ALA B 295 -7.51 -58.03 -33.87
C ALA B 295 -8.29 -59.11 -33.15
N PHE B 296 -9.09 -58.73 -32.16
CA PHE B 296 -9.93 -59.71 -31.48
C PHE B 296 -11.00 -59.06 -30.63
N LYS B 297 -11.99 -59.86 -30.25
CA LYS B 297 -13.05 -59.46 -29.34
C LYS B 297 -13.14 -60.50 -28.22
N ILE B 298 -13.17 -60.06 -26.97
CA ILE B 298 -13.34 -60.99 -25.87
C ILE B 298 -14.44 -60.57 -24.90
N ASN B 299 -15.15 -61.57 -24.39
CA ASN B 299 -16.19 -61.37 -23.41
C ASN B 299 -15.58 -61.20 -22.03
N VAL B 300 -15.92 -60.10 -21.36
CA VAL B 300 -15.40 -59.83 -20.02
C VAL B 300 -16.50 -59.91 -18.97
N LYS B 301 -16.22 -60.68 -17.92
CA LYS B 301 -17.17 -60.98 -16.84
C LYS B 301 -17.36 -59.78 -15.91
N ALA B 302 -18.55 -59.19 -15.92
CA ALA B 302 -18.93 -58.08 -15.00
C ALA B 302 -17.78 -57.18 -14.55
N PRO B 303 -17.19 -56.42 -15.50
CA PRO B 303 -16.05 -55.57 -15.17
C PRO B 303 -16.42 -54.36 -14.32
N GLU B 304 -15.41 -53.79 -13.69
CA GLU B 304 -15.54 -52.55 -12.93
C GLU B 304 -15.77 -51.39 -13.88
N HIS B 305 -16.85 -50.65 -13.65
CA HIS B 305 -17.21 -49.51 -14.50
C HIS B 305 -16.24 -48.35 -14.31
N TRP B 306 -15.86 -47.72 -15.42
CA TRP B 306 -15.17 -46.44 -15.38
C TRP B 306 -16.20 -45.31 -15.35
N THR B 307 -15.96 -44.34 -14.48
CA THR B 307 -16.83 -43.21 -14.28
C THR B 307 -15.97 -42.00 -13.88
N ALA B 308 -16.46 -40.78 -14.08
CA ALA B 308 -15.71 -39.60 -13.67
C ALA B 308 -15.63 -39.50 -12.15
N GLU B 309 -16.66 -39.99 -11.47
CA GLU B 309 -16.68 -40.02 -10.00
C GLU B 309 -15.86 -41.17 -9.43
N ASN B 310 -15.68 -42.23 -10.23
CA ASN B 310 -14.83 -43.36 -9.84
C ASN B 310 -14.10 -43.92 -11.08
N PRO B 311 -12.94 -43.31 -11.42
CA PRO B 311 -12.23 -43.64 -12.66
C PRO B 311 -11.41 -44.93 -12.59
N THR B 312 -12.08 -46.06 -12.46
CA THR B 312 -11.41 -47.37 -12.31
C THR B 312 -10.86 -47.84 -13.64
N LEU B 313 -9.57 -48.13 -13.66
CA LEU B 313 -8.87 -48.52 -14.88
C LEU B 313 -8.27 -49.90 -14.80
N TYR B 314 -8.35 -50.63 -15.92
CA TYR B 314 -7.68 -51.90 -16.10
C TYR B 314 -6.47 -51.67 -16.98
N LYS B 315 -5.28 -51.83 -16.42
CA LYS B 315 -4.06 -51.72 -17.20
C LYS B 315 -3.96 -52.88 -18.15
N TYR B 316 -3.31 -52.66 -19.29
CA TYR B 316 -3.06 -53.73 -20.23
C TYR B 316 -1.68 -53.65 -20.85
N GLN B 317 -1.20 -54.78 -21.35
CA GLN B 317 0.02 -54.78 -22.15
C GLN B 317 -0.24 -55.50 -23.47
N LEU B 318 0.15 -54.86 -24.57
CA LEU B 318 0.01 -55.43 -25.88
C LEU B 318 1.40 -55.66 -26.43
N ASP B 319 1.69 -56.92 -26.78
CA ASP B 319 3.02 -57.27 -27.30
C ASP B 319 2.97 -57.77 -28.73
N LEU B 320 3.77 -57.16 -29.59
CA LEU B 320 3.99 -57.69 -30.94
C LEU B 320 5.13 -58.70 -30.86
N ILE B 321 4.88 -59.91 -31.33
CA ILE B 321 5.83 -61.00 -31.13
C ILE B 321 6.37 -61.59 -32.42
N GLY B 322 7.70 -61.69 -32.49
CA GLY B 322 8.37 -62.23 -33.68
C GLY B 322 8.33 -63.75 -33.81
N SER B 323 8.90 -64.25 -34.90
CA SER B 323 8.93 -65.69 -35.20
C SER B 323 9.74 -66.46 -34.15
N ASP B 324 10.89 -65.91 -33.78
CA ASP B 324 11.74 -66.44 -32.71
C ASP B 324 11.08 -66.39 -31.32
N GLY B 325 9.93 -65.71 -31.23
CA GLY B 325 9.16 -65.61 -29.98
C GLY B 325 9.53 -64.43 -29.09
N SER B 326 10.37 -63.54 -29.59
CA SER B 326 10.79 -62.36 -28.82
C SER B 326 9.81 -61.19 -29.01
N VAL B 327 9.83 -60.27 -28.06
CA VAL B 327 8.98 -59.08 -28.07
C VAL B 327 9.59 -57.96 -28.91
N ILE B 328 8.99 -57.72 -30.07
CA ILE B 328 9.42 -56.66 -30.98
C ILE B 328 9.03 -55.26 -30.45
N GLN B 329 7.81 -55.14 -29.93
CA GLN B 329 7.32 -53.88 -29.41
C GLN B 329 6.21 -54.10 -28.40
N SER B 330 6.11 -53.21 -27.42
CA SER B 330 5.06 -53.27 -26.43
C SER B 330 4.30 -51.96 -26.35
N ILE B 331 3.01 -52.06 -26.08
CA ILE B 331 2.25 -50.87 -25.69
C ILE B 331 1.66 -51.12 -24.32
N LYS B 332 1.96 -50.22 -23.39
CA LYS B 332 1.42 -50.30 -22.04
C LYS B 332 0.43 -49.16 -21.86
N HIS B 333 -0.84 -49.51 -21.68
CA HIS B 333 -1.89 -48.51 -21.48
C HIS B 333 -3.03 -49.02 -20.58
N HIS B 334 -4.20 -48.43 -20.68
CA HIS B 334 -5.32 -48.80 -19.83
C HIS B 334 -6.66 -48.83 -20.57
N VAL B 335 -7.57 -49.66 -20.04
CA VAL B 335 -8.94 -49.73 -20.52
C VAL B 335 -9.89 -49.14 -19.47
N GLY B 336 -10.86 -48.36 -19.91
CA GLY B 336 -11.90 -47.86 -19.03
C GLY B 336 -13.22 -48.41 -19.51
N PHE B 337 -13.81 -49.32 -18.72
CA PHE B 337 -15.09 -49.95 -19.09
C PHE B 337 -16.26 -48.99 -18.88
N ARG B 338 -16.73 -48.43 -19.99
CA ARG B 338 -17.76 -47.42 -19.96
C ARG B 338 -18.39 -47.36 -21.35
N GLN B 339 -19.65 -46.94 -21.44
CA GLN B 339 -20.30 -46.79 -22.74
C GLN B 339 -21.22 -45.58 -22.74
N VAL B 340 -21.06 -44.73 -23.75
CA VAL B 340 -21.87 -43.54 -23.87
C VAL B 340 -22.92 -43.73 -24.95
N GLU B 341 -24.15 -43.35 -24.62
CA GLU B 341 -25.27 -43.46 -25.56
C GLU B 341 -26.17 -42.25 -25.48
N LEU B 342 -26.89 -42.01 -26.58
CA LEU B 342 -28.05 -41.13 -26.57
C LEU B 342 -29.24 -42.05 -26.36
N LYS B 343 -29.82 -41.98 -25.17
CA LYS B 343 -30.82 -42.95 -24.73
C LYS B 343 -32.02 -42.24 -24.11
N ASP B 344 -33.19 -42.42 -24.74
CA ASP B 344 -34.43 -41.74 -24.34
C ASP B 344 -34.22 -40.24 -24.26
N GLY B 345 -33.43 -39.72 -25.20
CA GLY B 345 -33.19 -38.29 -25.28
C GLY B 345 -32.22 -37.72 -24.25
N ASN B 346 -31.42 -38.58 -23.62
CA ASN B 346 -30.39 -38.14 -22.71
C ASN B 346 -29.02 -38.69 -23.06
N ILE B 347 -27.98 -37.91 -22.75
CA ILE B 347 -26.59 -38.39 -22.81
C ILE B 347 -26.43 -39.32 -21.63
N THR B 348 -26.03 -40.55 -21.94
CA THR B 348 -26.07 -41.63 -20.98
C THR B 348 -24.73 -42.30 -20.94
N VAL B 349 -24.20 -42.49 -19.74
CA VAL B 349 -22.99 -43.28 -19.54
C VAL B 349 -23.34 -44.49 -18.68
N ASN B 350 -23.09 -45.68 -19.20
CA ASN B 350 -23.41 -46.93 -18.48
C ASN B 350 -24.86 -46.98 -18.01
N GLY B 351 -25.76 -46.53 -18.88
CA GLY B 351 -27.17 -46.52 -18.58
C GLY B 351 -27.63 -45.35 -17.73
N LYS B 352 -26.76 -44.44 -17.47
CA LYS B 352 -27.07 -43.38 -16.55
C LYS B 352 -26.94 -42.03 -17.12
N ASP B 353 -27.96 -41.25 -16.82
CA ASP B 353 -28.16 -39.96 -17.43
C ASP B 353 -27.46 -39.00 -16.52
N ILE B 354 -26.32 -38.54 -16.98
CA ILE B 354 -25.37 -37.79 -16.19
C ILE B 354 -25.59 -36.32 -16.09
N LEU B 355 -24.90 -35.71 -15.14
CA LEU B 355 -24.90 -34.26 -14.96
C LEU B 355 -23.49 -33.67 -15.12
N PHE B 356 -23.35 -32.71 -16.03
CA PHE B 356 -22.07 -32.02 -16.19
C PHE B 356 -21.94 -30.93 -15.15
N ARG B 357 -20.90 -31.08 -14.34
CA ARG B 357 -20.50 -30.06 -13.38
C ARG B 357 -19.19 -29.53 -13.95
N GLY B 358 -19.30 -28.79 -15.05
CA GLY B 358 -18.15 -28.60 -15.93
C GLY B 358 -17.51 -27.25 -15.99
N VAL B 359 -16.41 -27.19 -16.71
CA VAL B 359 -15.66 -25.97 -16.94
C VAL B 359 -14.96 -26.01 -18.30
N ASN B 360 -14.87 -24.84 -18.93
CA ASN B 360 -14.07 -24.67 -20.15
C ASN B 360 -12.65 -24.31 -19.78
N ARG B 361 -11.70 -25.05 -20.33
CA ARG B 361 -10.29 -24.80 -20.05
C ARG B 361 -9.50 -24.61 -21.33
N HIS B 362 -8.93 -23.42 -21.48
CA HIS B 362 -7.92 -23.16 -22.49
C HIS B 362 -6.55 -23.63 -22.01
N ASP B 363 -5.63 -23.85 -22.94
CA ASP B 363 -4.23 -23.94 -22.60
C ASP B 363 -3.72 -22.53 -22.34
N HIS B 364 -3.33 -22.26 -21.10
CA HIS B 364 -2.76 -20.98 -20.76
C HIS B 364 -1.85 -21.06 -19.56
N HIS B 365 -0.71 -20.37 -19.68
CA HIS B 365 0.23 -20.17 -18.59
C HIS B 365 0.67 -18.70 -18.64
N PRO B 366 0.72 -18.03 -17.46
CA PRO B 366 0.99 -16.59 -17.42
C PRO B 366 2.33 -16.16 -17.98
N ARG B 367 3.26 -17.11 -18.12
CA ARG B 367 4.58 -16.80 -18.67
C ARG B 367 4.85 -17.54 -19.98
N PHE B 368 4.32 -18.74 -20.13
CA PHE B 368 4.62 -19.54 -21.31
C PHE B 368 3.51 -19.58 -22.36
N GLY B 369 2.34 -19.04 -22.01
CA GLY B 369 1.22 -18.99 -22.95
C GLY B 369 0.57 -20.34 -23.16
N ARG B 370 0.59 -20.81 -24.39
CA ARG B 370 -0.07 -22.04 -24.76
C ARG B 370 0.92 -23.21 -24.68
N ALA B 371 2.17 -22.88 -24.38
CA ALA B 371 3.23 -23.86 -24.12
C ALA B 371 3.23 -24.25 -22.63
N VAL B 372 2.19 -24.98 -22.22
CA VAL B 372 1.95 -25.25 -20.81
C VAL B 372 2.68 -26.51 -20.38
N PRO B 373 3.55 -26.40 -19.37
CA PRO B 373 4.20 -27.60 -18.85
C PRO B 373 3.15 -28.53 -18.25
N LEU B 374 3.30 -29.83 -18.46
CA LEU B 374 2.35 -30.80 -17.92
C LEU B 374 2.13 -30.63 -16.43
N ASP B 375 3.21 -30.38 -15.71
CA ASP B 375 3.19 -30.05 -14.30
C ASP B 375 2.03 -29.10 -13.96
N PHE B 376 1.87 -28.09 -14.79
CA PHE B 376 0.89 -27.03 -14.59
C PHE B 376 -0.53 -27.48 -14.92
N VAL B 377 -0.67 -28.36 -15.91
CA VAL B 377 -1.98 -28.89 -16.25
C VAL B 377 -2.47 -29.75 -15.09
N VAL B 378 -1.57 -30.53 -14.53
CA VAL B 378 -1.88 -31.35 -13.37
C VAL B 378 -2.36 -30.45 -12.25
N ARG B 379 -1.66 -29.33 -12.06
CA ARG B 379 -2.04 -28.32 -11.07
C ARG B 379 -3.49 -27.87 -11.29
N ASP B 380 -3.84 -27.54 -12.53
CA ASP B 380 -5.21 -27.16 -12.90
C ASP B 380 -6.23 -28.23 -12.50
N LEU B 381 -6.00 -29.47 -12.92
CA LEU B 381 -6.97 -30.54 -12.76
C LEU B 381 -7.20 -30.91 -11.30
N ILE B 382 -6.12 -30.96 -10.52
CA ILE B 382 -6.22 -31.23 -9.08
C ILE B 382 -7.13 -30.18 -8.43
N LEU B 383 -6.88 -28.93 -8.78
CA LEU B 383 -7.65 -27.82 -8.27
C LEU B 383 -9.14 -27.98 -8.62
N MET B 384 -9.42 -28.43 -9.85
CA MET B 384 -10.80 -28.64 -10.29
C MET B 384 -11.49 -29.68 -9.42
N LYS B 385 -10.80 -30.80 -9.24
CA LYS B 385 -11.30 -31.88 -8.40
C LYS B 385 -11.56 -31.42 -6.97
N LYS B 386 -10.70 -30.52 -6.49
CA LYS B 386 -10.81 -29.94 -5.15
C LYS B 386 -12.01 -29.00 -5.03
N PHE B 387 -12.54 -28.57 -6.17
CA PHE B 387 -13.69 -27.67 -6.15
C PHE B 387 -14.95 -28.27 -6.80
N ASN B 388 -15.04 -29.60 -6.73
CA ASN B 388 -16.24 -30.37 -7.11
C ASN B 388 -16.54 -30.53 -8.60
N ILE B 389 -15.60 -30.13 -9.46
CA ILE B 389 -15.79 -30.21 -10.90
C ILE B 389 -15.65 -31.67 -11.37
N ASN B 390 -16.44 -32.05 -12.35
CA ASN B 390 -16.41 -33.40 -12.90
C ASN B 390 -16.27 -33.45 -14.41
N ALA B 391 -16.25 -32.31 -15.06
CA ALA B 391 -16.21 -32.27 -16.53
C ALA B 391 -15.37 -31.12 -17.06
N VAL B 392 -14.71 -31.35 -18.18
CA VAL B 392 -13.91 -30.33 -18.82
C VAL B 392 -14.21 -30.29 -20.31
N ARG B 393 -14.33 -29.08 -20.85
CA ARG B 393 -14.41 -28.88 -22.29
C ARG B 393 -13.11 -28.28 -22.80
N ASN B 394 -12.53 -28.90 -23.81
CA ASN B 394 -11.28 -28.43 -24.40
C ASN B 394 -11.52 -27.26 -25.34
N SER B 395 -11.87 -26.12 -24.78
CA SER B 395 -12.12 -24.92 -25.55
C SER B 395 -10.82 -24.32 -26.09
N HIS B 396 -10.70 -24.14 -27.41
CA HIS B 396 -11.56 -24.73 -28.43
C HIS B 396 -10.63 -25.42 -29.42
N TYR B 397 -10.00 -26.50 -28.96
CA TYR B 397 -8.94 -27.22 -29.69
C TYR B 397 -8.42 -28.34 -28.79
N PRO B 398 -7.78 -29.38 -29.38
CA PRO B 398 -7.21 -30.40 -28.54
C PRO B 398 -6.00 -29.88 -27.78
N ASN B 399 -5.76 -30.41 -26.58
CA ASN B 399 -4.59 -30.06 -25.78
C ASN B 399 -3.39 -30.95 -26.15
N HIS B 400 -2.29 -30.80 -25.41
CA HIS B 400 -1.14 -31.70 -25.55
C HIS B 400 -1.61 -33.13 -25.34
N PRO B 401 -1.21 -34.05 -26.23
CA PRO B 401 -1.72 -35.44 -26.20
C PRO B 401 -1.59 -36.14 -24.86
N LYS B 402 -0.57 -35.77 -24.07
CA LYS B 402 -0.32 -36.40 -22.77
C LYS B 402 -1.32 -36.03 -21.67
N VAL B 403 -2.16 -35.02 -21.93
CA VAL B 403 -3.13 -34.53 -20.96
C VAL B 403 -4.27 -35.50 -20.78
N TYR B 404 -4.60 -36.23 -21.84
CA TYR B 404 -5.79 -37.07 -21.84
C TYR B 404 -5.74 -38.27 -20.90
N ASP B 405 -4.53 -38.76 -20.65
CA ASP B 405 -4.32 -39.77 -19.63
C ASP B 405 -4.67 -39.23 -18.24
N LEU B 406 -4.44 -37.94 -18.05
CA LEU B 406 -4.77 -37.28 -16.78
C LEU B 406 -6.28 -37.26 -16.54
N PHE B 407 -7.04 -37.00 -17.59
CA PHE B 407 -8.49 -37.06 -17.53
C PHE B 407 -8.95 -38.48 -17.18
N ASP B 408 -8.37 -39.47 -17.88
CA ASP B 408 -8.65 -40.89 -17.64
C ASP B 408 -8.45 -41.29 -16.19
N LYS B 409 -7.34 -40.85 -15.60
CA LYS B 409 -6.93 -41.28 -14.26
C LYS B 409 -7.60 -40.49 -13.13
N LEU B 410 -7.82 -39.20 -13.35
CA LEU B 410 -8.45 -38.37 -12.34
C LEU B 410 -9.97 -38.41 -12.42
N GLY B 411 -10.50 -38.68 -13.61
CA GLY B 411 -11.95 -38.82 -13.79
C GLY B 411 -12.61 -37.51 -14.12
N PHE B 412 -12.68 -37.21 -15.41
CA PHE B 412 -13.44 -36.06 -15.92
C PHE B 412 -14.25 -36.48 -17.11
N TRP B 413 -15.47 -35.98 -17.23
CA TRP B 413 -16.20 -36.12 -18.48
C TRP B 413 -15.61 -35.07 -19.44
N VAL B 414 -15.12 -35.50 -20.59
CA VAL B 414 -14.40 -34.59 -21.46
C VAL B 414 -15.07 -34.37 -22.81
N ILE B 415 -15.27 -33.10 -23.17
CA ILE B 415 -15.58 -32.75 -24.54
C ILE B 415 -14.28 -32.33 -25.23
N ASP B 416 -13.81 -33.18 -26.15
CA ASP B 416 -12.62 -32.91 -26.94
C ASP B 416 -13.08 -32.24 -28.22
N GLU B 417 -12.52 -31.06 -28.48
CA GLU B 417 -13.03 -30.15 -29.51
C GLU B 417 -12.05 -29.94 -30.67
N ALA B 418 -12.56 -29.95 -31.89
CA ALA B 418 -11.75 -29.66 -33.06
C ALA B 418 -11.22 -28.25 -33.01
N ASP B 419 -10.02 -28.04 -33.55
CA ASP B 419 -9.39 -26.74 -33.63
C ASP B 419 -9.98 -25.96 -34.80
N LEU B 420 -11.13 -25.32 -34.59
CA LEU B 420 -11.83 -24.63 -35.65
C LEU B 420 -12.81 -23.58 -35.14
N GLU B 421 -12.42 -22.31 -35.18
CA GLU B 421 -13.32 -21.17 -34.94
C GLU B 421 -13.25 -20.15 -36.06
N THR B 422 -14.40 -19.69 -36.51
CA THR B 422 -14.53 -18.88 -37.71
C THR B 422 -15.13 -17.52 -37.39
N HIS B 423 -15.26 -17.24 -36.10
CA HIS B 423 -15.99 -16.10 -35.53
C HIS B 423 -15.81 -14.75 -36.25
N GLY B 424 -14.57 -14.46 -36.64
CA GLY B 424 -14.23 -13.18 -37.25
C GLY B 424 -15.03 -12.73 -38.47
N VAL B 425 -15.59 -13.69 -39.22
CA VAL B 425 -16.43 -13.35 -40.37
C VAL B 425 -17.63 -12.49 -39.99
N GLN B 426 -18.03 -12.56 -38.72
CA GLN B 426 -19.20 -11.84 -38.20
C GLN B 426 -18.96 -10.38 -37.91
N GLU B 427 -17.72 -10.02 -37.59
CA GLU B 427 -17.44 -8.68 -37.07
C GLU B 427 -17.86 -7.51 -37.96
N PRO B 428 -17.48 -7.51 -39.25
CA PRO B 428 -17.94 -6.42 -40.11
C PRO B 428 -19.47 -6.33 -40.17
N PHE B 429 -20.13 -7.49 -40.17
CA PHE B 429 -21.60 -7.58 -40.17
C PHE B 429 -22.17 -6.95 -38.90
N ASN B 430 -21.60 -7.33 -37.77
CA ASN B 430 -21.97 -6.78 -36.48
C ASN B 430 -21.88 -5.26 -36.47
N ARG B 431 -20.84 -4.73 -37.10
CA ARG B 431 -20.61 -3.30 -37.11
C ARG B 431 -21.46 -2.58 -38.16
N HIS B 432 -21.58 -3.18 -39.34
CA HIS B 432 -22.37 -2.59 -40.42
C HIS B 432 -23.85 -2.46 -40.06
N THR B 433 -24.38 -3.46 -39.36
CA THR B 433 -25.80 -3.51 -38.98
C THR B 433 -26.05 -3.01 -37.55
N ASN B 434 -25.02 -2.45 -36.90
CA ASN B 434 -25.07 -1.97 -35.50
C ASN B 434 -25.66 -2.96 -34.50
N LEU B 435 -25.38 -4.26 -34.72
CA LEU B 435 -25.88 -5.32 -33.83
C LEU B 435 -25.40 -5.15 -32.39
N GLU B 436 -26.35 -5.11 -31.47
CA GLU B 436 -26.09 -4.94 -30.03
C GLU B 436 -25.98 -6.26 -29.27
N ALA B 437 -26.97 -7.13 -29.44
CA ALA B 437 -27.07 -8.37 -28.67
C ALA B 437 -27.32 -9.61 -29.54
N GLU B 438 -26.77 -10.75 -29.08
CA GLU B 438 -27.08 -12.05 -29.64
C GLU B 438 -27.77 -12.92 -28.58
N TYR B 439 -28.75 -13.71 -28.99
CA TYR B 439 -29.48 -14.60 -28.09
C TYR B 439 -29.50 -16.05 -28.62
N PRO B 440 -29.33 -17.03 -27.72
CA PRO B 440 -29.11 -18.45 -28.09
C PRO B 440 -30.17 -19.11 -29.02
N ASP B 441 -31.43 -18.68 -28.92
CA ASP B 441 -32.54 -19.24 -29.72
C ASP B 441 -32.72 -18.58 -31.10
N THR B 442 -32.01 -17.47 -31.31
CA THR B 442 -32.30 -16.55 -32.41
C THR B 442 -31.05 -16.17 -33.23
N LYS B 443 -29.87 -16.24 -32.60
CA LYS B 443 -28.61 -15.72 -33.15
C LYS B 443 -28.03 -16.44 -34.37
N ASN B 444 -28.42 -17.70 -34.58
CA ASN B 444 -27.88 -18.50 -35.69
C ASN B 444 -28.23 -17.94 -37.08
N LYS B 445 -29.28 -17.11 -37.14
CA LYS B 445 -29.69 -16.43 -38.38
C LYS B 445 -28.69 -15.35 -38.78
N LEU B 446 -28.01 -14.77 -37.78
CA LEU B 446 -26.93 -13.81 -38.01
C LEU B 446 -25.67 -14.48 -38.55
N TYR B 447 -25.40 -15.72 -38.10
CA TYR B 447 -24.25 -16.48 -38.60
C TYR B 447 -24.50 -17.11 -39.97
N ASP B 448 -25.77 -17.43 -40.25
CA ASP B 448 -26.23 -17.99 -41.53
C ASP B 448 -25.83 -17.12 -42.73
N VAL B 449 -25.91 -15.80 -42.55
CA VAL B 449 -25.66 -14.84 -43.62
C VAL B 449 -24.18 -14.80 -44.06
N ASN B 450 -23.28 -15.19 -43.17
CA ASN B 450 -21.85 -15.19 -43.50
C ASN B 450 -21.20 -16.58 -43.62
N ALA B 451 -22.00 -17.63 -43.47
CA ALA B 451 -21.51 -19.01 -43.53
C ALA B 451 -20.80 -19.34 -44.84
N HIS B 452 -21.23 -18.74 -45.94
CA HIS B 452 -20.72 -19.02 -47.29
C HIS B 452 -19.22 -18.76 -47.47
N TYR B 453 -18.65 -17.91 -46.62
CA TYR B 453 -17.25 -17.55 -46.71
C TYR B 453 -16.34 -18.71 -46.33
N LEU B 454 -16.75 -19.49 -45.33
CA LEU B 454 -15.90 -20.57 -44.82
C LEU B 454 -16.60 -21.90 -44.56
N SER B 455 -17.57 -21.91 -43.64
CA SER B 455 -18.22 -23.15 -43.23
C SER B 455 -19.13 -23.74 -44.28
N ASP B 456 -19.63 -22.90 -45.19
CA ASP B 456 -20.40 -23.37 -46.31
C ASP B 456 -19.60 -23.27 -47.61
N ASN B 457 -18.29 -23.05 -47.47
CA ASN B 457 -17.40 -22.91 -48.60
C ASN B 457 -16.72 -24.26 -48.98
N PRO B 458 -17.01 -24.78 -50.19
CA PRO B 458 -16.49 -26.09 -50.62
C PRO B 458 -14.97 -26.15 -50.69
N GLU B 459 -14.32 -25.00 -50.81
CA GLU B 459 -12.85 -24.95 -50.85
C GLU B 459 -12.25 -25.33 -49.50
N TYR B 460 -13.02 -25.17 -48.44
CA TYR B 460 -12.53 -25.44 -47.10
C TYR B 460 -12.90 -26.83 -46.57
N GLU B 461 -13.64 -27.61 -47.36
CA GLU B 461 -14.09 -28.93 -46.91
C GLU B 461 -12.92 -29.78 -46.44
N VAL B 462 -11.89 -29.92 -47.27
CA VAL B 462 -10.72 -30.74 -46.91
C VAL B 462 -10.12 -30.32 -45.57
N ALA B 463 -10.03 -29.01 -45.34
CA ALA B 463 -9.52 -28.49 -44.07
C ALA B 463 -10.39 -28.85 -42.86
N TYR B 464 -11.70 -28.66 -43.00
CA TYR B 464 -12.67 -28.95 -41.93
C TYR B 464 -12.67 -30.43 -41.57
N LEU B 465 -12.60 -31.27 -42.60
CA LEU B 465 -12.55 -32.73 -42.43
C LEU B 465 -11.27 -33.13 -41.72
N ASP B 466 -10.17 -32.50 -42.11
CA ASP B 466 -8.88 -32.75 -41.50
C ASP B 466 -8.84 -32.41 -40.01
N ARG B 467 -9.47 -31.28 -39.63
CA ARG B 467 -9.58 -30.93 -38.22
C ARG B 467 -10.37 -31.98 -37.46
N ALA B 468 -11.40 -32.51 -38.12
CA ALA B 468 -12.21 -33.59 -37.55
C ALA B 468 -11.43 -34.91 -37.45
N SER B 469 -10.76 -35.28 -38.53
CA SER B 469 -10.06 -36.55 -38.61
C SER B 469 -8.93 -36.57 -37.60
N GLN B 470 -8.22 -35.45 -37.53
CA GLN B 470 -7.09 -35.32 -36.64
C GLN B 470 -7.54 -35.33 -35.17
N LEU B 471 -8.65 -34.65 -34.88
CA LEU B 471 -9.22 -34.61 -33.52
C LEU B 471 -9.50 -36.01 -32.98
N VAL B 472 -10.23 -36.80 -33.77
CA VAL B 472 -10.76 -38.08 -33.31
C VAL B 472 -9.67 -39.12 -33.25
N LEU B 473 -8.87 -39.22 -34.31
CA LEU B 473 -7.96 -40.34 -34.46
C LEU B 473 -6.81 -40.33 -33.47
N ARG B 474 -6.41 -39.15 -33.03
CA ARG B 474 -5.34 -39.06 -32.05
C ARG B 474 -5.80 -39.47 -30.64
N ASP B 475 -7.03 -39.12 -30.29
CA ASP B 475 -7.49 -39.28 -28.91
C ASP B 475 -8.58 -40.36 -28.69
N VAL B 476 -8.81 -41.20 -29.69
CA VAL B 476 -9.95 -42.14 -29.72
C VAL B 476 -9.98 -43.23 -28.62
N ASN B 477 -8.86 -43.45 -27.93
CA ASN B 477 -8.79 -44.50 -26.91
C ASN B 477 -8.87 -44.02 -25.45
N HIS B 478 -9.31 -42.79 -25.24
CA HIS B 478 -9.44 -42.25 -23.88
C HIS B 478 -10.89 -42.30 -23.40
N PRO B 479 -11.16 -43.15 -22.41
CA PRO B 479 -12.51 -43.34 -21.86
C PRO B 479 -13.12 -42.06 -21.32
N SER B 480 -12.29 -41.09 -20.91
CA SER B 480 -12.81 -39.83 -20.36
C SER B 480 -13.47 -38.95 -21.41
N ILE B 481 -13.06 -39.09 -22.67
CA ILE B 481 -13.71 -38.37 -23.77
C ILE B 481 -15.02 -39.07 -24.13
N ILE B 482 -16.14 -38.38 -23.94
CA ILE B 482 -17.43 -38.96 -24.25
C ILE B 482 -18.12 -38.23 -25.40
N ILE B 483 -17.63 -37.04 -25.73
CA ILE B 483 -18.23 -36.22 -26.79
C ILE B 483 -17.15 -35.58 -27.65
N TRP B 484 -17.30 -35.72 -28.96
CA TRP B 484 -16.48 -34.97 -29.91
C TRP B 484 -17.22 -33.68 -30.26
N SER B 485 -16.50 -32.58 -30.35
CA SER B 485 -17.10 -31.32 -30.74
C SER B 485 -16.45 -30.74 -32.00
N LEU B 486 -17.29 -30.24 -32.91
CA LEU B 486 -16.86 -29.83 -34.24
C LEU B 486 -16.15 -28.49 -34.25
N GLY B 487 -15.91 -27.92 -33.08
CA GLY B 487 -15.32 -26.60 -32.97
C GLY B 487 -16.22 -25.63 -32.23
N ASN B 488 -16.00 -24.34 -32.45
CA ASN B 488 -16.75 -23.30 -31.77
C ASN B 488 -17.00 -22.14 -32.73
N GLU B 489 -18.18 -21.54 -32.63
CA GLU B 489 -18.54 -20.29 -33.36
C GLU B 489 -18.00 -20.20 -34.79
N ALA B 490 -18.34 -21.20 -35.60
CA ALA B 490 -17.94 -21.23 -37.00
C ALA B 490 -19.17 -21.21 -37.91
N CYS B 491 -20.25 -20.57 -37.45
CA CYS B 491 -21.54 -20.56 -38.15
C CYS B 491 -22.05 -22.00 -38.35
N TYR B 492 -22.83 -22.22 -39.41
CA TYR B 492 -23.24 -23.57 -39.77
C TYR B 492 -23.28 -23.72 -41.29
N GLY B 493 -22.71 -24.81 -41.80
CA GLY B 493 -22.65 -25.06 -43.25
C GLY B 493 -22.40 -26.51 -43.62
N ARG B 494 -22.32 -26.76 -44.92
CA ARG B 494 -22.17 -28.12 -45.48
C ARG B 494 -20.96 -28.83 -44.90
N ASN B 495 -19.90 -28.08 -44.65
CA ASN B 495 -18.67 -28.63 -44.08
C ASN B 495 -18.87 -29.23 -42.70
N HIS B 496 -19.77 -28.65 -41.91
CA HIS B 496 -20.10 -29.21 -40.61
C HIS B 496 -20.80 -30.55 -40.73
N LYS B 497 -21.69 -30.69 -41.71
CA LYS B 497 -22.36 -31.97 -41.96
C LYS B 497 -21.33 -33.00 -42.36
N ALA B 498 -20.40 -32.61 -43.23
CA ALA B 498 -19.32 -33.48 -43.66
C ALA B 498 -18.47 -33.97 -42.49
N MET B 499 -18.13 -33.05 -41.58
CA MET B 499 -17.41 -33.38 -40.34
C MET B 499 -18.17 -34.41 -39.52
N TYR B 500 -19.48 -34.20 -39.37
CA TYR B 500 -20.34 -35.08 -38.60
C TYR B 500 -20.36 -36.51 -39.19
N LYS B 501 -20.56 -36.63 -40.49
CA LYS B 501 -20.55 -37.92 -41.17
C LYS B 501 -19.24 -38.65 -40.92
N LEU B 502 -18.12 -37.95 -41.10
CA LEU B 502 -16.81 -38.54 -40.95
C LEU B 502 -16.59 -39.06 -39.53
N ILE B 503 -16.96 -38.27 -38.53
CA ILE B 503 -16.72 -38.66 -37.15
C ILE B 503 -17.49 -39.91 -36.76
N LYS B 504 -18.78 -39.97 -37.11
CA LYS B 504 -19.62 -41.15 -36.85
C LYS B 504 -19.06 -42.40 -37.56
N GLN B 505 -18.45 -42.15 -38.72
CA GLN B 505 -17.77 -43.18 -39.50
C GLN B 505 -16.51 -43.66 -38.79
N LEU B 506 -15.70 -42.73 -38.31
CA LEU B 506 -14.44 -43.08 -37.64
C LEU B 506 -14.64 -43.63 -36.24
N ASP B 507 -15.51 -42.99 -35.45
CA ASP B 507 -15.76 -43.40 -34.09
C ASP B 507 -17.24 -43.43 -33.77
N PRO B 508 -17.92 -44.57 -34.03
CA PRO B 508 -19.35 -44.73 -33.75
C PRO B 508 -19.69 -44.68 -32.25
N THR B 509 -18.67 -44.83 -31.40
CA THR B 509 -18.89 -45.03 -29.97
C THR B 509 -19.21 -43.75 -29.16
N ARG B 510 -19.01 -42.58 -29.74
CA ARG B 510 -19.24 -41.32 -29.02
C ARG B 510 -20.27 -40.40 -29.70
N LEU B 511 -20.70 -39.39 -28.95
CA LEU B 511 -21.66 -38.41 -29.43
C LEU B 511 -20.98 -37.17 -29.98
N VAL B 512 -21.66 -36.45 -30.88
CA VAL B 512 -21.11 -35.25 -31.52
C VAL B 512 -21.83 -33.97 -31.07
N HIS B 513 -21.04 -32.96 -30.71
CA HIS B 513 -21.56 -31.68 -30.23
C HIS B 513 -21.17 -30.57 -31.20
N TYR B 514 -22.11 -29.67 -31.48
CA TYR B 514 -21.77 -28.42 -32.15
C TYR B 514 -22.80 -27.31 -31.94
N GLU B 515 -22.43 -26.34 -31.11
CA GLU B 515 -23.31 -25.27 -30.66
C GLU B 515 -23.84 -24.39 -31.79
N GLY B 516 -23.02 -24.20 -32.84
CA GLY B 516 -23.42 -23.40 -34.01
C GLY B 516 -24.55 -24.00 -34.82
N ASP B 517 -24.73 -25.32 -34.67
CA ASP B 517 -25.82 -26.07 -35.28
C ASP B 517 -26.98 -26.05 -34.29
N LEU B 518 -27.79 -24.99 -34.37
CA LEU B 518 -28.87 -24.78 -33.40
C LEU B 518 -29.85 -25.96 -33.30
N ASN B 519 -30.28 -26.46 -34.45
CA ASN B 519 -31.28 -27.54 -34.49
C ASN B 519 -30.70 -28.97 -34.50
N ALA B 520 -29.39 -29.07 -34.27
CA ALA B 520 -28.69 -30.35 -34.24
C ALA B 520 -29.01 -31.24 -35.44
N LEU B 521 -29.00 -30.65 -36.64
CA LEU B 521 -29.18 -31.40 -37.87
C LEU B 521 -28.01 -32.36 -38.12
N SER B 522 -26.81 -31.90 -37.74
CA SER B 522 -25.64 -32.78 -37.72
C SER B 522 -24.93 -32.72 -36.36
N ALA B 523 -25.71 -32.91 -35.30
CA ALA B 523 -25.18 -33.11 -33.94
C ALA B 523 -26.17 -33.97 -33.14
N ASP B 524 -25.69 -34.59 -32.07
CA ASP B 524 -26.52 -35.49 -31.27
C ASP B 524 -27.12 -34.83 -30.02
N ILE B 525 -26.74 -33.59 -29.75
CA ILE B 525 -27.03 -32.89 -28.49
C ILE B 525 -27.44 -31.46 -28.83
N PHE B 526 -28.35 -30.90 -28.03
CA PHE B 526 -28.61 -29.46 -28.07
C PHE B 526 -27.63 -28.74 -27.16
N SER B 527 -27.22 -27.54 -27.55
CA SER B 527 -26.22 -26.78 -26.80
C SER B 527 -26.50 -25.28 -26.86
N PHE B 528 -26.63 -24.65 -25.71
CA PHE B 528 -26.76 -23.19 -25.63
C PHE B 528 -25.57 -22.58 -24.92
N MET B 529 -25.30 -21.30 -25.21
CA MET B 529 -24.38 -20.53 -24.38
C MET B 529 -25.01 -19.26 -23.81
N TYR B 530 -24.91 -19.11 -22.49
CA TYR B 530 -25.39 -17.93 -21.74
C TYR B 530 -26.90 -17.65 -21.84
N PRO B 531 -27.73 -18.70 -21.87
CA PRO B 531 -29.14 -18.41 -22.11
C PRO B 531 -29.84 -17.93 -20.84
N THR B 532 -30.93 -17.20 -20.98
CA THR B 532 -31.78 -16.91 -19.84
C THR B 532 -32.59 -18.15 -19.53
N PHE B 533 -33.18 -18.18 -18.34
CA PHE B 533 -34.03 -19.29 -17.96
C PHE B 533 -35.23 -19.40 -18.89
N GLU B 534 -35.82 -18.24 -19.24
CA GLU B 534 -36.95 -18.17 -20.17
C GLU B 534 -36.59 -18.88 -21.46
N ILE B 535 -35.38 -18.61 -21.95
CA ILE B 535 -34.92 -19.16 -23.22
C ILE B 535 -34.67 -20.66 -23.12
N MET B 536 -34.12 -21.10 -21.99
CA MET B 536 -33.93 -22.52 -21.73
C MET B 536 -35.26 -23.27 -21.70
N GLU B 537 -36.22 -22.64 -21.01
CA GLU B 537 -37.54 -23.18 -20.77
C GLU B 537 -38.41 -23.30 -22.04
N ARG B 538 -38.39 -22.27 -22.89
CA ARG B 538 -39.06 -22.33 -24.21
C ARG B 538 -38.51 -23.47 -25.04
N TRP B 539 -37.17 -23.58 -25.09
CA TRP B 539 -36.52 -24.62 -25.86
C TRP B 539 -36.99 -26.01 -25.40
N ARG B 540 -36.95 -26.23 -24.09
CA ARG B 540 -37.43 -27.48 -23.49
C ARG B 540 -38.81 -27.82 -24.01
N LYS B 541 -39.75 -26.88 -23.82
CA LYS B 541 -41.14 -27.12 -24.17
C LYS B 541 -41.36 -27.37 -25.65
N ASN B 542 -40.55 -26.73 -26.50
CA ASN B 542 -40.67 -26.93 -27.95
C ASN B 542 -40.05 -28.24 -28.43
N HIS B 543 -39.33 -28.91 -27.54
CA HIS B 543 -38.66 -30.16 -27.91
C HIS B 543 -39.06 -31.31 -27.01
N THR B 544 -40.01 -31.05 -26.11
CA THR B 544 -40.69 -32.10 -25.37
C THR B 544 -42.06 -32.29 -26.00
N ASP B 545 -42.35 -33.51 -26.46
CA ASP B 545 -43.66 -33.78 -27.07
C ASP B 545 -44.78 -33.99 -26.01
N GLU B 546 -45.97 -34.34 -26.49
CA GLU B 546 -47.15 -34.54 -25.64
C GLU B 546 -46.94 -35.65 -24.58
N ASN B 547 -46.22 -36.71 -24.94
CA ASN B 547 -45.91 -37.84 -24.06
C ASN B 547 -44.96 -37.46 -22.90
N GLY B 548 -44.29 -36.32 -23.02
CA GLY B 548 -43.21 -35.99 -22.09
C GLY B 548 -41.84 -36.46 -22.57
N LYS B 549 -41.81 -37.08 -23.77
CA LYS B 549 -40.57 -37.53 -24.39
C LYS B 549 -39.84 -36.39 -25.09
N PHE B 550 -38.51 -36.42 -25.00
CA PHE B 550 -37.65 -35.58 -25.85
C PHE B 550 -36.66 -36.47 -26.59
N GLU B 551 -36.19 -35.99 -27.74
CA GLU B 551 -35.34 -36.78 -28.63
C GLU B 551 -33.86 -36.56 -28.33
N LYS B 552 -33.51 -35.36 -27.89
CA LYS B 552 -32.13 -34.92 -27.60
C LYS B 552 -32.18 -34.00 -26.39
N PRO B 553 -31.11 -33.97 -25.57
CA PRO B 553 -31.07 -33.13 -24.36
C PRO B 553 -30.40 -31.79 -24.60
N LEU B 554 -30.49 -30.90 -23.62
CA LEU B 554 -29.76 -29.63 -23.69
C LEU B 554 -28.65 -29.54 -22.65
N ILE B 555 -27.46 -29.15 -23.11
CA ILE B 555 -26.37 -28.76 -22.21
C ILE B 555 -26.06 -27.29 -22.45
N LEU B 556 -25.41 -26.67 -21.48
CA LEU B 556 -24.90 -25.33 -21.66
C LEU B 556 -23.39 -25.47 -21.79
N CYS B 557 -22.90 -25.43 -23.02
CA CYS B 557 -21.47 -25.61 -23.27
C CYS B 557 -20.70 -24.43 -22.67
N GLU B 558 -21.37 -23.28 -22.55
CA GLU B 558 -20.83 -22.12 -21.84
C GLU B 558 -21.95 -21.41 -21.10
N TYR B 559 -21.74 -21.14 -19.81
CA TYR B 559 -22.68 -20.33 -19.03
C TYR B 559 -21.96 -19.72 -17.83
N GLY B 560 -22.63 -18.78 -17.17
CA GLY B 560 -22.11 -18.14 -15.96
C GLY B 560 -20.73 -17.56 -16.18
N HIS B 561 -20.61 -16.73 -17.22
CA HIS B 561 -19.38 -16.03 -17.56
C HIS B 561 -18.69 -15.50 -16.29
N ALA B 562 -17.50 -16.02 -16.02
CA ALA B 562 -16.81 -15.79 -14.74
C ALA B 562 -15.87 -14.57 -14.69
N MET B 563 -16.13 -13.58 -15.52
CA MET B 563 -15.29 -12.38 -15.59
C MET B 563 -15.42 -11.53 -14.36
N GLY B 564 -14.30 -11.32 -13.67
CA GLY B 564 -14.24 -10.46 -12.50
C GLY B 564 -15.17 -10.89 -11.39
N ASN B 565 -15.72 -9.91 -10.68
CA ASN B 565 -16.63 -10.15 -9.56
C ASN B 565 -17.92 -10.82 -10.06
N GLY B 566 -18.04 -12.10 -9.75
CA GLY B 566 -19.10 -12.95 -10.30
C GLY B 566 -18.61 -14.37 -10.52
N PRO B 567 -19.43 -15.20 -11.21
CA PRO B 567 -20.74 -14.87 -11.75
C PRO B 567 -21.87 -14.92 -10.70
N GLY B 568 -22.91 -14.13 -10.92
CA GLY B 568 -24.10 -14.15 -10.08
C GLY B 568 -25.09 -15.19 -10.57
N SER B 569 -25.91 -15.68 -9.64
CA SER B 569 -27.07 -16.54 -9.94
C SER B 569 -26.75 -17.93 -10.49
N LEU B 570 -25.58 -18.46 -10.14
CA LEU B 570 -25.26 -19.86 -10.40
C LEU B 570 -26.28 -20.77 -9.74
N LYS B 571 -26.82 -20.30 -8.61
CA LYS B 571 -27.89 -20.96 -7.86
C LYS B 571 -29.12 -21.29 -8.72
N GLU B 572 -29.62 -20.27 -9.41
CA GLU B 572 -30.83 -20.38 -10.18
C GLU B 572 -30.66 -21.27 -11.42
N TYR B 573 -29.46 -21.28 -12.00
CA TYR B 573 -29.11 -22.22 -13.05
C TYR B 573 -29.12 -23.67 -12.55
N GLN B 574 -28.58 -23.88 -11.36
CA GLN B 574 -28.46 -25.21 -10.80
C GLN B 574 -29.82 -25.79 -10.43
N GLU B 575 -30.70 -24.95 -9.89
CA GLU B 575 -32.07 -25.35 -9.58
C GLU B 575 -32.74 -25.92 -10.81
N LEU B 576 -32.53 -25.26 -11.94
CA LEU B 576 -33.03 -25.69 -13.23
C LEU B 576 -32.42 -27.04 -13.64
N PHE B 577 -31.12 -27.20 -13.44
CA PHE B 577 -30.45 -28.46 -13.81
C PHE B 577 -31.02 -29.71 -13.12
N TYR B 578 -31.19 -29.58 -11.80
CA TYR B 578 -31.72 -30.67 -10.99
C TYR B 578 -33.21 -30.95 -11.23
N LYS B 579 -33.96 -29.91 -11.59
CA LYS B 579 -35.40 -30.01 -11.76
C LYS B 579 -35.83 -30.80 -13.00
N GLU B 580 -35.17 -30.58 -14.13
CA GLU B 580 -35.57 -31.21 -15.40
C GLU B 580 -34.58 -32.22 -15.94
N LYS B 581 -35.11 -33.37 -16.37
CA LYS B 581 -34.30 -34.43 -16.96
C LYS B 581 -33.73 -33.99 -18.29
N PHE B 582 -34.41 -33.06 -18.95
CA PHE B 582 -33.99 -32.49 -20.23
C PHE B 582 -32.66 -31.72 -20.13
N TYR B 583 -32.44 -31.04 -19.01
CA TYR B 583 -31.17 -30.34 -18.77
C TYR B 583 -30.15 -31.26 -18.12
N GLN B 584 -28.96 -31.30 -18.71
CA GLN B 584 -27.87 -32.14 -18.17
C GLN B 584 -26.65 -31.33 -17.71
N GLY B 585 -26.91 -30.10 -17.30
CA GLY B 585 -25.89 -29.24 -16.69
C GLY B 585 -25.16 -28.38 -17.70
N GLY B 586 -23.91 -28.01 -17.37
CA GLY B 586 -23.15 -27.16 -18.25
C GLY B 586 -21.69 -26.98 -17.87
N PHE B 587 -21.04 -26.10 -18.61
CA PHE B 587 -19.63 -25.79 -18.38
C PHE B 587 -19.48 -24.28 -18.21
N ILE B 588 -18.87 -23.86 -17.11
CA ILE B 588 -18.59 -22.45 -16.90
C ILE B 588 -17.54 -21.96 -17.89
N TRP B 589 -17.77 -20.78 -18.45
CA TRP B 589 -16.73 -20.03 -19.11
C TRP B 589 -16.17 -19.03 -18.13
N GLU B 590 -14.93 -19.18 -17.67
CA GLU B 590 -13.88 -20.05 -18.19
C GLU B 590 -13.05 -20.54 -16.97
N TRP B 591 -12.07 -21.41 -17.17
CA TRP B 591 -11.27 -21.88 -16.03
C TRP B 591 -10.38 -20.80 -15.40
N ALA B 592 -9.70 -20.01 -16.24
CA ALA B 592 -8.72 -19.04 -15.73
C ALA B 592 -8.51 -17.85 -16.64
N ASN B 593 -8.27 -16.69 -16.03
CA ASN B 593 -7.84 -15.49 -16.75
C ASN B 593 -6.61 -15.79 -17.59
N HIS B 594 -6.54 -15.21 -18.79
CA HIS B 594 -5.39 -15.43 -19.69
C HIS B 594 -4.30 -14.38 -19.51
N GLY B 595 -4.20 -13.78 -18.33
CA GLY B 595 -3.21 -12.73 -18.11
C GLY B 595 -1.80 -13.18 -18.40
N ILE B 596 -1.01 -12.31 -19.04
CA ILE B 596 0.41 -12.54 -19.23
C ILE B 596 1.18 -11.62 -18.30
N GLU B 597 2.19 -12.15 -17.63
CA GLU B 597 3.02 -11.39 -16.70
C GLU B 597 3.88 -10.39 -17.46
N PHE B 598 3.91 -9.16 -16.98
CA PHE B 598 4.68 -8.09 -17.61
C PHE B 598 4.95 -7.00 -16.59
N GLU B 599 5.63 -5.94 -17.03
CA GLU B 599 5.96 -4.85 -16.12
C GLU B 599 5.20 -3.57 -16.47
N ASP B 600 4.42 -3.11 -15.51
CA ASP B 600 3.47 -2.03 -15.71
C ASP B 600 3.95 -0.85 -14.90
N VAL B 601 3.86 0.35 -15.46
CA VAL B 601 4.13 1.54 -14.65
C VAL B 601 2.87 1.83 -13.85
N SER B 602 3.03 2.01 -12.55
CA SER B 602 1.89 2.21 -11.68
C SER B 602 1.36 3.62 -11.74
N THR B 603 0.04 3.70 -11.73
CA THR B 603 -0.68 4.95 -11.71
C THR B 603 -0.66 5.56 -10.33
N ALA B 604 -0.34 4.76 -9.34
CA ALA B 604 -0.38 5.20 -7.95
C ALA B 604 0.99 5.61 -7.44
N ASP B 605 2.02 5.23 -8.17
CA ASP B 605 3.37 5.07 -7.62
C ASP B 605 4.42 5.77 -8.46
N GLY B 606 4.20 5.79 -9.77
CA GLY B 606 5.23 6.23 -10.69
C GLY B 606 6.35 5.22 -10.83
N LYS B 607 6.14 3.97 -10.38
CA LYS B 607 7.16 2.93 -10.41
C LYS B 607 6.74 1.67 -11.17
N LEU B 608 7.69 0.76 -11.39
CA LEU B 608 7.47 -0.43 -12.20
C LEU B 608 7.06 -1.58 -11.30
N HIS B 609 6.02 -2.31 -11.69
CA HIS B 609 5.50 -3.42 -10.90
C HIS B 609 5.16 -4.61 -11.77
N LYS B 610 5.24 -5.81 -11.19
CA LYS B 610 4.74 -7.01 -11.82
C LYS B 610 3.21 -6.88 -11.96
N ALA B 611 2.67 -7.19 -13.13
CA ALA B 611 1.21 -7.15 -13.36
C ALA B 611 0.81 -8.19 -14.40
N TYR B 612 -0.49 -8.38 -14.60
CA TYR B 612 -0.96 -9.33 -15.59
C TYR B 612 -1.67 -8.65 -16.74
N ALA B 613 -1.10 -8.82 -17.94
CA ALA B 613 -1.53 -8.12 -19.15
C ALA B 613 -2.77 -8.69 -19.80
N TYR B 614 -3.61 -7.79 -20.29
CA TYR B 614 -4.71 -8.11 -21.18
C TYR B 614 -4.61 -7.18 -22.38
N GLY B 615 -5.64 -7.17 -23.22
CA GLY B 615 -5.62 -6.37 -24.44
C GLY B 615 -5.30 -4.92 -24.17
N GLY B 616 -4.41 -4.34 -24.97
CA GLY B 616 -4.07 -2.94 -24.83
C GLY B 616 -2.72 -2.73 -24.17
N ASP B 617 -2.37 -3.64 -23.26
CA ASP B 617 -1.12 -3.58 -22.54
C ASP B 617 0.09 -3.83 -23.46
N PHE B 618 -0.07 -4.69 -24.47
CA PHE B 618 0.98 -4.88 -25.47
C PHE B 618 0.79 -4.00 -26.70
N LYS B 619 -0.02 -2.95 -26.55
CA LYS B 619 -0.17 -1.89 -27.57
C LYS B 619 -0.54 -2.37 -28.98
N GLU B 620 -1.54 -3.24 -29.05
CA GLU B 620 -2.05 -3.81 -30.29
C GLU B 620 -2.78 -2.73 -31.11
N GLU B 621 -2.73 -2.85 -32.43
CA GLU B 621 -3.54 -2.01 -33.31
C GLU B 621 -5.02 -2.14 -32.95
N VAL B 622 -5.48 -3.40 -32.91
CA VAL B 622 -6.84 -3.75 -32.50
C VAL B 622 -6.76 -4.82 -31.41
N HIS B 623 -7.61 -4.69 -30.39
CA HIS B 623 -7.62 -5.64 -29.29
C HIS B 623 -8.97 -5.60 -28.59
N ASP B 624 -9.23 -6.59 -27.74
CA ASP B 624 -10.51 -6.65 -27.06
C ASP B 624 -10.42 -6.47 -25.54
N GLY B 625 -9.36 -5.78 -25.10
CA GLY B 625 -9.23 -5.33 -23.73
C GLY B 625 -9.25 -6.42 -22.69
N VAL B 626 -10.11 -6.23 -21.68
CA VAL B 626 -10.17 -7.10 -20.51
C VAL B 626 -10.91 -8.44 -20.73
N PHE B 627 -11.47 -8.63 -21.92
CA PHE B 627 -12.25 -9.84 -22.17
C PHE B 627 -11.51 -11.18 -22.07
N ILE B 628 -10.20 -11.11 -21.92
CA ILE B 628 -9.36 -12.27 -21.76
C ILE B 628 -9.32 -12.66 -20.28
N MET B 629 -9.79 -11.76 -19.42
CA MET B 629 -9.74 -11.95 -17.97
C MET B 629 -11.08 -12.42 -17.41
N ASP B 630 -11.48 -13.62 -17.81
CA ASP B 630 -12.84 -14.10 -17.55
C ASP B 630 -12.88 -15.50 -16.90
N GLY B 631 -11.95 -15.75 -15.98
CA GLY B 631 -11.84 -17.08 -15.40
C GLY B 631 -12.38 -17.20 -13.99
N LEU B 632 -12.66 -18.44 -13.60
CA LEU B 632 -12.92 -18.80 -12.22
C LEU B 632 -11.64 -18.71 -11.39
N CYS B 633 -10.51 -18.90 -12.06
CA CYS B 633 -9.21 -18.66 -11.45
C CYS B 633 -8.53 -17.46 -12.08
N ASN B 634 -7.61 -16.85 -11.33
CA ASN B 634 -6.87 -15.70 -11.83
C ASN B 634 -5.77 -16.11 -12.82
N SER B 635 -5.00 -15.15 -13.30
CA SER B 635 -3.97 -15.39 -14.31
C SER B 635 -2.89 -16.37 -13.84
N GLU B 636 -2.73 -16.41 -12.53
CA GLU B 636 -1.75 -17.25 -11.91
C GLU B 636 -2.41 -18.61 -11.58
N HIS B 637 -3.63 -18.79 -12.06
CA HIS B 637 -4.41 -20.05 -11.93
C HIS B 637 -4.80 -20.43 -10.50
N ASN B 638 -5.08 -19.41 -9.68
CA ASN B 638 -5.54 -19.62 -8.30
C ASN B 638 -7.00 -19.22 -8.14
N PRO B 639 -7.69 -19.85 -7.17
CA PRO B 639 -9.14 -19.68 -7.03
C PRO B 639 -9.56 -18.25 -6.73
N THR B 640 -10.58 -17.78 -7.44
CA THR B 640 -11.24 -16.52 -7.14
C THR B 640 -12.50 -16.86 -6.34
N PRO B 641 -13.20 -15.83 -5.80
CA PRO B 641 -14.48 -16.09 -5.17
C PRO B 641 -15.49 -16.74 -6.10
N GLY B 642 -15.27 -16.63 -7.41
CA GLY B 642 -16.12 -17.28 -8.39
C GLY B 642 -16.05 -18.79 -8.28
N LEU B 643 -14.85 -19.32 -8.13
CA LEU B 643 -14.64 -20.75 -8.01
C LEU B 643 -15.13 -21.27 -6.66
N VAL B 644 -14.93 -20.47 -5.61
CA VAL B 644 -15.41 -20.84 -4.30
C VAL B 644 -16.93 -20.99 -4.32
N GLU B 645 -17.61 -20.09 -5.04
CA GLU B 645 -19.07 -20.11 -5.13
C GLU B 645 -19.53 -21.28 -5.97
N TYR B 646 -18.81 -21.54 -7.06
CA TYR B 646 -19.15 -22.66 -7.95
C TYR B 646 -19.10 -24.02 -7.22
N LYS B 647 -18.07 -24.21 -6.40
CA LYS B 647 -17.91 -25.46 -5.66
C LYS B 647 -19.13 -25.74 -4.79
N LYS B 648 -19.68 -24.68 -4.20
CA LYS B 648 -20.83 -24.82 -3.35
C LYS B 648 -22.08 -25.18 -4.15
N VAL B 649 -22.38 -24.45 -5.23
CA VAL B 649 -23.64 -24.67 -5.93
C VAL B 649 -23.71 -26.05 -6.56
N ILE B 650 -22.55 -26.55 -7.00
CA ILE B 650 -22.46 -27.87 -7.64
C ILE B 650 -22.17 -29.02 -6.68
N GLU B 651 -22.14 -28.76 -5.38
CA GLU B 651 -21.81 -29.81 -4.41
C GLU B 651 -22.68 -31.06 -4.65
N PRO B 652 -22.03 -32.24 -4.65
CA PRO B 652 -22.74 -33.47 -5.04
C PRO B 652 -23.53 -34.12 -3.90
N VAL B 653 -23.66 -33.44 -2.77
CA VAL B 653 -24.50 -33.89 -1.67
C VAL B 653 -25.22 -32.69 -1.11
N HIS B 654 -26.54 -32.81 -0.89
CA HIS B 654 -27.33 -31.73 -0.32
C HIS B 654 -27.57 -31.96 1.17
N ILE B 655 -27.29 -30.96 1.97
CA ILE B 655 -27.52 -31.08 3.40
C ILE B 655 -28.43 -29.94 3.88
N LYS B 656 -29.64 -30.31 4.29
CA LYS B 656 -30.65 -29.35 4.73
C LYS B 656 -31.01 -29.54 6.19
N ILE B 657 -30.93 -28.46 6.95
CA ILE B 657 -31.26 -28.53 8.37
C ILE B 657 -32.46 -27.64 8.71
N ALA B 658 -33.56 -28.30 9.06
CA ALA B 658 -34.77 -27.64 9.51
C ALA B 658 -35.61 -28.57 10.38
N HIS B 659 -36.38 -27.96 11.28
CA HIS B 659 -37.35 -28.67 12.14
C HIS B 659 -36.72 -29.82 12.89
N GLY B 660 -35.62 -29.54 13.59
CA GLY B 660 -34.91 -30.53 14.38
C GLY B 660 -34.47 -31.72 13.56
N SER B 661 -34.24 -31.50 12.27
CA SER B 661 -33.85 -32.58 11.37
C SER B 661 -32.76 -32.19 10.38
N VAL B 662 -31.94 -33.17 10.04
CA VAL B 662 -30.97 -33.03 8.95
C VAL B 662 -31.39 -33.95 7.82
N THR B 663 -31.71 -33.36 6.67
CA THR B 663 -32.01 -34.17 5.50
C THR B 663 -30.83 -34.16 4.56
N ILE B 664 -30.35 -35.35 4.24
CA ILE B 664 -29.16 -35.51 3.39
C ILE B 664 -29.56 -36.22 2.10
N THR B 665 -29.35 -35.58 0.95
CA THR B 665 -29.64 -36.21 -0.34
C THR B 665 -28.38 -36.41 -1.16
N ASN B 666 -28.17 -37.62 -1.66
CA ASN B 666 -26.99 -37.93 -2.48
C ASN B 666 -27.28 -37.46 -3.89
N LYS B 667 -26.45 -36.53 -4.36
CA LYS B 667 -26.67 -35.91 -5.67
C LYS B 667 -25.57 -36.28 -6.69
N HIS B 668 -24.81 -37.33 -6.39
CA HIS B 668 -23.85 -37.88 -7.34
C HIS B 668 -24.59 -38.63 -8.43
N ASP B 669 -23.87 -39.04 -9.46
CA ASP B 669 -24.46 -39.82 -10.55
C ASP B 669 -24.28 -41.31 -10.36
N PHE B 670 -23.20 -41.70 -9.70
CA PHE B 670 -22.84 -43.12 -9.60
C PHE B 670 -22.45 -43.59 -8.22
N ILE B 671 -21.63 -42.82 -7.52
CA ILE B 671 -21.07 -43.27 -6.26
C ILE B 671 -22.00 -43.01 -5.08
N THR B 672 -21.86 -43.83 -4.04
CA THR B 672 -22.62 -43.69 -2.80
C THR B 672 -22.01 -42.57 -1.93
N THR B 673 -22.48 -42.45 -0.68
CA THR B 673 -21.96 -41.46 0.27
C THR B 673 -21.01 -42.10 1.27
N ASP B 674 -20.68 -43.37 1.01
CA ASP B 674 -19.98 -44.23 1.94
C ASP B 674 -18.56 -43.74 2.27
N HIS B 675 -17.92 -43.09 1.29
CA HIS B 675 -16.57 -42.55 1.46
C HIS B 675 -16.55 -41.24 2.27
N LEU B 676 -17.72 -40.74 2.64
CA LEU B 676 -17.81 -39.48 3.35
C LEU B 676 -18.07 -39.63 4.83
N LEU B 677 -17.46 -38.76 5.61
CA LEU B 677 -17.65 -38.68 7.05
C LEU B 677 -18.50 -37.46 7.33
N PHE B 678 -19.66 -37.65 7.93
CA PHE B 678 -20.53 -36.51 8.24
C PHE B 678 -20.31 -36.07 9.68
N ILE B 679 -19.89 -34.82 9.85
CA ILE B 679 -19.63 -34.29 11.20
C ILE B 679 -20.68 -33.28 11.65
N ASP B 680 -21.18 -33.46 12.86
CA ASP B 680 -22.01 -32.45 13.51
C ASP B 680 -21.07 -31.40 14.07
N LYS B 681 -21.01 -30.25 13.42
CA LYS B 681 -20.02 -29.24 13.76
C LYS B 681 -20.26 -28.55 15.10
N ASP B 682 -21.48 -28.65 15.62
CA ASP B 682 -21.80 -28.06 16.92
C ASP B 682 -21.20 -28.86 18.08
N THR B 683 -20.96 -30.14 17.84
CA THR B 683 -20.40 -31.02 18.88
C THR B 683 -19.04 -31.61 18.49
N GLY B 684 -18.78 -31.69 17.20
CA GLY B 684 -17.53 -32.26 16.71
C GLY B 684 -17.65 -33.76 16.55
N LYS B 685 -18.77 -34.33 16.98
CA LYS B 685 -18.92 -35.77 16.85
C LYS B 685 -19.62 -36.16 15.55
N THR B 686 -19.22 -37.30 14.99
CA THR B 686 -19.72 -37.73 13.70
C THR B 686 -21.19 -38.17 13.77
N ILE B 687 -21.90 -37.98 12.68
CA ILE B 687 -23.26 -38.46 12.57
C ILE B 687 -23.26 -39.74 11.76
N ASP B 688 -23.86 -40.78 12.31
CA ASP B 688 -23.99 -42.05 11.62
C ASP B 688 -25.03 -41.92 10.49
N VAL B 689 -24.54 -41.85 9.25
CA VAL B 689 -25.41 -41.69 8.10
C VAL B 689 -25.36 -42.95 7.27
N PRO B 690 -26.53 -43.55 7.00
CA PRO B 690 -26.63 -44.76 6.17
C PRO B 690 -26.06 -44.56 4.77
N SER B 691 -25.71 -45.65 4.09
CA SER B 691 -25.15 -45.56 2.75
C SER B 691 -26.26 -45.14 1.80
N LEU B 692 -26.08 -43.99 1.16
CA LEU B 692 -27.09 -43.46 0.25
C LEU B 692 -26.66 -43.61 -1.21
N LYS B 693 -27.54 -44.18 -2.03
CA LYS B 693 -27.30 -44.30 -3.46
C LYS B 693 -27.63 -42.99 -4.16
N PRO B 694 -27.22 -42.85 -5.43
CA PRO B 694 -27.64 -41.65 -6.16
C PRO B 694 -29.14 -41.40 -6.05
N GLU B 695 -29.48 -40.17 -5.69
CA GLU B 695 -30.87 -39.70 -5.54
C GLU B 695 -31.64 -40.16 -4.28
N GLU B 696 -31.02 -41.01 -3.47
CA GLU B 696 -31.60 -41.42 -2.18
C GLU B 696 -31.41 -40.33 -1.13
N SER B 697 -32.33 -40.22 -0.19
CA SER B 697 -32.15 -39.32 0.94
C SER B 697 -32.60 -39.88 2.29
N VAL B 698 -32.09 -39.31 3.38
CA VAL B 698 -32.48 -39.71 4.73
C VAL B 698 -32.68 -38.48 5.61
N THR B 699 -33.70 -38.52 6.45
CA THR B 699 -33.92 -37.48 7.46
C THR B 699 -33.49 -38.03 8.83
N ILE B 700 -32.56 -37.34 9.48
CA ILE B 700 -32.10 -37.76 10.80
C ILE B 700 -32.43 -36.69 11.82
N PRO B 701 -33.13 -37.05 12.91
CA PRO B 701 -33.43 -36.03 13.92
C PRO B 701 -32.16 -35.61 14.65
N SER B 702 -31.99 -34.30 14.85
CA SER B 702 -30.80 -33.78 15.50
C SER B 702 -31.01 -32.33 15.93
N ASP B 703 -30.28 -31.92 16.97
CA ASP B 703 -30.31 -30.54 17.47
C ASP B 703 -29.32 -29.63 16.74
N THR B 704 -28.67 -30.16 15.71
CA THR B 704 -27.54 -29.49 15.04
C THR B 704 -27.90 -28.25 14.22
N THR B 705 -26.88 -27.44 13.95
CA THR B 705 -27.03 -26.15 13.31
C THR B 705 -26.21 -26.15 12.04
N TYR B 706 -25.22 -27.04 11.99
CA TYR B 706 -24.15 -26.93 11.03
C TYR B 706 -23.56 -28.32 10.84
N VAL B 707 -23.73 -28.87 9.65
CA VAL B 707 -23.23 -30.20 9.32
C VAL B 707 -22.31 -30.13 8.11
N VAL B 708 -21.22 -30.88 8.19
CA VAL B 708 -20.19 -30.92 7.15
C VAL B 708 -20.03 -32.33 6.65
N ALA B 709 -19.87 -32.50 5.34
CA ALA B 709 -19.54 -33.79 4.73
C ALA B 709 -18.13 -33.78 4.17
N VAL B 710 -17.32 -34.68 4.70
CA VAL B 710 -15.88 -34.64 4.53
C VAL B 710 -15.35 -36.02 4.11
N LEU B 711 -14.20 -36.05 3.44
CA LEU B 711 -13.60 -37.30 2.97
C LEU B 711 -12.99 -38.11 4.11
N LYS B 712 -13.35 -39.40 4.22
CA LYS B 712 -12.80 -40.29 5.25
C LYS B 712 -11.29 -40.52 5.08
N ASP B 713 -10.89 -40.85 3.85
CA ASP B 713 -9.49 -41.20 3.55
C ASP B 713 -9.02 -40.52 2.28
N ASP B 714 -7.71 -40.35 2.16
CA ASP B 714 -7.11 -39.94 0.90
C ASP B 714 -7.67 -40.75 -0.24
N ALA B 715 -8.16 -40.08 -1.27
CA ALA B 715 -8.71 -40.73 -2.46
C ALA B 715 -8.46 -39.82 -3.66
N GLY B 716 -8.01 -40.41 -4.77
CA GLY B 716 -7.64 -39.64 -5.95
C GLY B 716 -6.56 -38.61 -5.65
N VAL B 717 -6.84 -37.35 -5.91
CA VAL B 717 -5.91 -36.29 -5.58
C VAL B 717 -6.38 -35.45 -4.38
N LEU B 718 -7.40 -35.97 -3.67
CA LEU B 718 -7.97 -35.29 -2.53
C LEU B 718 -7.48 -35.94 -1.23
N LYS B 719 -7.39 -35.14 -0.17
CA LYS B 719 -6.87 -35.60 1.13
C LYS B 719 -7.99 -35.88 2.13
N ALA B 720 -7.73 -36.80 3.05
CA ALA B 720 -8.65 -37.08 4.15
C ALA B 720 -8.99 -35.77 4.85
N GLY B 721 -10.29 -35.51 5.03
CA GLY B 721 -10.75 -34.30 5.70
C GLY B 721 -11.16 -33.21 4.74
N HIS B 722 -10.96 -33.44 3.44
CA HIS B 722 -11.38 -32.47 2.43
C HIS B 722 -12.90 -32.35 2.38
N GLU B 723 -13.37 -31.11 2.36
CA GLU B 723 -14.79 -30.80 2.43
C GLU B 723 -15.44 -30.90 1.05
N ILE B 724 -16.38 -31.84 0.93
CA ILE B 724 -17.16 -32.03 -0.29
C ILE B 724 -18.44 -31.18 -0.25
N ALA B 725 -19.17 -31.26 0.86
CA ALA B 725 -20.44 -30.55 0.99
C ALA B 725 -20.68 -30.11 2.43
N TRP B 726 -21.61 -29.18 2.62
CA TRP B 726 -22.00 -28.74 3.95
C TRP B 726 -23.41 -28.13 3.95
N GLY B 727 -23.97 -27.92 5.14
CA GLY B 727 -25.28 -27.32 5.31
C GLY B 727 -25.39 -26.63 6.65
N GLN B 728 -26.22 -25.60 6.72
CA GLN B 728 -26.48 -24.91 7.97
C GLN B 728 -27.97 -24.67 8.16
N ALA B 729 -28.40 -24.66 9.42
CA ALA B 729 -29.74 -24.19 9.77
C ALA B 729 -29.70 -22.68 9.67
N GLU B 730 -30.81 -22.07 9.30
CA GLU B 730 -30.81 -20.62 9.12
C GLU B 730 -30.68 -19.91 10.45
N LEU B 731 -29.86 -18.86 10.47
CA LEU B 731 -29.52 -18.19 11.72
C LEU B 731 -30.39 -16.93 11.87
N PRO B 732 -31.22 -16.88 12.92
CA PRO B 732 -32.05 -15.69 13.15
C PRO B 732 -31.19 -14.52 13.60
N LEU B 733 -31.60 -13.31 13.26
CA LEU B 733 -30.86 -12.13 13.68
C LEU B 733 -31.14 -11.83 15.15
N LYS B 734 -30.14 -12.07 15.99
CA LYS B 734 -30.23 -11.81 17.42
C LYS B 734 -29.64 -10.42 17.71
N VAL B 735 -30.39 -9.59 18.44
CA VAL B 735 -29.88 -8.28 18.90
C VAL B 735 -28.81 -8.56 19.96
N PRO B 736 -27.58 -8.04 19.77
CA PRO B 736 -26.54 -8.31 20.78
C PRO B 736 -26.90 -7.64 22.10
N ASP B 737 -26.53 -8.28 23.21
CA ASP B 737 -26.97 -7.81 24.53
C ASP B 737 -26.03 -6.73 25.05
N PHE B 738 -25.76 -5.74 24.21
CA PHE B 738 -25.02 -4.57 24.63
C PHE B 738 -25.88 -3.75 25.60
N VAL B 739 -25.24 -3.21 26.63
CA VAL B 739 -25.96 -2.41 27.62
C VAL B 739 -25.72 -0.92 27.41
N THR B 740 -26.77 -0.24 26.98
CA THR B 740 -26.74 1.20 26.76
C THR B 740 -26.74 1.93 28.12
N GLU B 741 -25.82 2.87 28.29
CA GLU B 741 -25.78 3.71 29.50
C GLU B 741 -26.82 4.84 29.42
N THR B 742 -27.90 4.68 30.18
CA THR B 742 -29.00 5.65 30.23
C THR B 742 -29.02 6.48 31.53
N ALA B 743 -27.96 6.36 32.35
CA ALA B 743 -27.86 7.10 33.61
C ALA B 743 -27.78 8.60 33.36
N GLU B 744 -28.41 9.37 34.26
CA GLU B 744 -28.43 10.83 34.14
C GLU B 744 -27.02 11.40 34.29
N LYS B 745 -26.45 11.77 33.15
CA LYS B 745 -25.17 12.44 33.13
C LYS B 745 -25.37 13.80 32.47
N ALA B 746 -24.90 14.87 33.11
CA ALA B 746 -24.96 16.20 32.50
C ALA B 746 -24.07 16.25 31.24
N ALA B 747 -24.57 16.91 30.20
CA ALA B 747 -23.85 17.00 28.94
C ALA B 747 -23.77 18.43 28.47
N LYS B 748 -22.57 18.84 28.04
CA LYS B 748 -22.38 20.18 27.51
C LYS B 748 -22.74 20.21 26.01
N ILE B 749 -23.83 20.92 25.71
CA ILE B 749 -24.33 21.03 24.33
C ILE B 749 -24.11 22.44 23.77
N ASN B 750 -23.36 22.53 22.68
CA ASN B 750 -23.11 23.81 22.01
C ASN B 750 -23.61 23.81 20.55
N ASP B 751 -24.71 24.51 20.30
CA ASP B 751 -25.27 24.65 18.96
C ASP B 751 -24.78 25.96 18.32
N GLY B 752 -23.56 25.92 17.80
CA GLY B 752 -22.90 27.11 17.28
C GLY B 752 -23.45 27.55 15.94
N LYS B 753 -22.79 28.54 15.37
CA LYS B 753 -23.15 29.12 14.07
C LYS B 753 -23.17 28.03 12.97
N ARG B 754 -22.08 27.27 12.88
CA ARG B 754 -21.90 26.21 11.87
C ARG B 754 -21.76 24.81 12.47
N TYR B 755 -21.05 24.71 13.59
CA TYR B 755 -20.77 23.42 14.22
C TYR B 755 -21.64 23.17 15.45
N VAL B 756 -22.17 21.95 15.57
CA VAL B 756 -22.83 21.55 16.82
C VAL B 756 -22.00 20.54 17.62
N SER B 757 -21.87 20.82 18.91
CA SER B 757 -20.95 20.09 19.77
C SER B 757 -21.70 19.40 20.90
N VAL B 758 -21.43 18.12 21.10
CA VAL B 758 -21.98 17.44 22.29
C VAL B 758 -20.84 16.79 23.06
N GLU B 759 -20.56 17.32 24.24
CA GLU B 759 -19.47 16.81 25.09
C GLU B 759 -20.03 16.21 26.38
N SER B 760 -19.55 15.03 26.72
CA SER B 760 -19.83 14.44 28.01
C SER B 760 -18.61 13.66 28.46
N SER B 761 -18.73 12.97 29.59
CA SER B 761 -17.65 12.15 30.09
C SER B 761 -17.43 10.98 29.14
N GLY B 762 -16.25 10.94 28.52
CA GLY B 762 -15.87 9.89 27.58
C GLY B 762 -16.46 10.09 26.19
N LEU B 763 -17.02 11.27 25.94
CA LEU B 763 -17.69 11.48 24.68
C LEU B 763 -17.46 12.86 24.12
N HIS B 764 -17.20 12.90 22.81
CA HIS B 764 -17.05 14.16 22.08
C HIS B 764 -17.59 13.99 20.66
N PHE B 765 -18.68 14.70 20.38
CA PHE B 765 -19.40 14.58 19.13
C PHE B 765 -19.49 15.96 18.48
N ILE B 766 -18.91 16.10 17.29
CA ILE B 766 -18.97 17.35 16.54
C ILE B 766 -19.56 17.11 15.15
N LEU B 767 -20.60 17.86 14.84
CA LEU B 767 -21.24 17.78 13.54
C LEU B 767 -21.20 19.12 12.81
N ASP B 768 -20.76 19.09 11.56
CA ASP B 768 -20.76 20.27 10.68
C ASP B 768 -22.15 20.41 10.10
N LYS B 769 -22.86 21.46 10.50
CA LYS B 769 -24.25 21.68 10.08
C LYS B 769 -24.36 22.01 8.62
N LEU B 770 -23.39 22.73 8.09
CA LEU B 770 -23.35 23.05 6.67
C LEU B 770 -23.31 21.81 5.77
N LEU B 771 -22.64 20.75 6.21
CA LEU B 771 -22.40 19.59 5.35
C LEU B 771 -23.17 18.32 5.73
N GLY B 772 -23.59 18.23 6.99
CA GLY B 772 -24.19 17.00 7.52
C GLY B 772 -23.13 15.98 7.88
N LYS B 773 -21.94 16.50 8.15
CA LYS B 773 -20.73 15.72 8.28
C LYS B 773 -20.36 15.57 9.77
N ILE B 774 -20.04 14.35 10.19
CA ILE B 774 -19.44 14.16 11.49
C ILE B 774 -17.96 14.56 11.41
N GLU B 775 -17.61 15.73 11.97
CA GLU B 775 -16.22 16.17 12.02
C GLU B 775 -15.40 15.20 12.85
N SER B 776 -15.96 14.82 13.99
CA SER B 776 -15.29 13.90 14.89
C SER B 776 -16.30 13.26 15.83
N LEU B 777 -16.15 11.95 16.03
CA LEU B 777 -16.87 11.26 17.08
C LEU B 777 -15.85 10.41 17.85
N LYS B 778 -15.61 10.81 19.10
CA LYS B 778 -14.63 10.15 19.94
C LYS B 778 -15.30 9.67 21.22
N VAL B 779 -15.53 8.36 21.30
CA VAL B 779 -16.17 7.75 22.48
C VAL B 779 -15.27 6.72 23.12
N LYS B 780 -14.90 6.97 24.38
CA LYS B 780 -14.04 6.08 25.16
C LYS B 780 -12.74 5.69 24.45
N GLY B 781 -11.98 6.70 24.02
CA GLY B 781 -10.69 6.50 23.34
C GLY B 781 -10.77 6.06 21.88
N LYS B 782 -11.97 5.76 21.38
CA LYS B 782 -12.15 5.33 20.00
C LYS B 782 -12.72 6.44 19.13
N GLU B 783 -12.11 6.69 17.97
CA GLU B 783 -12.53 7.78 17.09
C GLU B 783 -12.99 7.33 15.72
N ILE B 784 -14.11 7.86 15.27
CA ILE B 784 -14.50 7.80 13.87
C ILE B 784 -14.95 9.17 13.41
N SER B 785 -15.05 9.34 12.09
CA SER B 785 -15.55 10.56 11.47
C SER B 785 -16.09 10.22 10.08
N SER B 786 -16.82 11.14 9.49
CA SER B 786 -17.37 10.92 8.16
C SER B 786 -16.27 10.97 7.09
N LYS B 787 -16.27 9.98 6.21
CA LYS B 787 -15.48 10.06 4.98
C LYS B 787 -16.37 10.75 3.96
N PHE B 788 -16.11 12.04 3.75
CA PHE B 788 -17.05 12.92 3.08
C PHE B 788 -16.51 13.52 1.80
N GLU B 789 -17.21 13.28 0.71
CA GLU B 789 -16.99 14.00 -0.53
C GLU B 789 -18.36 14.19 -1.16
N GLY B 790 -18.99 15.32 -0.86
CA GLY B 790 -20.33 15.61 -1.41
C GLY B 790 -21.53 15.22 -0.56
N SER B 791 -21.52 14.00 -0.02
CA SER B 791 -22.65 13.48 0.77
C SER B 791 -22.22 12.52 1.87
N SER B 792 -22.98 12.50 2.97
CA SER B 792 -22.70 11.57 4.09
C SER B 792 -23.25 10.18 3.81
N ILE B 793 -24.19 10.09 2.86
CA ILE B 793 -24.69 8.81 2.37
C ILE B 793 -24.36 8.73 0.89
N THR B 794 -23.57 7.74 0.52
CA THR B 794 -23.07 7.58 -0.84
C THR B 794 -23.64 6.33 -1.48
N PHE B 795 -23.50 6.22 -2.80
CA PHE B 795 -24.19 5.19 -3.56
C PHE B 795 -23.28 4.46 -4.54
N TRP B 796 -22.06 4.93 -4.69
CA TRP B 796 -21.19 4.47 -5.77
C TRP B 796 -20.32 3.25 -5.40
N ARG B 797 -20.05 2.43 -6.39
CA ARG B 797 -19.03 1.41 -6.27
C ARG B 797 -18.16 1.42 -7.52
N PRO B 798 -16.91 0.95 -7.41
CA PRO B 798 -16.08 0.75 -8.61
C PRO B 798 -16.71 -0.33 -9.50
N PRO B 799 -17.06 0.03 -10.75
CA PRO B 799 -17.84 -0.90 -11.58
C PRO B 799 -17.13 -2.23 -11.77
N THR B 800 -17.88 -3.32 -11.60
CA THR B 800 -17.36 -4.65 -11.94
C THR B 800 -17.29 -4.81 -13.46
N ASN B 801 -16.69 -5.90 -13.93
CA ASN B 801 -16.69 -6.18 -15.35
C ASN B 801 -18.12 -6.33 -15.86
N ASN B 802 -18.98 -6.92 -15.02
CA ASN B 802 -20.38 -7.12 -15.34
C ASN B 802 -21.18 -5.82 -15.35
N ASP B 803 -20.75 -4.85 -14.53
CA ASP B 803 -21.43 -3.57 -14.45
C ASP B 803 -21.23 -2.74 -15.71
N GLU B 804 -20.08 -2.93 -16.35
CA GLU B 804 -19.58 -2.08 -17.43
C GLU B 804 -20.55 -1.85 -18.60
N PRO B 805 -21.11 -2.93 -19.19
CA PRO B 805 -21.90 -2.72 -20.41
C PRO B 805 -23.23 -2.01 -20.25
N ARG B 806 -23.90 -2.12 -19.10
CA ARG B 806 -25.20 -1.49 -18.93
C ARG B 806 -25.36 -0.71 -17.63
N ASP B 807 -25.33 -1.42 -16.51
CA ASP B 807 -25.60 -0.81 -15.21
C ASP B 807 -24.72 0.41 -14.94
N PHE B 808 -23.42 0.28 -15.21
CA PHE B 808 -22.50 1.39 -15.07
C PHE B 808 -22.91 2.58 -15.96
N LYS B 809 -23.24 2.27 -17.21
CA LYS B 809 -23.72 3.29 -18.16
C LYS B 809 -24.90 4.06 -17.57
N ASN B 810 -25.86 3.35 -16.99
CA ASN B 810 -27.02 3.96 -16.36
C ASN B 810 -26.67 4.80 -15.15
N TRP B 811 -25.87 4.22 -14.26
CA TRP B 811 -25.46 4.92 -13.05
C TRP B 811 -24.68 6.19 -13.34
N LYS B 812 -23.81 6.14 -14.36
CA LYS B 812 -23.03 7.30 -14.78
C LYS B 812 -23.92 8.37 -15.41
N LYS B 813 -24.84 7.92 -16.25
CA LYS B 813 -25.80 8.77 -16.93
C LYS B 813 -26.62 9.56 -15.93
N TYR B 814 -27.00 8.91 -14.83
CA TYR B 814 -27.80 9.54 -13.80
C TYR B 814 -26.97 10.20 -12.71
N ASN B 815 -25.65 10.30 -12.92
CA ASN B 815 -24.73 11.00 -12.01
C ASN B 815 -24.71 10.52 -10.58
N ILE B 816 -24.90 9.21 -10.40
CA ILE B 816 -24.97 8.60 -9.07
C ILE B 816 -23.66 8.78 -8.28
N ASP B 817 -22.55 8.92 -9.00
CA ASP B 817 -21.25 9.17 -8.38
C ASP B 817 -21.11 10.62 -7.89
N LEU B 818 -22.07 11.46 -8.23
CA LEU B 818 -21.98 12.88 -7.91
C LEU B 818 -23.15 13.34 -7.06
N MET B 819 -23.60 12.43 -6.21
CA MET B 819 -24.66 12.69 -5.24
C MET B 819 -24.21 13.75 -4.22
N LYS B 820 -25.05 14.76 -4.03
CA LYS B 820 -24.78 15.84 -3.09
C LYS B 820 -25.83 15.89 -2.00
N GLN B 821 -25.40 16.20 -0.77
CA GLN B 821 -26.32 16.34 0.34
C GLN B 821 -26.45 17.79 0.66
N ASN B 822 -27.63 18.34 0.39
CA ASN B 822 -27.87 19.74 0.70
C ASN B 822 -28.70 19.93 1.95
N ILE B 823 -28.06 20.46 2.99
CA ILE B 823 -28.68 20.55 4.30
C ILE B 823 -29.70 21.67 4.33
N HIS B 824 -30.89 21.35 4.83
CA HIS B 824 -31.94 22.34 4.96
C HIS B 824 -32.05 22.89 6.37
N GLY B 825 -32.05 21.98 7.34
CA GLY B 825 -32.17 22.36 8.75
C GLY B 825 -31.60 21.32 9.68
N VAL B 826 -31.03 21.81 10.78
CA VAL B 826 -30.51 20.95 11.83
C VAL B 826 -31.15 21.34 13.16
N SER B 827 -31.72 20.35 13.81
CA SER B 827 -32.44 20.52 15.04
C SER B 827 -31.60 19.91 16.17
N VAL B 828 -31.46 20.65 17.28
CA VAL B 828 -30.68 20.20 18.43
C VAL B 828 -31.49 20.28 19.71
N GLU B 829 -31.63 19.15 20.41
CA GLU B 829 -32.40 19.13 21.66
C GLU B 829 -31.75 18.27 22.74
N LYS B 830 -32.02 18.60 23.99
CA LYS B 830 -31.58 17.84 25.17
C LYS B 830 -32.17 16.44 25.20
N GLY B 831 -31.41 15.50 25.76
CA GLY B 831 -31.83 14.10 25.83
C GLY B 831 -33.07 13.88 26.68
N SER B 832 -33.74 12.76 26.42
CA SER B 832 -34.98 12.44 27.10
C SER B 832 -34.86 11.09 27.82
N ASN B 833 -35.11 9.99 27.13
CA ASN B 833 -35.19 8.71 27.82
C ASN B 833 -33.83 8.07 28.08
N GLY B 834 -32.98 8.79 28.80
CA GLY B 834 -31.62 8.30 29.06
C GLY B 834 -30.58 8.83 28.10
N SER B 835 -31.00 9.40 26.97
CA SER B 835 -30.06 9.95 25.99
C SER B 835 -29.47 11.25 26.48
N LEU B 836 -28.32 11.62 25.92
CA LEU B 836 -27.66 12.88 26.26
C LEU B 836 -28.17 14.01 25.39
N ALA B 837 -28.39 13.71 24.11
CA ALA B 837 -28.83 14.71 23.14
C ALA B 837 -29.46 14.06 21.93
N VAL B 838 -30.33 14.79 21.26
CA VAL B 838 -30.87 14.38 19.97
C VAL B 838 -30.51 15.44 18.93
N VAL B 839 -29.78 15.02 17.89
CA VAL B 839 -29.46 15.89 16.76
C VAL B 839 -30.12 15.36 15.48
N THR B 840 -31.03 16.14 14.92
CA THR B 840 -31.78 15.75 13.72
C THR B 840 -31.37 16.61 12.53
N VAL B 841 -31.01 15.96 11.43
CA VAL B 841 -30.55 16.63 10.23
C VAL B 841 -31.56 16.43 9.09
N ASN B 842 -32.06 17.53 8.54
CA ASN B 842 -33.00 17.49 7.42
C ASN B 842 -32.34 17.97 6.14
N SER B 843 -32.33 17.12 5.12
CA SER B 843 -31.62 17.44 3.89
C SER B 843 -32.23 16.81 2.63
N ARG B 844 -31.78 17.28 1.48
CA ARG B 844 -32.05 16.60 0.22
C ARG B 844 -30.76 16.00 -0.30
N ILE B 845 -30.81 14.71 -0.60
CA ILE B 845 -29.68 14.02 -1.18
C ILE B 845 -29.96 13.78 -2.65
N SER B 846 -29.22 14.47 -3.51
CA SER B 846 -29.52 14.54 -4.94
C SER B 846 -28.27 14.89 -5.72
N PRO B 847 -28.07 14.27 -6.89
CA PRO B 847 -26.87 14.58 -7.66
C PRO B 847 -26.99 15.89 -8.42
N VAL B 848 -25.88 16.49 -8.77
CA VAL B 848 -25.95 17.66 -9.59
C VAL B 848 -26.60 17.32 -10.88
N VAL B 849 -27.36 18.28 -11.36
CA VAL B 849 -27.95 18.39 -12.66
C VAL B 849 -29.24 17.67 -12.81
N PHE B 850 -29.73 17.09 -11.73
CA PHE B 850 -30.88 16.24 -11.79
C PHE B 850 -31.87 16.69 -10.76
N TYR B 851 -33.17 16.30 -11.00
CA TYR B 851 -34.28 16.57 -10.07
C TYR B 851 -34.34 15.53 -8.96
N TYR B 852 -34.13 14.26 -9.33
CA TYR B 852 -34.40 13.14 -8.45
C TYR B 852 -33.47 13.15 -7.24
N GLY B 853 -33.98 12.63 -6.13
CA GLY B 853 -33.22 12.59 -4.89
C GLY B 853 -34.07 12.14 -3.73
N PHE B 854 -33.49 12.14 -2.53
CA PHE B 854 -34.18 11.69 -1.33
C PHE B 854 -34.37 12.82 -0.33
N GLU B 855 -35.62 13.07 0.05
CA GLU B 855 -35.87 13.90 1.23
C GLU B 855 -35.41 13.05 2.42
N THR B 856 -34.37 13.53 3.10
CA THR B 856 -33.65 12.71 4.06
C THR B 856 -33.79 13.31 5.44
N VAL B 857 -33.95 12.43 6.41
CA VAL B 857 -33.93 12.78 7.83
C VAL B 857 -32.97 11.83 8.52
N GLN B 858 -31.92 12.40 9.10
CA GLN B 858 -30.95 11.63 9.86
C GLN B 858 -31.08 12.07 11.31
N LYS B 859 -31.53 11.14 12.15
CA LYS B 859 -31.65 11.42 13.58
C LYS B 859 -30.56 10.73 14.40
N TYR B 860 -29.68 11.54 14.99
CA TYR B 860 -28.63 11.04 15.88
C TYR B 860 -29.08 11.13 17.33
N THR B 861 -29.31 9.98 17.95
CA THR B 861 -29.59 9.93 19.37
C THR B 861 -28.31 9.52 20.09
N ILE B 862 -27.83 10.42 20.94
CA ILE B 862 -26.51 10.28 21.54
C ILE B 862 -26.56 9.84 23.00
N PHE B 863 -25.97 8.67 23.29
CA PHE B 863 -25.81 8.17 24.65
C PHE B 863 -24.35 8.23 25.07
N ALA B 864 -24.08 8.00 26.34
CA ALA B 864 -22.72 8.00 26.88
C ALA B 864 -21.78 6.99 26.17
N ASN B 865 -22.32 5.84 25.79
CA ASN B 865 -21.54 4.73 25.23
C ASN B 865 -22.11 4.21 23.92
N LYS B 866 -23.07 4.93 23.34
CA LYS B 866 -23.74 4.49 22.13
C LYS B 866 -24.28 5.65 21.34
N ILE B 867 -24.31 5.48 20.02
CA ILE B 867 -24.97 6.40 19.12
C ILE B 867 -25.93 5.65 18.22
N ASN B 868 -27.21 6.02 18.34
CA ASN B 868 -28.27 5.46 17.50
C ASN B 868 -28.48 6.38 16.31
N LEU B 869 -28.43 5.81 15.11
CA LEU B 869 -28.56 6.59 13.89
C LEU B 869 -29.71 6.08 13.04
N ASN B 870 -30.78 6.87 13.01
CA ASN B 870 -31.98 6.51 12.27
C ASN B 870 -32.05 7.27 10.95
N THR B 871 -32.11 6.53 9.86
CA THR B 871 -32.04 7.11 8.54
C THR B 871 -33.33 6.88 7.79
N SER B 872 -33.93 7.99 7.37
CA SER B 872 -35.13 7.96 6.56
C SER B 872 -34.82 8.64 5.23
N MET B 873 -35.10 7.95 4.13
CA MET B 873 -34.78 8.45 2.79
C MET B 873 -35.96 8.24 1.86
N LYS B 874 -36.50 9.34 1.36
CA LYS B 874 -37.74 9.30 0.59
C LYS B 874 -37.50 9.78 -0.84
N LEU B 875 -37.58 8.84 -1.79
CA LEU B 875 -37.27 9.12 -3.20
C LEU B 875 -38.30 9.98 -3.93
N THR B 876 -37.81 11.10 -4.47
CA THR B 876 -38.66 12.15 -5.02
C THR B 876 -38.13 12.61 -6.37
N GLY B 877 -39.02 13.12 -7.21
CA GLY B 877 -38.62 13.82 -8.43
C GLY B 877 -38.78 13.03 -9.71
N GLU B 878 -38.91 13.74 -10.83
CA GLU B 878 -38.99 13.12 -12.14
C GLU B 878 -37.63 12.65 -12.66
N TYR B 879 -37.66 11.69 -13.57
CA TYR B 879 -36.48 11.14 -14.26
C TYR B 879 -35.49 10.48 -13.29
N GLN B 880 -35.91 9.33 -12.77
CA GLN B 880 -35.15 8.59 -11.80
C GLN B 880 -34.32 7.48 -12.44
N PRO B 881 -33.20 7.09 -11.80
CA PRO B 881 -32.48 5.93 -12.29
C PRO B 881 -33.22 4.66 -11.91
N PRO B 882 -32.98 3.56 -12.62
CA PRO B 882 -33.66 2.29 -12.30
C PRO B 882 -33.21 1.67 -10.97
N ASP B 883 -31.91 1.79 -10.69
CA ASP B 883 -31.29 1.13 -9.55
C ASP B 883 -30.07 1.90 -9.08
N PHE B 884 -29.49 1.46 -7.97
CA PHE B 884 -28.26 2.04 -7.45
C PHE B 884 -27.23 0.93 -7.23
N PRO B 885 -25.93 1.28 -7.24
CA PRO B 885 -24.89 0.30 -6.90
C PRO B 885 -24.94 -0.13 -5.45
N ARG B 886 -25.25 0.82 -4.57
CA ARG B 886 -25.32 0.60 -3.12
C ARG B 886 -25.91 1.84 -2.45
N VAL B 887 -26.19 1.75 -1.16
CA VAL B 887 -26.59 2.91 -0.37
C VAL B 887 -26.07 2.74 1.06
N GLY B 888 -25.32 3.73 1.53
CA GLY B 888 -24.78 3.62 2.88
C GLY B 888 -23.81 4.71 3.29
N TYR B 889 -23.22 4.51 4.46
CA TYR B 889 -22.33 5.50 5.06
C TYR B 889 -20.87 5.15 4.83
N GLU B 890 -20.00 6.15 4.91
CA GLU B 890 -18.57 5.96 4.84
C GLU B 890 -17.92 6.69 6.02
N PHE B 891 -17.19 5.95 6.85
CA PHE B 891 -16.50 6.52 8.00
C PHE B 891 -15.01 6.29 7.96
N TRP B 892 -14.23 7.33 8.26
CA TRP B 892 -12.81 7.16 8.55
C TRP B 892 -12.66 6.52 9.91
N LEU B 893 -11.81 5.51 10.01
CA LEU B 893 -11.46 4.92 11.31
C LEU B 893 -10.25 5.65 11.89
N GLY B 894 -10.24 5.85 13.21
CA GLY B 894 -9.13 6.51 13.88
C GLY B 894 -7.81 5.77 13.75
N ASP B 895 -6.70 6.48 14.03
CA ASP B 895 -5.35 5.90 13.95
C ASP B 895 -5.17 4.59 14.73
N SER B 896 -5.85 4.49 15.87
CA SER B 896 -5.87 3.29 16.72
C SER B 896 -6.34 2.03 16.03
N TYR B 897 -7.10 2.18 14.97
CA TYR B 897 -7.73 1.03 14.31
C TYR B 897 -6.71 -0.07 14.01
N GLU B 898 -7.03 -1.30 14.39
CA GLU B 898 -6.10 -2.40 14.12
C GLU B 898 -6.69 -3.61 13.35
N SER B 899 -7.87 -4.06 13.73
CA SER B 899 -8.51 -5.18 13.02
C SER B 899 -10.03 -5.17 13.19
N PHE B 900 -10.69 -6.15 12.59
CA PHE B 900 -12.13 -6.28 12.75
C PHE B 900 -12.55 -7.72 12.83
N GLU B 901 -13.78 -7.92 13.30
CA GLU B 901 -14.34 -9.22 13.53
C GLU B 901 -15.84 -9.08 13.32
N TRP B 902 -16.48 -10.08 12.71
CA TRP B 902 -17.90 -9.97 12.39
C TRP B 902 -18.66 -11.31 12.48
N LEU B 903 -19.94 -11.21 12.82
CA LEU B 903 -20.83 -12.34 12.71
C LEU B 903 -21.63 -12.18 11.44
N GLY B 904 -21.53 -13.17 10.58
CA GLY B 904 -22.15 -13.10 9.26
C GLY B 904 -21.55 -14.14 8.34
N ARG B 905 -21.54 -13.84 7.04
CA ARG B 905 -21.01 -14.74 6.04
C ARG B 905 -19.52 -14.53 5.89
N GLY B 906 -18.80 -15.61 5.66
CA GLY B 906 -17.34 -15.57 5.58
C GLY B 906 -16.76 -16.90 5.16
N PRO B 907 -15.42 -17.01 5.10
CA PRO B 907 -14.44 -15.97 5.45
C PRO B 907 -14.25 -14.84 4.40
N GLY B 908 -14.63 -15.10 3.15
CA GLY B 908 -14.42 -14.14 2.07
C GLY B 908 -15.59 -13.22 1.79
N GLU B 909 -15.51 -12.52 0.66
CA GLU B 909 -16.54 -11.56 0.25
C GLU B 909 -17.88 -12.24 -0.10
N SER B 910 -18.97 -11.50 0.01
CA SER B 910 -20.27 -12.01 -0.39
C SER B 910 -21.17 -10.92 -0.96
N TYR B 911 -21.99 -11.30 -1.94
CA TYR B 911 -22.92 -10.38 -2.61
C TYR B 911 -24.29 -11.04 -2.80
N PRO B 912 -25.37 -10.25 -2.88
CA PRO B 912 -26.73 -10.81 -2.92
C PRO B 912 -26.92 -12.06 -3.79
N ASP B 913 -26.33 -12.08 -4.97
CA ASP B 913 -26.47 -13.24 -5.87
C ASP B 913 -25.20 -14.08 -5.98
N LYS B 914 -24.34 -13.96 -4.97
CA LYS B 914 -23.07 -14.68 -4.87
C LYS B 914 -22.62 -14.68 -3.41
N LYS B 915 -23.28 -15.50 -2.60
CA LYS B 915 -23.09 -15.45 -1.14
C LYS B 915 -23.20 -16.79 -0.41
N GLU B 916 -23.78 -17.79 -1.06
CA GLU B 916 -24.14 -19.00 -0.33
C GLU B 916 -22.99 -19.94 0.01
N SER B 917 -21.87 -19.79 -0.69
CA SER B 917 -20.64 -20.50 -0.35
C SER B 917 -19.97 -19.95 0.91
N GLN B 918 -20.34 -18.73 1.28
CA GLN B 918 -19.82 -18.13 2.50
C GLN B 918 -20.78 -18.35 3.66
N ARG B 919 -20.52 -19.41 4.42
CA ARG B 919 -21.36 -19.85 5.52
C ARG B 919 -21.32 -18.88 6.70
N PHE B 920 -22.32 -18.97 7.57
CA PHE B 920 -22.42 -18.12 8.73
C PHE B 920 -21.46 -18.55 9.82
N GLY B 921 -20.88 -17.58 10.52
CA GLY B 921 -19.89 -17.83 11.54
C GLY B 921 -19.33 -16.53 12.09
N LEU B 922 -18.48 -16.65 13.09
CA LEU B 922 -17.77 -15.49 13.62
C LEU B 922 -16.41 -15.48 12.95
N TYR B 923 -16.09 -14.37 12.28
CA TYR B 923 -14.86 -14.29 11.50
C TYR B 923 -13.97 -13.16 11.96
N ASP B 924 -12.66 -13.42 11.90
CA ASP B 924 -11.65 -12.46 12.26
C ASP B 924 -10.87 -12.02 11.01
N SER B 925 -10.78 -10.71 10.79
CA SER B 925 -10.01 -10.18 9.64
C SER B 925 -8.59 -10.73 9.54
N LYS B 926 -7.98 -11.06 10.68
CA LYS B 926 -6.62 -11.57 10.73
C LYS B 926 -6.47 -12.98 10.14
N ASP B 927 -7.55 -13.75 10.14
CA ASP B 927 -7.50 -15.13 9.67
C ASP B 927 -7.75 -15.24 8.18
N VAL B 928 -7.98 -14.12 7.53
CA VAL B 928 -8.45 -14.13 6.15
C VAL B 928 -7.45 -13.49 5.21
N GLU B 929 -7.08 -14.19 4.14
CA GLU B 929 -6.37 -13.53 3.05
C GLU B 929 -7.35 -12.88 2.09
N GLU B 930 -7.33 -11.56 2.11
CA GLU B 930 -8.16 -10.72 1.24
C GLU B 930 -7.80 -11.00 -0.21
N PHE B 931 -8.83 -11.21 -1.04
CA PHE B 931 -8.61 -11.51 -2.46
C PHE B 931 -8.32 -10.26 -3.30
N VAL B 932 -7.26 -10.34 -4.09
CA VAL B 932 -6.88 -9.28 -5.03
C VAL B 932 -7.37 -9.64 -6.43
N TYR B 933 -8.22 -8.81 -7.02
CA TYR B 933 -8.67 -9.01 -8.39
C TYR B 933 -7.56 -8.61 -9.36
N ASP B 934 -7.44 -9.33 -10.46
CA ASP B 934 -6.49 -8.99 -11.52
C ASP B 934 -6.88 -7.67 -12.17
N TYR B 935 -8.16 -7.51 -12.46
CA TYR B 935 -8.68 -6.21 -12.87
C TYR B 935 -9.41 -5.59 -11.69
N PRO B 936 -8.89 -4.45 -11.17
CA PRO B 936 -9.47 -3.83 -9.99
C PRO B 936 -10.92 -3.42 -10.21
N GLN B 937 -11.78 -3.84 -9.26
CA GLN B 937 -13.20 -3.58 -9.31
C GLN B 937 -13.81 -3.76 -7.92
N GLU B 938 -15.11 -3.45 -7.78
CA GLU B 938 -15.84 -3.71 -6.54
C GLU B 938 -15.44 -5.04 -5.91
N ASN B 939 -15.05 -5.00 -4.64
CA ASN B 939 -14.64 -6.18 -3.90
C ASN B 939 -14.81 -5.99 -2.40
N GLY B 940 -14.77 -7.11 -1.66
CA GLY B 940 -14.57 -7.11 -0.22
C GLY B 940 -15.78 -6.74 0.61
N ASN B 941 -16.96 -6.82 -0.01
CA ASN B 941 -18.21 -6.63 0.70
C ASN B 941 -18.59 -7.88 1.45
N HIS B 942 -19.19 -7.70 2.60
CA HIS B 942 -19.69 -8.81 3.37
C HIS B 942 -21.17 -8.59 3.56
N THR B 943 -21.97 -9.49 2.98
CA THR B 943 -23.42 -9.39 3.05
C THR B 943 -23.99 -10.25 4.16
N ASP B 944 -25.24 -9.97 4.53
CA ASP B 944 -25.90 -10.64 5.65
C ASP B 944 -25.08 -10.60 6.93
N THR B 945 -24.58 -9.40 7.25
CA THR B 945 -23.79 -9.23 8.44
C THR B 945 -24.71 -8.98 9.63
N HIS B 946 -24.56 -9.81 10.66
CA HIS B 946 -25.38 -9.69 11.87
C HIS B 946 -24.86 -8.58 12.78
N PHE B 947 -23.55 -8.61 13.08
CA PHE B 947 -22.89 -7.50 13.75
C PHE B 947 -21.42 -7.41 13.40
N LEU B 948 -20.87 -6.21 13.55
CA LEU B 948 -19.49 -5.95 13.24
C LEU B 948 -18.77 -5.34 14.43
N ASN B 949 -17.66 -5.95 14.83
CA ASN B 949 -16.77 -5.41 15.85
C ASN B 949 -15.49 -4.84 15.24
N ILE B 950 -15.21 -3.56 15.50
CA ILE B 950 -13.97 -2.93 15.05
C ILE B 950 -13.04 -2.66 16.24
N LYS B 951 -11.87 -3.29 16.23
CA LYS B 951 -10.93 -3.22 17.35
C LYS B 951 -9.97 -2.04 17.23
N PHE B 952 -9.86 -1.26 18.31
CA PHE B 952 -8.92 -0.16 18.38
C PHE B 952 -7.86 -0.48 19.41
N GLU B 953 -6.61 -0.25 19.04
CA GLU B 953 -5.44 -0.49 19.90
C GLU B 953 -5.67 0.09 21.29
N GLY B 954 -5.66 -0.78 22.29
CA GLY B 954 -5.76 -0.36 23.69
C GLY B 954 -6.99 0.43 24.09
N ALA B 955 -8.09 0.27 23.36
CA ALA B 955 -9.32 1.02 23.62
C ALA B 955 -10.58 0.19 23.44
N GLY B 956 -10.43 -1.13 23.35
CA GLY B 956 -11.57 -2.03 23.17
C GLY B 956 -12.11 -2.05 21.75
N LYS B 957 -13.43 -2.22 21.63
CA LYS B 957 -14.07 -2.41 20.34
C LYS B 957 -15.25 -1.48 20.14
N LEU B 958 -15.57 -1.23 18.87
CA LEU B 958 -16.81 -0.57 18.50
C LEU B 958 -17.70 -1.61 17.82
N SER B 959 -18.87 -1.84 18.40
CA SER B 959 -19.81 -2.82 17.88
C SER B 959 -20.89 -2.12 17.07
N ILE B 960 -21.14 -2.64 15.88
CA ILE B 960 -22.10 -2.04 14.97
C ILE B 960 -23.12 -3.09 14.54
N PHE B 961 -24.40 -2.71 14.60
CA PHE B 961 -25.47 -3.58 14.14
C PHE B 961 -26.67 -2.81 13.62
N GLN B 962 -27.39 -3.41 12.68
CA GLN B 962 -28.56 -2.79 12.10
C GLN B 962 -29.84 -3.42 12.65
N LYS B 963 -30.84 -2.58 12.92
CA LYS B 963 -32.08 -3.05 13.48
C LYS B 963 -32.87 -3.88 12.48
N GLU B 964 -33.37 -5.02 12.97
CA GLU B 964 -34.34 -5.88 12.26
C GLU B 964 -33.90 -6.57 10.97
N LYS B 965 -32.68 -6.31 10.52
CA LYS B 965 -32.23 -6.78 9.23
C LYS B 965 -30.71 -6.77 9.16
N PRO B 966 -30.09 -7.82 8.59
CA PRO B 966 -28.62 -7.85 8.48
C PRO B 966 -28.15 -6.82 7.46
N PHE B 967 -26.89 -6.42 7.55
CA PHE B 967 -26.36 -5.35 6.72
C PHE B 967 -25.12 -5.76 5.93
N ASN B 968 -24.58 -4.81 5.16
CA ASN B 968 -23.40 -5.00 4.34
C ASN B 968 -22.26 -4.11 4.80
N PHE B 969 -21.03 -4.62 4.72
CA PHE B 969 -19.87 -3.79 5.04
C PHE B 969 -18.59 -4.16 4.29
N LYS B 970 -17.74 -3.15 4.14
CA LYS B 970 -16.40 -3.31 3.60
C LYS B 970 -15.49 -2.48 4.49
N ILE B 971 -14.27 -2.96 4.74
CA ILE B 971 -13.24 -2.18 5.44
C ILE B 971 -11.95 -2.26 4.66
N SER B 972 -11.49 -1.10 4.20
CA SER B 972 -10.30 -1.03 3.36
C SER B 972 -9.63 0.33 3.50
N ASP B 973 -8.49 0.47 2.84
CA ASP B 973 -7.78 1.73 2.74
C ASP B 973 -7.61 2.14 1.28
N GLU B 974 -8.23 1.38 0.37
CA GLU B 974 -8.03 1.53 -1.08
C GLU B 974 -8.90 2.62 -1.71
N TYR B 975 -8.39 3.24 -2.78
CA TYR B 975 -9.20 4.12 -3.64
C TYR B 975 -8.56 4.22 -5.00
N GLY B 976 -9.27 4.84 -5.94
CA GLY B 976 -8.82 4.93 -7.32
C GLY B 976 -8.97 3.61 -8.07
N VAL B 977 -9.92 2.81 -7.64
CA VAL B 977 -10.15 1.48 -8.17
C VAL B 977 -10.73 1.56 -9.60
N ASP B 978 -11.65 2.50 -9.79
CA ASP B 978 -12.28 2.74 -11.08
C ASP B 978 -11.22 2.84 -12.18
N GLU B 979 -10.25 3.73 -11.98
CA GLU B 979 -9.24 4.07 -12.99
C GLU B 979 -8.08 3.07 -13.03
N ALA B 980 -7.89 2.33 -11.95
CA ALA B 980 -6.83 1.35 -11.88
C ALA B 980 -7.02 0.25 -12.93
N ALA B 981 -6.01 0.08 -13.79
CA ALA B 981 -6.00 -0.96 -14.80
C ALA B 981 -5.49 -2.29 -14.24
N HIS B 982 -4.59 -2.22 -13.27
CA HIS B 982 -3.97 -3.40 -12.68
C HIS B 982 -3.87 -3.24 -11.18
N ALA B 983 -3.65 -4.35 -10.47
CA ALA B 983 -3.56 -4.33 -9.00
C ALA B 983 -2.60 -3.25 -8.48
N CYS B 984 -1.45 -3.12 -9.15
CA CYS B 984 -0.42 -2.15 -8.75
C CYS B 984 -0.85 -0.70 -8.95
N ASP B 985 -1.94 -0.48 -9.68
CA ASP B 985 -2.40 0.87 -9.95
C ASP B 985 -3.31 1.39 -8.84
N VAL B 986 -3.62 0.53 -7.87
CA VAL B 986 -4.58 0.87 -6.83
C VAL B 986 -3.95 1.77 -5.78
N LYS B 987 -4.59 2.89 -5.50
CA LYS B 987 -4.11 3.85 -4.50
C LYS B 987 -4.58 3.49 -3.11
N ARG B 988 -3.80 3.88 -2.11
CA ARG B 988 -4.10 3.58 -0.71
C ARG B 988 -3.96 4.79 0.22
N TYR B 989 -5.01 5.03 1.02
CA TYR B 989 -5.00 6.09 2.02
C TYR B 989 -4.07 5.77 3.20
N GLY B 990 -3.79 6.77 4.03
CA GLY B 990 -2.96 6.58 5.22
C GLY B 990 -3.70 6.05 6.43
N ARG B 991 -4.99 5.79 6.26
CA ARG B 991 -5.89 5.28 7.31
C ARG B 991 -7.01 4.46 6.66
N HIS B 992 -7.71 3.66 7.45
CA HIS B 992 -8.77 2.81 6.95
C HIS B 992 -10.14 3.51 7.00
N TYR B 993 -11.06 3.01 6.19
CA TYR B 993 -12.45 3.47 6.25
C TYR B 993 -13.42 2.29 6.38
N LEU B 994 -14.57 2.58 6.96
CA LEU B 994 -15.67 1.64 6.95
C LEU B 994 -16.74 2.08 5.96
N ARG B 995 -17.09 1.18 5.06
CA ARG B 995 -18.21 1.38 4.18
C ARG B 995 -19.34 0.59 4.79
N LEU B 996 -20.31 1.31 5.34
CA LEU B 996 -21.43 0.72 6.07
C LEU B 996 -22.72 0.87 5.26
N ASP B 997 -23.18 -0.23 4.67
CA ASP B 997 -24.26 -0.18 3.69
C ASP B 997 -25.54 -0.89 4.10
N HIS B 998 -26.68 -0.24 3.86
CA HIS B 998 -27.98 -0.84 4.09
C HIS B 998 -28.25 -1.91 3.03
N ALA B 999 -27.82 -1.64 1.81
CA ALA B 999 -28.12 -2.51 0.69
C ALA B 999 -27.07 -2.36 -0.40
N ILE B 1000 -26.99 -3.37 -1.27
CA ILE B 1000 -26.01 -3.40 -2.33
C ILE B 1000 -26.58 -4.15 -3.54
N HIS B 1001 -26.26 -3.66 -4.73
CA HIS B 1001 -26.74 -4.23 -5.98
C HIS B 1001 -26.04 -5.56 -6.19
N GLY B 1002 -26.75 -6.51 -6.81
CA GLY B 1002 -26.19 -7.81 -7.13
C GLY B 1002 -25.07 -7.68 -8.17
N VAL B 1003 -24.57 -8.82 -8.62
CA VAL B 1003 -23.34 -8.85 -9.37
C VAL B 1003 -23.55 -9.39 -10.80
N GLY B 1004 -24.40 -10.41 -10.94
CA GLY B 1004 -24.86 -10.91 -12.23
C GLY B 1004 -23.79 -11.55 -13.09
N SER B 1005 -24.00 -11.52 -14.41
CA SER B 1005 -23.00 -11.99 -15.36
C SER B 1005 -23.12 -11.26 -16.70
N GLU B 1006 -23.49 -9.99 -16.63
CA GLU B 1006 -23.87 -9.23 -17.84
C GLU B 1006 -22.74 -8.87 -18.82
N ALA B 1007 -21.49 -8.98 -18.37
CA ALA B 1007 -20.38 -8.82 -19.31
C ALA B 1007 -20.60 -9.75 -20.51
N CYS B 1008 -21.17 -10.92 -20.25
CA CYS B 1008 -21.59 -11.86 -21.28
C CYS B 1008 -22.61 -12.83 -20.70
N GLY B 1009 -23.89 -12.48 -20.81
CA GLY B 1009 -24.96 -13.29 -20.25
C GLY B 1009 -26.03 -12.45 -19.59
N PRO B 1010 -26.90 -13.07 -18.78
CA PRO B 1010 -28.03 -12.37 -18.18
C PRO B 1010 -27.65 -11.29 -17.18
N ALA B 1011 -28.44 -10.22 -17.17
CA ALA B 1011 -28.35 -9.15 -16.18
C ALA B 1011 -28.61 -9.68 -14.77
N VAL B 1012 -28.24 -8.90 -13.75
CA VAL B 1012 -28.58 -9.22 -12.36
C VAL B 1012 -30.08 -9.48 -12.30
N LEU B 1013 -30.46 -10.65 -11.80
CA LEU B 1013 -31.88 -11.02 -11.70
C LEU B 1013 -32.64 -10.04 -10.84
N ASP B 1014 -33.93 -9.90 -11.15
CA ASP B 1014 -34.80 -8.92 -10.53
C ASP B 1014 -34.73 -8.86 -9.00
N GLN B 1015 -34.73 -10.02 -8.34
CA GLN B 1015 -34.74 -10.03 -6.88
C GLN B 1015 -33.39 -9.71 -6.21
N TYR B 1016 -32.38 -9.44 -7.05
CA TYR B 1016 -31.06 -9.12 -6.54
C TYR B 1016 -30.66 -7.68 -6.87
N ARG B 1017 -31.43 -7.05 -7.76
CA ARG B 1017 -31.20 -5.66 -8.14
C ARG B 1017 -31.58 -4.75 -6.99
N LEU B 1018 -30.73 -3.76 -6.71
CA LEU B 1018 -31.07 -2.75 -5.73
C LEU B 1018 -31.90 -1.69 -6.43
N LYS B 1019 -33.22 -1.88 -6.41
CA LYS B 1019 -34.14 -1.00 -7.15
C LYS B 1019 -34.35 0.32 -6.45
N ALA B 1020 -34.55 1.37 -7.25
CA ALA B 1020 -34.82 2.69 -6.74
C ALA B 1020 -36.12 2.66 -5.93
N GLN B 1021 -36.06 3.18 -4.71
CA GLN B 1021 -37.17 3.11 -3.78
C GLN B 1021 -36.80 3.92 -2.55
N ASP B 1022 -37.74 4.11 -1.63
CA ASP B 1022 -37.46 4.73 -0.33
C ASP B 1022 -36.55 3.82 0.50
N PHE B 1023 -35.73 4.41 1.36
CA PHE B 1023 -34.92 3.64 2.30
C PHE B 1023 -35.15 4.06 3.74
N ASN B 1024 -35.29 3.08 4.63
CA ASN B 1024 -35.42 3.33 6.06
C ASN B 1024 -34.63 2.30 6.84
N PHE B 1025 -33.66 2.77 7.62
CA PHE B 1025 -32.81 1.85 8.40
C PHE B 1025 -32.17 2.53 9.61
N GLU B 1026 -32.00 1.75 10.68
CA GLU B 1026 -31.46 2.22 11.95
C GLU B 1026 -30.19 1.44 12.29
N PHE B 1027 -29.15 2.17 12.67
CA PHE B 1027 -27.90 1.56 13.08
C PHE B 1027 -27.60 1.95 14.51
N ASP B 1028 -26.97 1.05 15.24
CA ASP B 1028 -26.39 1.39 16.52
C ASP B 1028 -24.88 1.34 16.43
N LEU B 1029 -24.23 2.36 16.97
CA LEU B 1029 -22.78 2.39 17.11
C LEU B 1029 -22.45 2.29 18.58
N ALA B 1030 -22.21 1.06 19.03
CA ALA B 1030 -22.04 0.77 20.45
C ALA B 1030 -20.57 0.70 20.81
N PHE B 1031 -20.14 1.53 21.76
CA PHE B 1031 -18.74 1.62 22.14
C PHE B 1031 -18.50 0.90 23.45
N GLU B 1032 -17.51 0.00 23.47
CA GLU B 1032 -17.16 -0.77 24.67
C GLU B 1032 -16.65 0.12 25.82
N SER C 9 -36.50 25.29 5.02
CA SER C 9 -35.06 25.34 4.60
C SER C 9 -34.38 26.58 5.17
N CYS C 10 -34.23 26.61 6.49
CA CYS C 10 -33.66 27.78 7.18
C CYS C 10 -32.13 27.90 7.12
N LEU C 11 -31.43 26.82 6.72
CA LEU C 11 -29.98 26.90 6.49
C LEU C 11 -29.60 27.52 5.15
N ILE C 12 -30.61 27.84 4.33
CA ILE C 12 -30.38 28.69 3.17
C ILE C 12 -31.27 29.93 3.30
N PRO C 13 -30.68 31.12 3.20
CA PRO C 13 -31.42 32.37 3.44
C PRO C 13 -32.61 32.56 2.50
N GLU C 14 -33.67 33.15 3.05
CA GLU C 14 -34.95 33.31 2.37
C GLU C 14 -34.78 33.93 0.98
N ASN C 15 -34.01 35.01 0.88
CA ASN C 15 -33.90 35.78 -0.37
C ASN C 15 -33.17 35.06 -1.51
N LEU C 16 -32.42 34.01 -1.16
CA LEU C 16 -31.70 33.23 -2.15
C LEU C 16 -32.57 32.12 -2.69
N ARG C 17 -33.73 31.91 -2.06
CA ARG C 17 -34.65 30.85 -2.46
C ARG C 17 -36.06 31.37 -2.71
N ASN C 18 -36.17 32.64 -3.14
CA ASN C 18 -37.44 33.27 -3.42
C ASN C 18 -37.42 33.99 -4.77
N PRO C 19 -38.06 33.37 -5.78
CA PRO C 19 -38.04 33.89 -7.15
C PRO C 19 -38.67 35.29 -7.28
N LYS C 20 -39.58 35.60 -6.37
CA LYS C 20 -40.26 36.90 -6.39
C LYS C 20 -39.40 38.01 -5.81
N LYS C 21 -38.40 37.63 -5.00
CA LYS C 21 -37.47 38.57 -4.40
C LYS C 21 -36.40 38.92 -5.42
N VAL C 22 -36.82 39.71 -6.39
CA VAL C 22 -36.01 40.08 -7.55
C VAL C 22 -35.03 41.19 -7.16
N HIS C 23 -35.43 41.99 -6.19
CA HIS C 23 -34.61 43.06 -5.65
C HIS C 23 -35.30 43.58 -4.41
N GLU C 24 -34.55 44.31 -3.60
CA GLU C 24 -35.13 45.08 -2.51
C GLU C 24 -34.57 46.49 -2.57
N ASN C 25 -35.47 47.48 -2.67
CA ASN C 25 -35.10 48.90 -2.70
C ASN C 25 -34.32 49.35 -3.92
N ARG C 26 -34.32 48.58 -5.00
CA ARG C 26 -33.70 49.03 -6.24
C ARG C 26 -34.56 50.10 -6.90
N LEU C 27 -33.91 51.17 -7.34
CA LEU C 27 -34.59 52.22 -8.09
C LEU C 27 -35.11 51.72 -9.44
N PRO C 28 -36.21 52.30 -9.94
CA PRO C 28 -36.75 51.87 -11.24
C PRO C 28 -35.72 52.04 -12.36
N THR C 29 -35.80 51.17 -13.37
CA THR C 29 -34.85 51.23 -14.49
C THR C 29 -35.10 52.46 -15.34
N ARG C 30 -34.02 53.12 -15.75
CA ARG C 30 -34.11 54.30 -16.60
C ARG C 30 -33.08 54.17 -17.73
N ALA C 31 -33.27 54.95 -18.80
CA ALA C 31 -32.35 54.99 -19.91
C ALA C 31 -30.94 55.39 -19.46
N TYR C 32 -29.95 54.63 -19.89
CA TYR C 32 -28.57 54.84 -19.44
C TYR C 32 -27.93 55.99 -20.21
N TYR C 33 -27.29 56.89 -19.46
CA TYR C 33 -26.47 57.94 -20.02
C TYR C 33 -25.26 58.11 -19.12
N TYR C 34 -24.05 57.99 -19.67
CA TYR C 34 -22.87 58.28 -18.88
C TYR C 34 -22.60 59.77 -18.87
N ASP C 35 -22.33 60.30 -17.68
CA ASP C 35 -21.99 61.71 -17.48
C ASP C 35 -20.81 61.79 -16.51
N GLN C 36 -19.70 62.35 -17.00
CA GLN C 36 -18.44 62.45 -16.27
C GLN C 36 -18.62 63.24 -14.96
N ASP C 37 -19.51 64.23 -15.01
CA ASP C 37 -19.80 65.11 -13.87
C ASP C 37 -20.62 64.45 -12.77
N ILE C 38 -21.39 63.43 -13.12
CA ILE C 38 -22.23 62.71 -12.18
C ILE C 38 -21.62 61.37 -11.70
N PHE C 39 -21.02 60.63 -12.64
CA PHE C 39 -20.40 59.34 -12.33
C PHE C 39 -19.01 59.50 -11.71
N GLU C 40 -18.87 59.00 -10.49
CA GLU C 40 -17.56 58.86 -9.84
C GLU C 40 -17.27 57.36 -9.75
N SER C 41 -16.12 56.93 -10.29
CA SER C 41 -15.80 55.51 -10.30
C SER C 41 -15.36 54.99 -8.94
N LEU C 42 -15.92 53.83 -8.55
CA LEU C 42 -15.50 53.15 -7.33
C LEU C 42 -14.70 51.89 -7.62
N ASN C 43 -14.26 51.75 -8.88
CA ASN C 43 -13.40 50.64 -9.29
C ASN C 43 -12.04 50.74 -8.62
N GLY C 44 -11.32 49.62 -8.59
CA GLY C 44 -9.99 49.57 -7.98
C GLY C 44 -9.93 48.45 -6.95
N PRO C 45 -8.98 48.53 -6.01
CA PRO C 45 -8.87 47.44 -5.05
C PRO C 45 -9.88 47.57 -3.93
N TRP C 46 -10.53 46.45 -3.60
CA TRP C 46 -11.50 46.36 -2.50
C TRP C 46 -11.09 45.24 -1.56
N ALA C 47 -11.32 45.42 -0.26
CA ALA C 47 -11.16 44.34 0.70
C ALA C 47 -12.11 43.23 0.31
N PHE C 48 -11.65 41.98 0.43
CA PHE C 48 -12.42 40.84 -0.02
C PHE C 48 -12.09 39.57 0.74
N ALA C 49 -13.12 38.80 1.09
CA ALA C 49 -12.94 37.49 1.70
C ALA C 49 -14.01 36.55 1.14
N LEU C 50 -13.64 35.29 0.94
CA LEU C 50 -14.55 34.28 0.44
C LEU C 50 -14.97 33.32 1.56
N PHE C 51 -16.23 32.92 1.55
CA PHE C 51 -16.77 32.03 2.56
C PHE C 51 -17.47 30.85 1.91
N ASP C 52 -17.48 29.71 2.60
CA ASP C 52 -18.09 28.48 2.09
C ASP C 52 -19.56 28.65 1.77
N ALA C 53 -20.27 29.35 2.66
CA ALA C 53 -21.70 29.59 2.55
C ALA C 53 -22.10 30.84 3.33
N PRO C 54 -23.33 31.35 3.11
CA PRO C 54 -23.75 32.58 3.76
C PRO C 54 -23.56 32.62 5.27
N LEU C 55 -23.79 31.50 5.95
CA LEU C 55 -23.71 31.44 7.42
C LEU C 55 -22.29 31.64 7.98
N ASP C 56 -21.26 31.47 7.14
CA ASP C 56 -19.89 31.75 7.56
C ASP C 56 -19.52 33.20 7.35
N ALA C 57 -20.28 33.91 6.52
CA ALA C 57 -20.01 35.32 6.25
C ALA C 57 -20.41 36.18 7.46
N PRO C 58 -19.66 37.27 7.70
CA PRO C 58 -19.98 38.17 8.83
C PRO C 58 -21.29 38.94 8.64
N ASP C 59 -21.97 39.22 9.76
CA ASP C 59 -23.13 40.12 9.78
C ASP C 59 -22.62 41.51 9.44
N ALA C 60 -23.03 42.01 8.28
CA ALA C 60 -22.52 43.26 7.75
C ALA C 60 -22.98 44.47 8.57
N LYS C 61 -24.05 44.30 9.35
CA LYS C 61 -24.54 45.36 10.22
C LYS C 61 -23.53 45.67 11.35
N ASN C 62 -22.56 44.77 11.55
CA ASN C 62 -21.54 44.95 12.59
C ASN C 62 -20.12 45.01 12.06
N LEU C 63 -19.95 44.96 10.75
CA LEU C 63 -18.62 44.97 10.16
C LEU C 63 -18.05 46.39 10.05
N ASP C 64 -16.96 46.63 10.79
CA ASP C 64 -16.21 47.91 10.77
C ASP C 64 -15.31 47.90 9.56
N TRP C 65 -14.87 49.09 9.16
CA TRP C 65 -13.76 49.19 8.21
C TRP C 65 -12.46 48.70 8.85
N GLU C 66 -12.27 48.93 10.15
CA GLU C 66 -11.06 48.49 10.86
C GLU C 66 -10.88 46.97 10.78
N THR C 67 -12.01 46.25 10.81
CA THR C 67 -12.02 44.80 10.69
C THR C 67 -11.74 44.38 9.24
N ALA C 68 -12.50 44.95 8.30
CA ALA C 68 -12.41 44.57 6.88
C ALA C 68 -11.07 44.97 6.28
N LYS C 69 -10.59 46.13 6.69
CA LYS C 69 -9.29 46.69 6.31
C LYS C 69 -8.18 45.65 6.25
N LYS C 70 -8.26 44.63 7.11
CA LYS C 70 -7.19 43.65 7.28
C LYS C 70 -7.24 42.53 6.25
N TRP C 71 -8.35 42.41 5.51
CA TRP C 71 -8.49 41.37 4.49
C TRP C 71 -7.57 41.61 3.28
N SER C 72 -7.35 40.55 2.50
CA SER C 72 -6.72 40.68 1.17
C SER C 72 -7.60 41.52 0.25
N THR C 73 -7.00 42.05 -0.80
CA THR C 73 -7.76 42.86 -1.74
C THR C 73 -7.95 42.15 -3.06
N ILE C 74 -9.07 42.44 -3.70
CA ILE C 74 -9.35 41.99 -5.05
C ILE C 74 -9.65 43.24 -5.86
N SER C 75 -9.39 43.21 -7.16
CA SER C 75 -9.66 44.40 -7.94
C SER C 75 -11.01 44.32 -8.62
N VAL C 76 -11.80 45.37 -8.44
CA VAL C 76 -13.12 45.53 -9.03
C VAL C 76 -12.99 46.44 -10.24
N PRO C 77 -13.51 46.01 -11.39
CA PRO C 77 -14.28 44.80 -11.63
C PRO C 77 -13.46 43.62 -12.14
N SER C 78 -13.80 42.42 -11.67
CA SER C 78 -13.16 41.18 -12.10
C SER C 78 -13.95 40.01 -11.53
N HIS C 79 -13.80 38.84 -12.13
CA HIS C 79 -14.38 37.60 -11.61
C HIS C 79 -13.49 36.99 -10.60
N TRP C 80 -14.06 36.36 -9.58
CA TRP C 80 -13.19 35.77 -8.59
C TRP C 80 -12.65 34.38 -8.94
N GLU C 81 -13.14 33.80 -10.04
CA GLU C 81 -12.53 32.59 -10.58
C GLU C 81 -11.40 32.91 -11.57
N LEU C 82 -11.06 34.19 -11.71
CA LEU C 82 -9.99 34.56 -12.63
C LEU C 82 -8.93 35.43 -11.97
N GLN C 83 -8.39 34.94 -10.86
CA GLN C 83 -7.39 35.66 -10.09
C GLN C 83 -6.01 35.00 -10.22
N GLU C 84 -4.96 35.79 -9.98
CA GLU C 84 -3.61 35.27 -9.77
C GLU C 84 -3.65 33.94 -9.01
N ASP C 85 -3.06 32.91 -9.62
CA ASP C 85 -2.92 31.59 -9.00
C ASP C 85 -4.25 30.91 -8.64
N TRP C 86 -5.35 31.34 -9.26
CA TRP C 86 -6.67 30.74 -9.03
C TRP C 86 -7.04 30.74 -7.55
N LYS C 87 -6.62 31.81 -6.87
CA LYS C 87 -6.78 31.96 -5.43
C LYS C 87 -8.19 31.62 -4.93
N TYR C 88 -9.21 31.99 -5.69
CA TYR C 88 -10.61 31.81 -5.28
C TYR C 88 -11.40 30.83 -6.18
N GLY C 89 -10.73 29.78 -6.62
CA GLY C 89 -11.38 28.75 -7.40
C GLY C 89 -11.12 28.91 -8.89
N LYS C 90 -11.72 28.02 -9.68
CA LYS C 90 -11.55 28.02 -11.11
C LYS C 90 -12.89 28.13 -11.84
N PRO C 91 -12.87 28.59 -13.10
CA PRO C 91 -14.08 28.63 -13.92
C PRO C 91 -14.69 27.24 -14.11
N ILE C 92 -16.00 27.20 -14.31
CA ILE C 92 -16.71 25.95 -14.62
C ILE C 92 -17.47 26.14 -15.92
N TYR C 93 -17.30 25.21 -16.86
CA TYR C 93 -18.04 25.26 -18.11
C TYR C 93 -19.15 24.22 -18.21
N THR C 94 -20.39 24.67 -18.24
CA THR C 94 -21.49 23.80 -18.67
C THR C 94 -22.27 24.42 -19.83
N ASN C 95 -22.71 23.57 -20.74
CA ASN C 95 -23.59 23.98 -21.82
C ASN C 95 -25.03 23.96 -21.33
N VAL C 96 -25.63 22.76 -21.34
CA VAL C 96 -27.03 22.61 -20.94
C VAL C 96 -27.14 22.30 -19.45
N GLN C 97 -26.51 21.22 -19.01
CA GLN C 97 -26.62 20.70 -17.64
C GLN C 97 -26.35 21.77 -16.59
N TYR C 98 -27.21 21.83 -15.57
CA TYR C 98 -26.96 22.71 -14.43
C TYR C 98 -25.78 22.15 -13.64
N PRO C 99 -24.92 23.01 -13.11
CA PRO C 99 -23.79 22.54 -12.31
C PRO C 99 -24.22 22.30 -10.84
N ILE C 100 -25.51 22.43 -10.58
CA ILE C 100 -26.09 22.21 -9.26
C ILE C 100 -27.21 21.19 -9.40
N PRO C 101 -27.70 20.61 -8.28
CA PRO C 101 -28.90 19.75 -8.38
C PRO C 101 -30.15 20.61 -8.60
N ILE C 102 -31.15 20.05 -9.29
CA ILE C 102 -32.41 20.77 -9.50
C ILE C 102 -33.40 20.50 -8.38
N ASP C 103 -33.72 21.56 -7.65
CA ASP C 103 -34.72 21.54 -6.60
C ASP C 103 -35.32 22.95 -6.50
N ILE C 104 -35.98 23.37 -7.58
CA ILE C 104 -36.53 24.71 -7.73
C ILE C 104 -37.46 25.07 -6.57
N PRO C 105 -37.24 26.24 -5.94
CA PRO C 105 -36.26 27.27 -6.33
C PRO C 105 -34.99 27.31 -5.47
N ASN C 106 -34.63 26.19 -4.87
CA ASN C 106 -33.52 26.19 -3.93
C ASN C 106 -32.15 26.13 -4.59
N PRO C 107 -31.23 27.00 -4.14
CA PRO C 107 -29.83 26.85 -4.49
C PRO C 107 -29.20 25.80 -3.57
N PRO C 108 -27.96 25.35 -3.88
CA PRO C 108 -27.29 24.50 -2.91
C PRO C 108 -27.04 25.23 -1.60
N THR C 109 -27.01 24.48 -0.50
CA THR C 109 -26.69 25.05 0.80
C THR C 109 -25.23 25.51 0.82
N VAL C 110 -24.36 24.73 0.22
CA VAL C 110 -22.97 25.15 0.04
C VAL C 110 -22.94 26.08 -1.16
N ASN C 111 -22.73 27.36 -0.86
CA ASN C 111 -22.99 28.43 -1.80
C ASN C 111 -21.94 29.52 -1.60
N PRO C 112 -20.85 29.47 -2.40
CA PRO C 112 -19.75 30.43 -2.27
C PRO C 112 -20.23 31.87 -2.12
N THR C 113 -19.80 32.50 -1.03
CA THR C 113 -20.18 33.87 -0.68
C THR C 113 -18.94 34.75 -0.57
N GLY C 114 -18.85 35.75 -1.44
CA GLY C 114 -17.79 36.74 -1.38
C GLY C 114 -18.29 38.05 -0.80
N VAL C 115 -17.55 38.58 0.16
CA VAL C 115 -17.88 39.86 0.79
C VAL C 115 -16.84 40.87 0.36
N TYR C 116 -17.31 41.99 -0.21
CA TYR C 116 -16.47 43.09 -0.67
C TYR C 116 -16.63 44.28 0.26
N ALA C 117 -15.54 45.02 0.48
CA ALA C 117 -15.60 46.24 1.27
C ALA C 117 -14.61 47.29 0.80
N ARG C 118 -15.06 48.54 0.75
CA ARG C 118 -14.16 49.65 0.57
C ARG C 118 -14.79 50.90 1.15
N THR C 119 -14.01 51.97 1.20
CA THR C 119 -14.52 53.25 1.69
C THR C 119 -14.46 54.32 0.60
N PHE C 120 -15.24 55.39 0.78
CA PHE C 120 -15.10 56.58 -0.04
C PHE C 120 -15.34 57.83 0.81
N GLU C 121 -14.76 58.95 0.35
CA GLU C 121 -14.82 60.20 1.11
C GLU C 121 -15.95 61.10 0.65
N LEU C 122 -16.67 61.66 1.63
CA LEU C 122 -17.71 62.62 1.34
C LEU C 122 -17.49 63.97 2.02
N ASP C 123 -17.72 65.00 1.23
CA ASP C 123 -17.63 66.37 1.65
C ASP C 123 -18.82 66.84 2.49
N SER C 124 -18.60 67.90 3.28
CA SER C 124 -19.70 68.63 3.92
C SER C 124 -20.70 69.15 2.88
N LYS C 125 -20.18 69.84 1.86
CA LYS C 125 -21.03 70.42 0.81
C LYS C 125 -21.70 69.38 -0.08
N SER C 126 -21.03 68.26 -0.31
CA SER C 126 -21.54 67.21 -1.20
C SER C 126 -22.93 66.72 -0.81
N ILE C 127 -23.13 66.44 0.49
CA ILE C 127 -24.42 65.96 1.01
C ILE C 127 -25.50 67.03 0.89
N GLU C 128 -25.09 68.30 0.99
CA GLU C 128 -26.02 69.41 0.79
C GLU C 128 -26.37 69.54 -0.71
N SER C 129 -25.35 69.46 -1.56
CA SER C 129 -25.50 69.69 -3.00
C SER C 129 -26.18 68.56 -3.80
N PHE C 130 -25.99 67.30 -3.38
CA PHE C 130 -26.34 66.15 -4.24
C PHE C 130 -27.18 65.05 -3.60
N GLU C 131 -28.06 64.42 -4.40
CA GLU C 131 -28.62 63.11 -4.07
C GLU C 131 -27.62 62.05 -4.50
N HIS C 132 -27.25 61.18 -3.57
CA HIS C 132 -26.19 60.19 -3.79
C HIS C 132 -26.76 58.80 -4.03
N ARG C 133 -26.28 58.16 -5.09
CA ARG C 133 -26.69 56.81 -5.43
C ARG C 133 -25.47 55.90 -5.61
N LEU C 134 -25.68 54.59 -5.51
CA LEU C 134 -24.71 53.61 -5.99
C LEU C 134 -25.28 52.86 -7.17
N ARG C 135 -24.48 52.76 -8.24
CA ARG C 135 -24.89 52.05 -9.46
C ARG C 135 -23.89 50.92 -9.75
N PHE C 136 -24.43 49.70 -9.83
CA PHE C 136 -23.66 48.48 -10.14
C PHE C 136 -24.03 48.00 -11.53
N GLU C 137 -23.05 47.92 -12.44
CA GLU C 137 -23.35 47.59 -13.84
C GLU C 137 -23.58 46.09 -14.10
N GLY C 138 -23.17 45.25 -13.14
CA GLY C 138 -23.37 43.81 -13.22
C GLY C 138 -22.65 43.06 -12.11
N VAL C 139 -23.38 42.19 -11.42
CA VAL C 139 -22.81 41.38 -10.35
C VAL C 139 -23.46 40.00 -10.43
N ASP C 140 -22.64 38.96 -10.42
CA ASP C 140 -23.05 37.56 -10.61
C ASP C 140 -22.85 36.81 -9.30
N ASN C 141 -23.88 36.20 -8.69
CA ASN C 141 -25.25 36.05 -9.20
C ASN C 141 -26.21 37.08 -8.63
N CYS C 142 -26.06 37.40 -7.34
CA CYS C 142 -26.91 38.38 -6.67
C CYS C 142 -26.19 38.85 -5.42
N TYR C 143 -26.70 39.90 -4.81
CA TYR C 143 -25.99 40.54 -3.70
C TYR C 143 -26.87 41.37 -2.78
N GLU C 144 -26.46 41.47 -1.52
CA GLU C 144 -27.02 42.51 -0.65
C GLU C 144 -26.02 43.64 -0.43
N LEU C 145 -26.55 44.85 -0.24
CA LEU C 145 -25.73 46.05 -0.18
C LEU C 145 -25.91 46.77 1.16
N TYR C 146 -24.76 47.13 1.76
CA TYR C 146 -24.72 47.86 3.02
C TYR C 146 -23.89 49.14 2.89
N VAL C 147 -24.39 50.22 3.46
CA VAL C 147 -23.61 51.44 3.62
C VAL C 147 -23.58 51.79 5.09
N ASN C 148 -22.38 52.06 5.60
CA ASN C 148 -22.16 52.44 7.00
C ASN C 148 -22.82 51.51 8.03
N GLY C 149 -22.69 50.21 7.81
CA GLY C 149 -23.28 49.19 8.68
C GLY C 149 -24.79 49.08 8.58
N GLN C 150 -25.38 49.76 7.60
CA GLN C 150 -26.85 49.72 7.41
C GLN C 150 -27.25 49.06 6.09
N TYR C 151 -28.20 48.14 6.15
CA TYR C 151 -28.70 47.43 4.97
C TYR C 151 -29.42 48.35 4.00
N VAL C 152 -28.91 48.47 2.78
CA VAL C 152 -29.56 49.32 1.79
C VAL C 152 -30.56 48.53 0.96
N GLY C 153 -30.13 47.39 0.43
CA GLY C 153 -30.97 46.60 -0.43
C GLY C 153 -30.38 45.32 -0.98
N PHE C 154 -31.11 44.72 -1.92
CA PHE C 154 -30.80 43.42 -2.49
C PHE C 154 -31.08 43.48 -3.99
N ASN C 155 -30.43 42.63 -4.76
CA ASN C 155 -30.59 42.62 -6.21
C ASN C 155 -30.30 41.29 -6.89
N LYS C 156 -31.07 40.99 -7.93
CA LYS C 156 -30.81 39.87 -8.82
C LYS C 156 -30.79 40.31 -10.27
N GLY C 157 -30.22 39.49 -11.14
CA GLY C 157 -30.11 39.80 -12.56
C GLY C 157 -28.67 40.15 -12.91
N SER C 158 -27.90 39.11 -13.24
CA SER C 158 -26.45 39.21 -13.36
C SER C 158 -25.94 40.17 -14.43
N ARG C 159 -26.62 40.29 -15.56
CA ARG C 159 -26.15 41.19 -16.61
C ARG C 159 -26.97 42.46 -16.76
N ASN C 160 -27.89 42.67 -15.84
CA ASN C 160 -28.61 43.93 -15.72
C ASN C 160 -27.95 44.83 -14.69
N GLY C 161 -28.22 46.13 -14.80
CA GLY C 161 -27.69 47.09 -13.84
C GLY C 161 -28.64 47.30 -12.69
N ALA C 162 -28.19 48.06 -11.70
CA ALA C 162 -29.00 48.41 -10.55
C ALA C 162 -28.51 49.69 -9.91
N GLU C 163 -29.46 50.55 -9.55
CA GLU C 163 -29.18 51.75 -8.77
C GLU C 163 -29.87 51.73 -7.41
N PHE C 164 -29.20 52.28 -6.41
CA PHE C 164 -29.73 52.37 -5.05
C PHE C 164 -29.53 53.76 -4.48
N ASP C 165 -30.59 54.31 -3.90
CA ASP C 165 -30.53 55.59 -3.19
C ASP C 165 -29.75 55.43 -1.86
N ILE C 166 -28.77 56.29 -1.67
CA ILE C 166 -27.79 56.16 -0.58
C ILE C 166 -27.87 57.36 0.39
N GLN C 167 -28.68 58.35 0.02
CA GLN C 167 -28.79 59.63 0.76
C GLN C 167 -29.04 59.48 2.27
N LYS C 168 -29.97 58.60 2.65
CA LYS C 168 -30.27 58.36 4.07
C LYS C 168 -29.11 57.84 4.91
N TYR C 169 -28.18 57.11 4.27
CA TYR C 169 -27.16 56.33 4.98
C TYR C 169 -25.79 56.98 5.02
N VAL C 170 -25.67 58.05 4.26
CA VAL C 170 -24.42 58.71 4.00
C VAL C 170 -24.01 59.65 5.15
N SER C 171 -22.69 59.75 5.38
CA SER C 171 -22.13 60.63 6.43
C SER C 171 -20.99 61.47 5.90
N GLU C 172 -20.74 62.60 6.56
CA GLU C 172 -19.60 63.42 6.22
C GLU C 172 -18.33 62.65 6.58
N GLY C 173 -17.33 62.68 5.70
CA GLY C 173 -16.06 61.98 5.95
C GLY C 173 -16.02 60.59 5.31
N GLU C 174 -15.53 59.62 6.08
CA GLU C 174 -15.40 58.23 5.62
C GLU C 174 -16.73 57.51 5.53
N ASN C 175 -17.00 56.91 4.38
CA ASN C 175 -18.19 56.07 4.23
C ASN C 175 -17.79 54.64 3.87
N LEU C 176 -18.50 53.67 4.44
CA LEU C 176 -18.18 52.26 4.22
C LEU C 176 -19.21 51.58 3.31
N VAL C 177 -18.73 50.97 2.23
CA VAL C 177 -19.58 50.18 1.34
C VAL C 177 -19.23 48.71 1.50
N VAL C 178 -20.23 47.90 1.81
CA VAL C 178 -20.02 46.47 1.90
C VAL C 178 -21.01 45.79 0.97
N VAL C 179 -20.51 44.87 0.14
CA VAL C 179 -21.36 44.11 -0.76
C VAL C 179 -21.18 42.62 -0.51
N LYS C 180 -22.27 41.94 -0.15
CA LYS C 180 -22.25 40.48 0.00
C LYS C 180 -22.72 39.85 -1.29
N VAL C 181 -21.86 39.09 -1.95
CA VAL C 181 -22.16 38.49 -3.25
C VAL C 181 -22.30 36.96 -3.18
N PHE C 182 -23.39 36.43 -3.73
CA PHE C 182 -23.65 35.00 -3.64
C PHE C 182 -23.61 34.36 -5.02
N LYS C 183 -23.03 33.16 -5.10
CA LYS C 183 -22.80 32.51 -6.39
C LYS C 183 -24.08 31.88 -6.96
N TRP C 184 -24.85 31.23 -6.10
CA TRP C 184 -26.09 30.57 -6.51
C TRP C 184 -27.31 31.18 -5.82
N SER C 185 -28.45 31.09 -6.50
CA SER C 185 -29.75 31.50 -5.93
C SER C 185 -30.84 30.94 -6.83
N ASP C 186 -32.10 31.27 -6.53
CA ASP C 186 -33.23 30.88 -7.37
C ASP C 186 -33.08 31.39 -8.79
N SER C 187 -32.24 32.41 -8.93
CA SER C 187 -31.95 33.07 -10.19
C SER C 187 -31.09 32.18 -11.09
N THR C 188 -30.28 31.31 -10.48
CA THR C 188 -29.38 30.41 -11.24
C THR C 188 -30.14 29.60 -12.27
N TYR C 189 -31.36 29.21 -11.94
CA TYR C 189 -32.17 28.39 -12.83
C TYR C 189 -32.54 29.11 -14.13
N ILE C 190 -32.53 30.43 -14.10
CA ILE C 190 -32.85 31.19 -15.31
C ILE C 190 -31.62 31.88 -15.96
N GLU C 191 -30.42 31.48 -15.52
CA GLU C 191 -29.17 32.01 -16.02
C GLU C 191 -28.25 30.91 -16.54
N ASP C 192 -28.81 29.95 -17.26
CA ASP C 192 -28.05 28.79 -17.70
C ASP C 192 -27.62 28.87 -19.17
N GLN C 193 -26.92 29.94 -19.52
CA GLN C 193 -26.36 30.12 -20.85
C GLN C 193 -25.21 29.16 -21.08
N ASP C 194 -25.00 28.79 -22.34
CA ASP C 194 -23.86 27.95 -22.71
C ASP C 194 -22.59 28.78 -22.64
N GLN C 195 -22.02 28.88 -21.44
CA GLN C 195 -20.87 29.75 -21.17
C GLN C 195 -20.20 29.34 -19.87
N TRP C 196 -19.10 30.01 -19.53
CA TRP C 196 -18.43 29.82 -18.25
C TRP C 196 -19.29 30.33 -17.09
N TRP C 197 -19.34 29.54 -16.02
CA TRP C 197 -19.90 29.98 -14.74
C TRP C 197 -18.85 30.80 -14.01
N LEU C 198 -19.10 32.10 -13.86
CA LEU C 198 -18.15 32.99 -13.20
C LEU C 198 -18.89 33.94 -12.28
N SER C 199 -18.24 34.39 -11.22
CA SER C 199 -18.93 35.15 -10.17
C SER C 199 -18.23 36.46 -9.81
N GLY C 200 -18.93 37.30 -9.07
CA GLY C 200 -18.37 38.54 -8.54
C GLY C 200 -18.86 39.82 -9.17
N ILE C 201 -18.38 40.94 -8.64
CA ILE C 201 -18.63 42.25 -9.23
C ILE C 201 -17.71 42.33 -10.44
N TYR C 202 -18.25 41.96 -11.60
CA TYR C 202 -17.47 41.84 -12.83
C TYR C 202 -17.68 43.05 -13.76
N ARG C 203 -18.53 43.99 -13.34
CA ARG C 203 -18.69 45.25 -14.07
C ARG C 203 -18.51 46.46 -13.17
N ASP C 204 -18.46 47.65 -13.77
CA ASP C 204 -18.22 48.90 -13.06
C ASP C 204 -19.11 49.10 -11.84
N VAL C 205 -18.56 49.76 -10.83
CA VAL C 205 -19.36 50.29 -9.73
C VAL C 205 -19.16 51.80 -9.74
N SER C 206 -20.23 52.55 -9.55
CA SER C 206 -20.13 54.00 -9.56
C SER C 206 -20.88 54.65 -8.42
N LEU C 207 -20.34 55.77 -7.95
CA LEU C 207 -21.08 56.67 -7.08
C LEU C 207 -21.66 57.77 -7.98
N LEU C 208 -22.98 57.89 -7.96
CA LEU C 208 -23.63 58.98 -8.69
C LEU C 208 -23.94 60.17 -7.78
N LYS C 209 -23.61 61.37 -8.25
CA LYS C 209 -23.98 62.59 -7.54
C LYS C 209 -24.90 63.45 -8.41
N LEU C 210 -26.20 63.32 -8.18
CA LEU C 210 -27.19 64.09 -8.95
C LEU C 210 -27.58 65.37 -8.22
N PRO C 211 -27.85 66.46 -8.96
CA PRO C 211 -28.29 67.71 -8.32
C PRO C 211 -29.55 67.46 -7.50
N LYS C 212 -29.55 67.98 -6.26
CA LYS C 212 -30.52 67.51 -5.26
C LYS C 212 -31.95 68.00 -5.43
N LYS C 213 -32.14 69.32 -5.55
CA LYS C 213 -33.47 69.94 -5.59
C LYS C 213 -34.28 69.53 -6.82
N ALA C 214 -33.60 69.36 -7.95
CA ALA C 214 -34.21 68.90 -9.21
C ALA C 214 -33.13 68.31 -10.11
N HIS C 215 -33.47 67.24 -10.84
CA HIS C 215 -32.53 66.57 -11.75
C HIS C 215 -33.26 65.73 -12.80
N ILE C 216 -32.57 65.44 -13.91
CA ILE C 216 -33.16 64.65 -14.98
C ILE C 216 -33.05 63.17 -14.62
N GLU C 217 -34.19 62.50 -14.52
CA GLU C 217 -34.22 61.09 -14.16
C GLU C 217 -34.23 60.18 -15.39
N ASP C 218 -35.10 60.48 -16.35
CA ASP C 218 -35.30 59.62 -17.48
C ASP C 218 -35.60 60.44 -18.72
N VAL C 219 -35.21 59.90 -19.88
CA VAL C 219 -35.43 60.55 -21.17
C VAL C 219 -35.92 59.49 -22.16
N ARG C 220 -36.76 59.90 -23.10
CA ARG C 220 -37.30 58.99 -24.09
C ARG C 220 -37.34 59.64 -25.47
N VAL C 221 -36.61 59.06 -26.41
CA VAL C 221 -36.46 59.64 -27.74
C VAL C 221 -36.97 58.66 -28.80
N THR C 222 -37.96 59.09 -29.56
CA THR C 222 -38.45 58.31 -30.70
C THR C 222 -38.45 59.12 -31.98
N THR C 223 -38.11 58.44 -33.08
CA THR C 223 -38.21 59.05 -34.39
C THR C 223 -39.20 58.25 -35.21
N THR C 224 -40.30 58.89 -35.61
CA THR C 224 -41.37 58.27 -36.39
C THR C 224 -41.65 59.08 -37.64
N PHE C 225 -41.66 58.39 -38.78
CA PHE C 225 -41.96 59.05 -40.05
C PHE C 225 -43.45 59.36 -40.14
N VAL C 226 -43.79 60.57 -40.57
CA VAL C 226 -45.19 60.98 -40.66
C VAL C 226 -45.86 60.37 -41.88
N ASP C 227 -45.07 59.72 -42.73
CA ASP C 227 -45.48 59.54 -44.10
C ASP C 227 -45.17 58.19 -44.66
N SER C 228 -45.95 57.81 -45.66
CA SER C 228 -45.73 56.58 -46.41
C SER C 228 -44.43 56.59 -47.25
N GLN C 229 -43.89 57.78 -47.46
CA GLN C 229 -42.71 57.94 -48.30
C GLN C 229 -41.42 58.21 -47.51
N TYR C 230 -41.49 58.07 -46.19
CA TYR C 230 -40.31 58.07 -45.30
C TYR C 230 -39.41 59.30 -45.46
N GLN C 231 -40.03 60.47 -45.38
CA GLN C 231 -39.32 61.73 -45.53
C GLN C 231 -39.36 62.53 -44.23
N ASP C 232 -40.45 63.27 -44.03
CA ASP C 232 -40.58 64.07 -42.82
C ASP C 232 -40.80 63.17 -41.64
N ALA C 233 -40.24 63.54 -40.49
CA ALA C 233 -40.36 62.70 -39.29
C ALA C 233 -40.71 63.50 -38.06
N GLU C 234 -41.41 62.85 -37.13
CA GLU C 234 -41.69 63.44 -35.84
C GLU C 234 -40.67 62.97 -34.82
N LEU C 235 -39.93 63.92 -34.25
CA LEU C 235 -38.99 63.65 -33.18
C LEU C 235 -39.71 63.93 -31.88
N SER C 236 -39.92 62.89 -31.08
CA SER C 236 -40.60 63.02 -29.80
C SER C 236 -39.60 62.90 -28.65
N VAL C 237 -39.63 63.87 -27.75
CA VAL C 237 -38.74 63.84 -26.58
C VAL C 237 -39.55 63.96 -25.29
N LYS C 238 -39.50 62.92 -24.47
CA LYS C 238 -40.22 62.94 -23.20
C LYS C 238 -39.22 62.86 -22.07
N VAL C 239 -39.22 63.88 -21.21
CA VAL C 239 -38.30 63.94 -20.08
C VAL C 239 -39.07 63.80 -18.75
N ASP C 240 -38.58 62.91 -17.89
CA ASP C 240 -39.08 62.81 -16.52
C ASP C 240 -38.10 63.51 -15.58
N VAL C 241 -38.49 64.70 -15.11
CA VAL C 241 -37.70 65.47 -14.14
C VAL C 241 -38.16 65.16 -12.72
N GLN C 242 -37.21 65.00 -11.81
CA GLN C 242 -37.50 64.65 -10.42
C GLN C 242 -37.20 65.83 -9.49
N GLY C 243 -38.22 66.26 -8.74
CA GLY C 243 -38.12 67.48 -7.93
C GLY C 243 -38.84 68.67 -8.55
N SER C 244 -38.99 69.73 -7.76
CA SER C 244 -39.77 70.92 -8.15
C SER C 244 -38.94 72.11 -8.60
N SER C 245 -37.71 72.24 -8.08
CA SER C 245 -36.88 73.45 -8.26
C SER C 245 -36.21 73.56 -9.64
N TYR C 246 -37.05 73.66 -10.67
CA TYR C 246 -36.61 73.92 -12.05
C TYR C 246 -37.67 74.78 -12.75
N ASP C 247 -37.28 75.45 -13.83
CA ASP C 247 -38.21 76.30 -14.59
C ASP C 247 -38.72 75.58 -15.85
N HIS C 248 -37.80 75.17 -16.71
CA HIS C 248 -38.13 74.48 -17.97
C HIS C 248 -36.94 73.71 -18.54
N ILE C 249 -37.13 73.09 -19.70
CA ILE C 249 -36.03 72.40 -20.40
C ILE C 249 -35.75 72.98 -21.77
N ASN C 250 -34.48 72.97 -22.16
CA ASN C 250 -34.09 73.31 -23.52
C ASN C 250 -33.62 72.09 -24.29
N PHE C 251 -33.89 72.10 -25.60
CA PHE C 251 -33.41 71.06 -26.47
C PHE C 251 -32.74 71.66 -27.69
N THR C 252 -31.51 71.22 -27.96
CA THR C 252 -30.81 71.64 -29.16
C THR C 252 -30.36 70.43 -29.97
N LEU C 253 -30.83 70.37 -31.21
CA LEU C 253 -30.45 69.32 -32.13
C LEU C 253 -29.47 69.95 -33.11
N TYR C 254 -28.39 69.22 -33.41
CA TYR C 254 -27.33 69.73 -34.28
C TYR C 254 -27.36 69.11 -35.66
N GLU C 255 -26.73 69.78 -36.62
CA GLU C 255 -26.62 69.27 -37.98
C GLU C 255 -25.94 67.91 -37.99
N PRO C 256 -26.41 67.01 -38.85
CA PRO C 256 -25.96 65.61 -38.82
C PRO C 256 -24.51 65.44 -39.23
N GLU C 257 -23.89 64.38 -38.76
CA GLU C 257 -22.57 63.94 -39.23
C GLU C 257 -22.79 62.63 -39.98
N ASP C 258 -22.48 62.63 -41.27
CA ASP C 258 -22.75 61.48 -42.14
C ASP C 258 -22.15 60.18 -41.61
N GLY C 259 -22.91 59.10 -41.76
CA GLY C 259 -22.50 57.77 -41.31
C GLY C 259 -21.10 57.34 -41.74
N SER C 260 -20.56 58.01 -42.76
CA SER C 260 -19.21 57.71 -43.22
C SER C 260 -18.09 58.33 -42.35
N LYS C 261 -18.46 59.01 -41.27
CA LYS C 261 -17.52 59.52 -40.27
C LYS C 261 -16.39 58.56 -39.94
N VAL C 262 -15.18 59.09 -39.80
CA VAL C 262 -14.02 58.28 -39.40
C VAL C 262 -13.97 58.14 -37.88
N TYR C 263 -13.80 56.91 -37.41
CA TYR C 263 -13.65 56.64 -35.98
C TYR C 263 -12.41 55.79 -35.75
N ASP C 264 -11.95 55.80 -34.50
CA ASP C 264 -10.95 54.84 -34.03
C ASP C 264 -11.21 54.55 -32.55
N ALA C 265 -10.48 53.59 -32.00
CA ALA C 265 -10.69 53.19 -30.60
C ALA C 265 -10.68 54.42 -29.72
N SER C 266 -9.74 55.32 -29.97
CA SER C 266 -9.54 56.49 -29.16
C SER C 266 -10.78 57.40 -29.12
N SER C 267 -11.30 57.76 -30.30
CA SER C 267 -12.45 58.68 -30.36
C SER C 267 -13.78 58.04 -29.93
N LEU C 268 -13.93 56.74 -30.20
CA LEU C 268 -15.09 55.98 -29.74
C LEU C 268 -15.16 55.88 -28.20
N LEU C 269 -14.00 55.84 -27.55
CA LEU C 269 -13.94 55.69 -26.09
C LEU C 269 -13.84 57.00 -25.33
N ASN C 270 -13.51 58.08 -26.02
CA ASN C 270 -13.44 59.41 -25.40
C ASN C 270 -14.72 59.74 -24.62
N GLU C 271 -14.56 60.01 -23.34
CA GLU C 271 -15.70 60.22 -22.43
C GLU C 271 -15.83 61.66 -21.92
N GLU C 272 -15.00 62.56 -22.47
CA GLU C 272 -14.94 63.93 -21.99
C GLU C 272 -16.19 64.74 -22.32
N ASN C 273 -16.65 65.50 -21.32
CA ASN C 273 -17.65 66.56 -21.50
C ASN C 273 -17.42 67.68 -20.46
N GLY C 274 -18.51 68.23 -19.93
CA GLY C 274 -18.44 69.40 -19.06
C GLY C 274 -18.07 70.66 -19.84
N ASN C 275 -16.79 71.02 -19.80
CA ASN C 275 -16.28 72.22 -20.49
C ASN C 275 -16.10 72.09 -22.02
N THR C 276 -16.04 70.85 -22.52
CA THR C 276 -16.03 70.60 -23.98
C THR C 276 -17.38 71.05 -24.62
N THR C 277 -17.29 72.02 -25.54
CA THR C 277 -18.48 72.53 -26.27
C THR C 277 -18.98 71.45 -27.25
N PHE C 278 -20.08 70.80 -26.87
CA PHE C 278 -20.58 69.57 -27.55
C PHE C 278 -20.57 69.70 -29.10
N SER C 279 -21.44 70.58 -29.62
CA SER C 279 -21.45 70.94 -31.04
C SER C 279 -21.92 72.40 -31.19
N THR C 280 -21.77 72.93 -32.41
CA THR C 280 -22.14 74.32 -32.69
C THR C 280 -23.21 74.45 -33.80
N LYS C 281 -23.10 73.58 -34.81
CA LYS C 281 -23.95 73.63 -35.99
C LYS C 281 -25.41 73.36 -35.61
N GLU C 282 -26.09 74.40 -35.12
CA GLU C 282 -27.46 74.24 -34.64
C GLU C 282 -28.42 74.03 -35.78
N PHE C 283 -29.32 73.07 -35.59
CA PHE C 283 -30.30 72.76 -36.60
C PHE C 283 -31.68 73.20 -36.11
N ILE C 284 -32.01 72.79 -34.89
CA ILE C 284 -33.29 73.06 -34.28
C ILE C 284 -33.11 73.35 -32.78
N SER C 285 -33.85 74.34 -32.29
CA SER C 285 -33.95 74.60 -30.86
C SER C 285 -35.41 74.49 -30.40
N PHE C 286 -35.59 74.27 -29.11
CA PHE C 286 -36.93 74.25 -28.53
C PHE C 286 -36.83 74.54 -27.04
N SER C 287 -37.84 75.24 -26.52
CA SER C 287 -37.91 75.48 -25.08
C SER C 287 -39.28 75.15 -24.54
N THR C 288 -39.32 74.56 -23.35
CA THR C 288 -40.54 74.35 -22.61
C THR C 288 -40.84 75.65 -21.85
N LYS C 289 -42.10 75.87 -21.49
CA LYS C 289 -42.45 77.02 -20.66
C LYS C 289 -42.67 76.60 -19.21
N LYS C 290 -42.47 77.54 -18.30
CA LYS C 290 -42.70 77.34 -16.88
C LYS C 290 -44.05 76.64 -16.63
N ASN C 291 -44.04 75.65 -15.72
CA ASN C 291 -45.25 74.92 -15.29
C ASN C 291 -45.92 74.08 -16.38
N GLU C 292 -45.20 73.80 -17.45
CA GLU C 292 -45.74 72.94 -18.50
C GLU C 292 -45.00 71.62 -18.65
N GLU C 293 -45.72 70.65 -19.22
CA GLU C 293 -45.21 69.33 -19.58
C GLU C 293 -43.76 69.38 -20.07
N THR C 294 -42.88 68.65 -19.40
CA THR C 294 -41.47 68.53 -19.80
C THR C 294 -41.27 67.46 -20.88
N ALA C 295 -42.03 67.62 -21.96
CA ALA C 295 -41.98 66.74 -23.11
C ALA C 295 -42.39 67.56 -24.32
N PHE C 296 -42.03 67.10 -25.52
CA PHE C 296 -42.52 67.73 -26.73
C PHE C 296 -42.34 66.86 -27.97
N LYS C 297 -43.06 67.25 -29.02
CA LYS C 297 -43.00 66.63 -30.32
C LYS C 297 -42.68 67.73 -31.34
N ILE C 298 -41.71 67.49 -32.22
CA ILE C 298 -41.43 68.44 -33.29
C ILE C 298 -41.32 67.79 -34.66
N ASN C 299 -41.84 68.50 -35.66
CA ASN C 299 -41.79 68.07 -37.04
C ASN C 299 -40.42 68.39 -37.66
N VAL C 300 -39.74 67.35 -38.17
CA VAL C 300 -38.40 67.51 -38.72
C VAL C 300 -38.44 67.33 -40.24
N LYS C 301 -37.89 68.33 -40.93
CA LYS C 301 -37.83 68.39 -42.38
C LYS C 301 -36.84 67.36 -42.98
N ALA C 302 -37.37 66.35 -43.69
CA ALA C 302 -36.57 65.35 -44.44
C ALA C 302 -35.17 65.04 -43.85
N PRO C 303 -35.12 64.44 -42.65
CA PRO C 303 -33.85 64.19 -41.97
C PRO C 303 -33.05 63.08 -42.62
N GLU C 304 -31.75 63.09 -42.35
CA GLU C 304 -30.84 62.04 -42.77
C GLU C 304 -31.17 60.73 -42.03
N HIS C 305 -31.44 59.67 -42.80
CA HIS C 305 -31.77 58.37 -42.22
C HIS C 305 -30.56 57.74 -41.52
N TRP C 306 -30.83 57.12 -40.37
CA TRP C 306 -29.86 56.22 -39.75
C TRP C 306 -30.04 54.81 -40.31
N THR C 307 -28.92 54.16 -40.57
CA THR C 307 -28.88 52.81 -41.13
C THR C 307 -27.60 52.13 -40.66
N ALA C 308 -27.59 50.81 -40.59
CA ALA C 308 -26.37 50.10 -40.23
C ALA C 308 -25.26 50.29 -41.28
N GLU C 309 -25.64 50.44 -42.54
CA GLU C 309 -24.69 50.70 -43.63
C GLU C 309 -24.24 52.17 -43.66
N ASN C 310 -25.08 53.08 -43.16
CA ASN C 310 -24.73 54.49 -43.02
C ASN C 310 -25.31 55.06 -41.72
N PRO C 311 -24.59 54.90 -40.60
CA PRO C 311 -25.10 55.28 -39.29
C PRO C 311 -25.03 56.79 -39.01
N THR C 312 -25.84 57.56 -39.73
CA THR C 312 -25.82 59.02 -39.59
C THR C 312 -26.53 59.44 -38.32
N LEU C 313 -25.84 60.22 -37.50
CA LEU C 313 -26.40 60.65 -36.22
C LEU C 313 -26.50 62.17 -36.09
N TYR C 314 -27.56 62.60 -35.44
CA TYR C 314 -27.77 64.01 -35.09
C TYR C 314 -27.50 64.11 -33.60
N LYS C 315 -26.42 64.79 -33.21
CA LYS C 315 -26.16 65.04 -31.80
C LYS C 315 -27.18 66.00 -31.23
N TYR C 316 -27.44 65.89 -29.94
CA TYR C 316 -28.36 66.81 -29.27
C TYR C 316 -27.91 67.14 -27.87
N GLN C 317 -28.38 68.27 -27.36
CA GLN C 317 -28.12 68.61 -25.98
C GLN C 317 -29.44 68.96 -25.31
N LEU C 318 -29.67 68.33 -24.16
CA LEU C 318 -30.87 68.58 -23.39
C LEU C 318 -30.48 69.27 -22.10
N ASP C 319 -31.04 70.44 -21.85
CA ASP C 319 -30.69 71.22 -20.65
C ASP C 319 -31.87 71.44 -19.72
N LEU C 320 -31.69 71.07 -18.46
CA LEU C 320 -32.65 71.40 -17.42
C LEU C 320 -32.27 72.78 -16.88
N ILE C 321 -33.23 73.68 -16.88
CA ILE C 321 -32.92 75.08 -16.58
C ILE C 321 -33.69 75.61 -15.38
N GLY C 322 -32.94 76.17 -14.44
CA GLY C 322 -33.51 76.77 -13.22
C GLY C 322 -34.18 78.13 -13.39
N SER C 323 -34.80 78.60 -12.30
CA SER C 323 -35.56 79.85 -12.30
C SER C 323 -34.66 81.06 -12.64
N ASP C 324 -33.47 81.06 -12.06
CA ASP C 324 -32.44 82.06 -12.37
C ASP C 324 -31.89 81.94 -13.80
N GLY C 325 -32.28 80.90 -14.52
CA GLY C 325 -31.89 80.74 -15.91
C GLY C 325 -30.59 79.97 -16.12
N SER C 326 -30.04 79.44 -15.03
CA SER C 326 -28.81 78.63 -15.14
C SER C 326 -29.07 77.14 -15.44
N VAL C 327 -28.03 76.45 -15.93
CA VAL C 327 -28.12 75.06 -16.36
C VAL C 327 -27.88 74.15 -15.17
N ILE C 328 -28.95 73.50 -14.72
CA ILE C 328 -28.88 72.57 -13.58
C ILE C 328 -28.23 71.25 -13.99
N GLN C 329 -28.59 70.76 -15.19
CA GLN C 329 -28.07 69.49 -15.70
C GLN C 329 -28.18 69.42 -17.22
N SER C 330 -27.21 68.76 -17.84
CA SER C 330 -27.19 68.57 -19.29
C SER C 330 -27.10 67.09 -19.62
N ILE C 331 -27.77 66.70 -20.70
CA ILE C 331 -27.54 65.40 -21.32
C ILE C 331 -27.10 65.62 -22.76
N LYS C 332 -25.96 65.02 -23.10
CA LYS C 332 -25.42 65.12 -24.44
C LYS C 332 -25.46 63.74 -25.06
N HIS C 333 -26.26 63.59 -26.11
CA HIS C 333 -26.42 62.31 -26.77
C HIS C 333 -26.76 62.49 -28.26
N HIS C 334 -27.32 61.45 -28.87
CA HIS C 334 -27.60 61.50 -30.30
C HIS C 334 -28.95 60.90 -30.66
N VAL C 335 -29.47 61.36 -31.80
CA VAL C 335 -30.69 60.84 -32.38
C VAL C 335 -30.35 60.12 -33.69
N GLY C 336 -30.95 58.95 -33.89
CA GLY C 336 -30.83 58.23 -35.15
C GLY C 336 -32.21 58.12 -35.77
N PHE C 337 -32.41 58.84 -36.87
CA PHE C 337 -33.70 58.84 -37.57
C PHE C 337 -33.89 57.56 -38.37
N ARG C 338 -34.73 56.68 -37.82
CA ARG C 338 -34.95 55.36 -38.38
C ARG C 338 -36.24 54.82 -37.77
N GLN C 339 -36.95 53.97 -38.49
CA GLN C 339 -38.18 53.36 -37.97
C GLN C 339 -38.27 51.89 -38.39
N VAL C 340 -38.52 51.03 -37.40
CA VAL C 340 -38.64 49.59 -37.64
C VAL C 340 -40.10 49.17 -37.64
N GLU C 341 -40.51 48.40 -38.65
CA GLU C 341 -41.87 47.90 -38.75
C GLU C 341 -41.90 46.45 -39.18
N LEU C 342 -43.00 45.79 -38.84
CA LEU C 342 -43.39 44.55 -39.47
C LEU C 342 -44.34 44.96 -40.58
N LYS C 343 -43.85 44.90 -41.82
CA LYS C 343 -44.57 45.44 -42.98
C LYS C 343 -44.63 44.42 -44.11
N ASP C 344 -45.86 44.03 -44.48
CA ASP C 344 -46.11 43.00 -45.49
C ASP C 344 -45.35 41.71 -45.17
N GLY C 345 -45.31 41.39 -43.89
CA GLY C 345 -44.64 40.20 -43.40
C GLY C 345 -43.13 40.22 -43.42
N ASN C 346 -42.53 41.41 -43.46
CA ASN C 346 -41.09 41.58 -43.37
C ASN C 346 -40.67 42.54 -42.27
N ILE C 347 -39.49 42.30 -41.69
CA ILE C 347 -38.86 43.27 -40.79
C ILE C 347 -38.35 44.38 -41.68
N THR C 348 -38.81 45.59 -41.38
CA THR C 348 -38.58 46.71 -42.25
C THR C 348 -37.96 47.86 -41.50
N VAL C 349 -36.88 48.41 -42.03
CA VAL C 349 -36.32 49.63 -41.49
C VAL C 349 -36.43 50.73 -42.56
N ASN C 350 -37.08 51.83 -42.21
CA ASN C 350 -37.30 52.94 -43.12
C ASN C 350 -37.93 52.51 -44.47
N GLY C 351 -38.89 51.61 -44.39
CA GLY C 351 -39.58 51.10 -45.58
C GLY C 351 -38.95 49.89 -46.23
N LYS C 352 -37.69 49.62 -45.88
CA LYS C 352 -36.92 48.62 -46.60
C LYS C 352 -36.77 47.30 -45.85
N ASP C 353 -37.08 46.22 -46.55
CA ASP C 353 -36.89 44.89 -46.02
C ASP C 353 -35.41 44.46 -45.99
N ILE C 354 -34.82 44.47 -44.80
CA ILE C 354 -33.38 44.33 -44.66
C ILE C 354 -32.90 42.88 -44.61
N LEU C 355 -31.60 42.73 -44.79
CA LEU C 355 -30.92 41.44 -44.66
C LEU C 355 -29.92 41.45 -43.51
N PHE C 356 -30.06 40.52 -42.58
CA PHE C 356 -29.10 40.36 -41.49
C PHE C 356 -27.87 39.61 -41.98
N ARG C 357 -26.74 40.28 -41.88
CA ARG C 357 -25.43 39.67 -42.12
C ARG C 357 -24.77 39.60 -40.74
N GLY C 358 -25.30 38.71 -39.92
CA GLY C 358 -25.11 38.81 -38.47
C GLY C 358 -24.20 37.83 -37.80
N VAL C 359 -23.95 38.09 -36.52
CA VAL C 359 -23.17 37.20 -35.69
C VAL C 359 -23.69 37.29 -34.25
N ASN C 360 -23.59 36.17 -33.52
CA ASN C 360 -23.85 36.14 -32.09
C ASN C 360 -22.56 36.49 -31.34
N ARG C 361 -22.64 37.44 -30.41
CA ARG C 361 -21.48 37.82 -29.63
C ARG C 361 -21.77 37.72 -28.14
N HIS C 362 -21.03 36.84 -27.47
CA HIS C 362 -20.94 36.84 -26.01
C HIS C 362 -19.92 37.87 -25.52
N ASP C 363 -20.08 38.30 -24.27
CA ASP C 363 -19.01 38.97 -23.58
C ASP C 363 -17.97 37.92 -23.24
N HIS C 364 -16.80 38.02 -23.84
CA HIS C 364 -15.69 37.16 -23.49
C HIS C 364 -14.31 37.78 -23.72
N HIS C 365 -13.43 37.59 -22.74
CA HIS C 365 -12.05 37.95 -22.86
C HIS C 365 -11.27 36.76 -22.31
N PRO C 366 -10.17 36.36 -23.00
CA PRO C 366 -9.38 35.16 -22.62
C PRO C 366 -8.76 35.22 -21.24
N ARG C 367 -8.61 36.42 -20.69
CA ARG C 367 -8.05 36.57 -19.34
C ARG C 367 -9.06 37.12 -18.31
N PHE C 368 -9.97 37.99 -18.75
CA PHE C 368 -10.90 38.65 -17.83
C PHE C 368 -12.32 38.08 -17.81
N GLY C 369 -12.60 37.18 -18.75
CA GLY C 369 -13.91 36.55 -18.85
C GLY C 369 -14.98 37.50 -19.37
N ARG C 370 -15.98 37.72 -18.55
CA ARG C 370 -17.13 38.51 -18.94
C ARG C 370 -16.89 39.98 -18.51
N ALA C 371 -15.77 40.22 -17.85
CA ALA C 371 -15.34 41.55 -17.45
C ALA C 371 -14.48 42.15 -18.57
N VAL C 372 -15.14 42.46 -19.68
CA VAL C 372 -14.45 42.84 -20.91
C VAL C 372 -14.21 44.34 -20.94
N PRO C 373 -12.94 44.76 -21.07
CA PRO C 373 -12.66 46.19 -21.18
C PRO C 373 -13.27 46.72 -22.46
N LEU C 374 -13.82 47.93 -22.42
CA LEU C 374 -14.44 48.53 -23.60
C LEU C 374 -13.51 48.53 -24.81
N ASP C 375 -12.25 48.84 -24.55
CA ASP C 375 -11.19 48.76 -25.54
C ASP C 375 -11.34 47.50 -26.39
N PHE C 376 -11.62 46.38 -25.73
CA PHE C 376 -11.65 45.08 -26.37
C PHE C 376 -12.92 44.86 -27.16
N VAL C 377 -14.02 45.48 -26.70
CA VAL C 377 -15.29 45.37 -27.42
C VAL C 377 -15.17 46.15 -28.74
N VAL C 378 -14.57 47.33 -28.67
CA VAL C 378 -14.26 48.12 -29.86
C VAL C 378 -13.44 47.29 -30.84
N ARG C 379 -12.46 46.54 -30.33
CA ARG C 379 -11.64 45.64 -31.14
C ARG C 379 -12.54 44.64 -31.87
N ASP C 380 -13.48 44.04 -31.15
CA ASP C 380 -14.41 43.08 -31.73
C ASP C 380 -15.17 43.72 -32.90
N LEU C 381 -15.80 44.86 -32.62
CA LEU C 381 -16.73 45.47 -33.57
C LEU C 381 -16.05 45.98 -34.83
N ILE C 382 -14.87 46.58 -34.68
CA ILE C 382 -14.07 47.01 -35.83
C ILE C 382 -13.78 45.81 -36.72
N LEU C 383 -13.36 44.71 -36.11
CA LEU C 383 -13.07 43.50 -36.82
C LEU C 383 -14.28 42.99 -37.58
N MET C 384 -15.46 43.10 -36.97
CA MET C 384 -16.70 42.67 -37.61
C MET C 384 -16.98 43.46 -38.87
N LYS C 385 -16.90 44.77 -38.75
CA LYS C 385 -17.04 45.69 -39.87
C LYS C 385 -16.04 45.40 -40.98
N LYS C 386 -14.82 45.05 -40.60
CA LYS C 386 -13.78 44.68 -41.55
C LYS C 386 -14.09 43.37 -42.30
N PHE C 387 -15.01 42.58 -41.78
CA PHE C 387 -15.37 41.31 -42.40
C PHE C 387 -16.83 41.27 -42.86
N ASN C 388 -17.37 42.45 -43.17
CA ASN C 388 -18.67 42.61 -43.85
C ASN C 388 -19.92 42.37 -43.01
N ILE C 389 -19.74 42.27 -41.69
CA ILE C 389 -20.86 42.01 -40.81
C ILE C 389 -21.66 43.30 -40.60
N ASN C 390 -22.99 43.16 -40.47
CA ASN C 390 -23.86 44.31 -40.28
C ASN C 390 -24.82 44.17 -39.11
N ALA C 391 -24.77 43.03 -38.43
CA ALA C 391 -25.71 42.77 -37.35
C ALA C 391 -25.10 41.97 -36.22
N VAL C 392 -25.53 42.27 -35.00
CA VAL C 392 -25.06 41.57 -33.82
C VAL C 392 -26.24 41.17 -32.94
N ARG C 393 -26.21 39.93 -32.44
CA ARG C 393 -27.16 39.49 -31.42
C ARG C 393 -26.47 39.33 -30.07
N ASN C 394 -27.01 40.00 -29.05
CA ASN C 394 -26.43 39.98 -27.73
C ASN C 394 -26.74 38.68 -27.03
N SER C 395 -26.12 37.61 -27.49
CA SER C 395 -26.34 36.30 -26.91
C SER C 395 -25.67 36.17 -25.54
N HIS C 396 -26.41 35.84 -24.48
CA HIS C 396 -27.87 35.88 -24.42
C HIS C 396 -28.21 36.71 -23.19
N TYR C 397 -27.93 38.01 -23.27
CA TYR C 397 -28.04 38.93 -22.14
C TYR C 397 -27.57 40.31 -22.64
N PRO C 398 -27.97 41.39 -21.94
CA PRO C 398 -27.43 42.69 -22.31
C PRO C 398 -25.96 42.82 -21.96
N ASN C 399 -25.22 43.58 -22.76
CA ASN C 399 -23.82 43.85 -22.49
C ASN C 399 -23.64 45.07 -21.56
N HIS C 400 -22.40 45.48 -21.34
CA HIS C 400 -22.11 46.72 -20.61
C HIS C 400 -22.83 47.89 -21.32
N PRO C 401 -23.54 48.74 -20.55
CA PRO C 401 -24.38 49.80 -21.14
C PRO C 401 -23.65 50.70 -22.14
N LYS C 402 -22.35 50.91 -21.94
CA LYS C 402 -21.55 51.76 -22.81
C LYS C 402 -21.31 51.18 -24.22
N VAL C 403 -21.64 49.90 -24.42
CA VAL C 403 -21.39 49.24 -25.69
C VAL C 403 -22.35 49.72 -26.75
N TYR C 404 -23.57 50.06 -26.33
CA TYR C 404 -24.64 50.35 -27.27
C TYR C 404 -24.46 51.62 -28.09
N ASP C 405 -23.72 52.58 -27.56
CA ASP C 405 -23.29 53.74 -28.34
C ASP C 405 -22.35 53.34 -29.48
N LEU C 406 -21.56 52.29 -29.26
CA LEU C 406 -20.66 51.78 -30.28
C LEU C 406 -21.46 51.24 -31.45
N PHE C 407 -22.52 50.50 -31.14
CA PHE C 407 -23.43 50.02 -32.16
C PHE C 407 -24.05 51.19 -32.96
N ASP C 408 -24.52 52.20 -32.24
CA ASP C 408 -25.11 53.40 -32.83
C ASP C 408 -24.16 54.07 -33.81
N LYS C 409 -22.89 54.19 -33.40
CA LYS C 409 -21.91 54.97 -34.16
C LYS C 409 -21.28 54.19 -35.33
N LEU C 410 -21.06 52.91 -35.12
CA LEU C 410 -20.44 52.08 -36.14
C LEU C 410 -21.46 51.52 -37.13
N GLY C 411 -22.71 51.40 -36.69
CA GLY C 411 -23.76 50.86 -37.54
C GLY C 411 -23.87 49.33 -37.52
N PHE C 412 -24.63 48.82 -36.55
CA PHE C 412 -25.06 47.41 -36.52
C PHE C 412 -26.55 47.30 -36.28
N TRP C 413 -27.21 46.35 -36.95
CA TRP C 413 -28.57 45.98 -36.56
C TRP C 413 -28.43 45.11 -35.33
N VAL C 414 -29.08 45.49 -34.24
CA VAL C 414 -28.84 44.82 -32.96
C VAL C 414 -30.07 44.13 -32.40
N ILE C 415 -29.92 42.86 -32.02
CA ILE C 415 -30.92 42.19 -31.21
C ILE C 415 -30.43 42.18 -29.75
N ASP C 416 -31.05 43.02 -28.93
CA ASP C 416 -30.73 43.10 -27.52
C ASP C 416 -31.60 42.10 -26.77
N GLU C 417 -30.97 41.21 -26.01
CA GLU C 417 -31.64 40.02 -25.50
C GLU C 417 -31.71 40.01 -23.99
N ALA C 418 -32.85 39.58 -23.45
CA ALA C 418 -33.04 39.44 -22.00
C ALA C 418 -32.10 38.40 -21.42
N ASP C 419 -31.64 38.63 -20.20
CA ASP C 419 -30.79 37.69 -19.50
C ASP C 419 -31.68 36.58 -18.93
N LEU C 420 -31.97 35.57 -19.76
CA LEU C 420 -32.87 34.50 -19.35
C LEU C 420 -32.72 33.22 -20.21
N GLU C 421 -32.04 32.21 -19.67
CA GLU C 421 -31.97 30.89 -20.29
C GLU C 421 -32.30 29.82 -19.27
N THR C 422 -33.09 28.86 -19.70
CA THR C 422 -33.69 27.89 -18.79
C THR C 422 -33.34 26.47 -19.19
N HIS C 423 -32.41 26.37 -20.15
CA HIS C 423 -32.05 25.15 -20.86
C HIS C 423 -31.91 23.89 -20.00
N GLY C 424 -31.31 24.04 -18.81
CA GLY C 424 -30.95 22.92 -17.95
C GLY C 424 -32.07 21.99 -17.54
N VAL C 425 -33.29 22.50 -17.55
CA VAL C 425 -34.48 21.70 -17.22
C VAL C 425 -34.66 20.51 -18.18
N GLN C 426 -34.05 20.61 -19.36
CA GLN C 426 -34.18 19.61 -20.39
C GLN C 426 -33.26 18.43 -20.20
N GLU C 427 -32.14 18.64 -19.52
CA GLU C 427 -31.07 17.62 -19.51
C GLU C 427 -31.48 16.24 -18.97
N PRO C 428 -32.14 16.18 -17.79
CA PRO C 428 -32.57 14.87 -17.31
C PRO C 428 -33.54 14.18 -18.28
N PHE C 429 -34.39 14.96 -18.91
CA PHE C 429 -35.34 14.45 -19.90
C PHE C 429 -34.59 13.87 -21.10
N ASN C 430 -33.62 14.63 -21.61
CA ASN C 430 -32.77 14.21 -22.70
C ASN C 430 -32.10 12.87 -22.39
N ARG C 431 -31.65 12.72 -21.15
CA ARG C 431 -30.96 11.51 -20.75
C ARG C 431 -31.94 10.37 -20.47
N HIS C 432 -33.04 10.67 -19.78
CA HIS C 432 -34.04 9.65 -19.44
C HIS C 432 -34.66 9.00 -20.68
N THR C 433 -34.92 9.81 -21.71
CA THR C 433 -35.57 9.34 -22.95
C THR C 433 -34.58 9.01 -24.08
N ASN C 434 -33.28 9.05 -23.76
CA ASN C 434 -32.18 8.80 -24.71
C ASN C 434 -32.27 9.63 -26.00
N LEU C 435 -32.72 10.88 -25.86
CA LEU C 435 -32.87 11.80 -27.00
C LEU C 435 -31.54 12.08 -27.70
N GLU C 436 -31.50 11.80 -29.01
CA GLU C 436 -30.29 11.99 -29.83
C GLU C 436 -30.22 13.35 -30.52
N ALA C 437 -31.31 13.73 -31.19
CA ALA C 437 -31.33 14.93 -32.01
C ALA C 437 -32.57 15.82 -31.76
N GLU C 438 -32.36 17.13 -31.89
CA GLU C 438 -33.45 18.11 -31.91
C GLU C 438 -33.49 18.77 -33.28
N TYR C 439 -34.70 19.03 -33.80
CA TYR C 439 -34.90 19.71 -35.08
C TYR C 439 -35.84 20.93 -34.94
N PRO C 440 -35.54 22.05 -35.65
CA PRO C 440 -36.18 23.35 -35.44
C PRO C 440 -37.71 23.39 -35.60
N ASP C 441 -38.26 22.49 -36.41
CA ASP C 441 -39.72 22.46 -36.68
C ASP C 441 -40.50 21.57 -35.71
N THR C 442 -39.76 20.80 -34.91
CA THR C 442 -40.32 19.69 -34.15
C THR C 442 -39.97 19.70 -32.65
N LYS C 443 -38.84 20.33 -32.32
CA LYS C 443 -38.20 20.26 -31.00
C LYS C 443 -38.95 20.95 -29.84
N ASN C 444 -39.81 21.91 -30.16
CA ASN C 444 -40.55 22.67 -29.13
C ASN C 444 -41.49 21.80 -28.26
N LYS C 445 -41.87 20.64 -28.79
CA LYS C 445 -42.67 19.64 -28.07
C LYS C 445 -41.87 19.00 -26.94
N LEU C 446 -40.56 18.93 -27.11
CA LEU C 446 -39.66 18.40 -26.09
C LEU C 446 -39.50 19.43 -24.95
N TYR C 447 -39.55 20.72 -25.30
CA TYR C 447 -39.44 21.79 -24.29
C TYR C 447 -40.78 22.00 -23.56
N ASP C 448 -41.88 21.77 -24.29
CA ASP C 448 -43.25 21.88 -23.74
C ASP C 448 -43.45 21.06 -22.46
N VAL C 449 -42.89 19.85 -22.45
CA VAL C 449 -43.05 18.91 -21.34
C VAL C 449 -42.40 19.39 -20.02
N ASN C 450 -41.37 20.23 -20.13
CA ASN C 450 -40.70 20.75 -18.93
C ASN C 450 -40.92 22.23 -18.63
N ALA C 451 -41.79 22.87 -19.40
CA ALA C 451 -42.01 24.30 -19.27
C ALA C 451 -42.58 24.69 -17.90
N HIS C 452 -43.34 23.76 -17.30
CA HIS C 452 -44.03 24.02 -16.02
C HIS C 452 -43.12 24.35 -14.84
N TYR C 453 -41.86 23.91 -14.94
CA TYR C 453 -40.89 24.15 -13.88
C TYR C 453 -40.54 25.62 -13.72
N LEU C 454 -40.46 26.36 -14.83
CA LEU C 454 -39.99 27.75 -14.79
C LEU C 454 -40.78 28.72 -15.66
N SER C 455 -40.74 28.50 -16.98
CA SER C 455 -41.36 29.42 -17.94
C SER C 455 -42.88 29.41 -17.91
N ASP C 456 -43.45 28.32 -17.43
CA ASP C 456 -44.88 28.27 -17.22
C ASP C 456 -45.25 28.33 -15.73
N ASN C 457 -44.25 28.66 -14.90
CA ASN C 457 -44.40 28.66 -13.46
C ASN C 457 -44.73 30.06 -12.97
N PRO C 458 -45.93 30.23 -12.38
CA PRO C 458 -46.40 31.54 -11.92
C PRO C 458 -45.52 32.19 -10.86
N GLU C 459 -44.75 31.38 -10.12
CA GLU C 459 -43.82 31.89 -9.10
C GLU C 459 -42.67 32.70 -9.72
N TYR C 460 -42.42 32.45 -11.00
CA TYR C 460 -41.32 33.09 -11.69
C TYR C 460 -41.73 34.29 -12.55
N GLU C 461 -43.03 34.59 -12.60
CA GLU C 461 -43.51 35.67 -13.44
C GLU C 461 -42.81 36.98 -13.14
N VAL C 462 -42.78 37.36 -11.87
CA VAL C 462 -42.13 38.61 -11.46
C VAL C 462 -40.67 38.69 -11.96
N ALA C 463 -39.95 37.58 -11.85
CA ALA C 463 -38.56 37.52 -12.33
C ALA C 463 -38.45 37.69 -13.84
N TYR C 464 -39.30 36.97 -14.60
CA TYR C 464 -39.32 37.04 -16.06
C TYR C 464 -39.66 38.43 -16.56
N LEU C 465 -40.62 39.07 -15.89
CA LEU C 465 -41.04 40.43 -16.21
C LEU C 465 -39.94 41.44 -15.92
N ASP C 466 -39.26 41.21 -14.80
CA ASP C 466 -38.11 42.02 -14.42
C ASP C 466 -36.97 41.98 -15.46
N ARG C 467 -36.67 40.78 -15.97
CA ARG C 467 -35.65 40.64 -17.01
C ARG C 467 -36.04 41.40 -18.27
N ALA C 468 -37.34 41.41 -18.57
CA ALA C 468 -37.89 42.17 -19.69
C ALA C 468 -37.86 43.68 -19.46
N SER C 469 -38.32 44.09 -18.29
CA SER C 469 -38.40 45.50 -17.93
C SER C 469 -37.00 46.11 -17.93
N GLN C 470 -36.07 45.36 -17.34
CA GLN C 470 -34.72 45.82 -17.19
C GLN C 470 -34.01 45.91 -18.55
N LEU C 471 -34.23 44.92 -19.40
CA LEU C 471 -33.66 44.90 -20.74
C LEU C 471 -34.05 46.12 -21.56
N VAL C 472 -35.34 46.40 -21.62
CA VAL C 472 -35.86 47.46 -22.48
C VAL C 472 -35.57 48.86 -21.95
N LEU C 473 -35.85 49.09 -20.67
CA LEU C 473 -35.80 50.44 -20.12
C LEU C 473 -34.40 51.05 -20.07
N ARG C 474 -33.37 50.21 -19.92
CA ARG C 474 -31.99 50.69 -19.91
C ARG C 474 -31.49 51.10 -21.30
N ASP C 475 -31.89 50.36 -22.32
CA ASP C 475 -31.33 50.55 -23.66
C ASP C 475 -32.29 51.12 -24.74
N VAL C 476 -33.44 51.64 -24.31
CA VAL C 476 -34.54 52.03 -25.21
C VAL C 476 -34.24 53.17 -26.22
N ASN C 477 -33.18 53.94 -26.00
CA ASN C 477 -32.88 55.09 -26.85
C ASN C 477 -31.75 54.86 -27.86
N HIS C 478 -31.42 53.61 -28.13
CA HIS C 478 -30.36 53.30 -29.08
C HIS C 478 -30.94 52.86 -30.41
N PRO C 479 -30.79 53.70 -31.45
CA PRO C 479 -31.34 53.42 -32.79
C PRO C 479 -30.86 52.12 -33.38
N SER C 480 -29.70 51.63 -32.96
CA SER C 480 -29.15 50.39 -33.50
C SER C 480 -29.94 49.14 -33.05
N ILE C 481 -30.59 49.23 -31.90
CA ILE C 481 -31.43 48.14 -31.42
C ILE C 481 -32.76 48.18 -32.16
N ILE C 482 -33.07 47.14 -32.91
CA ILE C 482 -34.31 47.13 -33.67
C ILE C 482 -35.24 46.00 -33.20
N ILE C 483 -34.69 45.06 -32.43
CA ILE C 483 -35.43 43.91 -31.94
C ILE C 483 -35.08 43.61 -30.46
N TRP C 484 -36.12 43.47 -29.64
CA TRP C 484 -35.95 42.95 -28.28
C TRP C 484 -36.17 41.45 -28.32
N SER C 485 -35.36 40.72 -27.56
CA SER C 485 -35.50 39.26 -27.51
C SER C 485 -35.68 38.79 -26.07
N LEU C 486 -36.62 37.86 -25.90
CA LEU C 486 -37.09 37.43 -24.59
C LEU C 486 -36.15 36.45 -23.89
N GLY C 487 -34.99 36.22 -24.51
CA GLY C 487 -34.04 35.29 -23.93
C GLY C 487 -33.74 34.19 -24.93
N ASN C 488 -33.23 33.09 -24.40
CA ASN C 488 -32.81 31.95 -25.23
C ASN C 488 -33.14 30.66 -24.52
N GLU C 489 -33.61 29.67 -25.30
CA GLU C 489 -33.83 28.29 -24.83
C GLU C 489 -34.41 28.18 -23.42
N ALA C 490 -35.55 28.84 -23.22
CA ALA C 490 -36.26 28.81 -21.94
C ALA C 490 -37.63 28.15 -22.11
N CYS C 491 -37.74 27.22 -23.05
CA CYS C 491 -39.03 26.60 -23.40
C CYS C 491 -40.05 27.65 -23.83
N TYR C 492 -41.34 27.38 -23.63
CA TYR C 492 -42.38 28.38 -23.88
C TYR C 492 -43.50 28.26 -22.87
N GLY C 493 -43.93 29.39 -22.31
CA GLY C 493 -44.98 29.40 -21.29
C GLY C 493 -45.63 30.75 -21.07
N ARG C 494 -46.54 30.80 -20.10
CA ARG C 494 -47.32 31.99 -19.79
C ARG C 494 -46.45 33.20 -19.51
N ASN C 495 -45.33 32.98 -18.83
CA ASN C 495 -44.38 34.04 -18.50
C ASN C 495 -43.82 34.75 -19.74
N HIS C 496 -43.64 34.01 -20.83
CA HIS C 496 -43.16 34.60 -22.08
C HIS C 496 -44.22 35.52 -22.66
N LYS C 497 -45.48 35.13 -22.56
CA LYS C 497 -46.57 35.98 -23.05
C LYS C 497 -46.61 37.25 -22.22
N ALA C 498 -46.41 37.13 -20.92
CA ALA C 498 -46.40 38.26 -20.03
C ALA C 498 -45.29 39.24 -20.40
N MET C 499 -44.09 38.70 -20.68
CA MET C 499 -42.94 39.47 -21.15
C MET C 499 -43.26 40.23 -22.43
N TYR C 500 -43.85 39.53 -23.39
CA TYR C 500 -44.26 40.14 -24.65
C TYR C 500 -45.21 41.33 -24.46
N LYS C 501 -46.25 41.16 -23.64
CA LYS C 501 -47.21 42.23 -23.37
C LYS C 501 -46.52 43.44 -22.77
N LEU C 502 -45.65 43.19 -21.80
CA LEU C 502 -44.99 44.27 -21.11
C LEU C 502 -44.08 45.06 -22.06
N ILE C 503 -43.37 44.36 -22.92
CA ILE C 503 -42.43 45.02 -23.82
C ILE C 503 -43.15 45.92 -24.83
N LYS C 504 -44.21 45.41 -25.44
CA LYS C 504 -45.01 46.21 -26.38
C LYS C 504 -45.60 47.45 -25.71
N GLN C 505 -45.91 47.31 -24.43
CA GLN C 505 -46.43 48.37 -23.60
C GLN C 505 -45.35 49.41 -23.33
N LEU C 506 -44.15 48.95 -22.94
CA LEU C 506 -43.04 49.86 -22.65
C LEU C 506 -42.44 50.50 -23.90
N ASP C 507 -42.22 49.72 -24.94
CA ASP C 507 -41.61 50.21 -26.17
C ASP C 507 -42.35 49.69 -27.39
N PRO C 508 -43.38 50.43 -27.85
CA PRO C 508 -44.15 50.00 -29.03
C PRO C 508 -43.33 50.10 -30.31
N THR C 509 -42.18 50.77 -30.27
CA THR C 509 -41.44 51.10 -31.50
C THR C 509 -40.64 49.94 -32.13
N ARG C 510 -40.40 48.87 -31.37
CA ARG C 510 -39.55 47.79 -31.84
C ARG C 510 -40.28 46.46 -31.90
N LEU C 511 -39.67 45.48 -32.56
CA LEU C 511 -40.22 44.14 -32.67
C LEU C 511 -39.66 43.18 -31.60
N VAL C 512 -40.41 42.12 -31.31
CA VAL C 512 -40.02 41.15 -30.29
C VAL C 512 -39.67 39.80 -30.90
N HIS C 513 -38.53 39.25 -30.50
CA HIS C 513 -38.07 37.94 -30.96
C HIS C 513 -38.05 36.93 -29.81
N TYR C 514 -38.47 35.69 -30.09
CA TYR C 514 -38.21 34.60 -29.18
C TYR C 514 -38.30 33.23 -29.84
N GLU C 515 -37.12 32.63 -30.04
CA GLU C 515 -36.96 31.40 -30.80
C GLU C 515 -37.73 30.20 -30.19
N GLY C 516 -37.83 30.18 -28.87
CA GLY C 516 -38.53 29.10 -28.15
C GLY C 516 -40.02 29.08 -28.43
N ASP C 517 -40.53 30.22 -28.91
CA ASP C 517 -41.93 30.40 -29.31
C ASP C 517 -42.01 30.09 -30.79
N LEU C 518 -42.14 28.81 -31.11
CA LEU C 518 -42.08 28.34 -32.49
C LEU C 518 -43.09 29.03 -33.39
N ASN C 519 -44.33 29.13 -32.92
CA ASN C 519 -45.41 29.70 -33.73
C ASN C 519 -45.63 31.19 -33.56
N ALA C 520 -44.68 31.84 -32.89
CA ALA C 520 -44.71 33.28 -32.64
C ALA C 520 -46.07 33.77 -32.16
N LEU C 521 -46.64 33.06 -31.17
CA LEU C 521 -47.88 33.47 -30.52
C LEU C 521 -47.67 34.74 -29.71
N SER C 522 -46.50 34.87 -29.09
CA SER C 522 -46.12 36.13 -28.47
C SER C 522 -44.73 36.57 -28.94
N ALA C 523 -44.56 36.58 -30.26
CA ALA C 523 -43.40 37.19 -30.94
C ALA C 523 -43.81 37.73 -32.32
N ASP C 524 -43.02 38.65 -32.87
CA ASP C 524 -43.36 39.28 -34.14
C ASP C 524 -42.66 38.64 -35.34
N ILE C 525 -41.73 37.73 -35.07
CA ILE C 525 -40.80 37.19 -36.07
C ILE C 525 -40.75 35.68 -35.89
N PHE C 526 -40.57 34.94 -36.98
CA PHE C 526 -40.18 33.53 -36.88
C PHE C 526 -38.66 33.42 -36.79
N SER C 527 -38.18 32.42 -36.05
CA SER C 527 -36.76 32.24 -35.80
C SER C 527 -36.41 30.76 -35.72
N PHE C 528 -35.43 30.34 -36.53
CA PHE C 528 -34.89 28.99 -36.42
C PHE C 528 -33.43 29.01 -36.02
N MET C 529 -32.97 27.92 -35.41
CA MET C 529 -31.53 27.70 -35.25
C MET C 529 -31.06 26.39 -35.89
N TYR C 530 -30.05 26.51 -36.75
CA TYR C 530 -29.38 25.40 -37.43
C TYR C 530 -30.28 24.52 -38.32
N PRO C 531 -31.23 25.14 -39.04
CA PRO C 531 -32.18 24.29 -39.78
C PRO C 531 -31.59 23.79 -41.07
N THR C 532 -32.07 22.66 -41.58
CA THR C 532 -31.70 22.28 -42.94
C THR C 532 -32.48 23.14 -43.92
N PHE C 533 -32.07 23.11 -45.18
CA PHE C 533 -32.79 23.82 -46.23
C PHE C 533 -34.20 23.28 -46.38
N GLU C 534 -34.35 21.96 -46.39
CA GLU C 534 -35.66 21.32 -46.43
C GLU C 534 -36.59 21.86 -45.36
N ILE C 535 -36.05 22.04 -44.14
CA ILE C 535 -36.84 22.51 -43.00
C ILE C 535 -37.19 24.00 -43.14
N MET C 536 -36.26 24.80 -43.65
CA MET C 536 -36.52 26.20 -43.94
C MET C 536 -37.62 26.30 -44.99
N GLU C 537 -37.53 25.45 -45.98
CA GLU C 537 -38.39 25.50 -47.15
C GLU C 537 -39.84 25.07 -46.84
N ARG C 538 -40.01 24.00 -46.06
CA ARG C 538 -41.32 23.61 -45.59
C ARG C 538 -41.98 24.73 -44.81
N TRP C 539 -41.23 25.34 -43.90
CA TRP C 539 -41.77 26.40 -43.05
C TRP C 539 -42.27 27.55 -43.92
N ARG C 540 -41.45 27.96 -44.89
CA ARG C 540 -41.82 29.02 -45.82
C ARG C 540 -43.18 28.72 -46.46
N LYS C 541 -43.30 27.55 -47.06
CA LYS C 541 -44.51 27.16 -47.77
C LYS C 541 -45.75 27.06 -46.89
N ASN C 542 -45.58 26.60 -45.65
CA ASN C 542 -46.70 26.52 -44.72
C ASN C 542 -47.12 27.88 -44.16
N HIS C 543 -46.32 28.91 -44.43
CA HIS C 543 -46.61 30.24 -43.90
C HIS C 543 -46.73 31.29 -45.01
N THR C 544 -46.64 30.82 -46.25
CA THR C 544 -46.97 31.63 -47.44
C THR C 544 -48.31 31.17 -47.98
N ASP C 545 -49.30 32.06 -47.98
CA ASP C 545 -50.63 31.71 -48.47
C ASP C 545 -50.69 31.63 -50.02
N GLU C 546 -51.89 31.38 -50.53
CA GLU C 546 -52.15 31.24 -51.97
C GLU C 546 -51.75 32.50 -52.77
N ASN C 547 -51.91 33.68 -52.15
CA ASN C 547 -51.58 34.97 -52.77
C ASN C 547 -50.07 35.17 -52.95
N GLY C 548 -49.28 34.42 -52.19
CA GLY C 548 -47.85 34.70 -52.09
C GLY C 548 -47.52 35.58 -50.88
N LYS C 549 -48.53 35.93 -50.09
CA LYS C 549 -48.35 36.76 -48.91
C LYS C 549 -47.90 35.91 -47.73
N PHE C 550 -47.01 36.46 -46.90
CA PHE C 550 -46.74 35.91 -45.57
C PHE C 550 -46.98 36.98 -44.51
N GLU C 551 -47.25 36.54 -43.28
CA GLU C 551 -47.63 37.43 -42.21
C GLU C 551 -46.42 37.84 -41.35
N LYS C 552 -45.45 36.93 -41.25
CA LYS C 552 -44.21 37.12 -40.48
C LYS C 552 -43.03 36.48 -41.26
N PRO C 553 -41.82 37.05 -41.12
CA PRO C 553 -40.64 36.50 -41.83
C PRO C 553 -39.84 35.51 -40.97
N LEU C 554 -38.89 34.82 -41.60
CA LEU C 554 -38.00 33.93 -40.88
C LEU C 554 -36.55 34.44 -40.85
N ILE C 555 -35.96 34.47 -39.66
CA ILE C 555 -34.53 34.72 -39.52
C ILE C 555 -33.92 33.47 -38.93
N LEU C 556 -32.61 33.32 -39.11
CA LEU C 556 -31.89 32.30 -38.39
C LEU C 556 -31.10 32.99 -37.31
N CYS C 557 -31.61 32.96 -36.08
CA CYS C 557 -30.95 33.60 -34.96
C CYS C 557 -29.59 32.93 -34.68
N GLU C 558 -29.49 31.65 -35.02
CA GLU C 558 -28.23 30.93 -34.98
C GLU C 558 -28.14 29.97 -36.15
N TYR C 559 -27.04 30.01 -36.88
CA TYR C 559 -26.79 29.05 -37.96
C TYR C 559 -25.29 28.96 -38.25
N GLY C 560 -24.89 27.96 -39.03
CA GLY C 560 -23.50 27.81 -39.43
C GLY C 560 -22.55 27.78 -38.25
N HIS C 561 -22.85 26.93 -37.28
CA HIS C 561 -22.03 26.69 -36.10
C HIS C 561 -20.55 26.67 -36.46
N ALA C 562 -19.81 27.66 -35.97
CA ALA C 562 -18.43 27.94 -36.42
C ALA C 562 -17.33 27.21 -35.59
N MET C 563 -17.68 26.08 -34.99
CA MET C 563 -16.73 25.32 -34.19
C MET C 563 -15.64 24.69 -35.05
N GLY C 564 -14.39 25.04 -34.75
CA GLY C 564 -13.22 24.46 -35.41
C GLY C 564 -13.17 24.69 -36.91
N ASN C 565 -12.67 23.70 -37.63
CA ASN C 565 -12.61 23.73 -39.08
C ASN C 565 -14.01 23.75 -39.67
N GLY C 566 -14.41 24.93 -40.15
CA GLY C 566 -15.78 25.16 -40.60
C GLY C 566 -16.17 26.61 -40.37
N PRO C 567 -17.46 26.94 -40.59
CA PRO C 567 -18.51 26.03 -41.03
C PRO C 567 -18.54 25.83 -42.54
N GLY C 568 -19.00 24.66 -42.96
CA GLY C 568 -19.22 24.35 -44.37
C GLY C 568 -20.58 24.80 -44.87
N SER C 569 -20.67 25.09 -46.16
CA SER C 569 -21.93 25.37 -46.86
C SER C 569 -22.66 26.68 -46.48
N LEU C 570 -21.89 27.68 -46.05
CA LEU C 570 -22.43 29.03 -45.85
C LEU C 570 -22.98 29.55 -47.18
N LYS C 571 -22.36 29.10 -48.27
CA LYS C 571 -22.76 29.41 -49.63
C LYS C 571 -24.22 29.07 -49.89
N GLU C 572 -24.60 27.84 -49.58
CA GLU C 572 -25.94 27.36 -49.85
C GLU C 572 -27.01 28.05 -48.99
N TYR C 573 -26.66 28.41 -47.76
CA TYR C 573 -27.52 29.24 -46.91
C TYR C 573 -27.78 30.61 -47.53
N GLN C 574 -26.72 31.20 -48.09
CA GLN C 574 -26.78 32.55 -48.61
C GLN C 574 -27.62 32.62 -49.88
N GLU C 575 -27.49 31.61 -50.73
CA GLU C 575 -28.30 31.48 -51.93
C GLU C 575 -29.78 31.53 -51.57
N LEU C 576 -30.14 30.78 -50.53
CA LEU C 576 -31.50 30.78 -50.02
C LEU C 576 -31.91 32.18 -49.51
N PHE C 577 -31.02 32.88 -48.81
CA PHE C 577 -31.34 34.21 -48.27
C PHE C 577 -31.71 35.22 -49.38
N TYR C 578 -30.92 35.25 -50.44
CA TYR C 578 -31.12 36.19 -51.54
C TYR C 578 -32.33 35.82 -52.40
N LYS C 579 -32.64 34.52 -52.45
CA LYS C 579 -33.68 34.02 -53.33
C LYS C 579 -35.10 34.38 -52.85
N GLU C 580 -35.35 34.21 -51.56
CA GLU C 580 -36.70 34.42 -51.01
C GLU C 580 -36.82 35.68 -50.14
N LYS C 581 -37.89 36.43 -50.38
CA LYS C 581 -38.20 37.60 -49.57
C LYS C 581 -38.54 37.20 -48.12
N PHE C 582 -39.05 35.97 -47.96
CA PHE C 582 -39.43 35.43 -46.65
C PHE C 582 -38.24 35.27 -45.70
N TYR C 583 -37.07 34.95 -46.24
CA TYR C 583 -35.84 34.83 -45.45
C TYR C 583 -35.13 36.15 -45.40
N GLN C 584 -34.79 36.60 -44.19
CA GLN C 584 -34.08 37.85 -44.01
C GLN C 584 -32.69 37.66 -43.38
N GLY C 585 -32.09 36.50 -43.67
CA GLY C 585 -30.72 36.23 -43.25
C GLY C 585 -30.62 35.61 -41.88
N GLY C 586 -29.50 35.82 -41.22
CA GLY C 586 -29.27 35.20 -39.93
C GLY C 586 -28.01 35.63 -39.22
N PHE C 587 -27.73 34.97 -38.10
CA PHE C 587 -26.58 35.27 -37.26
C PHE C 587 -25.79 33.99 -37.02
N ILE C 588 -24.50 34.02 -37.36
CA ILE C 588 -23.62 32.88 -37.08
C ILE C 588 -23.43 32.72 -35.58
N TRP C 589 -23.48 31.47 -35.14
CA TRP C 589 -22.98 31.11 -33.83
C TRP C 589 -21.54 30.60 -34.03
N GLU C 590 -20.53 31.30 -33.53
CA GLU C 590 -20.58 32.37 -32.57
C GLU C 590 -19.46 33.33 -33.00
N TRP C 591 -19.29 34.47 -32.32
CA TRP C 591 -18.21 35.40 -32.70
C TRP C 591 -16.81 34.88 -32.36
N ALA C 592 -16.64 34.30 -31.17
CA ALA C 592 -15.31 33.90 -30.73
C ALA C 592 -15.31 32.77 -29.74
N ASN C 593 -14.32 31.87 -29.84
CA ASN C 593 -14.03 30.84 -28.85
C ASN C 593 -13.96 31.43 -27.46
N HIS C 594 -14.49 30.73 -26.45
CA HIS C 594 -14.47 31.25 -25.08
C HIS C 594 -13.25 30.79 -24.29
N GLY C 595 -12.14 30.50 -24.97
CA GLY C 595 -10.97 29.94 -24.29
C GLY C 595 -10.46 30.84 -23.17
N ILE C 596 -10.06 30.24 -22.06
CA ILE C 596 -9.39 30.98 -20.99
C ILE C 596 -7.91 30.61 -20.98
N GLU C 597 -7.04 31.62 -20.94
CA GLU C 597 -5.60 31.39 -20.91
C GLU C 597 -5.20 30.67 -19.61
N PHE C 598 -4.36 29.67 -19.74
CA PHE C 598 -3.84 28.91 -18.61
C PHE C 598 -2.54 28.21 -18.98
N GLU C 599 -1.98 27.47 -18.04
CA GLU C 599 -0.75 26.73 -18.29
C GLU C 599 -0.99 25.23 -18.34
N ASP C 600 -0.68 24.65 -19.49
CA ASP C 600 -0.97 23.27 -19.80
C ASP C 600 0.37 22.54 -19.82
N VAL C 601 0.43 21.33 -19.27
CA VAL C 601 1.61 20.51 -19.55
C VAL C 601 1.45 19.88 -20.92
N SER C 602 2.47 20.03 -21.75
CA SER C 602 2.43 19.52 -23.11
C SER C 602 2.63 18.01 -23.20
N THR C 603 1.83 17.40 -24.06
CA THR C 603 1.89 15.98 -24.33
C THR C 603 3.11 15.67 -25.18
N ALA C 604 3.63 16.69 -25.84
CA ALA C 604 4.71 16.51 -26.81
C ALA C 604 6.07 16.76 -26.17
N ASP C 605 6.06 17.40 -25.03
CA ASP C 605 7.18 18.15 -24.55
C ASP C 605 7.52 17.83 -23.11
N GLY C 606 6.50 17.51 -22.33
CA GLY C 606 6.64 17.35 -20.88
C GLY C 606 6.86 18.69 -20.18
N LYS C 607 6.64 19.79 -20.90
CA LYS C 607 6.88 21.12 -20.35
C LYS C 607 5.60 21.97 -20.26
N LEU C 608 5.73 23.12 -19.62
CA LEU C 608 4.58 24.01 -19.37
C LEU C 608 4.46 25.07 -20.46
N HIS C 609 3.26 25.18 -21.05
CA HIS C 609 3.02 26.14 -22.13
C HIS C 609 1.74 26.93 -21.90
N LYS C 610 1.68 28.12 -22.47
CA LYS C 610 0.46 28.91 -22.56
C LYS C 610 -0.52 28.19 -23.48
N ALA C 611 -1.76 28.04 -23.03
CA ALA C 611 -2.81 27.42 -23.85
C ALA C 611 -4.17 28.02 -23.51
N TYR C 612 -5.20 27.65 -24.29
CA TYR C 612 -6.54 28.17 -24.05
C TYR C 612 -7.49 27.09 -23.59
N ALA C 613 -8.00 27.26 -22.37
CA ALA C 613 -8.78 26.25 -21.68
C ALA C 613 -10.23 26.18 -22.14
N TYR C 614 -10.74 24.95 -22.20
CA TYR C 614 -12.15 24.68 -22.36
C TYR C 614 -12.55 23.70 -21.26
N GLY C 615 -13.76 23.15 -21.33
CA GLY C 615 -14.26 22.25 -20.30
C GLY C 615 -13.34 21.07 -20.09
N GLY C 616 -13.05 20.78 -18.81
CA GLY C 616 -12.20 19.66 -18.44
C GLY C 616 -10.85 20.11 -17.98
N ASP C 617 -10.39 21.25 -18.52
CA ASP C 617 -9.08 21.79 -18.19
C ASP C 617 -9.03 22.33 -16.77
N PHE C 618 -10.16 22.87 -16.29
CA PHE C 618 -10.25 23.29 -14.90
C PHE C 618 -10.88 22.23 -14.00
N LYS C 619 -10.85 20.98 -14.48
CA LYS C 619 -11.17 19.77 -13.69
C LYS C 619 -12.53 19.81 -13.00
N GLU C 620 -13.56 20.21 -13.77
CA GLU C 620 -14.94 20.32 -13.30
C GLU C 620 -15.52 18.94 -13.04
N GLU C 621 -16.39 18.82 -12.03
CA GLU C 621 -17.21 17.61 -11.82
C GLU C 621 -17.95 17.24 -13.09
N VAL C 622 -18.74 18.19 -13.62
CA VAL C 622 -19.42 18.05 -14.90
C VAL C 622 -19.05 19.22 -15.81
N HIS C 623 -18.81 18.92 -17.08
CA HIS C 623 -18.47 19.95 -18.04
C HIS C 623 -18.84 19.50 -19.44
N ASP C 624 -18.82 20.44 -20.38
CA ASP C 624 -19.19 20.12 -21.76
C ASP C 624 -18.05 20.27 -22.77
N GLY C 625 -16.82 20.17 -22.27
CA GLY C 625 -15.64 19.98 -23.10
C GLY C 625 -15.37 21.11 -24.07
N VAL C 626 -15.16 20.76 -25.33
CA VAL C 626 -14.73 21.71 -26.35
C VAL C 626 -15.85 22.61 -26.89
N PHE C 627 -17.08 22.42 -26.42
CA PHE C 627 -18.22 23.14 -26.99
C PHE C 627 -18.24 24.65 -26.78
N ILE C 628 -17.27 25.13 -25.99
CA ILE C 628 -17.09 26.54 -25.74
C ILE C 628 -16.23 27.16 -26.85
N MET C 629 -15.57 26.32 -27.63
CA MET C 629 -14.62 26.73 -28.67
C MET C 629 -15.28 26.71 -30.04
N ASP C 630 -16.30 27.55 -30.22
CA ASP C 630 -17.14 27.47 -31.40
C ASP C 630 -17.26 28.81 -32.14
N GLY C 631 -16.19 29.59 -32.16
CA GLY C 631 -16.26 30.93 -32.73
C GLY C 631 -15.71 31.05 -34.14
N LEU C 632 -16.12 32.13 -34.82
CA LEU C 632 -15.49 32.56 -36.07
C LEU C 632 -14.08 33.09 -35.79
N CYS C 633 -13.88 33.64 -34.59
CA CYS C 633 -12.57 34.04 -34.12
C CYS C 633 -12.10 33.10 -33.02
N ASN C 634 -10.78 33.03 -32.82
CA ASN C 634 -10.21 32.23 -31.74
C ASN C 634 -10.34 32.89 -30.36
N SER C 635 -9.82 32.22 -29.33
CA SER C 635 -9.97 32.68 -27.95
C SER C 635 -9.35 34.06 -27.74
N GLU C 636 -8.38 34.37 -28.59
CA GLU C 636 -7.66 35.62 -28.53
C GLU C 636 -8.37 36.65 -29.42
N HIS C 637 -9.54 36.27 -29.93
CA HIS C 637 -10.43 37.11 -30.76
C HIS C 637 -9.86 37.56 -32.10
N ASN C 638 -9.11 36.67 -32.74
CA ASN C 638 -8.55 36.90 -34.06
C ASN C 638 -9.20 35.99 -35.11
N PRO C 639 -9.25 36.44 -36.38
CA PRO C 639 -9.96 35.72 -37.44
C PRO C 639 -9.45 34.29 -37.68
N THR C 640 -10.37 33.34 -37.76
CA THR C 640 -10.08 32.01 -38.24
C THR C 640 -10.51 31.93 -39.71
N PRO C 641 -10.15 30.83 -40.40
CA PRO C 641 -10.64 30.66 -41.76
C PRO C 641 -12.16 30.72 -41.88
N GLY C 642 -12.86 30.47 -40.77
CA GLY C 642 -14.31 30.58 -40.71
C GLY C 642 -14.77 32.00 -41.00
N LEU C 643 -14.14 32.97 -40.35
CA LEU C 643 -14.47 34.37 -40.56
C LEU C 643 -14.09 34.85 -41.95
N VAL C 644 -12.95 34.38 -42.45
CA VAL C 644 -12.49 34.73 -43.80
C VAL C 644 -13.50 34.27 -44.84
N GLU C 645 -14.05 33.07 -44.64
CA GLU C 645 -15.05 32.53 -45.55
C GLU C 645 -16.37 33.30 -45.44
N TYR C 646 -16.77 33.62 -44.21
CA TYR C 646 -18.03 34.34 -43.97
C TYR C 646 -18.02 35.70 -44.68
N LYS C 647 -16.91 36.41 -44.62
CA LYS C 647 -16.79 37.72 -45.24
C LYS C 647 -17.10 37.66 -46.73
N LYS C 648 -16.62 36.60 -47.37
CA LYS C 648 -16.85 36.40 -48.79
C LYS C 648 -18.32 36.10 -49.08
N VAL C 649 -18.92 35.15 -48.37
CA VAL C 649 -20.27 34.73 -48.74
C VAL C 649 -21.30 35.86 -48.53
N ILE C 650 -21.02 36.73 -47.56
CA ILE C 650 -21.94 37.81 -47.24
C ILE C 650 -21.58 39.14 -47.89
N GLU C 651 -20.58 39.13 -48.78
CA GLU C 651 -20.12 40.36 -49.44
C GLU C 651 -21.29 41.12 -50.06
N PRO C 652 -21.37 42.42 -49.82
CA PRO C 652 -22.55 43.19 -50.21
C PRO C 652 -22.53 43.65 -51.67
N VAL C 653 -21.57 43.18 -52.46
CA VAL C 653 -21.55 43.43 -53.90
C VAL C 653 -21.15 42.14 -54.58
N HIS C 654 -21.89 41.76 -55.62
CA HIS C 654 -21.57 40.58 -56.41
C HIS C 654 -20.81 40.97 -57.67
N ILE C 655 -19.69 40.30 -57.92
CA ILE C 655 -18.92 40.53 -59.13
C ILE C 655 -18.73 39.21 -59.86
N LYS C 656 -19.34 39.12 -61.04
CA LYS C 656 -19.31 37.92 -61.88
C LYS C 656 -18.63 38.19 -63.20
N ILE C 657 -17.65 37.36 -63.54
CA ILE C 657 -16.91 37.52 -64.80
C ILE C 657 -17.07 36.31 -65.71
N ALA C 658 -17.75 36.53 -66.83
CA ALA C 658 -17.93 35.50 -67.86
C ALA C 658 -18.23 36.15 -69.21
N HIS C 659 -17.86 35.44 -70.29
CA HIS C 659 -18.20 35.82 -71.66
C HIS C 659 -17.75 37.26 -72.00
N GLY C 660 -16.51 37.56 -71.67
CA GLY C 660 -15.93 38.90 -71.94
C GLY C 660 -16.65 40.03 -71.23
N SER C 661 -17.30 39.72 -70.12
CA SER C 661 -18.13 40.69 -69.39
C SER C 661 -17.97 40.59 -67.88
N VAL C 662 -18.06 41.74 -67.22
CA VAL C 662 -18.13 41.82 -65.77
C VAL C 662 -19.50 42.31 -65.40
N THR C 663 -20.26 41.47 -64.71
CA THR C 663 -21.57 41.89 -64.18
C THR C 663 -21.46 42.19 -62.68
N ILE C 664 -21.84 43.40 -62.31
CA ILE C 664 -21.72 43.87 -60.94
C ILE C 664 -23.11 44.17 -60.42
N THR C 665 -23.52 43.49 -59.34
CA THR C 665 -24.82 43.74 -58.71
C THR C 665 -24.62 44.29 -57.30
N ASN C 666 -25.33 45.38 -56.99
CA ASN C 666 -25.27 45.97 -55.66
C ASN C 666 -26.21 45.20 -54.76
N LYS C 667 -25.65 44.60 -53.71
CA LYS C 667 -26.40 43.75 -52.80
C LYS C 667 -26.54 44.36 -51.40
N HIS C 668 -26.23 45.64 -51.26
CA HIS C 668 -26.54 46.39 -50.05
C HIS C 668 -28.06 46.59 -49.88
N ASP C 669 -28.45 47.07 -48.71
CA ASP C 669 -29.84 47.36 -48.44
C ASP C 669 -30.17 48.83 -48.70
N PHE C 670 -29.20 49.73 -48.48
CA PHE C 670 -29.48 51.16 -48.54
C PHE C 670 -28.49 51.98 -49.37
N ILE C 671 -27.21 51.72 -49.19
CA ILE C 671 -26.17 52.54 -49.80
C ILE C 671 -25.86 52.13 -51.24
N THR C 672 -25.35 53.08 -52.03
CA THR C 672 -24.97 52.85 -53.42
C THR C 672 -23.56 52.26 -53.47
N THR C 673 -22.98 52.17 -54.67
CA THR C 673 -21.62 51.62 -54.84
C THR C 673 -20.63 52.74 -55.04
N ASP C 674 -21.11 53.97 -54.88
CA ASP C 674 -20.34 55.17 -55.18
C ASP C 674 -19.05 55.33 -54.39
N HIS C 675 -19.04 54.87 -53.14
CA HIS C 675 -17.86 54.93 -52.26
C HIS C 675 -16.79 53.91 -52.63
N LEU C 676 -17.08 53.04 -53.59
CA LEU C 676 -16.18 51.95 -53.96
C LEU C 676 -15.42 52.21 -55.25
N LEU C 677 -14.16 51.80 -55.25
CA LEU C 677 -13.30 51.89 -56.41
C LEU C 677 -13.16 50.50 -56.96
N PHE C 678 -13.55 50.30 -58.21
CA PHE C 678 -13.44 48.98 -58.82
C PHE C 678 -12.16 48.89 -59.64
N ILE C 679 -11.29 47.95 -59.28
CA ILE C 679 -10.02 47.79 -59.98
C ILE C 679 -9.99 46.53 -60.84
N ASP C 680 -9.52 46.68 -62.08
CA ASP C 680 -9.21 45.53 -62.94
C ASP C 680 -7.83 45.07 -62.54
N LYS C 681 -7.77 43.94 -61.85
CA LYS C 681 -6.52 43.48 -61.26
C LYS C 681 -5.49 42.98 -62.26
N ASP C 682 -5.94 42.66 -63.48
CA ASP C 682 -5.04 42.23 -64.55
C ASP C 682 -4.23 43.38 -65.11
N THR C 683 -4.74 44.61 -65.00
CA THR C 683 -4.05 45.80 -65.53
C THR C 683 -3.68 46.79 -64.42
N GLY C 684 -4.38 46.71 -63.29
CA GLY C 684 -4.18 47.66 -62.20
C GLY C 684 -4.96 48.95 -62.42
N LYS C 685 -5.60 49.10 -63.58
CA LYS C 685 -6.33 50.34 -63.83
C LYS C 685 -7.79 50.21 -63.47
N THR C 686 -8.37 51.32 -62.99
CA THR C 686 -9.71 51.29 -62.44
C THR C 686 -10.76 51.12 -63.54
N ILE C 687 -11.89 50.51 -63.20
CA ILE C 687 -13.00 50.36 -64.11
C ILE C 687 -14.04 51.40 -63.72
N ASP C 688 -14.49 52.17 -64.70
CA ASP C 688 -15.52 53.17 -64.49
C ASP C 688 -16.88 52.47 -64.34
N VAL C 689 -17.37 52.41 -63.11
CA VAL C 689 -18.62 51.73 -62.82
C VAL C 689 -19.65 52.76 -62.39
N PRO C 690 -20.81 52.82 -63.08
CA PRO C 690 -21.89 53.75 -62.75
C PRO C 690 -22.37 53.55 -61.32
N SER C 691 -23.00 54.57 -60.75
CA SER C 691 -23.52 54.47 -59.40
C SER C 691 -24.69 53.50 -59.41
N LEU C 692 -24.57 52.41 -58.65
CA LEU C 692 -25.62 51.40 -58.57
C LEU C 692 -26.39 51.46 -57.26
N LYS C 693 -27.72 51.52 -57.35
CA LYS C 693 -28.57 51.49 -56.18
C LYS C 693 -28.74 50.05 -55.68
N PRO C 694 -29.28 49.87 -54.46
CA PRO C 694 -29.62 48.52 -54.03
C PRO C 694 -30.37 47.73 -55.12
N GLU C 695 -29.85 46.54 -55.41
CA GLU C 695 -30.42 45.57 -56.35
C GLU C 695 -30.20 45.89 -57.83
N GLU C 696 -29.62 47.05 -58.15
CA GLU C 696 -29.31 47.39 -59.53
C GLU C 696 -28.05 46.69 -59.98
N SER C 697 -27.95 46.37 -61.28
CA SER C 697 -26.72 45.79 -61.83
C SER C 697 -26.34 46.33 -63.20
N VAL C 698 -25.05 46.21 -63.53
CA VAL C 698 -24.54 46.61 -64.84
C VAL C 698 -23.61 45.54 -65.39
N THR C 699 -23.68 45.32 -66.70
CA THR C 699 -22.75 44.45 -67.40
C THR C 699 -21.78 45.32 -68.18
N ILE C 700 -20.48 45.17 -67.92
CA ILE C 700 -19.46 45.93 -68.63
C ILE C 700 -18.58 44.97 -69.42
N PRO C 701 -18.43 45.20 -70.75
CA PRO C 701 -17.55 44.31 -71.52
C PRO C 701 -16.10 44.59 -71.15
N SER C 702 -15.33 43.52 -70.98
CA SER C 702 -13.93 43.63 -70.54
C SER C 702 -13.21 42.32 -70.74
N ASP C 703 -11.89 42.39 -70.92
CA ASP C 703 -11.01 41.22 -71.09
C ASP C 703 -10.52 40.66 -69.73
N THR C 704 -11.01 41.24 -68.65
CA THR C 704 -10.49 40.98 -67.31
C THR C 704 -10.76 39.58 -66.76
N THR C 705 -9.95 39.20 -65.78
CA THR C 705 -9.99 37.87 -65.16
C THR C 705 -10.30 37.98 -63.67
N TYR C 706 -10.06 39.16 -63.12
CA TYR C 706 -10.02 39.33 -61.69
C TYR C 706 -10.30 40.81 -61.39
N VAL C 707 -11.44 41.05 -60.71
CA VAL C 707 -11.89 42.40 -60.38
C VAL C 707 -12.11 42.50 -58.88
N VAL C 708 -11.67 43.61 -58.32
CA VAL C 708 -11.75 43.88 -56.90
C VAL C 708 -12.55 45.17 -56.65
N ALA C 709 -13.38 45.16 -55.61
CA ALA C 709 -14.11 46.36 -55.17
C ALA C 709 -13.60 46.82 -53.82
N VAL C 710 -13.09 48.04 -53.81
CA VAL C 710 -12.27 48.54 -52.72
C VAL C 710 -12.75 49.93 -52.30
N LEU C 711 -12.51 50.29 -51.04
CA LEU C 711 -12.94 51.57 -50.51
C LEU C 711 -12.10 52.73 -51.05
N LYS C 712 -12.76 53.76 -51.57
CA LYS C 712 -12.09 54.97 -52.07
C LYS C 712 -11.37 55.75 -50.98
N ASP C 713 -12.07 56.01 -49.88
CA ASP C 713 -11.49 56.80 -48.78
C ASP C 713 -11.80 56.16 -47.44
N ASP C 714 -10.98 56.48 -46.45
CA ASP C 714 -11.29 56.14 -45.06
C ASP C 714 -12.74 56.50 -44.77
N ALA C 715 -13.49 55.53 -44.23
CA ALA C 715 -14.89 55.73 -43.82
C ALA C 715 -15.20 54.79 -42.65
N GLY C 716 -15.89 55.31 -41.63
CA GLY C 716 -16.16 54.54 -40.41
C GLY C 716 -14.87 54.13 -39.73
N VAL C 717 -14.71 52.83 -39.54
CA VAL C 717 -13.48 52.27 -38.97
C VAL C 717 -12.65 51.55 -40.03
N LEU C 718 -13.03 51.73 -41.29
CA LEU C 718 -12.35 51.09 -42.42
C LEU C 718 -11.44 52.08 -43.12
N LYS C 719 -10.34 51.56 -43.68
CA LYS C 719 -9.32 52.39 -44.33
C LYS C 719 -9.47 52.37 -45.85
N ALA C 720 -9.01 53.44 -46.49
CA ALA C 720 -8.98 53.50 -47.94
C ALA C 720 -8.20 52.30 -48.47
N GLY C 721 -8.78 51.59 -49.44
CA GLY C 721 -8.13 50.43 -50.02
C GLY C 721 -8.57 49.10 -49.41
N HIS C 722 -9.44 49.18 -48.39
CA HIS C 722 -10.01 47.99 -47.80
C HIS C 722 -10.94 47.26 -48.77
N GLU C 723 -10.75 45.95 -48.87
CA GLU C 723 -11.50 45.11 -49.81
C GLU C 723 -12.87 44.72 -49.27
N ILE C 724 -13.90 45.19 -49.97
CA ILE C 724 -15.30 44.87 -49.64
C ILE C 724 -15.72 43.60 -50.39
N ALA C 725 -15.48 43.56 -51.70
CA ALA C 725 -15.90 42.44 -52.54
C ALA C 725 -14.92 42.19 -53.69
N TRP C 726 -14.98 41.01 -54.29
CA TRP C 726 -14.16 40.69 -55.44
C TRP C 726 -14.78 39.58 -56.27
N GLY C 727 -14.27 39.39 -57.49
CA GLY C 727 -14.72 38.32 -58.37
C GLY C 727 -13.61 37.88 -59.29
N GLN C 728 -13.70 36.64 -59.75
CA GLN C 728 -12.78 36.10 -60.73
C GLN C 728 -13.51 35.34 -61.84
N ALA C 729 -12.91 35.34 -63.03
CA ALA C 729 -13.33 34.46 -64.12
C ALA C 729 -12.80 33.09 -63.77
N GLU C 730 -13.53 32.04 -64.16
CA GLU C 730 -13.09 30.71 -63.79
C GLU C 730 -11.82 30.32 -64.55
N LEU C 731 -10.87 29.71 -63.85
CA LEU C 731 -9.55 29.43 -64.41
C LEU C 731 -9.44 27.97 -64.89
N PRO C 732 -9.28 27.77 -66.21
CA PRO C 732 -9.16 26.41 -66.74
C PRO C 732 -7.86 25.78 -66.27
N LEU C 733 -7.86 24.46 -66.13
CA LEU C 733 -6.65 23.77 -65.72
C LEU C 733 -5.74 23.62 -66.91
N LYS C 734 -4.67 24.40 -66.91
CA LYS C 734 -3.66 24.33 -67.96
C LYS C 734 -2.53 23.35 -67.56
N VAL C 735 -2.20 22.41 -68.46
CA VAL C 735 -1.07 21.49 -68.26
C VAL C 735 0.22 22.31 -68.35
N PRO C 736 1.05 22.33 -67.28
CA PRO C 736 2.30 23.12 -67.37
C PRO C 736 3.18 22.58 -68.50
N ASP C 737 3.90 23.47 -69.17
CA ASP C 737 4.72 23.09 -70.32
C ASP C 737 6.09 22.56 -69.88
N PHE C 738 6.08 21.62 -68.94
CA PHE C 738 7.29 20.94 -68.49
C PHE C 738 7.74 20.01 -69.62
N VAL C 739 9.05 19.97 -69.88
CA VAL C 739 9.56 19.13 -70.96
C VAL C 739 10.15 17.84 -70.39
N THR C 740 9.47 16.74 -70.70
CA THR C 740 9.91 15.41 -70.29
C THR C 740 11.09 14.95 -71.16
N GLU C 741 12.16 14.50 -70.51
CA GLU C 741 13.32 13.95 -71.22
C GLU C 741 13.06 12.51 -71.70
N THR C 742 12.85 12.37 -73.00
CA THR C 742 12.57 11.07 -73.61
C THR C 742 13.75 10.52 -74.43
N ALA C 743 14.90 11.18 -74.35
CA ALA C 743 16.10 10.73 -75.06
C ALA C 743 16.54 9.34 -74.59
N GLU C 744 17.08 8.55 -75.51
CA GLU C 744 17.56 7.22 -75.19
C GLU C 744 18.75 7.28 -74.26
N LYS C 745 18.49 6.97 -73.00
CA LYS C 745 19.54 6.89 -72.00
C LYS C 745 19.55 5.49 -71.41
N ALA C 746 20.72 4.85 -71.35
CA ALA C 746 20.80 3.52 -70.75
C ALA C 746 20.50 3.62 -69.26
N ALA C 747 19.75 2.66 -68.75
CA ALA C 747 19.39 2.63 -67.34
C ALA C 747 19.69 1.26 -66.72
N LYS C 748 20.27 1.27 -65.53
CA LYS C 748 20.56 0.03 -64.83
C LYS C 748 19.35 -0.37 -63.97
N ILE C 749 18.75 -1.49 -64.34
CA ILE C 749 17.56 -2.00 -63.68
C ILE C 749 17.88 -3.28 -62.90
N ASN C 750 17.64 -3.25 -61.59
CA ASN C 750 17.86 -4.42 -60.74
C ASN C 750 16.56 -4.86 -60.04
N ASP C 751 15.99 -5.97 -60.50
CA ASP C 751 14.79 -6.53 -59.89
C ASP C 751 15.19 -7.62 -58.90
N GLY C 752 15.56 -7.18 -57.70
CA GLY C 752 16.06 -8.08 -56.66
C GLY C 752 15.00 -8.93 -56.00
N LYS C 753 15.44 -9.68 -55.00
CA LYS C 753 14.58 -10.55 -54.21
C LYS C 753 13.40 -9.74 -53.62
N ARG C 754 13.73 -8.63 -52.94
CA ARG C 754 12.75 -7.79 -52.25
C ARG C 754 12.67 -6.37 -52.82
N TYR C 755 13.83 -5.80 -53.16
CA TYR C 755 13.91 -4.42 -53.62
C TYR C 755 14.13 -4.34 -55.13
N VAL C 756 13.41 -3.43 -55.77
CA VAL C 756 13.66 -3.12 -57.18
C VAL C 756 14.31 -1.74 -57.34
N SER C 757 15.39 -1.71 -58.11
CA SER C 757 16.24 -0.55 -58.26
C SER C 757 16.25 -0.05 -59.72
N VAL C 758 16.08 1.26 -59.91
CA VAL C 758 16.27 1.85 -61.22
C VAL C 758 17.24 3.01 -61.09
N GLU C 759 18.42 2.82 -61.68
CA GLU C 759 19.48 3.84 -61.66
C GLU C 759 19.75 4.34 -63.06
N SER C 760 19.83 5.66 -63.20
CA SER C 760 20.28 6.30 -64.43
C SER C 760 21.04 7.55 -64.05
N SER C 761 21.42 8.33 -65.05
CA SER C 761 22.14 9.58 -64.79
C SER C 761 21.21 10.58 -64.13
N GLY C 762 21.56 10.97 -62.90
CA GLY C 762 20.78 11.90 -62.10
C GLY C 762 19.53 11.30 -61.48
N LEU C 763 19.44 9.98 -61.47
CA LEU C 763 18.22 9.30 -61.00
C LEU C 763 18.53 8.03 -60.23
N HIS C 764 17.84 7.88 -59.11
CA HIS C 764 17.93 6.68 -58.30
C HIS C 764 16.56 6.39 -57.67
N PHE C 765 15.95 5.31 -58.11
CA PHE C 765 14.61 4.94 -57.69
C PHE C 765 14.67 3.56 -57.04
N ILE C 766 14.29 3.47 -55.77
CA ILE C 766 14.25 2.19 -55.05
C ILE C 766 12.85 1.93 -54.49
N LEU C 767 12.28 0.78 -54.85
CA LEU C 767 10.97 0.39 -54.34
C LEU C 767 11.02 -0.93 -53.58
N ASP C 768 10.45 -0.94 -52.38
CA ASP C 768 10.31 -2.14 -51.57
C ASP C 768 9.09 -2.90 -52.05
N LYS C 769 9.33 -4.06 -52.68
CA LYS C 769 8.27 -4.89 -53.26
C LYS C 769 7.33 -5.47 -52.22
N LEU C 770 7.88 -5.82 -51.06
CA LEU C 770 7.08 -6.34 -49.96
C LEU C 770 6.02 -5.35 -49.48
N LEU C 771 6.33 -4.06 -49.50
CA LEU C 771 5.45 -3.04 -48.92
C LEU C 771 4.75 -2.08 -49.90
N GLY C 772 5.28 -1.98 -51.12
CA GLY C 772 4.77 -1.02 -52.12
C GLY C 772 5.27 0.36 -51.83
N LYS C 773 6.39 0.41 -51.13
CA LYS C 773 6.95 1.62 -50.55
C LYS C 773 8.12 2.12 -51.40
N ILE C 774 8.14 3.42 -51.68
CA ILE C 774 9.32 4.02 -52.27
C ILE C 774 10.33 4.22 -51.16
N GLU C 775 11.39 3.42 -51.15
CA GLU C 775 12.45 3.57 -50.14
C GLU C 775 13.14 4.90 -50.35
N SER C 776 13.41 5.22 -51.62
CA SER C 776 14.07 6.45 -51.98
C SER C 776 13.83 6.80 -53.44
N LEU C 777 13.58 8.07 -53.68
CA LEU C 777 13.56 8.60 -55.04
C LEU C 777 14.38 9.86 -55.05
N LYS C 778 15.52 9.81 -55.74
CA LYS C 778 16.46 10.92 -55.80
C LYS C 778 16.72 11.30 -57.25
N VAL C 779 16.13 12.41 -57.67
CA VAL C 779 16.28 12.89 -59.04
C VAL C 779 16.86 14.31 -59.04
N LYS C 780 18.03 14.44 -59.64
CA LYS C 780 18.73 15.73 -59.78
C LYS C 780 18.87 16.44 -58.44
N GLY C 781 19.47 15.74 -57.48
CA GLY C 781 19.75 16.32 -56.16
C GLY C 781 18.55 16.46 -55.22
N LYS C 782 17.35 16.14 -55.72
CA LYS C 782 16.14 16.24 -54.92
C LYS C 782 15.65 14.86 -54.49
N GLU C 783 15.37 14.69 -53.20
CA GLU C 783 14.94 13.39 -52.70
C GLU C 783 13.53 13.41 -52.06
N ILE C 784 12.72 12.41 -52.42
CA ILE C 784 11.50 12.10 -51.69
C ILE C 784 11.43 10.60 -51.41
N SER C 785 10.56 10.22 -50.49
CA SER C 785 10.32 8.82 -50.18
C SER C 785 8.94 8.68 -49.56
N SER C 786 8.43 7.46 -49.52
CA SER C 786 7.11 7.24 -48.93
C SER C 786 7.12 7.46 -47.43
N LYS C 787 6.15 8.22 -46.94
CA LYS C 787 5.85 8.26 -45.52
C LYS C 787 4.87 7.13 -45.26
N PHE C 788 5.39 6.04 -44.69
CA PHE C 788 4.69 4.74 -44.75
C PHE C 788 4.41 4.18 -43.37
N GLU C 789 3.13 3.95 -43.09
CA GLU C 789 2.73 3.17 -41.92
C GLU C 789 1.53 2.34 -42.33
N GLY C 790 1.77 1.14 -42.83
CA GLY C 790 0.69 0.28 -43.31
C GLY C 790 0.38 0.31 -44.79
N SER C 791 0.27 1.53 -45.36
CA SER C 791 -0.14 1.68 -46.76
C SER C 791 0.49 2.89 -47.45
N SER C 792 0.70 2.79 -48.75
CA SER C 792 1.25 3.91 -49.53
C SER C 792 0.18 4.91 -49.93
N ILE C 793 -1.07 4.48 -49.89
CA ILE C 793 -2.23 5.36 -50.06
C ILE C 793 -3.01 5.33 -48.76
N THR C 794 -3.17 6.50 -48.13
CA THR C 794 -3.82 6.59 -46.84
C THR C 794 -5.11 7.39 -46.95
N PHE C 795 -5.96 7.29 -45.92
CA PHE C 795 -7.31 7.83 -45.99
C PHE C 795 -7.70 8.69 -44.79
N TRP C 796 -6.83 8.77 -43.80
CA TRP C 796 -7.17 9.35 -42.50
C TRP C 796 -6.81 10.84 -42.35
N ARG C 797 -7.63 11.53 -41.60
CA ARG C 797 -7.33 12.87 -41.18
C ARG C 797 -7.64 12.98 -39.69
N PRO C 798 -6.98 13.92 -39.00
CA PRO C 798 -7.34 14.21 -37.62
C PRO C 798 -8.75 14.82 -37.59
N PRO C 799 -9.67 14.19 -36.85
CA PRO C 799 -11.08 14.57 -36.91
C PRO C 799 -11.29 16.03 -36.53
N THR C 800 -12.10 16.74 -37.31
CA THR C 800 -12.51 18.09 -36.95
C THR C 800 -13.55 18.02 -35.83
N ASN C 801 -13.92 19.17 -35.28
CA ASN C 801 -14.99 19.19 -34.30
C ASN C 801 -16.29 18.69 -34.93
N ASN C 802 -16.48 19.01 -36.21
CA ASN C 802 -17.66 18.59 -36.96
C ASN C 802 -17.65 17.10 -37.28
N ASP C 803 -16.45 16.54 -37.42
CA ASP C 803 -16.31 15.12 -37.72
C ASP C 803 -16.73 14.25 -36.52
N GLU C 804 -16.51 14.78 -35.32
CA GLU C 804 -16.58 14.02 -34.07
C GLU C 804 -17.87 13.23 -33.81
N PRO C 805 -19.05 13.89 -33.96
CA PRO C 805 -20.29 13.19 -33.58
C PRO C 805 -20.75 12.03 -34.46
N ARG C 806 -20.46 12.06 -35.76
CA ARG C 806 -20.91 11.00 -36.67
C ARG C 806 -19.81 10.47 -37.57
N ASP C 807 -19.33 11.31 -38.49
CA ASP C 807 -18.38 10.87 -39.51
C ASP C 807 -17.18 10.16 -38.92
N PHE C 808 -16.60 10.74 -37.86
CA PHE C 808 -15.48 10.12 -37.16
C PHE C 808 -15.86 8.74 -36.60
N LYS C 809 -17.05 8.66 -36.00
CA LYS C 809 -17.57 7.41 -35.46
C LYS C 809 -17.60 6.34 -36.54
N ASN C 810 -18.10 6.70 -37.72
CA ASN C 810 -18.17 5.78 -38.85
C ASN C 810 -16.79 5.38 -39.34
N TRP C 811 -15.93 6.36 -39.56
CA TRP C 811 -14.58 6.08 -40.05
C TRP C 811 -13.81 5.18 -39.09
N LYS C 812 -13.95 5.42 -37.79
CA LYS C 812 -13.30 4.61 -36.78
C LYS C 812 -13.85 3.20 -36.75
N LYS C 813 -15.18 3.10 -36.86
CA LYS C 813 -15.89 1.83 -36.87
C LYS C 813 -15.40 0.95 -37.99
N TYR C 814 -15.19 1.56 -39.17
CA TYR C 814 -14.75 0.85 -40.36
C TYR C 814 -13.21 0.74 -40.47
N ASN C 815 -12.51 1.15 -39.40
CA ASN C 815 -11.04 1.03 -39.30
C ASN C 815 -10.25 1.71 -40.40
N ILE C 816 -10.78 2.81 -40.92
CA ILE C 816 -10.16 3.56 -42.02
C ILE C 816 -8.74 4.02 -41.64
N ASP C 817 -8.50 4.23 -40.36
CA ASP C 817 -7.16 4.61 -39.90
C ASP C 817 -6.17 3.44 -39.91
N LEU C 818 -6.64 2.23 -40.22
CA LEU C 818 -5.80 1.05 -40.13
C LEU C 818 -5.74 0.32 -41.47
N MET C 819 -5.80 1.11 -42.53
CA MET C 819 -5.77 0.61 -43.89
C MET C 819 -4.39 0.02 -44.16
N LYS C 820 -4.37 -1.17 -44.73
CA LYS C 820 -3.13 -1.88 -45.04
C LYS C 820 -3.03 -2.15 -46.54
N GLN C 821 -1.82 -2.08 -47.07
CA GLN C 821 -1.60 -2.40 -48.46
C GLN C 821 -0.90 -3.73 -48.53
N ASN C 822 -1.60 -4.73 -49.04
CA ASN C 822 -1.03 -6.08 -49.22
C ASN C 822 -0.62 -6.37 -50.64
N ILE C 823 0.68 -6.42 -50.88
CA ILE C 823 1.20 -6.53 -52.24
C ILE C 823 1.01 -7.96 -52.76
N HIS C 824 0.49 -8.07 -53.98
CA HIS C 824 0.30 -9.36 -54.63
C HIS C 824 1.36 -9.66 -55.69
N GLY C 825 1.64 -8.67 -56.54
CA GLY C 825 2.67 -8.82 -57.55
C GLY C 825 3.27 -7.49 -57.97
N VAL C 826 4.56 -7.53 -58.32
CA VAL C 826 5.23 -6.37 -58.86
C VAL C 826 5.85 -6.77 -60.18
N SER C 827 5.56 -5.98 -61.20
CA SER C 827 6.01 -6.21 -62.54
C SER C 827 7.06 -5.16 -62.91
N VAL C 828 8.17 -5.59 -63.49
CA VAL C 828 9.26 -4.68 -63.86
C VAL C 828 9.64 -4.87 -65.32
N GLU C 829 9.56 -3.79 -66.10
CA GLU C 829 9.93 -3.85 -67.51
C GLU C 829 10.72 -2.63 -67.99
N LYS C 830 11.51 -2.85 -69.05
CA LYS C 830 12.32 -1.81 -69.69
C LYS C 830 11.42 -0.78 -70.33
N GLY C 831 11.90 0.46 -70.37
CA GLY C 831 11.12 1.57 -70.92
C GLY C 831 10.80 1.42 -72.39
N SER C 832 9.79 2.15 -72.85
CA SER C 832 9.35 2.05 -74.24
C SER C 832 9.35 3.41 -74.95
N ASN C 833 8.33 4.23 -74.73
CA ASN C 833 8.26 5.46 -75.50
C ASN C 833 9.01 6.61 -74.85
N GLY C 834 10.31 6.43 -74.65
CA GLY C 834 11.14 7.46 -74.05
C GLY C 834 11.38 7.23 -72.58
N SER C 835 10.58 6.35 -71.98
CA SER C 835 10.71 6.04 -70.55
C SER C 835 11.92 5.16 -70.27
N LEU C 836 12.42 5.21 -69.04
CA LEU C 836 13.56 4.37 -68.66
C LEU C 836 13.08 2.99 -68.21
N ALA C 837 11.99 2.96 -67.46
CA ALA C 837 11.45 1.73 -66.89
C ALA C 837 9.99 1.90 -66.53
N VAL C 838 9.27 0.79 -66.49
CA VAL C 838 7.90 0.77 -65.99
C VAL C 838 7.80 -0.23 -64.85
N VAL C 839 7.45 0.26 -63.68
CA VAL C 839 7.23 -0.60 -62.51
C VAL C 839 5.75 -0.59 -62.11
N THR C 840 5.13 -1.75 -62.18
CA THR C 840 3.69 -1.88 -61.90
C THR C 840 3.46 -2.68 -60.62
N VAL C 841 2.69 -2.11 -59.71
CA VAL C 841 2.43 -2.73 -58.41
C VAL C 841 0.95 -3.14 -58.31
N ASN C 842 0.71 -4.42 -58.05
CA ASN C 842 -0.64 -4.94 -57.87
C ASN C 842 -0.89 -5.33 -56.42
N SER C 843 -1.92 -4.76 -55.82
CA SER C 843 -2.17 -4.97 -54.40
C SER C 843 -3.63 -4.80 -54.00
N ARG C 844 -3.95 -5.24 -52.80
CA ARG C 844 -5.22 -4.95 -52.18
C ARG C 844 -5.00 -3.94 -51.06
N ILE C 845 -5.76 -2.86 -51.08
CA ILE C 845 -5.68 -1.89 -50.00
C ILE C 845 -6.95 -2.00 -49.15
N SER C 846 -6.79 -2.47 -47.93
CA SER C 846 -7.90 -2.91 -47.09
C SER C 846 -7.48 -2.84 -45.63
N PRO C 847 -8.40 -2.41 -44.73
CA PRO C 847 -8.04 -2.33 -43.31
C PRO C 847 -8.15 -3.69 -42.64
N VAL C 848 -7.45 -3.88 -41.57
CA VAL C 848 -7.58 -5.10 -40.84
C VAL C 848 -8.99 -5.26 -40.40
N VAL C 849 -9.41 -6.50 -40.40
CA VAL C 849 -10.61 -7.05 -39.85
C VAL C 849 -11.80 -6.92 -40.72
N PHE C 850 -11.62 -6.41 -41.93
CA PHE C 850 -12.71 -6.10 -42.80
C PHE C 850 -12.46 -6.73 -44.12
N TYR C 851 -13.56 -6.89 -44.88
CA TYR C 851 -13.54 -7.43 -46.24
C TYR C 851 -13.25 -6.34 -47.26
N TYR C 852 -13.86 -5.18 -47.04
CA TYR C 852 -13.86 -4.12 -48.05
C TYR C 852 -12.47 -3.56 -48.30
N GLY C 853 -12.23 -3.14 -49.52
CA GLY C 853 -10.93 -2.62 -49.92
C GLY C 853 -10.89 -2.33 -51.40
N PHE C 854 -9.72 -1.95 -51.89
CA PHE C 854 -9.52 -1.60 -53.28
C PHE C 854 -8.53 -2.56 -53.93
N GLU C 855 -8.96 -3.23 -55.00
CA GLU C 855 -8.00 -3.85 -55.90
C GLU C 855 -7.28 -2.69 -56.60
N THR C 856 -5.97 -2.60 -56.35
CA THR C 856 -5.21 -1.42 -56.69
C THR C 856 -4.14 -1.79 -57.69
N VAL C 857 -3.92 -0.89 -58.64
CA VAL C 857 -2.80 -0.97 -59.57
C VAL C 857 -2.08 0.36 -59.56
N GLN C 858 -0.81 0.34 -59.18
CA GLN C 858 0.02 1.53 -59.21
C GLN C 858 1.07 1.35 -60.28
N LYS C 859 1.01 2.18 -61.31
CA LYS C 859 1.96 2.11 -62.41
C LYS C 859 2.93 3.29 -62.38
N TYR C 860 4.20 3.00 -62.11
CA TYR C 860 5.26 4.00 -62.11
C TYR C 860 5.96 3.96 -63.45
N THR C 861 5.82 5.03 -64.23
CA THR C 861 6.59 5.20 -65.46
C THR C 861 7.71 6.19 -65.18
N ILE C 862 8.94 5.73 -65.33
CA ILE C 862 10.11 6.46 -64.89
C ILE C 862 10.86 7.06 -66.07
N PHE C 863 10.97 8.39 -66.07
CA PHE C 863 11.80 9.12 -67.02
C PHE C 863 13.03 9.71 -66.31
N ALA C 864 13.98 10.21 -67.10
CA ALA C 864 15.18 10.85 -66.55
C ALA C 864 14.87 12.03 -65.61
N ASN C 865 13.82 12.78 -65.90
CA ASN C 865 13.52 13.99 -65.12
C ASN C 865 12.10 14.02 -64.59
N LYS C 866 11.38 12.90 -64.75
CA LYS C 866 9.97 12.84 -64.39
C LYS C 866 9.53 11.43 -64.00
N ILE C 867 8.57 11.36 -63.08
CA ILE C 867 7.93 10.11 -62.72
C ILE C 867 6.42 10.26 -62.82
N ASN C 868 5.83 9.47 -63.70
CA ASN C 868 4.40 9.43 -63.89
C ASN C 868 3.83 8.32 -63.03
N LEU C 869 2.85 8.66 -62.21
CA LEU C 869 2.24 7.71 -61.30
C LEU C 869 0.75 7.57 -61.58
N ASN C 870 0.36 6.43 -62.15
CA ASN C 870 -1.04 6.16 -62.46
C ASN C 870 -1.66 5.23 -61.42
N THR C 871 -2.72 5.72 -60.80
CA THR C 871 -3.33 4.99 -59.69
C THR C 871 -4.75 4.59 -60.03
N SER C 872 -4.98 3.28 -59.99
CA SER C 872 -6.26 2.70 -60.22
C SER C 872 -6.70 2.00 -58.93
N MET C 873 -7.88 2.34 -58.44
CA MET C 873 -8.39 1.80 -57.19
C MET C 873 -9.83 1.35 -57.34
N LYS C 874 -10.05 0.07 -57.15
CA LYS C 874 -11.35 -0.51 -57.45
C LYS C 874 -12.00 -1.06 -56.17
N LEU C 875 -13.07 -0.42 -55.72
CA LEU C 875 -13.73 -0.77 -54.45
C LEU C 875 -14.52 -2.08 -54.47
N THR C 876 -14.16 -2.97 -53.55
CA THR C 876 -14.64 -4.35 -53.56
C THR C 876 -15.01 -4.78 -52.15
N GLY C 877 -15.92 -5.75 -52.04
CA GLY C 877 -16.21 -6.42 -50.76
C GLY C 877 -17.50 -5.98 -50.08
N GLU C 878 -18.03 -6.86 -49.25
CA GLU C 878 -19.22 -6.55 -48.47
C GLU C 878 -18.91 -5.66 -47.27
N TYR C 879 -19.92 -4.91 -46.81
CA TYR C 879 -19.88 -4.09 -45.59
C TYR C 879 -18.89 -2.95 -45.70
N GLN C 880 -19.25 -1.98 -46.53
CA GLN C 880 -18.39 -0.86 -46.88
C GLN C 880 -18.75 0.37 -46.05
N PRO C 881 -17.76 1.26 -45.80
CA PRO C 881 -18.08 2.52 -45.15
C PRO C 881 -18.77 3.45 -46.15
N PRO C 882 -19.54 4.44 -45.67
CA PRO C 882 -20.26 5.33 -46.56
C PRO C 882 -19.33 6.29 -47.30
N ASP C 883 -18.29 6.75 -46.62
CA ASP C 883 -17.40 7.78 -47.15
C ASP C 883 -16.01 7.64 -46.53
N PHE C 884 -15.07 8.42 -47.04
CA PHE C 884 -13.71 8.49 -46.48
C PHE C 884 -13.34 9.92 -46.12
N PRO C 885 -12.39 10.12 -45.19
CA PRO C 885 -11.93 11.48 -44.89
C PRO C 885 -11.15 12.08 -46.04
N ARG C 886 -10.37 11.25 -46.73
CA ARG C 886 -9.55 11.65 -47.85
C ARG C 886 -8.96 10.41 -48.51
N VAL C 887 -8.31 10.60 -49.65
CA VAL C 887 -7.57 9.54 -50.31
C VAL C 887 -6.36 10.13 -51.00
N GLY C 888 -5.18 9.59 -50.72
CA GLY C 888 -3.97 10.08 -51.35
C GLY C 888 -2.66 9.53 -50.81
N TYR C 889 -1.56 10.13 -51.27
CA TYR C 889 -0.22 9.70 -50.94
C TYR C 889 0.41 10.56 -49.85
N GLU C 890 1.39 9.99 -49.14
CA GLU C 890 2.18 10.73 -48.17
C GLU C 890 3.65 10.50 -48.45
N PHE C 891 4.38 11.59 -48.67
CA PHE C 891 5.81 11.51 -48.96
C PHE C 891 6.63 12.32 -47.97
N TRP C 892 7.75 11.75 -47.53
CA TRP C 892 8.75 12.51 -46.80
C TRP C 892 9.50 13.39 -47.80
N LEU C 893 9.73 14.65 -47.43
CA LEU C 893 10.57 15.53 -48.24
C LEU C 893 12.01 15.46 -47.73
N GLY C 894 12.97 15.50 -48.64
CA GLY C 894 14.38 15.41 -48.27
C GLY C 894 14.87 16.59 -47.45
N ASP C 895 16.02 16.42 -46.77
CA ASP C 895 16.60 17.45 -45.89
C ASP C 895 16.76 18.84 -46.52
N SER C 896 17.04 18.86 -47.82
CA SER C 896 17.12 20.08 -48.63
C SER C 896 15.85 20.91 -48.66
N TYR C 897 14.70 20.29 -48.38
CA TYR C 897 13.42 20.97 -48.54
C TYR C 897 13.43 22.33 -47.81
N GLU C 898 13.00 23.38 -48.51
CA GLU C 898 12.95 24.69 -47.86
C GLU C 898 11.62 25.44 -47.89
N SER C 899 10.94 25.43 -49.04
CA SER C 899 9.63 26.06 -49.14
C SER C 899 8.80 25.49 -50.28
N PHE C 900 7.57 26.00 -50.41
CA PHE C 900 6.72 25.61 -51.52
C PHE C 900 5.95 26.77 -52.10
N GLU C 901 5.43 26.53 -53.30
CA GLU C 901 4.72 27.52 -54.07
C GLU C 901 3.67 26.77 -54.90
N TRP C 902 2.47 27.33 -55.01
CA TRP C 902 1.42 26.65 -55.74
C TRP C 902 0.50 27.57 -56.53
N LEU C 903 -0.04 27.03 -57.63
CA LEU C 903 -1.12 27.69 -58.33
C LEU C 903 -2.40 27.03 -57.90
N GLY C 904 -3.30 27.83 -57.36
CA GLY C 904 -4.58 27.35 -56.85
C GLY C 904 -5.20 28.36 -55.92
N ARG C 905 -5.93 27.86 -54.94
CA ARG C 905 -6.65 28.72 -54.00
C ARG C 905 -5.74 29.07 -52.86
N GLY C 906 -5.84 30.31 -52.40
CA GLY C 906 -5.03 30.78 -51.28
C GLY C 906 -5.43 32.18 -50.85
N PRO C 907 -4.66 32.80 -49.94
CA PRO C 907 -3.42 32.32 -49.36
C PRO C 907 -3.58 31.23 -48.29
N GLY C 908 -4.76 31.11 -47.68
CA GLY C 908 -5.00 30.12 -46.63
C GLY C 908 -5.57 28.76 -47.05
N GLU C 909 -5.99 27.97 -46.07
CA GLU C 909 -6.52 26.63 -46.32
C GLU C 909 -7.87 26.66 -47.06
N SER C 910 -8.20 25.58 -47.73
CA SER C 910 -9.47 25.48 -48.43
C SER C 910 -9.99 24.05 -48.44
N TYR C 911 -11.32 23.91 -48.38
CA TYR C 911 -11.98 22.60 -48.37
C TYR C 911 -13.22 22.65 -49.27
N PRO C 912 -13.64 21.50 -49.82
CA PRO C 912 -14.74 21.46 -50.79
C PRO C 912 -15.92 22.41 -50.49
N ASP C 913 -16.34 22.48 -49.23
CA ASP C 913 -17.49 23.30 -48.84
C ASP C 913 -17.09 24.54 -48.03
N LYS C 914 -15.83 24.92 -48.17
CA LYS C 914 -15.26 26.08 -47.49
C LYS C 914 -14.01 26.50 -48.27
N LYS C 915 -14.20 27.11 -49.43
CA LYS C 915 -13.08 27.39 -50.35
C LYS C 915 -13.18 28.68 -51.15
N GLU C 916 -14.38 29.21 -51.30
CA GLU C 916 -14.57 30.29 -52.27
C GLU C 916 -13.97 31.65 -51.87
N SER C 917 -13.64 31.83 -50.58
CA SER C 917 -12.97 33.04 -50.10
C SER C 917 -11.50 33.02 -50.46
N GLN C 918 -10.99 31.84 -50.76
CA GLN C 918 -9.59 31.69 -51.18
C GLN C 918 -9.48 31.70 -52.69
N ARG C 919 -9.23 32.90 -53.24
CA ARG C 919 -9.18 33.15 -54.68
C ARG C 919 -8.00 32.46 -55.36
N PHE C 920 -8.11 32.25 -56.66
CA PHE C 920 -7.05 31.63 -57.44
C PHE C 920 -5.90 32.59 -57.62
N GLY C 921 -4.69 32.05 -57.59
CA GLY C 921 -3.48 32.83 -57.74
C GLY C 921 -2.24 31.96 -57.53
N LEU C 922 -1.08 32.56 -57.72
CA LEU C 922 0.17 31.88 -57.43
C LEU C 922 0.61 32.27 -56.03
N TYR C 923 0.73 31.28 -55.15
CA TYR C 923 1.03 31.59 -53.74
C TYR C 923 2.35 31.01 -53.29
N ASP C 924 3.02 31.74 -52.41
CA ASP C 924 4.30 31.33 -51.85
C ASP C 924 4.13 31.05 -50.36
N SER C 925 4.56 29.88 -49.90
CA SER C 925 4.44 29.49 -48.50
C SER C 925 5.04 30.50 -47.53
N LYS C 926 6.10 31.18 -47.97
CA LYS C 926 6.77 32.21 -47.16
C LYS C 926 5.93 33.45 -46.86
N ASP C 927 4.99 33.79 -47.74
CA ASP C 927 4.14 34.99 -47.60
C ASP C 927 2.93 34.77 -46.70
N VAL C 928 2.74 33.53 -46.24
CA VAL C 928 1.52 33.13 -45.58
C VAL C 928 1.76 32.86 -44.10
N GLU C 929 0.94 33.45 -43.23
CA GLU C 929 0.93 32.95 -41.84
C GLU C 929 -0.05 31.80 -41.69
N GLU C 930 0.51 30.61 -41.46
CA GLU C 930 -0.24 29.37 -41.19
C GLU C 930 -1.09 29.57 -39.92
N PHE C 931 -2.37 29.22 -40.04
CA PHE C 931 -3.30 29.40 -38.94
C PHE C 931 -3.16 28.21 -37.98
N VAL C 932 -3.05 28.54 -36.70
CA VAL C 932 -3.08 27.54 -35.62
C VAL C 932 -4.48 27.44 -34.97
N TYR C 933 -5.10 26.27 -35.05
CA TYR C 933 -6.38 26.05 -34.39
C TYR C 933 -6.19 25.94 -32.89
N ASP C 934 -7.12 26.50 -32.13
CA ASP C 934 -7.12 26.37 -30.67
C ASP C 934 -7.28 24.93 -30.23
N TYR C 935 -8.19 24.21 -30.88
CA TYR C 935 -8.28 22.76 -30.72
C TYR C 935 -7.68 22.12 -31.96
N PRO C 936 -6.55 21.41 -31.82
CA PRO C 936 -5.89 20.78 -32.95
C PRO C 936 -6.78 19.79 -33.70
N GLN C 937 -6.86 19.98 -35.02
CA GLN C 937 -7.70 19.16 -35.90
C GLN C 937 -7.22 19.29 -37.34
N GLU C 938 -7.84 18.54 -38.26
CA GLU C 938 -7.57 18.70 -39.68
C GLU C 938 -7.41 20.16 -40.11
N ASN C 939 -6.26 20.48 -40.71
CA ASN C 939 -5.98 21.83 -41.19
C ASN C 939 -5.00 21.85 -42.34
N GLY C 940 -4.92 23.00 -43.01
CA GLY C 940 -3.84 23.28 -43.95
C GLY C 940 -3.90 22.62 -45.31
N ASN C 941 -5.08 22.14 -45.67
CA ASN C 941 -5.33 21.58 -46.98
C ASN C 941 -5.56 22.71 -47.96
N HIS C 942 -5.12 22.50 -49.20
CA HIS C 942 -5.35 23.45 -50.26
C HIS C 942 -6.05 22.69 -51.36
N THR C 943 -7.28 23.09 -51.65
CA THR C 943 -8.10 22.42 -52.63
C THR C 943 -8.04 23.17 -53.95
N ASP C 944 -8.46 22.50 -55.02
CA ASP C 944 -8.41 23.04 -56.38
C ASP C 944 -7.00 23.53 -56.74
N THR C 945 -5.99 22.74 -56.39
CA THR C 945 -4.62 23.08 -56.72
C THR C 945 -4.30 22.65 -58.15
N HIS C 946 -3.87 23.61 -58.96
CA HIS C 946 -3.51 23.38 -60.34
C HIS C 946 -2.15 22.71 -60.46
N PHE C 947 -1.15 23.29 -59.80
CA PHE C 947 0.15 22.67 -59.68
C PHE C 947 0.88 23.12 -58.41
N LEU C 948 1.82 22.28 -57.96
CA LEU C 948 2.57 22.52 -56.75
C LEU C 948 4.07 22.43 -57.02
N ASN C 949 4.81 23.47 -56.63
CA ASN C 949 6.27 23.49 -56.75
C ASN C 949 6.92 23.39 -55.39
N ILE C 950 7.78 22.40 -55.20
CA ILE C 950 8.46 22.22 -53.92
C ILE C 950 9.94 22.54 -54.09
N LYS C 951 10.41 23.58 -53.40
CA LYS C 951 11.78 24.06 -53.58
C LYS C 951 12.75 23.36 -52.65
N PHE C 952 13.83 22.85 -53.23
CA PHE C 952 14.91 22.26 -52.47
C PHE C 952 16.14 23.16 -52.56
N GLU C 953 16.79 23.39 -51.41
CA GLU C 953 17.99 24.22 -51.28
C GLU C 953 19.04 23.86 -52.33
N GLY C 954 19.33 24.81 -53.21
CA GLY C 954 20.35 24.64 -54.24
C GLY C 954 20.19 23.45 -55.17
N ALA C 955 18.94 23.00 -55.36
CA ALA C 955 18.66 21.88 -56.27
C ALA C 955 17.41 22.11 -57.14
N GLY C 956 16.93 23.36 -57.16
CA GLY C 956 15.77 23.71 -57.97
C GLY C 956 14.46 23.28 -57.33
N LYS C 957 13.51 22.87 -58.17
CA LYS C 957 12.16 22.58 -57.71
C LYS C 957 11.63 21.23 -58.21
N LEU C 958 10.66 20.69 -57.48
CA LEU C 958 9.89 19.54 -57.92
C LEU C 958 8.49 20.03 -58.19
N SER C 959 8.05 19.91 -59.43
CA SER C 959 6.71 20.33 -59.85
C SER C 959 5.77 19.13 -59.86
N ILE C 960 4.62 19.30 -59.25
CA ILE C 960 3.64 18.23 -59.15
C ILE C 960 2.32 18.71 -59.73
N PHE C 961 1.68 17.87 -60.53
CA PHE C 961 0.35 18.16 -61.08
C PHE C 961 -0.44 16.90 -61.41
N GLN C 962 -1.76 17.03 -61.34
CA GLN C 962 -2.67 15.91 -61.58
C GLN C 962 -3.35 16.07 -62.91
N LYS C 963 -3.49 14.97 -63.63
CA LYS C 963 -4.05 14.99 -64.97
C LYS C 963 -5.54 15.27 -64.93
N GLU C 964 -5.98 16.18 -65.80
CA GLU C 964 -7.39 16.47 -66.06
C GLU C 964 -8.25 17.06 -64.94
N LYS C 965 -7.66 17.26 -63.77
CA LYS C 965 -8.43 17.65 -62.60
C LYS C 965 -7.51 18.24 -61.53
N PRO C 966 -7.93 19.34 -60.87
CA PRO C 966 -7.10 19.90 -59.80
C PRO C 966 -7.07 18.99 -58.59
N PHE C 967 -6.07 19.16 -57.73
CA PHE C 967 -5.89 18.26 -56.59
C PHE C 967 -5.79 18.97 -55.24
N ASN C 968 -5.63 18.18 -54.18
CA ASN C 968 -5.53 18.67 -52.81
C ASN C 968 -4.16 18.38 -52.22
N PHE C 969 -3.63 19.30 -51.42
CA PHE C 969 -2.34 19.07 -50.76
C PHE C 969 -2.16 19.80 -49.42
N LYS C 970 -1.34 19.17 -48.58
CA LYS C 970 -0.92 19.74 -47.31
C LYS C 970 0.57 19.48 -47.15
N ILE C 971 1.31 20.45 -46.64
CA ILE C 971 2.72 20.25 -46.32
C ILE C 971 2.96 20.70 -44.91
N SER C 972 3.38 19.76 -44.06
CA SER C 972 3.59 20.05 -42.66
C SER C 972 4.67 19.14 -42.08
N ASP C 973 5.00 19.38 -40.82
CA ASP C 973 5.86 18.49 -40.06
C ASP C 973 5.15 17.94 -38.82
N GLU C 974 3.85 18.24 -38.72
CA GLU C 974 3.06 17.92 -37.53
C GLU C 974 2.52 16.48 -37.49
N TYR C 975 2.39 15.95 -36.27
CA TYR C 975 1.65 14.71 -36.04
C TYR C 975 1.16 14.65 -34.59
N GLY C 976 0.34 13.65 -34.28
CA GLY C 976 -0.27 13.55 -32.95
C GLY C 976 -1.39 14.56 -32.75
N VAL C 977 -2.00 15.00 -33.84
CA VAL C 977 -3.05 16.02 -33.81
C VAL C 977 -4.33 15.46 -33.19
N ASP C 978 -4.66 14.21 -33.52
CA ASP C 978 -5.84 13.53 -32.98
C ASP C 978 -5.89 13.64 -31.46
N GLU C 979 -4.78 13.28 -30.81
CA GLU C 979 -4.72 13.21 -29.35
C GLU C 979 -4.42 14.55 -28.71
N ALA C 980 -3.89 15.49 -29.47
CA ALA C 980 -3.53 16.80 -28.94
C ALA C 980 -4.76 17.59 -28.50
N ALA C 981 -4.76 17.97 -27.23
CA ALA C 981 -5.86 18.74 -26.66
C ALA C 981 -5.68 20.23 -26.91
N HIS C 982 -4.43 20.67 -26.99
CA HIS C 982 -4.10 22.08 -27.20
C HIS C 982 -2.96 22.23 -28.19
N ALA C 983 -2.78 23.44 -28.72
CA ALA C 983 -1.76 23.72 -29.73
C ALA C 983 -0.39 23.21 -29.31
N CYS C 984 -0.05 23.43 -28.04
CA CYS C 984 1.24 23.02 -27.49
C CYS C 984 1.42 21.49 -27.38
N ASP C 985 0.34 20.74 -27.53
CA ASP C 985 0.38 19.27 -27.44
C ASP C 985 0.77 18.62 -28.77
N VAL C 986 0.84 19.43 -29.83
CA VAL C 986 1.10 18.93 -31.18
C VAL C 986 2.57 18.57 -31.37
N LYS C 987 2.80 17.33 -31.80
CA LYS C 987 4.15 16.81 -32.02
C LYS C 987 4.68 17.20 -33.38
N ARG C 988 6.01 17.28 -33.51
CA ARG C 988 6.62 17.67 -34.78
C ARG C 988 7.80 16.78 -35.18
N TYR C 989 7.76 16.27 -36.41
CA TYR C 989 8.86 15.46 -36.97
C TYR C 989 10.09 16.34 -37.21
N GLY C 990 11.23 15.68 -37.43
CA GLY C 990 12.46 16.39 -37.81
C GLY C 990 12.57 16.78 -39.28
N ARG C 991 11.56 16.47 -40.09
CA ARG C 991 11.53 16.75 -41.52
C ARG C 991 10.09 16.98 -41.96
N HIS C 992 9.88 17.52 -43.15
CA HIS C 992 8.52 17.76 -43.63
C HIS C 992 7.97 16.59 -44.45
N TYR C 993 6.65 16.53 -44.58
CA TYR C 993 6.00 15.57 -45.48
C TYR C 993 5.01 16.29 -46.39
N LEU C 994 4.78 15.69 -47.55
CA LEU C 994 3.72 16.12 -48.43
C LEU C 994 2.58 15.13 -48.35
N ARG C 995 1.40 15.66 -48.08
CA ARG C 995 0.17 14.91 -48.18
C ARG C 995 -0.44 15.27 -49.53
N LEU C 996 -0.42 14.31 -50.45
CA LEU C 996 -0.86 14.55 -51.82
C LEU C 996 -2.15 13.76 -52.08
N ASP C 997 -3.27 14.46 -52.13
CA ASP C 997 -4.61 13.84 -52.15
C ASP C 997 -5.41 14.06 -53.43
N HIS C 998 -6.03 13.00 -53.92
CA HIS C 998 -6.90 13.09 -55.06
C HIS C 998 -8.22 13.76 -54.67
N ALA C 999 -8.67 13.49 -53.44
CA ALA C 999 -9.96 13.97 -52.97
C ALA C 999 -9.98 14.09 -51.45
N ILE C 1000 -10.91 14.89 -50.95
CA ILE C 1000 -11.01 15.14 -49.52
C ILE C 1000 -12.47 15.40 -49.13
N HIS C 1001 -12.86 14.87 -47.97
CA HIS C 1001 -14.22 15.01 -47.47
C HIS C 1001 -14.45 16.45 -47.08
N GLY C 1002 -15.68 16.92 -47.29
CA GLY C 1002 -16.06 18.26 -46.87
C GLY C 1002 -15.99 18.43 -45.36
N VAL C 1003 -16.42 19.59 -44.90
CA VAL C 1003 -16.19 19.99 -43.53
C VAL C 1003 -17.50 20.16 -42.74
N GLY C 1004 -18.52 20.74 -43.37
CA GLY C 1004 -19.88 20.80 -42.83
C GLY C 1004 -20.04 21.64 -41.59
N SER C 1005 -21.06 21.33 -40.80
CA SER C 1005 -21.26 21.97 -39.51
C SER C 1005 -21.93 21.03 -38.49
N GLU C 1006 -21.64 19.75 -38.58
CA GLU C 1006 -22.38 18.72 -37.83
C GLU C 1006 -22.15 18.68 -36.31
N ALA C 1007 -21.13 19.37 -35.80
CA ALA C 1007 -20.98 19.50 -34.36
C ALA C 1007 -22.28 20.06 -33.78
N CYS C 1008 -22.94 20.91 -34.55
CA CYS C 1008 -24.27 21.43 -34.24
C CYS C 1008 -24.91 22.02 -35.49
N GLY C 1009 -25.64 21.18 -36.22
CA GLY C 1009 -26.25 21.60 -37.47
C GLY C 1009 -26.16 20.50 -38.51
N PRO C 1010 -26.39 20.86 -39.80
CA PRO C 1010 -26.41 19.87 -40.89
C PRO C 1010 -25.07 19.19 -41.17
N ALA C 1011 -25.15 17.92 -41.57
CA ALA C 1011 -24.01 17.14 -42.04
C ALA C 1011 -23.42 17.76 -43.31
N VAL C 1012 -22.21 17.36 -43.67
CA VAL C 1012 -21.62 17.74 -44.96
C VAL C 1012 -22.61 17.40 -46.06
N LEU C 1013 -22.98 18.39 -46.85
CA LEU C 1013 -23.95 18.21 -47.93
C LEU C 1013 -23.49 17.16 -48.90
N ASP C 1014 -24.45 16.48 -49.52
CA ASP C 1014 -24.18 15.35 -50.38
C ASP C 1014 -23.08 15.56 -51.44
N GLN C 1015 -23.10 16.71 -52.12
CA GLN C 1015 -22.12 16.98 -53.18
C GLN C 1015 -20.70 17.34 -52.67
N TYR C 1016 -20.52 17.35 -51.36
CA TYR C 1016 -19.22 17.65 -50.79
C TYR C 1016 -18.66 16.47 -50.03
N ARG C 1017 -19.48 15.43 -49.88
CA ARG C 1017 -19.05 14.20 -49.22
C ARG C 1017 -18.12 13.44 -50.15
N LEU C 1018 -17.04 12.90 -49.60
CA LEU C 1018 -16.19 12.00 -50.35
C LEU C 1018 -16.74 10.59 -50.25
N LYS C 1019 -17.65 10.26 -51.16
CA LYS C 1019 -18.36 8.98 -51.10
C LYS C 1019 -17.48 7.82 -51.50
N ALA C 1020 -17.75 6.67 -50.91
CA ALA C 1020 -17.08 5.42 -51.26
C ALA C 1020 -17.38 5.07 -52.70
N GLN C 1021 -16.32 4.85 -53.48
CA GLN C 1021 -16.39 4.63 -54.92
C GLN C 1021 -15.02 4.23 -55.44
N ASP C 1022 -14.94 3.85 -56.72
CA ASP C 1022 -13.64 3.61 -57.37
C ASP C 1022 -12.87 4.92 -57.53
N PHE C 1023 -11.54 4.84 -57.44
CA PHE C 1023 -10.67 6.01 -57.69
C PHE C 1023 -9.67 5.77 -58.84
N ASN C 1024 -9.55 6.77 -59.72
CA ASN C 1024 -8.59 6.73 -60.81
C ASN C 1024 -8.00 8.09 -61.01
N PHE C 1025 -6.68 8.19 -60.85
CA PHE C 1025 -5.97 9.45 -60.99
C PHE C 1025 -4.48 9.26 -61.33
N GLU C 1026 -3.97 10.20 -62.12
CA GLU C 1026 -2.59 10.21 -62.57
C GLU C 1026 -1.89 11.46 -62.07
N PHE C 1027 -0.71 11.28 -61.51
CA PHE C 1027 0.14 12.39 -61.09
C PHE C 1027 1.45 12.39 -61.85
N ASP C 1028 1.95 13.59 -62.14
CA ASP C 1028 3.31 13.73 -62.60
C ASP C 1028 4.19 14.33 -61.50
N LEU C 1029 5.35 13.73 -61.29
CA LEU C 1029 6.35 14.31 -60.41
C LEU C 1029 7.49 14.76 -61.31
N ALA C 1030 7.50 16.04 -61.63
CA ALA C 1030 8.44 16.60 -62.60
C ALA C 1030 9.59 17.31 -61.89
N PHE C 1031 10.81 16.84 -62.13
CA PHE C 1031 12.00 17.40 -61.49
C PHE C 1031 12.77 18.36 -62.40
N GLU C 1032 13.05 19.56 -61.88
CA GLU C 1032 13.76 20.61 -62.63
C GLU C 1032 15.23 20.24 -62.92
N SER D 9 17.20 34.34 22.67
CA SER D 9 16.05 33.39 22.61
C SER D 9 14.76 34.11 23.00
N CYS D 10 14.28 34.99 22.13
CA CYS D 10 13.09 35.78 22.40
C CYS D 10 11.76 35.03 22.20
N LEU D 11 11.80 33.87 21.55
CA LEU D 11 10.59 33.03 21.43
C LEU D 11 10.25 32.22 22.68
N ILE D 12 11.13 32.31 23.69
CA ILE D 12 10.82 31.80 25.01
C ILE D 12 10.99 32.94 26.00
N PRO D 13 9.93 33.24 26.77
CA PRO D 13 9.92 34.41 27.63
C PRO D 13 11.08 34.44 28.61
N GLU D 14 11.56 35.64 28.91
CA GLU D 14 12.70 35.88 29.79
C GLU D 14 12.60 35.14 31.15
N ASN D 15 11.44 35.22 31.81
CA ASN D 15 11.26 34.68 33.16
C ASN D 15 11.25 33.16 33.25
N LEU D 16 11.04 32.50 32.11
CA LEU D 16 11.06 31.05 32.05
C LEU D 16 12.48 30.54 31.82
N ARG D 17 13.41 31.44 31.52
CA ARG D 17 14.78 31.05 31.22
C ARG D 17 15.77 31.81 32.07
N ASN D 18 15.35 32.23 33.26
CA ASN D 18 16.20 32.99 34.15
C ASN D 18 16.18 32.40 35.57
N PRO D 19 17.26 31.69 35.93
CA PRO D 19 17.32 30.97 37.21
C PRO D 19 17.25 31.88 38.43
N LYS D 20 17.67 33.14 38.25
CA LYS D 20 17.60 34.14 39.32
C LYS D 20 16.17 34.70 39.54
N LYS D 21 15.34 34.60 38.51
CA LYS D 21 13.96 35.04 38.59
C LYS D 21 13.13 33.97 39.30
N VAL D 22 13.34 33.89 40.60
CA VAL D 22 12.74 32.89 41.47
C VAL D 22 11.29 33.25 41.79
N HIS D 23 11.02 34.56 41.82
CA HIS D 23 9.69 35.08 42.03
C HIS D 23 9.72 36.56 41.70
N GLU D 24 8.54 37.14 41.51
CA GLU D 24 8.40 38.59 41.48
C GLU D 24 7.26 38.99 42.41
N ASN D 25 7.58 39.83 43.39
CA ASN D 25 6.61 40.36 44.33
C ASN D 25 6.01 39.36 45.31
N ARG D 26 6.64 38.21 45.47
CA ARG D 26 6.20 37.26 46.51
C ARG D 26 6.58 37.76 47.90
N LEU D 27 5.64 37.68 48.83
CA LEU D 27 5.90 38.06 50.22
C LEU D 27 6.88 37.08 50.87
N PRO D 28 7.67 37.56 51.86
CA PRO D 28 8.65 36.68 52.52
C PRO D 28 7.97 35.49 53.19
N THR D 29 8.67 34.36 53.23
CA THR D 29 8.09 33.16 53.81
C THR D 29 7.92 33.34 55.32
N ARG D 30 6.80 32.86 55.83
CA ARG D 30 6.50 32.90 57.27
C ARG D 30 5.97 31.54 57.72
N ALA D 31 5.97 31.31 59.04
CA ALA D 31 5.48 30.06 59.59
C ALA D 31 4.01 29.92 59.24
N TYR D 32 3.63 28.73 58.76
CA TYR D 32 2.25 28.45 58.36
C TYR D 32 1.34 28.17 59.55
N TYR D 33 0.19 28.83 59.54
CA TYR D 33 -0.87 28.58 60.49
C TYR D 33 -2.19 28.71 59.75
N TYR D 34 -3.01 27.67 59.79
CA TYR D 34 -4.34 27.77 59.21
C TYR D 34 -5.33 28.41 60.21
N ASP D 35 -6.07 29.40 59.72
CA ASP D 35 -7.07 30.10 60.50
C ASP D 35 -8.32 30.24 59.63
N GLN D 36 -9.40 29.60 60.09
CA GLN D 36 -10.71 29.62 59.42
C GLN D 36 -11.25 31.04 59.18
N ASP D 37 -11.00 31.95 60.13
CA ASP D 37 -11.47 33.33 60.03
C ASP D 37 -10.70 34.15 58.99
N ILE D 38 -9.47 33.74 58.69
CA ILE D 38 -8.61 34.49 57.75
C ILE D 38 -8.60 33.84 56.37
N PHE D 39 -8.53 32.51 56.32
CA PHE D 39 -8.52 31.75 55.07
C PHE D 39 -9.91 31.56 54.46
N GLU D 40 -10.11 32.13 53.28
CA GLU D 40 -11.29 31.86 52.48
C GLU D 40 -10.84 31.03 51.26
N SER D 41 -11.48 29.89 51.06
CA SER D 41 -11.06 28.96 49.99
C SER D 41 -11.52 29.40 48.62
N LEU D 42 -10.60 29.37 47.65
CA LEU D 42 -10.93 29.70 46.25
C LEU D 42 -10.91 28.46 45.38
N ASN D 43 -10.91 27.30 46.03
CA ASN D 43 -11.00 26.03 45.34
C ASN D 43 -12.36 25.87 44.67
N GLY D 44 -12.45 24.99 43.69
CA GLY D 44 -13.69 24.74 42.97
C GLY D 44 -13.46 24.82 41.49
N PRO D 45 -14.51 25.04 40.70
CA PRO D 45 -14.32 25.13 39.26
C PRO D 45 -13.77 26.50 38.83
N TRP D 46 -12.78 26.47 37.94
CA TRP D 46 -12.17 27.66 37.36
C TRP D 46 -12.23 27.56 35.84
N ALA D 47 -12.41 28.70 35.18
CA ALA D 47 -12.30 28.73 33.72
C ALA D 47 -10.87 28.37 33.38
N PHE D 48 -10.69 27.55 32.33
CA PHE D 48 -9.37 27.05 31.97
C PHE D 48 -9.22 26.76 30.49
N ALA D 49 -8.08 27.14 29.94
CA ALA D 49 -7.73 26.80 28.56
C ALA D 49 -6.25 26.43 28.48
N LEU D 50 -5.94 25.45 27.63
CA LEU D 50 -4.57 25.01 27.43
C LEU D 50 -4.03 25.51 26.09
N PHE D 51 -2.77 25.92 26.08
CA PHE D 51 -2.13 26.45 24.87
C PHE D 51 -0.82 25.72 24.60
N ASP D 52 -0.44 25.60 23.33
CA ASP D 52 0.81 24.94 22.95
C ASP D 52 2.07 25.52 23.60
N ALA D 53 2.12 26.85 23.71
CA ALA D 53 3.26 27.61 24.22
C ALA D 53 2.79 29.00 24.66
N PRO D 54 3.62 29.71 25.43
CA PRO D 54 3.24 31.02 25.95
C PRO D 54 2.72 32.03 24.93
N LEU D 55 3.25 31.98 23.71
CA LEU D 55 2.88 32.96 22.69
C LEU D 55 1.46 32.79 22.15
N ASP D 56 0.87 31.61 22.34
CA ASP D 56 -0.54 31.39 21.98
C ASP D 56 -1.51 31.80 23.10
N ALA D 57 -1.00 31.95 24.32
CA ALA D 57 -1.83 32.35 25.45
C ALA D 57 -2.19 33.83 25.36
N PRO D 58 -3.41 34.22 25.82
CA PRO D 58 -3.83 35.62 25.78
C PRO D 58 -3.05 36.53 26.72
N ASP D 59 -2.86 37.78 26.31
CA ASP D 59 -2.32 38.81 27.19
C ASP D 59 -3.34 39.01 28.32
N ALA D 60 -2.94 38.65 29.54
CA ALA D 60 -3.83 38.71 30.69
C ALA D 60 -4.22 40.13 31.11
N LYS D 61 -3.44 41.12 30.66
CA LYS D 61 -3.74 42.53 30.95
C LYS D 61 -5.00 42.98 30.20
N ASN D 62 -5.44 42.20 29.23
CA ASN D 62 -6.63 42.51 28.43
C ASN D 62 -7.76 41.48 28.53
N LEU D 63 -7.57 40.45 29.35
CA LEU D 63 -8.56 39.38 29.42
C LEU D 63 -9.68 39.75 30.39
N ASP D 64 -10.89 39.87 29.85
CA ASP D 64 -12.12 40.15 30.62
C ASP D 64 -12.60 38.87 31.25
N TRP D 65 -13.43 38.98 32.28
CA TRP D 65 -14.19 37.81 32.74
C TRP D 65 -15.22 37.35 31.70
N GLU D 66 -15.78 38.30 30.93
CA GLU D 66 -16.77 37.96 29.89
C GLU D 66 -16.18 37.06 28.82
N THR D 67 -14.88 37.24 28.55
CA THR D 67 -14.15 36.43 27.57
C THR D 67 -13.84 35.05 28.16
N ALA D 68 -13.27 35.05 29.37
CA ALA D 68 -12.84 33.81 30.04
C ALA D 68 -14.01 32.93 30.43
N LYS D 69 -15.06 33.58 30.92
CA LYS D 69 -16.33 32.97 31.27
C LYS D 69 -16.76 31.84 30.32
N LYS D 70 -16.38 31.95 29.05
CA LYS D 70 -16.90 31.07 28.01
C LYS D 70 -16.08 29.79 27.88
N TRP D 71 -14.92 29.74 28.53
CA TRP D 71 -14.06 28.55 28.48
C TRP D 71 -14.65 27.40 29.27
N SER D 72 -14.17 26.19 28.98
CA SER D 72 -14.41 25.02 29.83
C SER D 72 -13.84 25.25 31.22
N THR D 73 -14.34 24.49 32.18
CA THR D 73 -13.86 24.62 33.55
C THR D 73 -13.03 23.42 33.96
N ILE D 74 -12.08 23.66 34.86
CA ILE D 74 -11.31 22.60 35.48
C ILE D 74 -11.48 22.82 36.98
N SER D 75 -11.36 21.77 37.77
CA SER D 75 -11.54 21.95 39.19
C SER D 75 -10.17 22.09 39.88
N VAL D 76 -10.05 23.13 40.68
CA VAL D 76 -8.85 23.43 41.46
C VAL D 76 -9.13 22.99 42.89
N PRO D 77 -8.22 22.22 43.48
CA PRO D 77 -6.92 21.80 42.95
C PRO D 77 -6.92 20.44 42.24
N SER D 78 -6.21 20.36 41.12
CA SER D 78 -6.02 19.10 40.40
C SER D 78 -4.92 19.25 39.38
N HIS D 79 -4.36 18.14 38.93
CA HIS D 79 -3.40 18.15 37.82
C HIS D 79 -4.10 18.12 36.51
N TRP D 80 -3.56 18.80 35.52
CA TRP D 80 -4.25 18.78 34.25
C TRP D 80 -3.97 17.54 33.39
N GLU D 81 -3.03 16.71 33.82
CA GLU D 81 -2.84 15.41 33.16
C GLU D 81 -3.69 14.31 33.78
N LEU D 82 -4.56 14.68 34.73
CA LEU D 82 -5.43 13.69 35.37
C LEU D 82 -6.89 14.11 35.30
N GLN D 83 -7.37 14.37 34.10
CA GLN D 83 -8.74 14.82 33.90
C GLN D 83 -9.57 13.74 33.21
N GLU D 84 -10.89 13.81 33.40
CA GLU D 84 -11.84 13.03 32.61
C GLU D 84 -11.35 12.88 31.16
N ASP D 85 -11.20 11.62 30.71
CA ASP D 85 -10.86 11.30 29.32
C ASP D 85 -9.49 11.81 28.88
N TRP D 86 -8.63 12.16 29.84
CA TRP D 86 -7.26 12.67 29.54
C TRP D 86 -7.31 13.91 28.62
N LYS D 87 -8.33 14.74 28.85
CA LYS D 87 -8.62 15.92 28.03
C LYS D 87 -7.37 16.75 27.75
N TYR D 88 -6.52 16.93 28.75
CA TYR D 88 -5.36 17.81 28.63
C TYR D 88 -4.02 17.10 28.71
N GLY D 89 -3.96 15.91 28.12
CA GLY D 89 -2.72 15.14 28.08
C GLY D 89 -2.64 14.05 29.12
N LYS D 90 -1.53 13.32 29.12
CA LYS D 90 -1.35 12.20 30.03
C LYS D 90 -0.10 12.40 30.90
N PRO D 91 -0.03 11.73 32.07
CA PRO D 91 1.16 11.78 32.90
C PRO D 91 2.39 11.24 32.16
N ILE D 92 3.57 11.71 32.55
CA ILE D 92 4.83 11.22 32.01
C ILE D 92 5.72 10.75 33.17
N TYR D 93 6.23 9.52 33.09
CA TYR D 93 7.14 9.03 34.10
C TYR D 93 8.61 8.97 33.65
N THR D 94 9.46 9.76 34.31
CA THR D 94 10.91 9.55 34.21
C THR D 94 11.53 9.46 35.59
N ASN D 95 12.50 8.56 35.70
CA ASN D 95 13.31 8.44 36.88
C ASN D 95 14.43 9.49 36.86
N VAL D 96 15.52 9.16 36.15
CA VAL D 96 16.67 10.05 36.04
C VAL D 96 16.57 11.00 34.83
N GLN D 97 16.47 10.43 33.63
CA GLN D 97 16.45 11.21 32.38
C GLN D 97 15.45 12.37 32.39
N TYR D 98 15.90 13.54 31.93
CA TYR D 98 15.00 14.66 31.75
C TYR D 98 14.10 14.37 30.56
N PRO D 99 12.80 14.75 30.64
CA PRO D 99 11.89 14.55 29.52
C PRO D 99 12.05 15.64 28.46
N ILE D 100 13.00 16.53 28.67
CA ILE D 100 13.28 17.63 27.76
C ILE D 100 14.76 17.54 27.35
N PRO D 101 15.18 18.28 26.30
CA PRO D 101 16.62 18.34 26.03
C PRO D 101 17.34 19.24 27.02
N ILE D 102 18.61 18.99 27.29
CA ILE D 102 19.36 19.81 28.22
C ILE D 102 20.04 20.97 27.49
N ASP D 103 19.65 22.18 27.85
CA ASP D 103 20.25 23.41 27.36
C ASP D 103 20.05 24.50 28.43
N ILE D 104 20.69 24.25 29.57
CA ILE D 104 20.55 25.10 30.75
C ILE D 104 20.88 26.56 30.42
N PRO D 105 19.98 27.50 30.80
CA PRO D 105 18.76 27.27 31.59
C PRO D 105 17.44 27.26 30.77
N ASN D 106 17.51 26.94 29.49
CA ASN D 106 16.37 27.07 28.62
C ASN D 106 15.40 25.91 28.73
N PRO D 107 14.10 26.22 28.87
CA PRO D 107 13.07 25.20 28.69
C PRO D 107 12.85 24.99 27.20
N PRO D 108 12.10 23.96 26.81
CA PRO D 108 11.73 23.87 25.41
C PRO D 108 10.84 25.05 25.00
N THR D 109 10.89 25.40 23.72
CA THR D 109 10.03 26.45 23.17
C THR D 109 8.57 26.01 23.17
N VAL D 110 8.34 24.75 22.83
CA VAL D 110 7.02 24.16 22.95
C VAL D 110 6.83 23.81 24.41
N ASN D 111 5.97 24.58 25.08
CA ASN D 111 5.90 24.59 26.53
C ASN D 111 4.45 24.77 26.95
N PRO D 112 3.74 23.65 27.24
CA PRO D 112 2.32 23.69 27.59
C PRO D 112 2.00 24.78 28.61
N THR D 113 1.09 25.67 28.22
CA THR D 113 0.67 26.79 29.05
C THR D 113 -0.82 26.72 29.35
N GLY D 114 -1.16 26.60 30.63
CA GLY D 114 -2.54 26.63 31.08
C GLY D 114 -2.89 27.96 31.71
N VAL D 115 -4.01 28.53 31.29
CA VAL D 115 -4.49 29.78 31.86
C VAL D 115 -5.75 29.49 32.68
N TYR D 116 -5.75 29.92 33.94
CA TYR D 116 -6.88 29.72 34.86
C TYR D 116 -7.52 31.06 35.13
N ALA D 117 -8.84 31.07 35.29
CA ALA D 117 -9.56 32.30 35.64
C ALA D 117 -10.80 32.01 36.46
N ARG D 118 -11.02 32.85 37.46
CA ARG D 118 -12.27 32.84 38.21
C ARG D 118 -12.47 34.20 38.82
N THR D 119 -13.65 34.40 39.44
CA THR D 119 -13.94 35.65 40.13
C THR D 119 -14.26 35.41 41.60
N PHE D 120 -14.14 36.46 42.40
CA PHE D 120 -14.63 36.42 43.77
C PHE D 120 -15.22 37.78 44.14
N GLU D 121 -16.11 37.76 45.12
CA GLU D 121 -16.85 38.95 45.53
C GLU D 121 -16.22 39.64 46.72
N LEU D 122 -16.12 40.96 46.63
CA LEU D 122 -15.63 41.77 47.74
C LEU D 122 -16.61 42.84 48.18
N ASP D 123 -16.70 42.93 49.50
CA ASP D 123 -17.54 43.86 50.19
C ASP D 123 -16.97 45.28 50.23
N SER D 124 -17.86 46.26 50.41
CA SER D 124 -17.44 47.63 50.71
C SER D 124 -16.60 47.69 51.98
N LYS D 125 -17.10 47.05 53.04
CA LYS D 125 -16.42 47.03 54.34
C LYS D 125 -15.14 46.19 54.34
N SER D 126 -15.13 45.12 53.55
CA SER D 126 -13.97 44.21 53.49
C SER D 126 -12.64 44.93 53.20
N ILE D 127 -12.64 45.76 52.16
CA ILE D 127 -11.47 46.55 51.74
C ILE D 127 -11.04 47.57 52.81
N GLU D 128 -12.00 48.09 53.54
CA GLU D 128 -11.70 48.96 54.69
C GLU D 128 -11.12 48.15 55.86
N SER D 129 -11.72 46.99 56.14
CA SER D 129 -11.36 46.15 57.30
C SER D 129 -10.07 45.30 57.20
N PHE D 130 -9.70 44.89 55.98
CA PHE D 130 -8.66 43.87 55.82
C PHE D 130 -7.58 44.15 54.77
N GLU D 131 -6.35 43.72 55.06
CA GLU D 131 -5.33 43.56 54.01
C GLU D 131 -5.61 42.22 53.32
N HIS D 132 -5.67 42.25 52.00
CA HIS D 132 -6.03 41.06 51.22
C HIS D 132 -4.83 40.47 50.50
N ARG D 133 -4.66 39.16 50.65
CA ARG D 133 -3.59 38.40 50.00
C ARG D 133 -4.15 37.22 49.25
N LEU D 134 -3.39 36.73 48.28
CA LEU D 134 -3.63 35.41 47.69
C LEU D 134 -2.51 34.45 48.09
N ARG D 135 -2.89 33.27 48.58
CA ARG D 135 -1.94 32.23 48.93
C ARG D 135 -2.17 30.97 48.10
N PHE D 136 -1.12 30.55 47.39
CA PHE D 136 -1.12 29.34 46.58
C PHE D 136 -0.23 28.29 47.24
N GLU D 137 -0.79 27.12 47.56
CA GLU D 137 -0.05 26.12 48.32
C GLU D 137 0.93 25.31 47.47
N GLY D 138 0.71 25.32 46.16
CA GLY D 138 1.61 24.63 45.25
C GLY D 138 1.11 24.64 43.82
N VAL D 139 1.97 25.06 42.89
CA VAL D 139 1.64 25.13 41.46
C VAL D 139 2.86 24.67 40.67
N ASP D 140 2.65 23.75 39.73
CA ASP D 140 3.71 23.10 38.95
C ASP D 140 3.58 23.59 37.50
N ASN D 141 4.60 24.19 36.88
CA ASN D 141 5.96 24.40 37.38
C ASN D 141 6.15 25.79 37.96
N CYS D 142 5.56 26.78 37.31
CA CYS D 142 5.65 28.17 37.72
C CYS D 142 4.52 28.95 37.07
N TYR D 143 4.30 30.16 37.54
CA TYR D 143 3.13 30.91 37.11
C TYR D 143 3.25 32.43 37.28
N GLU D 144 2.55 33.18 36.43
CA GLU D 144 2.32 34.60 36.69
C GLU D 144 0.89 34.85 37.14
N LEU D 145 0.71 35.85 37.99
CA LEU D 145 -0.58 36.10 38.63
C LEU D 145 -1.11 37.49 38.29
N TYR D 146 -2.39 37.55 37.90
CA TYR D 146 -3.04 38.82 37.58
C TYR D 146 -4.33 38.96 38.35
N VAL D 147 -4.56 40.17 38.86
CA VAL D 147 -5.85 40.51 39.46
C VAL D 147 -6.41 41.73 38.73
N ASN D 148 -7.66 41.61 38.29
CA ASN D 148 -8.39 42.69 37.60
C ASN D 148 -7.64 43.29 36.41
N GLY D 149 -7.08 42.41 35.57
CA GLY D 149 -6.28 42.81 34.41
C GLY D 149 -4.91 43.44 34.72
N GLN D 150 -4.46 43.32 35.97
CA GLN D 150 -3.18 43.90 36.40
C GLN D 150 -2.20 42.84 36.91
N TYR D 151 -0.96 42.91 36.44
CA TYR D 151 0.08 41.96 36.82
C TYR D 151 0.45 42.12 38.29
N VAL D 152 0.26 41.05 39.07
CA VAL D 152 0.63 41.07 40.48
C VAL D 152 2.08 40.58 40.69
N GLY D 153 2.40 39.40 40.16
CA GLY D 153 3.72 38.82 40.29
C GLY D 153 3.93 37.46 39.63
N PHE D 154 5.03 36.83 40.00
CA PHE D 154 5.52 35.61 39.36
C PHE D 154 6.10 34.74 40.48
N ASN D 155 6.13 33.42 40.27
CA ASN D 155 6.62 32.48 41.26
C ASN D 155 7.14 31.16 40.67
N LYS D 156 8.20 30.65 41.30
CA LYS D 156 8.73 29.32 41.03
C LYS D 156 8.83 28.52 42.33
N GLY D 157 8.91 27.20 42.19
CA GLY D 157 9.05 26.31 43.35
C GLY D 157 7.76 25.55 43.53
N SER D 158 7.67 24.40 42.85
CA SER D 158 6.43 23.64 42.69
C SER D 158 5.80 23.13 43.98
N ARG D 159 6.59 22.75 44.97
CA ARG D 159 6.00 22.24 46.21
C ARG D 159 6.16 23.19 47.40
N ASN D 160 6.58 24.42 47.09
CA ASN D 160 6.61 25.48 48.08
C ASN D 160 5.37 26.34 47.91
N GLY D 161 5.02 27.09 48.96
CA GLY D 161 3.88 27.98 48.88
C GLY D 161 4.30 29.39 48.51
N ALA D 162 3.29 30.25 48.33
CA ALA D 162 3.54 31.63 47.95
C ALA D 162 2.37 32.49 48.34
N GLU D 163 2.67 33.65 48.94
CA GLU D 163 1.66 34.66 49.19
C GLU D 163 1.95 35.95 48.40
N PHE D 164 0.89 36.61 47.96
CA PHE D 164 0.99 37.89 47.24
C PHE D 164 0.01 38.91 47.79
N ASP D 165 0.51 40.12 48.04
CA ASP D 165 -0.32 41.25 48.46
C ASP D 165 -1.22 41.71 47.31
N ILE D 166 -2.51 41.81 47.59
CA ILE D 166 -3.56 42.04 46.57
C ILE D 166 -4.29 43.37 46.80
N GLN D 167 -4.01 44.01 47.92
CA GLN D 167 -4.70 45.25 48.34
C GLN D 167 -4.78 46.35 47.27
N LYS D 168 -3.67 46.60 46.58
CA LYS D 168 -3.63 47.65 45.55
C LYS D 168 -4.58 47.40 44.38
N TYR D 169 -4.86 46.12 44.09
CA TYR D 169 -5.50 45.72 42.82
C TYR D 169 -6.97 45.42 42.99
N VAL D 170 -7.40 45.37 44.23
CA VAL D 170 -8.72 44.91 44.59
C VAL D 170 -9.79 46.00 44.43
N SER D 171 -11.01 45.58 44.06
CA SER D 171 -12.14 46.48 43.87
C SER D 171 -13.38 45.97 44.59
N GLU D 172 -14.30 46.89 44.90
CA GLU D 172 -15.59 46.52 45.45
C GLU D 172 -16.40 45.77 44.39
N GLY D 173 -17.05 44.69 44.79
CA GLY D 173 -17.82 43.86 43.85
C GLY D 173 -17.01 42.71 43.26
N GLU D 174 -17.15 42.51 41.95
CA GLU D 174 -16.49 41.41 41.23
C GLU D 174 -15.00 41.63 41.05
N ASN D 175 -14.20 40.66 41.48
CA ASN D 175 -12.77 40.67 41.24
C ASN D 175 -12.35 39.49 40.37
N LEU D 176 -11.42 39.74 39.44
CA LEU D 176 -10.96 38.73 38.51
C LEU D 176 -9.55 38.25 38.84
N VAL D 177 -9.41 36.93 39.03
CA VAL D 177 -8.09 36.31 39.24
C VAL D 177 -7.72 35.49 38.02
N VAL D 178 -6.56 35.78 37.45
CA VAL D 178 -6.08 35.01 36.32
C VAL D 178 -4.67 34.50 36.62
N VAL D 179 -4.47 33.19 36.42
CA VAL D 179 -3.18 32.56 36.68
C VAL D 179 -2.67 31.87 35.42
N LYS D 180 -1.51 32.30 34.94
CA LYS D 180 -0.86 31.67 33.79
C LYS D 180 0.16 30.67 34.29
N VAL D 181 -0.07 29.39 34.03
CA VAL D 181 0.79 28.32 34.53
C VAL D 181 1.59 27.68 33.41
N PHE D 182 2.91 27.55 33.62
CA PHE D 182 3.81 26.99 32.60
C PHE D 182 4.40 25.67 33.06
N LYS D 183 4.47 24.69 32.16
CA LYS D 183 4.90 23.33 32.50
C LYS D 183 6.41 23.22 32.73
N TRP D 184 7.18 23.89 31.86
CA TRP D 184 8.64 23.86 31.92
C TRP D 184 9.21 25.25 32.16
N SER D 185 10.38 25.30 32.78
CA SER D 185 11.14 26.53 32.96
C SER D 185 12.54 26.16 33.39
N ASP D 186 13.38 27.16 33.67
CA ASP D 186 14.73 26.91 34.18
C ASP D 186 14.70 26.09 35.46
N SER D 187 13.54 26.11 36.11
CA SER D 187 13.31 25.42 37.36
C SER D 187 13.20 23.91 37.15
N THR D 188 12.76 23.48 35.97
CA THR D 188 12.60 22.06 35.65
C THR D 188 13.89 21.30 35.95
N TYR D 189 15.03 21.94 35.71
CA TYR D 189 16.31 21.27 35.85
C TYR D 189 16.59 20.88 37.30
N ILE D 190 15.95 21.59 38.21
CA ILE D 190 16.13 21.30 39.63
C ILE D 190 14.91 20.62 40.28
N GLU D 191 14.01 20.09 39.45
CA GLU D 191 12.82 19.40 39.92
C GLU D 191 12.69 18.02 39.27
N ASP D 192 13.81 17.31 39.19
CA ASP D 192 13.84 16.03 38.50
C ASP D 192 13.78 14.82 39.45
N GLN D 193 12.76 14.78 40.31
CA GLN D 193 12.53 13.65 41.19
C GLN D 193 12.10 12.43 40.41
N ASP D 194 12.38 11.25 40.95
CA ASP D 194 11.88 10.01 40.37
C ASP D 194 10.39 9.87 40.67
N GLN D 195 9.58 10.47 39.80
CA GLN D 195 8.12 10.55 39.98
C GLN D 195 7.44 10.98 38.68
N TRP D 196 6.11 11.01 38.70
CA TRP D 196 5.32 11.46 37.56
C TRP D 196 5.55 12.95 37.34
N TRP D 197 5.69 13.32 36.08
CA TRP D 197 5.65 14.72 35.67
C TRP D 197 4.20 15.12 35.55
N LEU D 198 3.76 16.03 36.42
CA LEU D 198 2.38 16.51 36.44
C LEU D 198 2.36 18.02 36.63
N SER D 199 1.34 18.67 36.07
CA SER D 199 1.26 20.13 36.08
C SER D 199 -0.06 20.70 36.62
N GLY D 200 -0.06 22.00 36.90
CA GLY D 200 -1.26 22.72 37.29
C GLY D 200 -1.26 23.24 38.71
N ILE D 201 -2.34 23.93 39.06
CA ILE D 201 -2.58 24.31 40.44
C ILE D 201 -3.12 23.06 41.13
N TYR D 202 -2.19 22.30 41.72
CA TYR D 202 -2.52 21.01 42.29
C TYR D 202 -2.71 21.08 43.81
N ARG D 203 -2.57 22.27 44.39
CA ARG D 203 -2.84 22.48 45.81
C ARG D 203 -3.79 23.65 46.06
N ASP D 204 -4.23 23.81 47.30
CA ASP D 204 -5.19 24.83 47.67
C ASP D 204 -4.81 26.23 47.18
N VAL D 205 -5.82 27.01 46.84
CA VAL D 205 -5.68 28.46 46.66
C VAL D 205 -6.59 29.13 47.69
N SER D 206 -6.10 30.19 48.31
CA SER D 206 -6.88 30.87 49.35
C SER D 206 -6.80 32.38 49.24
N LEU D 207 -7.89 33.02 49.62
CA LEU D 207 -7.90 34.45 49.80
C LEU D 207 -7.75 34.69 51.29
N LEU D 208 -6.69 35.40 51.68
CA LEU D 208 -6.48 35.72 53.08
C LEU D 208 -6.99 37.12 53.41
N LYS D 209 -7.73 37.25 54.49
CA LYS D 209 -8.18 38.54 54.99
C LYS D 209 -7.59 38.81 56.36
N LEU D 210 -6.52 39.59 56.41
CA LEU D 210 -5.85 39.93 57.67
C LEU D 210 -6.31 41.28 58.17
N PRO D 211 -6.47 41.45 59.49
CA PRO D 211 -6.85 42.76 60.05
C PRO D 211 -5.87 43.85 59.60
N LYS D 212 -6.40 44.99 59.19
CA LYS D 212 -5.60 45.93 58.40
C LYS D 212 -4.58 46.73 59.18
N LYS D 213 -5.02 47.38 60.25
CA LYS D 213 -4.17 48.33 60.98
C LYS D 213 -2.97 47.67 61.66
N ALA D 214 -3.20 46.45 62.18
CA ALA D 214 -2.16 45.62 62.77
C ALA D 214 -2.58 44.16 62.70
N HIS D 215 -1.60 43.27 62.51
CA HIS D 215 -1.85 41.81 62.45
C HIS D 215 -0.58 41.00 62.72
N ILE D 216 -0.74 39.74 63.09
CA ILE D 216 0.40 38.86 63.35
C ILE D 216 0.93 38.30 62.04
N GLU D 217 2.21 38.57 61.77
CA GLU D 217 2.81 38.12 60.52
C GLU D 217 3.53 36.79 60.67
N ASP D 218 4.34 36.68 61.73
CA ASP D 218 5.21 35.53 61.88
C ASP D 218 5.36 35.23 63.36
N VAL D 219 5.60 33.96 63.66
CA VAL D 219 5.77 33.50 65.04
C VAL D 219 6.94 32.51 65.06
N ARG D 220 7.67 32.48 66.16
CA ARG D 220 8.79 31.58 66.29
C ARG D 220 8.83 30.96 67.68
N VAL D 221 8.71 29.63 67.71
CA VAL D 221 8.64 28.92 68.98
C VAL D 221 9.77 27.93 69.10
N THR D 222 10.60 28.10 70.14
CA THR D 222 11.66 27.15 70.45
C THR D 222 11.54 26.64 71.90
N THR D 223 11.86 25.36 72.08
CA THR D 223 11.97 24.78 73.40
C THR D 223 13.40 24.28 73.59
N THR D 224 14.09 24.87 74.55
CA THR D 224 15.46 24.52 74.86
C THR D 224 15.58 24.15 76.33
N PHE D 225 16.22 23.01 76.61
CA PHE D 225 16.47 22.60 77.99
C PHE D 225 17.63 23.40 78.57
N VAL D 226 17.42 23.92 79.78
CA VAL D 226 18.43 24.74 80.45
C VAL D 226 19.60 23.90 80.93
N ASP D 227 19.47 22.59 80.88
CA ASP D 227 20.22 21.73 81.75
C ASP D 227 20.72 20.46 81.07
N SER D 228 21.81 19.94 81.62
CA SER D 228 22.38 18.68 81.17
C SER D 228 21.44 17.50 81.48
N GLN D 229 20.50 17.69 82.39
CA GLN D 229 19.63 16.61 82.85
C GLN D 229 18.20 16.69 82.26
N TYR D 230 18.03 17.54 81.26
CA TYR D 230 16.82 17.57 80.44
C TYR D 230 15.51 17.63 81.24
N GLN D 231 15.46 18.60 82.15
CA GLN D 231 14.27 18.82 82.97
C GLN D 231 13.61 20.17 82.70
N ASP D 232 14.13 21.22 83.32
CA ASP D 232 13.58 22.54 83.11
C ASP D 232 13.89 23.02 81.70
N ALA D 233 12.95 23.72 81.07
CA ALA D 233 13.13 24.20 79.72
C ALA D 233 12.79 25.67 79.56
N GLU D 234 13.50 26.34 78.67
CA GLU D 234 13.15 27.70 78.31
C GLU D 234 12.25 27.65 77.07
N LEU D 235 11.05 28.20 77.20
CA LEU D 235 10.16 28.37 76.06
C LEU D 235 10.32 29.79 75.53
N SER D 236 10.81 29.91 74.28
CA SER D 236 11.00 31.20 73.64
C SER D 236 9.92 31.46 72.59
N VAL D 237 9.26 32.60 72.70
CA VAL D 237 8.27 32.98 71.70
C VAL D 237 8.61 34.35 71.12
N LYS D 238 8.84 34.39 69.82
CA LYS D 238 9.15 35.64 69.14
C LYS D 238 8.05 35.91 68.12
N VAL D 239 7.36 37.04 68.27
CA VAL D 239 6.28 37.42 67.34
C VAL D 239 6.69 38.66 66.53
N ASP D 240 6.47 38.59 65.22
CA ASP D 240 6.63 39.73 64.32
C ASP D 240 5.22 40.27 64.00
N VAL D 241 4.88 41.39 64.62
CA VAL D 241 3.61 42.07 64.36
C VAL D 241 3.80 43.13 63.27
N GLN D 242 2.84 43.25 62.37
CA GLN D 242 2.93 44.21 61.26
C GLN D 242 1.90 45.33 61.45
N GLY D 243 2.39 46.56 61.49
CA GLY D 243 1.53 47.70 61.78
C GLY D 243 1.73 48.24 63.20
N SER D 244 1.15 49.42 63.45
CA SER D 244 1.35 50.15 64.71
C SER D 244 0.19 50.01 65.69
N SER D 245 -1.03 49.89 65.15
CA SER D 245 -2.26 49.98 65.98
C SER D 245 -2.57 48.76 66.85
N TYR D 246 -1.64 48.46 67.77
CA TYR D 246 -1.81 47.39 68.77
C TYR D 246 -1.14 47.86 70.07
N ASP D 247 -1.55 47.26 71.18
CA ASP D 247 -0.98 47.59 72.50
C ASP D 247 0.10 46.59 72.93
N HIS D 248 -0.27 45.32 73.02
CA HIS D 248 0.66 44.25 73.43
C HIS D 248 0.17 42.85 73.01
N ILE D 249 0.92 41.81 73.39
CA ILE D 249 0.47 40.43 73.13
C ILE D 249 0.28 39.61 74.41
N ASN D 250 -0.68 38.70 74.37
CA ASN D 250 -0.89 37.75 75.46
C ASN D 250 -0.51 36.35 75.03
N PHE D 251 0.02 35.58 75.96
CA PHE D 251 0.32 34.19 75.70
C PHE D 251 -0.23 33.26 76.79
N THR D 252 -1.01 32.28 76.37
CA THR D 252 -1.52 31.31 77.33
C THR D 252 -1.13 29.89 76.90
N LEU D 253 -0.42 29.20 77.80
CA LEU D 253 -0.02 27.83 77.58
C LEU D 253 -0.89 26.93 78.46
N TYR D 254 -1.41 25.86 77.88
CA TYR D 254 -2.33 24.98 78.59
C TYR D 254 -1.70 23.68 79.06
N GLU D 255 -2.32 23.07 80.07
CA GLU D 255 -1.84 21.80 80.63
C GLU D 255 -1.79 20.76 79.53
N PRO D 256 -0.75 19.92 79.56
CA PRO D 256 -0.47 19.02 78.45
C PRO D 256 -1.55 17.95 78.26
N GLU D 257 -1.63 17.42 77.05
CA GLU D 257 -2.43 16.22 76.80
C GLU D 257 -1.46 15.12 76.41
N ASP D 258 -1.43 14.05 77.19
CA ASP D 258 -0.43 12.98 77.01
C ASP D 258 -0.41 12.42 75.58
N GLY D 259 0.79 12.08 75.11
CA GLY D 259 0.97 11.57 73.76
C GLY D 259 0.13 10.35 73.43
N SER D 260 -0.45 9.71 74.46
CA SER D 260 -1.34 8.56 74.28
C SER D 260 -2.79 8.95 73.93
N LYS D 261 -3.06 10.25 73.77
CA LYS D 261 -4.34 10.77 73.25
C LYS D 261 -4.90 9.94 72.09
N VAL D 262 -6.20 9.67 72.15
CA VAL D 262 -6.87 9.00 71.04
C VAL D 262 -7.21 10.01 69.93
N TYR D 263 -6.90 9.62 68.69
CA TYR D 263 -7.24 10.42 67.51
C TYR D 263 -7.95 9.55 66.49
N ASP D 264 -8.65 10.18 65.57
CA ASP D 264 -9.15 9.52 64.35
C ASP D 264 -9.13 10.52 63.20
N ALA D 265 -9.43 10.04 62.00
CA ALA D 265 -9.43 10.93 60.84
C ALA D 265 -10.24 12.19 61.11
N SER D 266 -11.40 12.01 61.72
CA SER D 266 -12.32 13.11 62.00
C SER D 266 -11.70 14.23 62.87
N SER D 267 -11.16 13.85 64.03
CA SER D 267 -10.61 14.82 64.97
C SER D 267 -9.26 15.42 64.51
N LEU D 268 -8.49 14.66 63.76
CA LEU D 268 -7.25 15.15 63.18
C LEU D 268 -7.48 16.22 62.09
N LEU D 269 -8.63 16.13 61.42
CA LEU D 269 -8.95 17.03 60.30
C LEU D 269 -9.84 18.21 60.69
N ASN D 270 -10.49 18.11 61.86
CA ASN D 270 -11.32 19.19 62.39
C ASN D 270 -10.54 20.51 62.36
N GLU D 271 -11.11 21.51 61.68
CA GLU D 271 -10.43 22.81 61.48
C GLU D 271 -11.13 23.96 62.20
N GLU D 272 -12.13 23.63 63.02
CA GLU D 272 -12.96 24.65 63.66
C GLU D 272 -12.22 25.43 64.75
N ASN D 273 -12.44 26.74 64.73
CA ASN D 273 -12.06 27.67 65.81
C ASN D 273 -13.04 28.87 65.86
N GLY D 274 -12.50 30.06 66.12
CA GLY D 274 -13.33 31.26 66.33
C GLY D 274 -14.05 31.19 67.67
N ASN D 275 -15.31 30.73 67.64
CA ASN D 275 -16.15 30.64 68.85
C ASN D 275 -15.85 29.43 69.76
N THR D 276 -15.23 28.39 69.18
CA THR D 276 -14.77 27.22 69.97
C THR D 276 -13.69 27.67 70.99
N THR D 277 -13.99 27.47 72.28
CA THR D 277 -13.06 27.84 73.37
C THR D 277 -11.88 26.84 73.38
N PHE D 278 -10.72 27.31 72.90
CA PHE D 278 -9.57 26.44 72.60
C PHE D 278 -9.25 25.42 73.71
N SER D 279 -8.80 25.92 74.86
CA SER D 279 -8.61 25.12 76.07
C SER D 279 -8.89 25.99 77.31
N THR D 280 -8.98 25.33 78.46
CA THR D 280 -9.27 26.00 79.72
C THR D 280 -8.19 25.80 80.78
N LYS D 281 -7.60 24.59 80.77
CA LYS D 281 -6.61 24.18 81.77
C LYS D 281 -5.34 25.03 81.66
N GLU D 282 -5.37 26.23 82.24
CA GLU D 282 -4.25 27.17 82.13
C GLU D 282 -3.07 26.71 82.93
N PHE D 283 -1.92 26.76 82.29
CA PHE D 283 -0.68 26.36 82.93
C PHE D 283 0.18 27.60 83.20
N ILE D 284 0.35 28.42 82.17
CA ILE D 284 1.14 29.62 82.28
C ILE D 284 0.49 30.73 81.46
N SER D 285 0.53 31.96 81.98
CA SER D 285 0.17 33.15 81.24
C SER D 285 1.35 34.12 81.16
N PHE D 286 1.29 35.03 80.21
CA PHE D 286 2.30 36.09 80.07
C PHE D 286 1.71 37.23 79.24
N SER D 287 2.11 38.45 79.59
CA SER D 287 1.70 39.64 78.84
C SER D 287 2.89 40.53 78.55
N THR D 288 2.91 41.08 77.35
CA THR D 288 3.87 42.08 76.96
C THR D 288 3.33 43.41 77.48
N LYS D 289 4.21 44.40 77.64
CA LYS D 289 3.77 45.76 77.96
C LYS D 289 3.82 46.67 76.73
N LYS D 290 2.96 47.71 76.77
CA LYS D 290 2.90 48.72 75.71
C LYS D 290 4.32 49.17 75.32
N ASN D 291 4.54 49.31 74.02
CA ASN D 291 5.81 49.84 73.48
C ASN D 291 7.05 48.98 73.73
N GLU D 292 6.84 47.72 74.10
CA GLU D 292 7.97 46.80 74.31
C GLU D 292 7.98 45.64 73.33
N GLU D 293 9.18 45.11 73.14
CA GLU D 293 9.46 43.92 72.34
C GLU D 293 8.31 42.91 72.40
N THR D 294 7.76 42.57 71.24
CA THR D 294 6.72 41.53 71.15
C THR D 294 7.31 40.11 71.07
N ALA D 295 8.16 39.80 72.06
CA ALA D 295 8.80 38.50 72.17
C ALA D 295 9.05 38.28 73.64
N PHE D 296 9.31 37.05 74.02
CA PHE D 296 9.69 36.73 75.40
C PHE D 296 10.25 35.32 75.57
N LYS D 297 10.91 35.12 76.71
CA LYS D 297 11.47 33.84 77.10
C LYS D 297 10.91 33.55 78.49
N ILE D 298 10.40 32.33 78.72
CA ILE D 298 9.96 31.94 80.06
C ILE D 298 10.46 30.57 80.49
N ASN D 299 10.80 30.50 81.77
CA ASN D 299 11.31 29.28 82.36
C ASN D 299 10.15 28.35 82.67
N VAL D 300 10.20 27.14 82.12
CA VAL D 300 9.13 26.16 82.34
C VAL D 300 9.57 24.99 83.25
N LYS D 301 8.76 24.75 84.28
CA LYS D 301 9.05 23.74 85.29
C LYS D 301 8.84 22.30 84.76
N ALA D 302 9.94 21.55 84.66
CA ALA D 302 9.94 20.12 84.26
C ALA D 302 8.78 19.69 83.33
N PRO D 303 8.74 20.22 82.10
CA PRO D 303 7.62 19.94 81.21
C PRO D 303 7.64 18.52 80.70
N GLU D 304 6.48 18.09 80.19
CA GLU D 304 6.33 16.80 79.54
C GLU D 304 7.05 16.80 78.20
N HIS D 305 7.96 15.85 78.01
CA HIS D 305 8.74 15.72 76.79
C HIS D 305 7.87 15.32 75.60
N TRP D 306 8.12 15.93 74.45
CA TRP D 306 7.57 15.46 73.19
C TRP D 306 8.53 14.45 72.57
N THR D 307 7.94 13.37 72.06
CA THR D 307 8.68 12.27 71.46
C THR D 307 7.81 11.62 70.38
N ALA D 308 8.42 10.95 69.41
CA ALA D 308 7.64 10.26 68.39
C ALA D 308 6.86 9.08 68.95
N GLU D 309 7.39 8.47 70.00
CA GLU D 309 6.74 7.36 70.70
C GLU D 309 5.65 7.86 71.66
N ASN D 310 5.82 9.08 72.16
CA ASN D 310 4.82 9.74 73.02
C ASN D 310 4.73 11.24 72.71
N PRO D 311 3.93 11.60 71.69
CA PRO D 311 3.87 12.98 71.20
C PRO D 311 3.02 13.93 72.06
N THR D 312 3.47 14.19 73.28
CA THR D 312 2.74 15.04 74.21
C THR D 312 2.84 16.50 73.81
N LEU D 313 1.68 17.13 73.64
CA LEU D 313 1.63 18.52 73.21
C LEU D 313 0.98 19.44 74.23
N TYR D 314 1.53 20.65 74.35
CA TYR D 314 0.95 21.72 75.15
C TYR D 314 0.32 22.69 74.17
N LYS D 315 -1.01 22.79 74.20
CA LYS D 315 -1.71 23.80 73.40
C LYS D 315 -1.43 25.19 73.94
N TYR D 316 -1.47 26.18 73.04
CA TYR D 316 -1.29 27.56 73.45
C TYR D 316 -2.20 28.46 72.63
N GLN D 317 -2.45 29.64 73.18
CA GLN D 317 -3.14 30.68 72.44
C GLN D 317 -2.34 31.96 72.52
N LEU D 318 -2.08 32.55 71.36
CA LEU D 318 -1.37 33.81 71.27
C LEU D 318 -2.36 34.88 70.83
N ASP D 319 -2.52 35.93 71.63
CA ASP D 319 -3.44 37.02 71.31
C ASP D 319 -2.75 38.37 71.08
N LEU D 320 -3.06 38.98 69.95
CA LEU D 320 -2.67 40.37 69.70
C LEU D 320 -3.77 41.26 70.26
N ILE D 321 -3.39 42.18 71.13
CA ILE D 321 -4.35 42.98 71.87
C ILE D 321 -4.22 44.48 71.62
N GLY D 322 -5.36 45.08 71.24
CA GLY D 322 -5.45 46.51 70.95
C GLY D 322 -5.45 47.41 72.17
N SER D 323 -5.45 48.72 71.92
CA SER D 323 -5.41 49.73 72.97
C SER D 323 -6.66 49.64 73.85
N ASP D 324 -7.82 49.49 73.20
CA ASP D 324 -9.10 49.31 73.89
C ASP D 324 -9.19 48.00 74.70
N GLY D 325 -8.18 47.13 74.53
CA GLY D 325 -8.12 45.85 75.24
C GLY D 325 -8.79 44.68 74.54
N SER D 326 -9.28 44.89 73.32
CA SER D 326 -9.89 43.80 72.55
C SER D 326 -8.85 42.95 71.77
N VAL D 327 -9.27 41.73 71.42
CA VAL D 327 -8.44 40.78 70.69
C VAL D 327 -8.50 41.01 69.18
N ILE D 328 -7.39 41.52 68.62
CA ILE D 328 -7.30 41.81 67.20
C ILE D 328 -7.15 40.53 66.40
N GLN D 329 -6.31 39.63 66.90
CA GLN D 329 -6.06 38.36 66.22
C GLN D 329 -5.59 37.31 67.23
N SER D 330 -5.93 36.06 66.95
CA SER D 330 -5.49 34.91 67.75
C SER D 330 -4.77 33.86 66.91
N ILE D 331 -3.75 33.23 67.51
CA ILE D 331 -3.19 32.03 66.92
C ILE D 331 -3.32 30.93 67.94
N LYS D 332 -3.93 29.83 67.52
CA LYS D 332 -4.11 28.66 68.36
C LYS D 332 -3.27 27.54 67.80
N HIS D 333 -2.26 27.11 68.55
CA HIS D 333 -1.37 26.05 68.12
C HIS D 333 -0.82 25.24 69.29
N HIS D 334 0.32 24.59 69.11
CA HIS D 334 0.88 23.74 70.15
C HIS D 334 2.39 23.82 70.26
N VAL D 335 2.88 23.49 71.45
CA VAL D 335 4.31 23.42 71.72
C VAL D 335 4.66 21.96 71.99
N GLY D 336 5.76 21.49 71.40
CA GLY D 336 6.30 20.17 71.74
C GLY D 336 7.66 20.34 72.38
N PHE D 337 7.76 20.05 73.68
CA PHE D 337 9.02 20.20 74.40
C PHE D 337 9.98 19.09 74.05
N ARG D 338 10.96 19.44 73.23
CA ARG D 338 11.93 18.50 72.70
C ARG D 338 13.14 19.27 72.17
N GLN D 339 14.33 18.67 72.23
CA GLN D 339 15.52 19.31 71.71
C GLN D 339 16.40 18.31 70.96
N VAL D 340 16.80 18.69 69.74
CA VAL D 340 17.63 17.84 68.90
C VAL D 340 19.06 18.35 68.89
N GLU D 341 20.02 17.45 69.11
CA GLU D 341 21.43 17.80 69.13
C GLU D 341 22.27 16.75 68.42
N LEU D 342 23.43 17.20 67.94
CA LEU D 342 24.50 16.29 67.56
C LEU D 342 25.39 16.18 68.78
N LYS D 343 25.31 15.04 69.47
CA LYS D 343 25.93 14.88 70.78
C LYS D 343 26.73 13.58 70.84
N ASP D 344 28.05 13.73 71.06
CA ASP D 344 28.97 12.59 71.05
C ASP D 344 28.88 11.79 69.74
N GLY D 345 28.65 12.52 68.65
CA GLY D 345 28.57 11.91 67.33
C GLY D 345 27.27 11.21 67.01
N ASN D 346 26.21 11.49 67.78
CA ASN D 346 24.90 10.91 67.53
C ASN D 346 23.82 11.96 67.41
N ILE D 347 22.80 11.66 66.60
CA ILE D 347 21.58 12.47 66.56
C ILE D 347 20.82 12.15 67.82
N THR D 348 20.55 13.20 68.58
CA THR D 348 20.06 13.06 69.91
C THR D 348 18.81 13.90 70.09
N VAL D 349 17.77 13.27 70.61
CA VAL D 349 16.57 14.00 71.02
C VAL D 349 16.41 13.87 72.52
N ASN D 350 16.34 15.01 73.22
CA ASN D 350 16.21 15.05 74.67
C ASN D 350 17.26 14.19 75.37
N GLY D 351 18.48 14.25 74.87
CA GLY D 351 19.60 13.49 75.45
C GLY D 351 19.80 12.11 74.87
N LYS D 352 18.79 11.60 74.19
CA LYS D 352 18.80 10.21 73.79
C LYS D 352 19.13 9.97 72.33
N ASP D 353 20.08 9.07 72.11
CA ASP D 353 20.41 8.67 70.77
C ASP D 353 19.38 7.75 70.12
N ILE D 354 18.59 8.33 69.21
CA ILE D 354 17.39 7.65 68.71
C ILE D 354 17.64 6.71 67.53
N LEU D 355 16.66 5.87 67.25
CA LEU D 355 16.69 4.96 66.11
C LEU D 355 15.55 5.28 65.15
N PHE D 356 15.88 5.51 63.89
CA PHE D 356 14.87 5.73 62.87
C PHE D 356 14.33 4.39 62.39
N ARG D 357 13.03 4.20 62.57
CA ARG D 357 12.30 3.10 62.01
C ARG D 357 11.43 3.73 60.92
N GLY D 358 12.10 4.11 59.83
CA GLY D 358 11.56 5.10 58.90
C GLY D 358 11.07 4.63 57.55
N VAL D 359 10.40 5.53 56.86
CA VAL D 359 9.96 5.32 55.49
C VAL D 359 10.01 6.65 54.67
N ASN D 360 10.31 6.53 53.38
CA ASN D 360 10.20 7.65 52.45
C ASN D 360 8.80 7.71 51.89
N ARG D 361 8.18 8.86 51.99
CA ARG D 361 6.83 9.04 51.49
C ARG D 361 6.75 10.17 50.49
N HIS D 362 6.37 9.84 49.25
CA HIS D 362 5.96 10.84 48.26
C HIS D 362 4.51 11.24 48.48
N ASP D 363 4.13 12.39 47.94
CA ASP D 363 2.72 12.70 47.76
C ASP D 363 2.27 11.91 46.55
N HIS D 364 1.34 10.98 46.77
CA HIS D 364 0.76 10.24 45.67
C HIS D 364 -0.63 9.72 46.00
N HIS D 365 -1.53 9.86 45.04
CA HIS D 365 -2.84 9.26 45.06
C HIS D 365 -3.09 8.66 43.68
N PRO D 366 -3.64 7.43 43.62
CA PRO D 366 -3.83 6.71 42.36
C PRO D 366 -4.74 7.40 41.36
N ARG D 367 -5.57 8.34 41.82
CA ARG D 367 -6.42 9.08 40.89
C ARG D 367 -6.09 10.58 40.80
N PHE D 368 -5.59 11.16 41.88
CA PHE D 368 -5.37 12.61 41.94
C PHE D 368 -3.89 13.01 41.84
N GLY D 369 -2.99 12.03 41.85
CA GLY D 369 -1.56 12.28 41.75
C GLY D 369 -0.96 12.89 43.00
N ARG D 370 -0.42 14.09 42.84
CA ARG D 370 0.23 14.81 43.90
C ARG D 370 -0.76 15.74 44.62
N ALA D 371 -1.98 15.81 44.11
CA ALA D 371 -3.06 16.56 44.73
C ALA D 371 -3.81 15.66 45.70
N VAL D 372 -3.14 15.35 46.81
CA VAL D 372 -3.63 14.35 47.75
C VAL D 372 -4.55 14.99 48.77
N PRO D 373 -5.78 14.47 48.91
CA PRO D 373 -6.67 14.97 49.96
C PRO D 373 -6.11 14.66 51.33
N LEU D 374 -6.23 15.58 52.26
CA LEU D 374 -5.70 15.35 53.61
C LEU D 374 -6.19 14.02 54.20
N ASP D 375 -7.47 13.76 54.00
CA ASP D 375 -8.09 12.52 54.41
C ASP D 375 -7.20 11.31 54.13
N PHE D 376 -6.57 11.32 52.94
CA PHE D 376 -5.75 10.22 52.44
C PHE D 376 -4.35 10.20 53.08
N VAL D 377 -3.82 11.37 53.42
CA VAL D 377 -2.55 11.44 54.11
C VAL D 377 -2.71 10.88 55.52
N VAL D 378 -3.83 11.21 56.16
CA VAL D 378 -4.16 10.65 57.47
C VAL D 378 -4.22 9.13 57.35
N ARG D 379 -4.84 8.64 56.28
CA ARG D 379 -4.92 7.20 56.00
C ARG D 379 -3.51 6.59 55.95
N ASP D 380 -2.60 7.23 55.23
CA ASP D 380 -1.19 6.81 55.14
C ASP D 380 -0.57 6.69 56.52
N LEU D 381 -0.64 7.78 57.29
CA LEU D 381 0.07 7.87 58.56
C LEU D 381 -0.44 6.89 59.61
N ILE D 382 -1.76 6.72 59.70
CA ILE D 382 -2.37 5.74 60.61
C ILE D 382 -1.81 4.37 60.29
N LEU D 383 -1.83 4.03 59.01
CA LEU D 383 -1.28 2.77 58.56
C LEU D 383 0.18 2.57 58.97
N MET D 384 0.99 3.61 58.86
CA MET D 384 2.40 3.56 59.26
C MET D 384 2.54 3.22 60.73
N LYS D 385 1.81 3.94 61.57
CA LYS D 385 1.79 3.70 63.01
C LYS D 385 1.35 2.28 63.35
N LYS D 386 0.42 1.75 62.54
CA LYS D 386 -0.08 0.39 62.73
C LYS D 386 0.96 -0.65 62.38
N PHE D 387 1.99 -0.22 61.66
CA PHE D 387 3.05 -1.15 61.24
C PHE D 387 4.42 -0.80 61.82
N ASN D 388 4.39 -0.13 62.99
CA ASN D 388 5.57 0.10 63.82
C ASN D 388 6.54 1.17 63.33
N ILE D 389 6.14 1.93 62.33
CA ILE D 389 6.98 3.02 61.82
C ILE D 389 6.99 4.24 62.76
N ASN D 390 8.14 4.91 62.84
CA ASN D 390 8.28 6.05 63.74
C ASN D 390 8.88 7.26 63.08
N ALA D 391 9.23 7.12 61.81
CA ALA D 391 9.88 8.22 61.11
C ALA D 391 9.50 8.30 59.63
N VAL D 392 9.42 9.53 59.13
CA VAL D 392 9.08 9.76 57.74
C VAL D 392 10.06 10.76 57.10
N ARG D 393 10.47 10.47 55.88
CA ARG D 393 11.24 11.41 55.10
C ARG D 393 10.42 11.94 53.94
N ASN D 394 10.32 13.27 53.84
CA ASN D 394 9.51 13.91 52.83
C ASN D 394 10.20 13.88 51.48
N SER D 395 10.26 12.72 50.87
CA SER D 395 10.96 12.57 49.62
C SER D 395 10.13 13.13 48.47
N HIS D 396 10.66 14.08 47.69
CA HIS D 396 11.88 14.84 48.00
C HIS D 396 11.48 16.30 47.86
N TYR D 397 10.65 16.77 48.78
CA TYR D 397 10.06 18.12 48.71
C TYR D 397 9.13 18.24 49.91
N PRO D 398 8.77 19.47 50.30
CA PRO D 398 7.76 19.61 51.35
C PRO D 398 6.38 19.20 50.87
N ASN D 399 5.58 18.69 51.80
CA ASN D 399 4.19 18.31 51.52
C ASN D 399 3.26 19.51 51.75
N HIS D 400 1.95 19.27 51.64
CA HIS D 400 0.94 20.28 51.98
C HIS D 400 1.16 20.74 53.42
N PRO D 401 1.17 22.07 53.66
CA PRO D 401 1.52 22.60 54.99
C PRO D 401 0.72 22.00 56.15
N LYS D 402 -0.50 21.57 55.88
CA LYS D 402 -1.40 21.03 56.90
C LYS D 402 -1.01 19.65 57.40
N VAL D 403 -0.08 18.99 56.67
CA VAL D 403 0.37 17.63 57.01
C VAL D 403 1.23 17.59 58.27
N TYR D 404 1.99 18.65 58.49
CA TYR D 404 2.97 18.67 59.57
C TYR D 404 2.38 18.65 60.98
N ASP D 405 1.17 19.18 61.14
CA ASP D 405 0.45 19.03 62.39
C ASP D 405 0.12 17.57 62.67
N LEU D 406 -0.10 16.80 61.61
CA LEU D 406 -0.37 15.36 61.74
C LEU D 406 0.84 14.62 62.27
N PHE D 407 2.02 14.99 61.78
CA PHE D 407 3.26 14.46 62.30
C PHE D 407 3.42 14.81 63.80
N ASP D 408 3.16 16.07 64.14
CA ASP D 408 3.21 16.55 65.52
C ASP D 408 2.34 15.71 66.45
N LYS D 409 1.12 15.46 66.01
CA LYS D 409 0.09 14.85 66.86
C LYS D 409 0.20 13.34 66.92
N LEU D 410 0.60 12.71 65.83
CA LEU D 410 0.72 11.26 65.76
C LEU D 410 2.09 10.74 66.22
N GLY D 411 3.11 11.59 66.11
CA GLY D 411 4.44 11.26 66.57
C GLY D 411 5.28 10.56 65.53
N PHE D 412 5.94 11.34 64.69
CA PHE D 412 6.94 10.86 63.74
C PHE D 412 8.20 11.71 63.79
N TRP D 413 9.35 11.07 63.68
CA TRP D 413 10.59 11.83 63.45
C TRP D 413 10.60 12.20 61.96
N VAL D 414 10.69 13.48 61.66
CA VAL D 414 10.50 13.91 60.28
C VAL D 414 11.73 14.56 59.68
N ILE D 415 12.14 14.09 58.51
CA ILE D 415 13.09 14.78 57.67
C ILE D 415 12.33 15.57 56.59
N ASP D 416 12.26 16.88 56.78
CA ASP D 416 11.62 17.78 55.83
C ASP D 416 12.65 18.21 54.80
N GLU D 417 12.35 17.98 53.53
CA GLU D 417 13.36 18.04 52.47
C GLU D 417 13.05 19.12 51.46
N ALA D 418 14.08 19.85 51.05
CA ALA D 418 13.96 20.91 50.05
C ALA D 418 13.55 20.33 48.71
N ASP D 419 12.76 21.09 47.96
CA ASP D 419 12.32 20.68 46.64
C ASP D 419 13.45 20.93 45.63
N LEU D 420 14.40 19.99 45.55
CA LEU D 420 15.56 20.15 44.69
C LEU D 420 16.26 18.84 44.34
N GLU D 421 15.98 18.31 43.14
CA GLU D 421 16.73 17.18 42.58
C GLU D 421 17.28 17.54 41.21
N THR D 422 18.52 17.17 40.97
CA THR D 422 19.26 17.58 39.78
C THR D 422 19.69 16.39 38.94
N HIS D 423 19.22 15.22 39.34
CA HIS D 423 19.69 13.91 38.89
C HIS D 423 19.98 13.78 37.40
N GLY D 424 19.09 14.33 36.58
CA GLY D 424 19.14 14.21 35.11
C GLY D 424 20.43 14.60 34.41
N VAL D 425 21.22 15.45 35.05
CA VAL D 425 22.52 15.86 34.51
C VAL D 425 23.46 14.68 34.33
N GLN D 426 23.20 13.60 35.06
CA GLN D 426 24.03 12.41 35.06
C GLN D 426 23.78 11.50 33.88
N GLU D 427 22.57 11.54 33.33
CA GLU D 427 22.15 10.50 32.40
C GLU D 427 23.03 10.37 31.16
N PRO D 428 23.31 11.49 30.47
CA PRO D 428 24.17 11.36 29.29
C PRO D 428 25.55 10.79 29.63
N PHE D 429 26.05 11.17 30.80
CA PHE D 429 27.33 10.68 31.31
C PHE D 429 27.25 9.17 31.54
N ASN D 430 26.19 8.73 32.21
CA ASN D 430 25.97 7.30 32.45
C ASN D 430 25.98 6.51 31.15
N ARG D 431 25.34 7.07 30.13
CA ARG D 431 25.25 6.40 28.83
C ARG D 431 26.55 6.50 28.04
N HIS D 432 27.18 7.66 28.06
CA HIS D 432 28.41 7.90 27.30
C HIS D 432 29.56 7.03 27.79
N THR D 433 29.62 6.81 29.11
CA THR D 433 30.68 6.01 29.75
C THR D 433 30.25 4.56 30.07
N ASN D 434 29.08 4.17 29.59
CA ASN D 434 28.50 2.83 29.83
C ASN D 434 28.49 2.40 31.29
N LEU D 435 28.28 3.37 32.18
CA LEU D 435 28.22 3.10 33.63
C LEU D 435 27.11 2.09 34.00
N GLU D 436 27.52 1.00 34.65
CA GLU D 436 26.61 -0.07 35.09
C GLU D 436 26.09 0.12 36.52
N ALA D 437 27.00 0.39 37.45
CA ALA D 437 26.68 0.44 38.88
C ALA D 437 27.22 1.67 39.61
N GLU D 438 26.45 2.14 40.61
CA GLU D 438 26.89 3.17 41.54
C GLU D 438 26.94 2.57 42.94
N TYR D 439 27.95 2.95 43.72
CA TYR D 439 28.11 2.49 45.10
C TYR D 439 28.27 3.68 46.07
N PRO D 440 27.65 3.59 47.27
CA PRO D 440 27.54 4.74 48.22
C PRO D 440 28.86 5.39 48.67
N ASP D 441 29.95 4.62 48.74
CA ASP D 441 31.26 5.13 49.17
C ASP D 441 32.11 5.75 48.03
N THR D 442 31.65 5.57 46.79
CA THR D 442 32.48 5.79 45.61
C THR D 442 31.80 6.66 44.53
N LYS D 443 30.46 6.66 44.53
CA LYS D 443 29.64 7.26 43.45
C LYS D 443 29.67 8.80 43.33
N ASN D 444 30.05 9.49 44.41
CA ASN D 444 30.05 10.95 44.41
C ASN D 444 31.07 11.55 43.44
N LYS D 445 32.04 10.73 43.03
CA LYS D 445 33.03 11.13 42.02
C LYS D 445 32.38 11.24 40.63
N LEU D 446 31.32 10.45 40.43
CA LEU D 446 30.59 10.47 39.16
C LEU D 446 29.68 11.70 39.08
N TYR D 447 29.19 12.16 40.24
CA TYR D 447 28.36 13.37 40.30
C TYR D 447 29.20 14.64 40.29
N ASP D 448 30.42 14.56 40.83
CA ASP D 448 31.37 15.67 40.84
C ASP D 448 31.63 16.26 39.46
N VAL D 449 31.73 15.37 38.46
CA VAL D 449 32.07 15.74 37.09
C VAL D 449 30.98 16.61 36.41
N ASN D 450 29.74 16.46 36.86
CA ASN D 450 28.64 17.22 36.27
C ASN D 450 28.04 18.33 37.18
N ALA D 451 28.63 18.52 38.35
CA ALA D 451 28.13 19.47 39.33
C ALA D 451 28.11 20.92 38.82
N HIS D 452 29.03 21.24 37.92
CA HIS D 452 29.19 22.60 37.40
C HIS D 452 27.99 23.15 36.62
N TYR D 453 27.16 22.24 36.11
CA TYR D 453 25.97 22.64 35.37
C TYR D 453 24.94 23.33 36.24
N LEU D 454 24.79 22.86 37.49
CA LEU D 454 23.73 23.36 38.37
C LEU D 454 24.15 23.64 39.81
N SER D 455 24.54 22.59 40.54
CA SER D 455 24.84 22.71 41.97
C SER D 455 26.13 23.48 42.27
N ASP D 456 27.02 23.53 41.29
CA ASP D 456 28.20 24.35 41.40
C ASP D 456 28.13 25.56 40.48
N ASN D 457 26.93 25.84 39.98
CA ASN D 457 26.67 26.95 39.06
C ASN D 457 26.16 28.21 39.80
N PRO D 458 26.97 29.30 39.79
CA PRO D 458 26.64 30.51 40.54
C PRO D 458 25.32 31.16 40.09
N GLU D 459 24.90 30.87 38.86
CA GLU D 459 23.65 31.41 38.34
C GLU D 459 22.44 30.82 39.07
N TYR D 460 22.64 29.69 39.73
CA TYR D 460 21.53 28.98 40.39
C TYR D 460 21.50 29.19 41.89
N GLU D 461 22.48 29.92 42.41
CA GLU D 461 22.60 30.12 43.86
C GLU D 461 21.30 30.66 44.46
N VAL D 462 20.76 31.73 43.86
CA VAL D 462 19.53 32.36 44.34
C VAL D 462 18.39 31.34 44.43
N ALA D 463 18.25 30.51 43.40
CA ALA D 463 17.26 29.45 43.37
C ALA D 463 17.45 28.41 44.49
N TYR D 464 18.68 27.92 44.64
CA TYR D 464 19.03 26.94 45.68
C TYR D 464 18.76 27.47 47.07
N LEU D 465 19.10 28.74 47.28
CA LEU D 465 18.91 29.41 48.56
C LEU D 465 17.43 29.55 48.85
N ASP D 466 16.68 29.88 47.80
CA ASP D 466 15.25 30.06 47.91
C ASP D 466 14.52 28.78 48.32
N ARG D 467 14.94 27.64 47.75
CA ARG D 467 14.39 26.34 48.11
C ARG D 467 14.68 26.05 49.58
N ALA D 468 15.85 26.49 50.05
CA ALA D 468 16.24 26.32 51.46
C ALA D 468 15.45 27.24 52.38
N SER D 469 15.34 28.50 51.98
CA SER D 469 14.64 29.51 52.77
C SER D 469 13.17 29.15 52.91
N GLN D 470 12.60 28.74 51.80
CA GLN D 470 11.19 28.42 51.74
C GLN D 470 10.88 27.15 52.55
N LEU D 471 11.78 26.17 52.50
CA LEU D 471 11.61 24.91 53.23
C LEU D 471 11.54 25.16 54.72
N VAL D 472 12.50 25.91 55.23
CA VAL D 472 12.67 26.10 56.66
C VAL D 472 11.62 27.04 57.25
N LEU D 473 11.45 28.19 56.62
CA LEU D 473 10.64 29.23 57.22
C LEU D 473 9.15 28.88 57.32
N ARG D 474 8.66 28.05 56.41
CA ARG D 474 7.25 27.66 56.45
C ARG D 474 6.98 26.65 57.56
N ASP D 475 7.91 25.74 57.80
CA ASP D 475 7.67 24.62 58.70
C ASP D 475 8.44 24.65 60.04
N VAL D 476 9.08 25.77 60.35
CA VAL D 476 10.02 25.87 61.48
C VAL D 476 9.47 25.61 62.89
N ASN D 477 8.14 25.62 63.04
CA ASN D 477 7.54 25.47 64.37
C ASN D 477 6.95 24.09 64.67
N HIS D 478 7.30 23.08 63.88
CA HIS D 478 6.80 21.73 64.07
C HIS D 478 7.83 20.83 64.78
N PRO D 479 7.54 20.46 66.03
CA PRO D 479 8.46 19.65 66.84
C PRO D 479 8.81 18.31 66.21
N SER D 480 7.97 17.80 65.31
CA SER D 480 8.24 16.52 64.68
C SER D 480 9.39 16.58 63.67
N ILE D 481 9.63 17.77 63.10
CA ILE D 481 10.74 17.94 62.18
C ILE D 481 12.02 18.12 62.98
N ILE D 482 12.96 17.19 62.81
CA ILE D 482 14.19 17.26 63.58
C ILE D 482 15.40 17.48 62.67
N ILE D 483 15.21 17.26 61.37
CA ILE D 483 16.28 17.40 60.38
C ILE D 483 15.77 18.10 59.12
N TRP D 484 16.51 19.12 58.67
CA TRP D 484 16.30 19.72 57.35
C TRP D 484 17.21 19.04 56.34
N SER D 485 16.67 18.74 55.17
CA SER D 485 17.45 18.12 54.10
C SER D 485 17.50 19.01 52.85
N LEU D 486 18.69 19.12 52.27
CA LEU D 486 18.97 20.06 51.18
C LEU D 486 18.46 19.59 49.82
N GLY D 487 17.75 18.47 49.82
CA GLY D 487 17.23 17.91 48.58
C GLY D 487 17.77 16.52 48.39
N ASN D 488 17.74 16.05 47.14
CA ASN D 488 18.14 14.70 46.82
C ASN D 488 18.86 14.67 45.49
N GLU D 489 19.92 13.85 45.41
CA GLU D 489 20.65 13.57 44.16
C GLU D 489 20.85 14.80 43.26
N ALA D 490 21.47 15.83 43.83
CA ALA D 490 21.77 17.05 43.10
C ALA D 490 23.28 17.28 43.04
N CYS D 491 24.05 16.18 43.02
CA CYS D 491 25.51 16.23 43.07
C CYS D 491 25.96 16.99 44.33
N TYR D 492 27.12 17.63 44.28
CA TYR D 492 27.58 18.49 45.38
C TYR D 492 28.36 19.69 44.86
N GLY D 493 28.01 20.88 45.34
CA GLY D 493 28.63 22.12 44.91
C GLY D 493 28.50 23.27 45.86
N ARG D 494 29.01 24.43 45.45
CA ARG D 494 29.06 25.63 46.29
C ARG D 494 27.69 26.05 46.80
N ASN D 495 26.68 25.84 45.95
CA ASN D 495 25.30 26.18 46.28
C ASN D 495 24.78 25.39 47.47
N HIS D 496 25.24 24.15 47.62
CA HIS D 496 24.87 23.35 48.79
C HIS D 496 25.46 23.93 50.06
N LYS D 497 26.71 24.41 49.98
CA LYS D 497 27.34 25.03 51.14
C LYS D 497 26.56 26.28 51.54
N ALA D 498 26.18 27.06 50.54
CA ALA D 498 25.38 28.26 50.75
C ALA D 498 24.04 27.93 51.41
N MET D 499 23.35 26.90 50.95
CA MET D 499 22.11 26.40 51.58
C MET D 499 22.34 26.06 53.05
N TYR D 500 23.41 25.31 53.33
CA TYR D 500 23.75 24.92 54.70
C TYR D 500 23.96 26.11 55.63
N LYS D 501 24.73 27.10 55.17
CA LYS D 501 24.98 28.32 55.94
C LYS D 501 23.67 29.01 56.28
N LEU D 502 22.82 29.16 55.27
CA LEU D 502 21.56 29.86 55.43
C LEU D 502 20.67 29.16 56.45
N ILE D 503 20.59 27.85 56.36
CA ILE D 503 19.69 27.11 57.23
C ILE D 503 20.13 27.21 58.69
N LYS D 504 21.41 27.00 58.97
CA LYS D 504 21.93 27.14 60.34
C LYS D 504 21.68 28.55 60.89
N GLN D 505 21.69 29.53 60.00
CA GLN D 505 21.45 30.92 60.31
C GLN D 505 19.96 31.11 60.65
N LEU D 506 19.09 30.54 59.83
CA LEU D 506 17.65 30.70 60.02
C LEU D 506 17.13 29.87 61.19
N ASP D 507 17.59 28.63 61.28
CA ASP D 507 17.11 27.72 62.32
C ASP D 507 18.27 26.96 62.94
N PRO D 508 18.88 27.53 63.99
CA PRO D 508 20.01 26.86 64.67
C PRO D 508 19.61 25.58 65.42
N THR D 509 18.30 25.37 65.61
CA THR D 509 17.79 24.31 66.48
C THR D 509 17.80 22.90 65.89
N ARG D 510 17.94 22.78 64.57
CA ARG D 510 17.87 21.45 63.94
C ARG D 510 19.13 21.09 63.17
N LEU D 511 19.22 19.83 62.76
CA LEU D 511 20.38 19.33 62.03
C LEU D 511 20.12 19.34 60.52
N VAL D 512 21.19 19.39 59.73
CA VAL D 512 21.08 19.39 58.26
C VAL D 512 21.58 18.11 57.61
N HIS D 513 20.78 17.55 56.71
CA HIS D 513 21.10 16.32 56.00
C HIS D 513 21.29 16.59 54.53
N TYR D 514 22.32 15.98 53.93
CA TYR D 514 22.40 15.91 52.47
C TYR D 514 23.27 14.77 51.96
N GLU D 515 22.62 13.77 51.37
CA GLU D 515 23.25 12.52 51.00
C GLU D 515 24.31 12.68 49.91
N GLY D 516 24.09 13.66 49.03
CA GLY D 516 25.05 13.95 47.94
C GLY D 516 26.40 14.49 48.43
N ASP D 517 26.39 14.99 49.66
CA ASP D 517 27.57 15.48 50.34
C ASP D 517 28.17 14.31 51.11
N LEU D 518 28.94 13.47 50.42
CA LEU D 518 29.46 12.24 51.01
C LEU D 518 30.19 12.46 52.35
N ASN D 519 31.07 13.46 52.38
CA ASN D 519 31.91 13.71 53.54
C ASN D 519 31.33 14.71 54.54
N ALA D 520 30.06 15.04 54.35
CA ALA D 520 29.34 15.97 55.22
C ALA D 520 30.13 17.25 55.55
N LEU D 521 30.71 17.84 54.50
CA LEU D 521 31.43 19.12 54.61
C LEU D 521 30.45 20.24 54.95
N SER D 522 29.25 20.16 54.39
CA SER D 522 28.15 21.05 54.75
C SER D 522 26.86 20.27 55.07
N ALA D 523 27.01 19.31 55.99
CA ALA D 523 25.91 18.57 56.61
C ALA D 523 26.36 18.09 58.00
N ASP D 524 25.38 17.73 58.84
CA ASP D 524 25.68 17.33 60.21
C ASP D 524 25.68 15.82 60.41
N ILE D 525 25.29 15.09 59.38
CA ILE D 525 24.99 13.66 59.44
C ILE D 525 25.64 12.97 58.23
N PHE D 526 26.08 11.73 58.40
CA PHE D 526 26.41 10.88 57.25
C PHE D 526 25.16 10.17 56.78
N SER D 527 25.08 9.93 55.48
CA SER D 527 23.88 9.35 54.89
C SER D 527 24.25 8.47 53.69
N PHE D 528 23.84 7.21 53.73
CA PHE D 528 23.99 6.32 52.57
C PHE D 528 22.66 5.88 52.01
N MET D 529 22.65 5.53 50.73
CA MET D 529 21.51 4.80 50.18
C MET D 529 21.90 3.45 49.59
N TYR D 530 21.17 2.42 50.00
CA TYR D 530 21.32 1.03 49.50
C TYR D 530 22.71 0.41 49.67
N PRO D 531 23.38 0.68 50.81
CA PRO D 531 24.75 0.18 50.92
C PRO D 531 24.80 -1.27 51.31
N THR D 532 25.89 -1.97 50.94
CA THR D 532 26.10 -3.31 51.48
C THR D 532 26.61 -3.20 52.92
N PHE D 533 26.57 -4.31 53.65
CA PHE D 533 27.04 -4.31 55.03
C PHE D 533 28.52 -3.98 55.06
N GLU D 534 29.30 -4.58 54.16
CA GLU D 534 30.73 -4.30 54.00
C GLU D 534 30.98 -2.80 53.87
N ILE D 535 30.14 -2.14 53.06
CA ILE D 535 30.31 -0.71 52.79
C ILE D 535 29.93 0.14 53.99
N MET D 536 28.88 -0.26 54.70
CA MET D 536 28.50 0.40 55.96
C MET D 536 29.65 0.25 56.98
N GLU D 537 30.15 -0.98 57.09
CA GLU D 537 31.17 -1.32 58.06
C GLU D 537 32.53 -0.61 57.83
N ARG D 538 32.99 -0.54 56.58
CA ARG D 538 34.20 0.23 56.25
C ARG D 538 34.05 1.69 56.67
N TRP D 539 32.89 2.27 56.36
CA TRP D 539 32.63 3.66 56.65
C TRP D 539 32.72 3.91 58.15
N ARG D 540 32.03 3.06 58.92
CA ARG D 540 32.09 3.10 60.37
C ARG D 540 33.54 3.14 60.86
N LYS D 541 34.34 2.15 60.47
CA LYS D 541 35.73 2.05 60.92
C LYS D 541 36.61 3.25 60.52
N ASN D 542 36.36 3.80 59.34
CA ASN D 542 37.13 4.97 58.88
C ASN D 542 36.71 6.26 59.55
N HIS D 543 35.61 6.24 60.30
CA HIS D 543 35.14 7.44 60.98
C HIS D 543 35.01 7.27 62.49
N THR D 544 35.41 6.10 62.96
CA THR D 544 35.58 5.85 64.38
C THR D 544 37.07 5.92 64.67
N ASP D 545 37.47 6.83 65.54
CA ASP D 545 38.88 6.95 65.92
C ASP D 545 39.37 5.88 66.92
N GLU D 546 40.60 6.01 67.39
CA GLU D 546 41.24 5.05 68.29
C GLU D 546 40.56 4.94 69.67
N ASN D 547 39.96 6.04 70.12
CA ASN D 547 39.20 6.07 71.36
C ASN D 547 37.84 5.37 71.27
N GLY D 548 37.36 5.09 70.06
CA GLY D 548 36.01 4.57 69.88
C GLY D 548 35.00 5.69 69.66
N LYS D 549 35.49 6.93 69.60
CA LYS D 549 34.66 8.10 69.33
C LYS D 549 34.44 8.31 67.85
N PHE D 550 33.22 8.71 67.50
CA PHE D 550 32.92 9.21 66.16
C PHE D 550 32.33 10.60 66.25
N GLU D 551 32.50 11.38 65.18
CA GLU D 551 32.12 12.79 65.19
C GLU D 551 30.68 13.02 64.68
N LYS D 552 30.24 12.16 63.75
CA LYS D 552 28.93 12.19 63.13
C LYS D 552 28.46 10.75 62.93
N PRO D 553 27.13 10.50 62.95
CA PRO D 553 26.58 9.16 62.77
C PRO D 553 26.17 8.87 61.33
N LEU D 554 25.84 7.61 61.06
CA LEU D 554 25.33 7.24 59.73
C LEU D 554 23.87 6.82 59.80
N ILE D 555 23.06 7.38 58.91
CA ILE D 555 21.71 6.89 58.68
C ILE D 555 21.66 6.36 57.26
N LEU D 556 20.67 5.51 56.99
CA LEU D 556 20.36 5.13 55.62
C LEU D 556 19.12 5.89 55.20
N CYS D 557 19.30 6.98 54.47
CA CYS D 557 18.15 7.78 54.05
C CYS D 557 17.25 6.97 53.10
N GLU D 558 17.84 5.99 52.41
CA GLU D 558 17.09 5.04 51.60
C GLU D 558 17.76 3.67 51.66
N TYR D 559 17.00 2.64 52.03
CA TYR D 559 17.50 1.26 51.95
C TYR D 559 16.33 0.31 51.77
N GLY D 560 16.64 -0.96 51.48
CA GLY D 560 15.64 -2.01 51.32
C GLY D 560 14.57 -1.66 50.30
N HIS D 561 15.02 -1.31 49.10
CA HIS D 561 14.14 -0.98 47.99
C HIS D 561 12.98 -1.98 47.90
N ALA D 562 11.77 -1.46 48.12
CA ALA D 562 10.58 -2.29 48.33
C ALA D 562 9.81 -2.63 47.04
N MET D 563 10.51 -2.62 45.91
CA MET D 563 9.87 -2.92 44.63
C MET D 563 9.43 -4.38 44.53
N GLY D 564 8.13 -4.58 44.29
CA GLY D 564 7.57 -5.91 44.07
C GLY D 564 7.79 -6.88 45.21
N ASN D 565 8.02 -8.15 44.88
CA ASN D 565 8.31 -9.19 45.88
C ASN D 565 9.64 -8.94 46.59
N GLY D 566 9.54 -8.48 47.84
CA GLY D 566 10.68 -8.01 48.61
C GLY D 566 10.25 -6.90 49.55
N PRO D 567 11.23 -6.22 50.20
CA PRO D 567 12.66 -6.50 50.09
C PRO D 567 13.15 -7.66 50.97
N GLY D 568 14.19 -8.35 50.51
CA GLY D 568 14.84 -9.38 51.29
C GLY D 568 15.90 -8.82 52.21
N SER D 569 16.14 -9.54 53.32
CA SER D 569 17.25 -9.26 54.25
C SER D 569 17.16 -7.97 55.08
N LEU D 570 15.94 -7.53 55.34
CA LEU D 570 15.72 -6.43 56.27
C LEU D 570 16.22 -6.82 57.64
N LYS D 571 16.17 -8.13 57.93
CA LYS D 571 16.72 -8.73 59.14
C LYS D 571 18.19 -8.37 59.36
N GLU D 572 19.01 -8.59 58.34
CA GLU D 572 20.45 -8.39 58.47
C GLU D 572 20.84 -6.91 58.61
N TYR D 573 20.08 -6.03 57.98
CA TYR D 573 20.22 -4.58 58.20
C TYR D 573 19.91 -4.19 59.65
N GLN D 574 18.84 -4.79 60.20
CA GLN D 574 18.37 -4.44 61.53
C GLN D 574 19.37 -4.87 62.60
N GLU D 575 19.95 -6.06 62.41
CA GLU D 575 20.98 -6.58 63.31
C GLU D 575 22.11 -5.57 63.44
N LEU D 576 22.49 -5.03 62.28
CA LEU D 576 23.52 -4.01 62.22
C LEU D 576 23.08 -2.76 62.95
N PHE D 577 21.84 -2.32 62.77
CA PHE D 577 21.34 -1.12 63.46
C PHE D 577 21.46 -1.18 64.98
N TYR D 578 21.00 -2.30 65.55
CA TYR D 578 21.01 -2.49 67.00
C TYR D 578 22.42 -2.71 67.56
N LYS D 579 23.31 -3.26 66.74
CA LYS D 579 24.65 -3.61 67.20
C LYS D 579 25.59 -2.43 67.45
N GLU D 580 25.56 -1.44 66.55
CA GLU D 580 26.48 -0.30 66.63
C GLU D 580 25.78 1.01 66.95
N LYS D 581 26.36 1.76 67.88
CA LYS D 581 25.88 3.08 68.23
C LYS D 581 26.01 4.08 67.08
N PHE D 582 26.95 3.80 66.18
CA PHE D 582 27.22 4.62 65.00
C PHE D 582 26.06 4.62 63.99
N TYR D 583 25.35 3.50 63.89
CA TYR D 583 24.18 3.39 63.01
C TYR D 583 22.93 3.79 63.78
N GLN D 584 22.16 4.70 63.22
CA GLN D 584 20.91 5.13 63.82
C GLN D 584 19.69 4.81 62.95
N GLY D 585 19.78 3.72 62.18
CA GLY D 585 18.65 3.20 61.46
C GLY D 585 18.56 3.73 60.05
N GLY D 586 17.33 3.77 59.52
CA GLY D 586 17.12 4.25 58.15
C GLY D 586 15.68 4.37 57.71
N PHE D 587 15.49 4.66 56.44
CA PHE D 587 14.18 4.85 55.87
C PHE D 587 14.05 3.95 54.65
N ILE D 588 13.05 3.11 54.62
CA ILE D 588 12.79 2.30 53.44
C ILE D 588 12.34 3.19 52.28
N TRP D 589 12.87 2.90 51.09
CA TRP D 589 12.30 3.39 49.86
C TRP D 589 11.41 2.29 49.31
N GLU D 590 10.08 2.48 49.27
CA GLU D 590 9.36 3.74 49.43
C GLU D 590 8.04 3.38 50.14
N TRP D 591 7.22 4.37 50.50
CA TRP D 591 5.94 4.04 51.17
C TRP D 591 4.95 3.32 50.27
N ALA D 592 4.79 3.78 49.03
CA ALA D 592 3.75 3.26 48.15
C ALA D 592 4.06 3.36 46.66
N ASN D 593 3.66 2.33 45.90
CA ASN D 593 3.66 2.38 44.42
C ASN D 593 2.98 3.65 43.91
N HIS D 594 3.51 4.23 42.85
CA HIS D 594 2.91 5.46 42.29
C HIS D 594 1.93 5.18 41.16
N GLY D 595 1.30 4.01 41.16
CA GLY D 595 0.41 3.63 40.06
C GLY D 595 -0.73 4.61 39.89
N ILE D 596 -1.07 4.88 38.63
CA ILE D 596 -2.25 5.70 38.31
C ILE D 596 -3.33 4.80 37.72
N GLU D 597 -4.55 4.91 38.23
CA GLU D 597 -5.67 4.12 37.73
C GLU D 597 -5.96 4.47 36.27
N PHE D 598 -6.16 3.45 35.45
CA PHE D 598 -6.49 3.63 34.05
C PHE D 598 -7.16 2.37 33.53
N GLU D 599 -7.51 2.37 32.24
CA GLU D 599 -8.15 1.21 31.63
C GLU D 599 -7.23 0.53 30.65
N ASP D 600 -6.96 -0.74 30.94
CA ASP D 600 -5.97 -1.54 30.21
C ASP D 600 -6.72 -2.60 29.44
N VAL D 601 -6.31 -2.88 28.19
CA VAL D 601 -6.86 -4.05 27.52
C VAL D 601 -6.11 -5.28 28.01
N SER D 602 -6.86 -6.30 28.40
CA SER D 602 -6.27 -7.48 28.98
C SER D 602 -5.67 -8.39 27.93
N THR D 603 -4.50 -8.92 28.26
CA THR D 603 -3.79 -9.86 27.41
C THR D 603 -4.49 -11.22 27.50
N ALA D 604 -5.27 -11.41 28.56
CA ALA D 604 -5.86 -12.70 28.88
C ALA D 604 -7.26 -12.82 28.31
N ASP D 605 -7.83 -11.68 27.98
CA ASP D 605 -9.28 -11.51 27.98
C ASP D 605 -9.79 -10.82 26.73
N GLY D 606 -8.97 -9.92 26.19
CA GLY D 606 -9.35 -9.07 25.07
C GLY D 606 -10.29 -7.97 25.53
N LYS D 607 -10.45 -7.81 26.84
CA LYS D 607 -11.43 -6.85 27.36
C LYS D 607 -10.79 -5.73 28.17
N LEU D 608 -11.60 -4.75 28.56
CA LEU D 608 -11.12 -3.56 29.26
C LEU D 608 -11.27 -3.68 30.79
N HIS D 609 -10.18 -3.45 31.51
CA HIS D 609 -10.16 -3.63 32.98
C HIS D 609 -9.48 -2.48 33.68
N LYS D 610 -9.89 -2.24 34.92
CA LYS D 610 -9.21 -1.29 35.79
C LYS D 610 -7.80 -1.83 36.09
N ALA D 611 -6.79 -0.97 35.95
CA ALA D 611 -5.40 -1.34 36.25
C ALA D 611 -4.62 -0.14 36.76
N TYR D 612 -3.38 -0.37 37.20
CA TYR D 612 -2.56 0.70 37.72
C TYR D 612 -1.34 0.93 36.85
N ALA D 613 -1.29 2.13 36.28
CA ALA D 613 -0.32 2.51 35.27
C ALA D 613 1.05 2.86 35.81
N TYR D 614 2.06 2.45 35.06
CA TYR D 614 3.44 2.85 35.27
C TYR D 614 3.99 3.28 33.92
N GLY D 615 5.30 3.55 33.84
CA GLY D 615 5.89 4.07 32.62
C GLY D 615 5.61 3.18 31.42
N GLY D 616 5.24 3.79 30.30
CA GLY D 616 4.92 3.05 29.08
C GLY D 616 3.44 2.95 28.82
N ASP D 617 2.66 2.93 29.89
CA ASP D 617 1.22 2.80 29.78
C ASP D 617 0.60 4.06 29.22
N PHE D 618 1.18 5.21 29.51
CA PHE D 618 0.71 6.47 28.92
C PHE D 618 1.53 6.85 27.68
N LYS D 619 2.21 5.85 27.11
CA LYS D 619 2.89 5.95 25.80
C LYS D 619 3.88 7.12 25.66
N GLU D 620 4.70 7.31 26.70
CA GLU D 620 5.71 8.37 26.75
C GLU D 620 6.79 8.12 25.72
N GLU D 621 7.37 9.20 25.18
CA GLU D 621 8.55 9.13 24.31
C GLU D 621 9.67 8.41 25.02
N VAL D 622 10.01 8.90 26.22
CA VAL D 622 10.97 8.26 27.13
C VAL D 622 10.31 8.04 28.49
N HIS D 623 10.59 6.90 29.09
CA HIS D 623 10.03 6.56 30.40
C HIS D 623 10.88 5.52 31.10
N ASP D 624 10.62 5.32 32.38
CA ASP D 624 11.42 4.37 33.15
C ASP D 624 10.63 3.14 33.67
N GLY D 625 9.53 2.83 32.98
CA GLY D 625 8.78 1.62 33.18
C GLY D 625 8.27 1.41 34.59
N VAL D 626 8.56 0.25 35.16
CA VAL D 626 8.00 -0.21 36.42
C VAL D 626 8.66 0.42 37.65
N PHE D 627 9.69 1.23 37.45
CA PHE D 627 10.44 1.76 38.58
C PHE D 627 9.69 2.69 39.53
N ILE D 628 8.47 3.04 39.15
CA ILE D 628 7.57 3.87 39.92
C ILE D 628 6.82 2.97 40.93
N MET D 629 6.85 1.65 40.69
CA MET D 629 6.11 0.68 41.49
C MET D 629 6.97 0.03 42.56
N ASP D 630 7.45 0.83 43.50
CA ASP D 630 8.49 0.38 44.41
C ASP D 630 8.15 0.63 45.87
N GLY D 631 6.88 0.44 46.21
CA GLY D 631 6.43 0.74 47.57
C GLY D 631 6.24 -0.45 48.49
N LEU D 632 6.23 -0.16 49.79
CA LEU D 632 5.78 -1.10 50.80
C LEU D 632 4.28 -1.32 50.70
N CYS D 633 3.58 -0.30 50.22
CA CYS D 633 2.16 -0.38 49.92
C CYS D 633 1.95 -0.33 48.40
N ASN D 634 0.84 -0.89 47.94
CA ASN D 634 0.48 -0.84 46.53
C ASN D 634 -0.04 0.54 46.12
N SER D 635 -0.44 0.68 44.86
CA SER D 635 -0.86 1.97 44.30
C SER D 635 -2.10 2.50 45.01
N GLU D 636 -2.87 1.58 45.57
CA GLU D 636 -4.09 1.92 46.29
C GLU D 636 -3.77 2.22 47.76
N HIS D 637 -2.47 2.19 48.08
CA HIS D 637 -1.92 2.47 49.41
C HIS D 637 -2.26 1.47 50.50
N ASN D 638 -2.34 0.20 50.12
CA ASN D 638 -2.61 -0.89 51.06
C ASN D 638 -1.38 -1.78 51.25
N PRO D 639 -1.27 -2.43 52.42
CA PRO D 639 -0.05 -3.16 52.76
C PRO D 639 0.26 -4.31 51.79
N THR D 640 1.52 -4.39 51.38
CA THR D 640 2.02 -5.56 50.67
C THR D 640 2.77 -6.43 51.69
N PRO D 641 3.16 -7.66 51.31
CA PRO D 641 4.00 -8.49 52.19
C PRO D 641 5.29 -7.80 52.63
N GLY D 642 5.75 -6.82 51.85
CA GLY D 642 6.87 -5.97 52.21
C GLY D 642 6.64 -5.22 53.51
N LEU D 643 5.46 -4.64 53.67
CA LEU D 643 5.16 -3.86 54.86
C LEU D 643 4.96 -4.78 56.06
N VAL D 644 4.34 -5.92 55.83
CA VAL D 644 4.09 -6.91 56.88
C VAL D 644 5.42 -7.38 57.46
N GLU D 645 6.42 -7.58 56.59
CA GLU D 645 7.74 -8.02 57.03
C GLU D 645 8.46 -6.92 57.78
N TYR D 646 8.39 -5.70 57.25
CA TYR D 646 9.02 -4.54 57.87
C TYR D 646 8.55 -4.34 59.30
N LYS D 647 7.24 -4.49 59.53
CA LYS D 647 6.65 -4.29 60.85
C LYS D 647 7.29 -5.22 61.87
N LYS D 648 7.60 -6.44 61.42
CA LYS D 648 8.20 -7.45 62.27
C LYS D 648 9.65 -7.11 62.59
N VAL D 649 10.44 -6.82 61.56
CA VAL D 649 11.87 -6.60 61.81
C VAL D 649 12.13 -5.38 62.68
N ILE D 650 11.27 -4.36 62.58
CA ILE D 650 11.45 -3.13 63.35
C ILE D 650 10.70 -3.13 64.67
N GLU D 651 10.08 -4.25 65.05
CA GLU D 651 9.25 -4.30 66.26
C GLU D 651 10.02 -3.77 67.47
N PRO D 652 9.40 -2.86 68.24
CA PRO D 652 10.13 -2.17 69.29
C PRO D 652 10.26 -2.96 70.59
N VAL D 653 9.85 -4.23 70.58
CA VAL D 653 10.04 -5.11 71.74
C VAL D 653 10.50 -6.47 71.21
N HIS D 654 11.55 -7.02 71.80
CA HIS D 654 12.02 -8.35 71.40
C HIS D 654 11.51 -9.43 72.36
N ILE D 655 10.94 -10.48 71.79
CA ILE D 655 10.44 -11.59 72.58
C ILE D 655 11.11 -12.88 72.11
N LYS D 656 11.93 -13.45 72.99
CA LYS D 656 12.67 -14.67 72.69
C LYS D 656 12.29 -15.82 73.62
N ILE D 657 11.95 -16.97 73.04
CA ILE D 657 11.54 -18.13 73.82
C ILE D 657 12.47 -19.33 73.59
N ALA D 658 13.19 -19.68 74.64
CA ALA D 658 14.05 -20.87 74.65
C ALA D 658 14.31 -21.32 76.09
N HIS D 659 14.62 -22.61 76.22
CA HIS D 659 15.04 -23.23 77.48
C HIS D 659 14.06 -22.94 78.64
N GLY D 660 12.78 -23.18 78.37
CA GLY D 660 11.75 -22.91 79.37
C GLY D 660 11.68 -21.48 79.85
N SER D 661 12.12 -20.53 79.03
CA SER D 661 12.13 -19.12 79.40
C SER D 661 11.73 -18.18 78.29
N VAL D 662 11.08 -17.08 78.70
CA VAL D 662 10.75 -15.98 77.81
C VAL D 662 11.61 -14.80 78.20
N THR D 663 12.47 -14.36 77.29
CA THR D 663 13.24 -13.15 77.52
C THR D 663 12.65 -12.02 76.69
N ILE D 664 12.30 -10.94 77.37
CA ILE D 664 11.65 -9.80 76.77
C ILE D 664 12.54 -8.60 76.93
N THR D 665 12.94 -7.98 75.82
CA THR D 665 13.77 -6.77 75.85
C THR D 665 13.03 -5.57 75.26
N ASN D 666 13.00 -4.47 76.00
CA ASN D 666 12.40 -3.23 75.54
C ASN D 666 13.34 -2.55 74.59
N LYS D 667 12.92 -2.42 73.33
CA LYS D 667 13.75 -1.82 72.29
C LYS D 667 13.27 -0.46 71.81
N HIS D 668 12.37 0.16 72.58
CA HIS D 668 11.92 1.53 72.34
C HIS D 668 13.05 2.48 72.66
N ASP D 669 12.90 3.74 72.28
CA ASP D 669 13.85 4.77 72.65
C ASP D 669 13.51 5.50 73.95
N PHE D 670 12.21 5.61 74.26
CA PHE D 670 11.77 6.48 75.37
C PHE D 670 10.74 5.83 76.29
N ILE D 671 9.72 5.20 75.70
CA ILE D 671 8.61 4.68 76.48
C ILE D 671 8.90 3.31 77.10
N THR D 672 8.22 3.00 78.20
CA THR D 672 8.34 1.71 78.88
C THR D 672 7.46 0.69 78.17
N THR D 673 7.29 -0.49 78.77
CA THR D 673 6.43 -1.56 78.23
C THR D 673 5.08 -1.60 78.94
N ASP D 674 4.87 -0.61 79.80
CA ASP D 674 3.72 -0.56 80.70
C ASP D 674 2.35 -0.57 80.00
N HIS D 675 2.27 0.07 78.84
CA HIS D 675 1.04 0.15 78.06
C HIS D 675 0.71 -1.17 77.34
N LEU D 676 1.61 -2.14 77.44
CA LEU D 676 1.44 -3.40 76.72
C LEU D 676 0.97 -4.54 77.60
N LEU D 677 0.10 -5.37 77.03
CA LEU D 677 -0.37 -6.56 77.69
C LEU D 677 0.34 -7.74 77.03
N PHE D 678 1.03 -8.55 77.83
CA PHE D 678 1.73 -9.72 77.29
C PHE D 678 0.89 -10.96 77.49
N ILE D 679 0.50 -11.61 76.39
CA ILE D 679 -0.32 -12.81 76.46
C ILE D 679 0.48 -14.06 76.14
N ASP D 680 0.32 -15.08 76.98
CA ASP D 680 0.78 -16.45 76.66
C ASP D 680 -0.28 -17.09 75.77
N LYS D 681 0.05 -17.22 74.50
CA LYS D 681 -0.92 -17.65 73.49
C LYS D 681 -1.30 -19.12 73.58
N ASP D 682 -0.49 -19.92 74.26
CA ASP D 682 -0.80 -21.32 74.47
C ASP D 682 -1.92 -21.54 75.51
N THR D 683 -2.11 -20.56 76.39
CA THR D 683 -3.12 -20.65 77.45
C THR D 683 -4.17 -19.54 77.35
N GLY D 684 -3.77 -18.44 76.72
CA GLY D 684 -4.64 -17.28 76.62
C GLY D 684 -4.55 -16.37 77.82
N LYS D 685 -3.84 -16.80 78.85
CA LYS D 685 -3.77 -15.98 80.06
C LYS D 685 -2.55 -15.09 80.02
N THR D 686 -2.69 -13.91 80.61
CA THR D 686 -1.68 -12.88 80.52
C THR D 686 -0.47 -13.23 81.36
N ILE D 687 0.70 -12.78 80.92
CA ILE D 687 1.93 -12.95 81.68
C ILE D 687 2.23 -11.65 82.41
N ASP D 688 2.49 -11.75 83.70
CA ASP D 688 2.84 -10.59 84.49
C ASP D 688 4.27 -10.17 84.18
N VAL D 689 4.41 -9.08 83.40
CA VAL D 689 5.72 -8.60 83.01
C VAL D 689 5.99 -7.25 83.68
N PRO D 690 7.12 -7.14 84.42
CA PRO D 690 7.52 -5.91 85.09
C PRO D 690 7.69 -4.77 84.11
N SER D 691 7.65 -3.54 84.60
CA SER D 691 7.81 -2.37 83.73
C SER D 691 9.25 -2.29 83.26
N LEU D 692 9.46 -2.38 81.95
CA LEU D 692 10.80 -2.34 81.39
C LEU D 692 11.11 -1.01 80.71
N LYS D 693 12.23 -0.42 81.10
CA LYS D 693 12.72 0.82 80.49
C LYS D 693 13.43 0.52 79.17
N PRO D 694 13.64 1.55 78.32
CA PRO D 694 14.46 1.31 77.13
C PRO D 694 15.73 0.53 77.44
N GLU D 695 15.93 -0.56 76.71
CA GLU D 695 17.12 -1.43 76.80
C GLU D 695 17.16 -2.39 77.99
N GLU D 696 16.18 -2.33 78.89
CA GLU D 696 16.08 -3.29 79.99
C GLU D 696 15.46 -4.59 79.49
N SER D 697 15.84 -5.71 80.11
CA SER D 697 15.20 -6.98 79.82
C SER D 697 14.94 -7.86 81.05
N VAL D 698 14.02 -8.81 80.89
CA VAL D 698 13.68 -9.75 81.95
C VAL D 698 13.51 -11.14 81.36
N THR D 699 13.99 -12.15 82.11
CA THR D 699 13.77 -13.54 81.77
C THR D 699 12.71 -14.11 82.72
N ILE D 700 11.63 -14.65 82.16
CA ILE D 700 10.57 -15.23 82.97
C ILE D 700 10.46 -16.71 82.60
N PRO D 701 10.51 -17.60 83.61
CA PRO D 701 10.39 -19.03 83.30
C PRO D 701 8.96 -19.35 82.93
N SER D 702 8.79 -20.14 81.89
CA SER D 702 7.45 -20.47 81.36
C SER D 702 7.51 -21.65 80.39
N ASP D 703 6.40 -22.39 80.31
CA ASP D 703 6.29 -23.52 79.39
C ASP D 703 5.84 -23.09 78.00
N THR D 704 5.72 -21.77 77.80
CA THR D 704 5.07 -21.24 76.61
C THR D 704 5.84 -21.45 75.30
N THR D 705 5.11 -21.33 74.20
CA THR D 705 5.62 -21.56 72.86
C THR D 705 5.51 -20.31 72.00
N TYR D 706 4.62 -19.41 72.42
CA TYR D 706 4.12 -18.35 71.58
C TYR D 706 3.61 -17.23 72.49
N VAL D 707 4.31 -16.09 72.47
CA VAL D 707 3.95 -14.93 73.28
C VAL D 707 3.73 -13.70 72.40
N VAL D 708 2.68 -12.95 72.72
CA VAL D 708 2.26 -11.78 71.96
C VAL D 708 2.28 -10.56 72.88
N ALA D 709 2.73 -9.42 72.34
CA ALA D 709 2.68 -8.16 73.06
C ALA D 709 1.72 -7.18 72.39
N VAL D 710 0.70 -6.79 73.16
CA VAL D 710 -0.49 -6.18 72.62
C VAL D 710 -0.84 -4.94 73.43
N LEU D 711 -1.51 -3.99 72.80
CA LEU D 711 -1.90 -2.75 73.47
C LEU D 711 -3.03 -2.98 74.46
N LYS D 712 -2.86 -2.48 75.70
CA LYS D 712 -3.90 -2.54 76.73
C LYS D 712 -5.13 -1.73 76.39
N ASP D 713 -4.93 -0.47 76.03
CA ASP D 713 -6.03 0.44 75.73
C ASP D 713 -5.83 1.18 74.41
N ASP D 714 -6.93 1.65 73.82
CA ASP D 714 -6.84 2.60 72.73
C ASP D 714 -5.83 3.70 73.08
N ALA D 715 -4.87 3.93 72.18
CA ALA D 715 -3.86 4.99 72.32
C ALA D 715 -3.41 5.50 70.95
N GLY D 716 -3.32 6.82 70.81
CA GLY D 716 -3.05 7.44 69.50
C GLY D 716 -4.10 7.05 68.49
N VAL D 717 -3.66 6.42 67.40
CA VAL D 717 -4.59 5.95 66.38
C VAL D 717 -4.67 4.43 66.35
N LEU D 718 -4.16 3.81 67.42
CA LEU D 718 -4.16 2.36 67.57
C LEU D 718 -5.21 1.91 68.57
N LYS D 719 -5.76 0.71 68.33
CA LYS D 719 -6.86 0.18 69.15
C LYS D 719 -6.37 -0.80 70.20
N ALA D 720 -7.08 -0.91 71.31
CA ALA D 720 -6.80 -1.93 72.30
C ALA D 720 -6.76 -3.29 71.64
N GLY D 721 -5.68 -4.02 71.90
CA GLY D 721 -5.50 -5.35 71.35
C GLY D 721 -4.61 -5.39 70.12
N HIS D 722 -4.20 -4.21 69.65
CA HIS D 722 -3.32 -4.12 68.49
C HIS D 722 -1.96 -4.73 68.80
N GLU D 723 -1.47 -5.56 67.88
CA GLU D 723 -0.24 -6.31 68.08
C GLU D 723 1.00 -5.47 67.75
N ILE D 724 1.80 -5.22 68.77
CA ILE D 724 3.04 -4.46 68.61
C ILE D 724 4.21 -5.40 68.31
N ALA D 725 4.33 -6.46 69.10
CA ALA D 725 5.41 -7.44 68.95
C ALA D 725 4.98 -8.86 69.32
N TRP D 726 5.76 -9.85 68.88
CA TRP D 726 5.51 -11.25 69.23
C TRP D 726 6.77 -12.10 69.14
N GLY D 727 6.71 -13.31 69.68
CA GLY D 727 7.84 -14.25 69.65
C GLY D 727 7.33 -15.67 69.72
N GLN D 728 8.07 -16.58 69.11
CA GLN D 728 7.76 -18.00 69.17
C GLN D 728 9.00 -18.84 69.51
N ALA D 729 8.79 -19.94 70.22
CA ALA D 729 9.82 -20.94 70.41
C ALA D 729 9.94 -21.69 69.10
N GLU D 730 11.13 -22.18 68.79
CA GLU D 730 11.29 -22.83 67.51
C GLU D 730 10.58 -24.18 67.48
N LEU D 731 9.90 -24.44 66.36
CA LEU D 731 9.06 -25.62 66.23
C LEU D 731 9.81 -26.74 65.49
N PRO D 732 10.07 -27.87 66.19
CA PRO D 732 10.73 -29.00 65.56
C PRO D 732 9.82 -29.62 64.51
N LEU D 733 10.40 -30.19 63.47
CA LEU D 733 9.63 -30.86 62.44
C LEU D 733 9.21 -32.24 62.93
N LYS D 734 7.93 -32.38 63.24
CA LYS D 734 7.40 -33.64 63.72
C LYS D 734 6.81 -34.41 62.52
N VAL D 735 7.16 -35.69 62.40
CA VAL D 735 6.59 -36.55 61.36
C VAL D 735 5.13 -36.83 61.72
N PRO D 736 4.17 -36.48 60.83
CA PRO D 736 2.77 -36.72 61.19
C PRO D 736 2.55 -38.23 61.38
N ASP D 737 1.62 -38.58 62.27
CA ASP D 737 1.40 -39.98 62.60
C ASP D 737 0.38 -40.60 61.64
N PHE D 738 0.62 -40.41 60.34
CA PHE D 738 -0.19 -41.06 59.33
C PHE D 738 0.14 -42.54 59.35
N VAL D 739 -0.88 -43.39 59.20
CA VAL D 739 -0.67 -44.85 59.19
C VAL D 739 -0.68 -45.42 57.77
N THR D 740 0.48 -45.86 57.32
CA THR D 740 0.67 -46.47 56.01
C THR D 740 0.08 -47.89 56.03
N GLU D 741 -0.76 -48.20 55.03
CA GLU D 741 -1.30 -49.54 54.87
C GLU D 741 -0.28 -50.49 54.21
N THR D 742 0.31 -51.37 55.02
CA THR D 742 1.29 -52.36 54.55
C THR D 742 0.73 -53.79 54.44
N ALA D 743 -0.59 -53.93 54.58
CA ALA D 743 -1.23 -55.25 54.50
C ALA D 743 -1.10 -55.84 53.10
N GLU D 744 -0.92 -57.17 53.04
CA GLU D 744 -0.72 -57.88 51.77
C GLU D 744 -1.98 -57.82 50.91
N LYS D 745 -1.95 -56.92 49.94
CA LYS D 745 -3.05 -56.84 49.00
C LYS D 745 -2.46 -57.15 47.63
N ALA D 746 -3.12 -58.04 46.88
CA ALA D 746 -2.72 -58.31 45.49
C ALA D 746 -2.90 -57.05 44.62
N ALA D 747 -1.92 -56.80 43.77
CA ALA D 747 -1.95 -55.61 42.91
C ALA D 747 -1.72 -56.00 41.45
N LYS D 748 -2.53 -55.44 40.57
CA LYS D 748 -2.36 -55.68 39.15
C LYS D 748 -1.35 -54.70 38.55
N ILE D 749 -0.21 -55.25 38.11
CA ILE D 749 0.87 -54.48 37.55
C ILE D 749 1.00 -54.78 36.06
N ASN D 750 0.91 -53.73 35.26
CA ASN D 750 1.10 -53.82 33.79
C ASN D 750 2.22 -52.89 33.31
N ASP D 751 3.36 -53.49 32.95
CA ASP D 751 4.49 -52.77 32.38
C ASP D 751 4.40 -52.87 30.85
N GLY D 752 3.59 -51.99 30.27
CA GLY D 752 3.35 -51.97 28.84
C GLY D 752 4.49 -51.39 28.01
N LYS D 753 4.23 -51.28 26.72
CA LYS D 753 5.20 -50.76 25.75
C LYS D 753 5.66 -49.36 26.16
N ARG D 754 4.68 -48.48 26.44
CA ARG D 754 4.94 -47.08 26.82
C ARG D 754 4.47 -46.72 28.23
N TYR D 755 3.30 -47.22 28.61
CA TYR D 755 2.69 -46.87 29.89
C TYR D 755 2.80 -47.98 30.93
N VAL D 756 3.14 -47.60 32.16
CA VAL D 756 3.13 -48.56 33.25
C VAL D 756 1.94 -48.29 34.19
N SER D 757 1.23 -49.37 34.51
CA SER D 757 0.00 -49.29 35.26
C SER D 757 0.08 -50.06 36.57
N VAL D 758 -0.30 -49.43 37.67
CA VAL D 758 -0.43 -50.15 38.93
C VAL D 758 -1.85 -49.95 39.48
N GLU D 759 -2.61 -51.05 39.49
CA GLU D 759 -4.00 -51.03 39.99
C GLU D 759 -4.16 -51.90 41.22
N SER D 760 -4.84 -51.34 42.20
CA SER D 760 -5.22 -52.09 43.38
C SER D 760 -6.58 -51.57 43.83
N SER D 761 -7.03 -52.07 44.97
CA SER D 761 -8.27 -51.58 45.55
C SER D 761 -8.10 -50.13 46.01
N GLY D 762 -8.88 -49.24 45.40
CA GLY D 762 -8.85 -47.82 45.70
C GLY D 762 -7.66 -47.08 45.12
N LEU D 763 -6.94 -47.71 44.20
CA LEU D 763 -5.70 -47.15 43.68
C LEU D 763 -5.54 -47.38 42.18
N HIS D 764 -5.14 -46.34 41.49
CA HIS D 764 -4.84 -46.42 40.08
C HIS D 764 -3.71 -45.45 39.74
N PHE D 765 -2.57 -46.03 39.38
CA PHE D 765 -1.35 -45.28 39.11
C PHE D 765 -0.89 -45.56 37.69
N ILE D 766 -0.84 -44.53 36.86
CA ILE D 766 -0.36 -44.67 35.49
C ILE D 766 0.81 -43.73 35.25
N LEU D 767 1.92 -44.28 34.77
CA LEU D 767 3.08 -43.48 34.41
C LEU D 767 3.47 -43.67 32.95
N ASP D 768 3.67 -42.54 32.26
CA ASP D 768 4.16 -42.51 30.89
C ASP D 768 5.69 -42.65 30.91
N LYS D 769 6.19 -43.81 30.46
CA LYS D 769 7.61 -44.10 30.52
C LYS D 769 8.42 -43.21 29.59
N LEU D 770 7.84 -42.86 28.45
CA LEU D 770 8.50 -41.94 27.52
C LEU D 770 8.81 -40.55 28.14
N LEU D 771 7.95 -40.08 29.04
CA LEU D 771 8.10 -38.72 29.54
C LEU D 771 8.49 -38.59 31.01
N GLY D 772 8.30 -39.67 31.78
CA GLY D 772 8.51 -39.63 33.23
C GLY D 772 7.35 -38.94 33.94
N LYS D 773 6.20 -38.97 33.26
CA LYS D 773 5.02 -38.20 33.62
C LYS D 773 3.98 -39.10 34.29
N ILE D 774 3.42 -38.63 35.40
CA ILE D 774 2.27 -39.30 35.99
C ILE D 774 1.02 -38.91 35.19
N GLU D 775 0.52 -39.85 34.37
CA GLU D 775 -0.69 -39.60 33.58
C GLU D 775 -1.86 -39.40 34.51
N SER D 776 -1.91 -40.25 35.53
CA SER D 776 -2.97 -40.20 36.51
C SER D 776 -2.59 -40.92 37.78
N LEU D 777 -2.90 -40.32 38.91
CA LEU D 777 -2.82 -40.99 40.19
C LEU D 777 -4.12 -40.75 40.94
N LYS D 778 -4.90 -41.82 41.10
CA LYS D 778 -6.21 -41.74 41.73
C LYS D 778 -6.27 -42.70 42.92
N VAL D 779 -6.19 -42.13 44.12
CA VAL D 779 -6.23 -42.90 45.35
C VAL D 779 -7.40 -42.46 46.23
N LYS D 780 -8.33 -43.39 46.46
CA LYS D 780 -9.50 -43.19 47.35
C LYS D 780 -10.32 -41.99 46.93
N GLY D 781 -10.66 -41.92 45.66
CA GLY D 781 -11.50 -40.83 45.15
C GLY D 781 -10.79 -39.50 44.90
N LYS D 782 -9.50 -39.42 45.24
CA LYS D 782 -8.72 -38.20 45.03
C LYS D 782 -7.75 -38.41 43.87
N GLU D 783 -7.71 -37.44 42.95
CA GLU D 783 -6.85 -37.53 41.77
C GLU D 783 -5.81 -36.40 41.66
N ILE D 784 -4.57 -36.77 41.36
CA ILE D 784 -3.58 -35.80 40.89
C ILE D 784 -2.89 -36.36 39.66
N SER D 785 -2.16 -35.51 38.97
CA SER D 785 -1.37 -35.91 37.82
C SER D 785 -0.30 -34.87 37.60
N SER D 786 0.71 -35.19 36.81
CA SER D 786 1.80 -34.25 36.55
C SER D 786 1.31 -33.11 35.68
N LYS D 787 1.62 -31.88 36.11
CA LYS D 787 1.56 -30.72 35.24
C LYS D 787 2.89 -30.68 34.48
N PHE D 788 2.84 -31.06 33.21
CA PHE D 788 4.06 -31.41 32.46
C PHE D 788 4.21 -30.57 31.20
N GLU D 789 5.33 -29.86 31.12
CA GLU D 789 5.77 -29.26 29.87
C GLU D 789 7.27 -29.41 29.85
N GLY D 790 7.75 -30.51 29.27
CA GLY D 790 9.18 -30.77 29.15
C GLY D 790 9.80 -31.63 30.25
N SER D 791 9.48 -31.33 31.50
CA SER D 791 10.07 -32.06 32.64
C SER D 791 9.11 -32.20 33.82
N SER D 792 9.28 -33.28 34.58
CA SER D 792 8.47 -33.52 35.77
C SER D 792 9.03 -32.76 36.98
N ILE D 793 10.29 -32.37 36.91
CA ILE D 793 10.90 -31.47 37.89
C ILE D 793 11.28 -30.17 37.18
N THR D 794 10.72 -29.05 37.64
CA THR D 794 10.90 -27.75 36.99
C THR D 794 11.62 -26.79 37.92
N PHE D 795 12.11 -25.71 37.36
CA PHE D 795 13.03 -24.83 38.08
C PHE D 795 12.66 -23.35 37.97
N TRP D 796 11.67 -23.05 37.12
CA TRP D 796 11.39 -21.67 36.75
C TRP D 796 10.35 -20.99 37.64
N ARG D 797 10.51 -19.68 37.81
CA ARG D 797 9.51 -18.83 38.44
C ARG D 797 9.37 -17.56 37.61
N PRO D 798 8.19 -16.92 37.67
CA PRO D 798 8.03 -15.63 37.02
C PRO D 798 8.92 -14.59 37.71
N PRO D 799 9.83 -13.96 36.95
CA PRO D 799 10.86 -13.13 37.58
C PRO D 799 10.25 -12.03 38.42
N THR D 800 10.79 -11.82 39.62
CA THR D 800 10.41 -10.66 40.42
C THR D 800 11.02 -9.39 39.83
N ASN D 801 10.68 -8.23 40.38
CA ASN D 801 11.33 -7.00 39.98
C ASN D 801 12.82 -7.05 40.31
N ASN D 802 13.13 -7.69 41.43
CA ASN D 802 14.50 -7.86 41.87
C ASN D 802 15.29 -8.86 41.04
N ASP D 803 14.60 -9.85 40.48
CA ASP D 803 15.22 -10.85 39.63
C ASP D 803 15.69 -10.27 38.28
N GLU D 804 14.96 -9.26 37.81
CA GLU D 804 15.09 -8.73 36.45
C GLU D 804 16.51 -8.31 36.01
N PRO D 805 17.20 -7.49 36.82
CA PRO D 805 18.50 -6.98 36.33
C PRO D 805 19.66 -7.99 36.23
N ARG D 806 19.66 -9.06 37.01
CA ARG D 806 20.78 -10.00 36.99
C ARG D 806 20.38 -11.46 36.97
N ASP D 807 19.74 -11.90 38.06
CA ASP D 807 19.41 -13.31 38.24
C ASP D 807 18.57 -13.83 37.07
N PHE D 808 17.54 -13.06 36.67
CA PHE D 808 16.74 -13.43 35.52
C PHE D 808 17.60 -13.57 34.26
N LYS D 809 18.49 -12.60 34.04
CA LYS D 809 19.39 -12.62 32.89
C LYS D 809 20.15 -13.94 32.86
N ASN D 810 20.74 -14.30 34.00
CA ASN D 810 21.49 -15.54 34.13
C ASN D 810 20.64 -16.77 33.87
N TRP D 811 19.48 -16.84 34.53
CA TRP D 811 18.61 -17.98 34.38
C TRP D 811 18.13 -18.17 32.95
N LYS D 812 17.85 -17.06 32.26
CA LYS D 812 17.42 -17.09 30.86
C LYS D 812 18.56 -17.53 29.97
N LYS D 813 19.75 -17.01 30.27
CA LYS D 813 20.97 -17.29 29.52
C LYS D 813 21.29 -18.79 29.56
N TYR D 814 21.05 -19.40 30.71
CA TYR D 814 21.28 -20.82 30.89
C TYR D 814 20.06 -21.70 30.58
N ASN D 815 19.02 -21.10 30.00
CA ASN D 815 17.83 -21.81 29.52
C ASN D 815 17.09 -22.60 30.57
N ILE D 816 17.16 -22.15 31.82
CA ILE D 816 16.54 -22.86 32.93
C ILE D 816 15.03 -23.06 32.71
N ASP D 817 14.40 -22.15 31.99
CA ASP D 817 12.99 -22.29 31.66
C ASP D 817 12.71 -23.37 30.62
N LEU D 818 13.75 -23.96 30.07
CA LEU D 818 13.57 -24.91 28.98
C LEU D 818 14.18 -26.26 29.35
N MET D 819 14.13 -26.57 30.64
CA MET D 819 14.66 -27.79 31.17
C MET D 819 13.84 -28.98 30.66
N LYS D 820 14.54 -30.00 30.17
CA LYS D 820 13.91 -31.18 29.60
C LYS D 820 14.29 -32.43 30.38
N GLN D 821 13.35 -33.37 30.50
CA GLN D 821 13.64 -34.63 31.16
C GLN D 821 13.70 -35.74 30.13
N ASN D 822 14.90 -36.25 29.89
CA ASN D 822 15.08 -37.32 28.91
C ASN D 822 15.24 -38.68 29.57
N ILE D 823 14.21 -39.52 29.42
CA ILE D 823 14.15 -40.78 30.15
C ILE D 823 15.09 -41.82 29.54
N HIS D 824 15.89 -42.47 30.38
CA HIS D 824 16.83 -43.46 29.92
C HIS D 824 16.29 -44.86 30.15
N GLY D 825 15.74 -45.08 31.34
CA GLY D 825 15.21 -46.38 31.71
C GLY D 825 14.19 -46.30 32.83
N VAL D 826 13.21 -47.19 32.74
CA VAL D 826 12.21 -47.33 33.79
C VAL D 826 12.16 -48.78 34.27
N SER D 827 12.26 -48.93 35.59
CA SER D 827 12.36 -50.21 36.25
C SER D 827 11.07 -50.44 37.04
N VAL D 828 10.46 -51.62 36.87
CA VAL D 828 9.19 -51.94 37.52
C VAL D 828 9.29 -53.27 38.27
N GLU D 829 9.04 -53.21 39.58
CA GLU D 829 9.13 -54.42 40.40
C GLU D 829 8.00 -54.52 41.44
N LYS D 830 7.66 -55.76 41.79
CA LYS D 830 6.65 -56.06 42.82
C LYS D 830 7.09 -55.56 44.18
N GLY D 831 6.09 -55.19 44.99
CA GLY D 831 6.32 -54.66 46.33
C GLY D 831 7.00 -55.63 47.28
N SER D 832 7.66 -55.07 48.28
CA SER D 832 8.41 -55.85 49.24
C SER D 832 7.85 -55.61 50.64
N ASN D 833 8.39 -54.64 51.36
CA ASN D 833 8.04 -54.48 52.77
C ASN D 833 6.69 -53.82 53.00
N GLY D 834 5.64 -54.42 52.43
CA GLY D 834 4.31 -53.88 52.59
C GLY D 834 3.85 -53.05 51.41
N SER D 835 4.79 -52.64 50.56
CA SER D 835 4.49 -51.85 49.35
C SER D 835 3.80 -52.72 48.30
N LEU D 836 3.07 -52.08 47.38
CA LEU D 836 2.43 -52.80 46.28
C LEU D 836 3.36 -52.94 45.09
N ALA D 837 4.13 -51.90 44.82
CA ALA D 837 5.03 -51.87 43.67
C ALA D 837 6.11 -50.81 43.85
N VAL D 838 7.25 -51.03 43.19
CA VAL D 838 8.28 -50.01 43.13
C VAL D 838 8.54 -49.68 41.65
N VAL D 839 8.34 -48.42 41.29
CA VAL D 839 8.66 -47.93 39.96
C VAL D 839 9.82 -46.92 40.04
N THR D 840 10.93 -47.26 39.39
CA THR D 840 12.12 -46.42 39.39
C THR D 840 12.35 -45.83 38.01
N VAL D 841 12.53 -44.51 37.96
CA VAL D 841 12.76 -43.78 36.72
C VAL D 841 14.17 -43.20 36.69
N ASN D 842 14.94 -43.53 35.65
CA ASN D 842 16.29 -43.03 35.46
C ASN D 842 16.34 -42.09 34.27
N SER D 843 16.77 -40.85 34.51
CA SER D 843 16.75 -39.84 33.46
C SER D 843 17.85 -38.81 33.61
N ARG D 844 18.05 -38.05 32.54
CA ARG D 844 18.82 -36.82 32.63
C ARG D 844 17.86 -35.65 32.55
N ILE D 845 17.99 -34.72 33.49
CA ILE D 845 17.24 -33.47 33.44
C ILE D 845 18.18 -32.33 33.06
N SER D 846 17.97 -31.78 31.87
CA SER D 846 18.91 -30.86 31.25
C SER D 846 18.16 -30.00 30.23
N PRO D 847 18.50 -28.68 30.16
CA PRO D 847 17.82 -27.84 29.18
C PRO D 847 18.39 -28.05 27.77
N VAL D 848 17.67 -27.66 26.76
CA VAL D 848 18.18 -27.72 25.43
C VAL D 848 19.35 -26.79 25.32
N VAL D 849 20.29 -27.24 24.52
CA VAL D 849 21.44 -26.53 24.02
C VAL D 849 22.59 -26.50 24.95
N PHE D 850 22.49 -27.18 26.07
CA PHE D 850 23.47 -27.10 27.11
C PHE D 850 23.88 -28.48 27.50
N TYR D 851 25.05 -28.56 28.16
CA TYR D 851 25.62 -29.81 28.66
C TYR D 851 25.11 -30.13 30.05
N TYR D 852 25.01 -29.09 30.88
CA TYR D 852 24.77 -29.26 32.31
C TYR D 852 23.39 -29.82 32.55
N GLY D 853 23.27 -30.61 33.61
CA GLY D 853 22.00 -31.18 34.00
C GLY D 853 22.18 -32.13 35.17
N PHE D 854 21.12 -32.85 35.51
CA PHE D 854 21.14 -33.73 36.66
C PHE D 854 20.92 -35.17 36.23
N GLU D 855 21.85 -36.05 36.59
CA GLU D 855 21.56 -37.50 36.53
C GLU D 855 20.55 -37.76 37.65
N THR D 856 19.35 -38.16 37.24
CA THR D 856 18.20 -38.17 38.12
C THR D 856 17.66 -39.58 38.30
N VAL D 857 17.31 -39.90 39.53
CA VAL D 857 16.65 -41.15 39.84
C VAL D 857 15.39 -40.81 40.65
N GLN D 858 14.24 -41.15 40.10
CA GLN D 858 12.99 -40.97 40.81
C GLN D 858 12.43 -42.34 41.16
N LYS D 859 12.32 -42.62 42.46
CA LYS D 859 11.81 -43.91 42.92
C LYS D 859 10.42 -43.75 43.56
N TYR D 860 9.42 -44.31 42.90
CA TYR D 860 8.05 -44.30 43.41
C TYR D 860 7.77 -45.61 44.13
N THR D 861 7.58 -45.52 45.44
CA THR D 861 7.15 -46.67 46.21
C THR D 861 5.67 -46.52 46.50
N ILE D 862 4.89 -47.46 45.99
CA ILE D 862 3.44 -47.35 45.97
C ILE D 862 2.79 -48.25 47.02
N PHE D 863 2.07 -47.63 47.95
CA PHE D 863 1.27 -48.34 48.94
C PHE D 863 -0.20 -48.13 48.63
N ALA D 864 -1.08 -48.85 49.33
CA ALA D 864 -2.54 -48.73 49.16
C ALA D 864 -3.11 -47.34 49.45
N ASN D 865 -2.50 -46.62 50.37
CA ASN D 865 -2.99 -45.32 50.79
C ASN D 865 -1.90 -44.25 50.78
N LYS D 866 -0.73 -44.60 50.24
CA LYS D 866 0.42 -43.68 50.24
C LYS D 866 1.36 -43.92 49.06
N ILE D 867 1.98 -42.83 48.60
CA ILE D 867 3.04 -42.91 47.61
C ILE D 867 4.27 -42.19 48.14
N ASN D 868 5.35 -42.94 48.29
CA ASN D 868 6.63 -42.38 48.66
C ASN D 868 7.41 -42.06 47.40
N LEU D 869 7.91 -40.83 47.31
CA LEU D 869 8.66 -40.37 46.14
C LEU D 869 10.05 -39.90 46.53
N ASN D 870 11.05 -40.72 46.21
CA ASN D 870 12.43 -40.38 46.50
C ASN D 870 13.17 -39.82 45.27
N THR D 871 13.69 -38.60 45.42
CA THR D 871 14.30 -37.90 44.31
C THR D 871 15.77 -37.66 44.57
N SER D 872 16.57 -38.18 43.65
CA SER D 872 18.00 -37.99 43.68
C SER D 872 18.40 -37.27 42.41
N MET D 873 19.11 -36.15 42.58
CA MET D 873 19.51 -35.30 41.45
C MET D 873 20.99 -34.94 41.55
N LYS D 874 21.74 -35.38 40.56
CA LYS D 874 23.18 -35.24 40.61
C LYS D 874 23.68 -34.30 39.49
N LEU D 875 24.17 -33.11 39.88
CA LEU D 875 24.58 -32.07 38.93
C LEU D 875 25.87 -32.39 38.18
N THR D 876 25.79 -32.39 36.86
CA THR D 876 26.84 -32.87 35.96
C THR D 876 27.03 -31.92 34.79
N GLY D 877 28.24 -31.89 34.24
CA GLY D 877 28.50 -31.19 32.98
C GLY D 877 29.20 -29.86 33.10
N GLU D 878 29.89 -29.46 32.04
CA GLU D 878 30.56 -28.16 31.99
C GLU D 878 29.57 -27.02 31.74
N TYR D 879 29.96 -25.82 32.19
CA TYR D 879 29.23 -24.56 31.95
C TYR D 879 27.87 -24.58 32.63
N GLN D 880 27.91 -24.48 33.95
CA GLN D 880 26.73 -24.52 34.77
C GLN D 880 26.26 -23.14 35.18
N PRO D 881 24.96 -23.02 35.50
CA PRO D 881 24.47 -21.74 36.02
C PRO D 881 24.87 -21.61 37.48
N PRO D 882 24.93 -20.37 37.99
CA PRO D 882 25.31 -20.16 39.39
C PRO D 882 24.26 -20.67 40.39
N ASP D 883 22.99 -20.52 40.03
CA ASP D 883 21.87 -20.77 40.92
C ASP D 883 20.62 -21.06 40.10
N PHE D 884 19.55 -21.45 40.79
CA PHE D 884 18.25 -21.70 40.17
C PHE D 884 17.17 -20.89 40.89
N PRO D 885 16.05 -20.60 40.21
CA PRO D 885 14.94 -19.93 40.88
C PRO D 885 14.29 -20.83 41.92
N ARG D 886 14.22 -22.12 41.62
CA ARG D 886 13.56 -23.10 42.47
C ARG D 886 13.80 -24.50 41.90
N VAL D 887 13.40 -25.52 42.66
CA VAL D 887 13.46 -26.89 42.18
C VAL D 887 12.32 -27.66 42.81
N GLY D 888 11.50 -28.29 41.98
CA GLY D 888 10.39 -29.06 42.50
C GLY D 888 9.42 -29.62 41.47
N TYR D 889 8.32 -30.18 41.99
CA TYR D 889 7.33 -30.84 41.16
C TYR D 889 6.11 -29.94 40.94
N GLU D 890 5.38 -30.22 39.86
CA GLU D 890 4.14 -29.52 39.56
C GLU D 890 3.06 -30.55 39.27
N PHE D 891 1.97 -30.49 40.04
CA PHE D 891 0.86 -31.44 39.89
C PHE D 891 -0.45 -30.73 39.62
N TRP D 892 -1.22 -31.25 38.67
CA TRP D 892 -2.62 -30.83 38.51
C TRP D 892 -3.43 -31.48 39.63
N LEU D 893 -4.28 -30.68 40.26
CA LEU D 893 -5.23 -31.20 41.26
C LEU D 893 -6.56 -31.56 40.57
N GLY D 894 -7.16 -32.68 40.98
CA GLY D 894 -8.41 -33.16 40.38
C GLY D 894 -9.57 -32.20 40.56
N ASP D 895 -10.62 -32.38 39.76
CA ASP D 895 -11.81 -31.50 39.77
C ASP D 895 -12.43 -31.30 41.15
N SER D 896 -12.34 -32.34 41.98
CA SER D 896 -12.82 -32.33 43.37
C SER D 896 -12.15 -31.29 44.25
N TYR D 897 -10.95 -30.86 43.86
CA TYR D 897 -10.17 -29.98 44.71
C TYR D 897 -10.98 -28.79 45.19
N GLU D 898 -10.98 -28.54 46.49
CA GLU D 898 -11.71 -27.38 47.02
C GLU D 898 -10.93 -26.36 47.87
N SER D 899 -10.05 -26.83 48.75
CA SER D 899 -9.23 -25.91 49.55
C SER D 899 -7.97 -26.60 50.09
N PHE D 900 -7.16 -25.85 50.83
CA PHE D 900 -5.99 -26.44 51.45
C PHE D 900 -5.72 -25.86 52.81
N GLU D 901 -4.88 -26.56 53.55
CA GLU D 901 -4.59 -26.23 54.92
C GLU D 901 -3.17 -26.69 55.16
N TRP D 902 -2.40 -25.91 55.92
CA TRP D 902 -0.99 -26.26 56.12
C TRP D 902 -0.43 -25.88 57.48
N LEU D 903 0.53 -26.68 57.96
CA LEU D 903 1.30 -26.33 59.13
C LEU D 903 2.63 -25.74 58.66
N GLY D 904 2.90 -24.52 59.11
CA GLY D 904 4.07 -23.79 58.66
C GLY D 904 3.92 -22.31 58.88
N ARG D 905 4.49 -21.53 57.98
CA ARG D 905 4.48 -20.07 58.10
C ARG D 905 3.27 -19.49 57.40
N GLY D 906 2.70 -18.43 57.98
CA GLY D 906 1.49 -17.84 57.43
C GLY D 906 1.07 -16.63 58.24
N PRO D 907 -0.11 -16.04 57.93
CA PRO D 907 -1.09 -16.51 56.92
C PRO D 907 -0.70 -16.25 55.48
N GLY D 908 0.24 -15.33 55.25
CA GLY D 908 0.66 -14.92 53.89
C GLY D 908 1.87 -15.64 53.32
N GLU D 909 2.36 -15.17 52.17
CA GLU D 909 3.51 -15.78 51.51
C GLU D 909 4.80 -15.61 52.30
N SER D 910 5.75 -16.48 52.04
CA SER D 910 7.06 -16.42 52.70
C SER D 910 8.19 -16.93 51.81
N TYR D 911 9.35 -16.30 51.94
CA TYR D 911 10.53 -16.63 51.15
C TYR D 911 11.78 -16.63 52.04
N PRO D 912 12.81 -17.39 51.66
CA PRO D 912 14.00 -17.55 52.53
C PRO D 912 14.49 -16.28 53.24
N ASP D 913 14.51 -15.15 52.54
CA ASP D 913 14.99 -13.90 53.12
C ASP D 913 13.87 -12.89 53.44
N LYS D 914 12.65 -13.41 53.52
CA LYS D 914 11.44 -12.61 53.75
C LYS D 914 10.37 -13.56 54.29
N LYS D 915 10.53 -14.00 55.53
CA LYS D 915 9.67 -15.03 56.11
C LYS D 915 9.33 -14.87 57.59
N GLU D 916 10.10 -14.09 58.32
CA GLU D 916 9.99 -14.10 59.78
C GLU D 916 8.74 -13.42 60.37
N SER D 917 8.07 -12.61 59.56
CA SER D 917 6.83 -11.98 59.96
C SER D 917 5.68 -12.99 59.89
N GLN D 918 5.88 -14.05 59.14
CA GLN D 918 4.89 -15.10 59.02
C GLN D 918 5.19 -16.18 60.04
N ARG D 919 4.55 -16.06 61.21
CA ARG D 919 4.70 -16.99 62.32
C ARG D 919 4.20 -18.41 62.02
N PHE D 920 4.68 -19.39 62.78
CA PHE D 920 4.24 -20.77 62.62
C PHE D 920 2.85 -20.98 63.20
N GLY D 921 2.06 -21.82 62.53
CA GLY D 921 0.69 -22.10 62.91
C GLY D 921 0.03 -23.01 61.90
N LEU D 922 -1.20 -23.41 62.19
CA LEU D 922 -2.00 -24.17 61.26
C LEU D 922 -2.86 -23.17 60.50
N TYR D 923 -2.70 -23.14 59.18
CA TYR D 923 -3.44 -22.17 58.37
C TYR D 923 -4.40 -22.82 57.37
N ASP D 924 -5.52 -22.13 57.16
CA ASP D 924 -6.54 -22.55 56.24
C ASP D 924 -6.63 -21.55 55.09
N SER D 925 -6.54 -22.06 53.86
CA SER D 925 -6.61 -21.20 52.66
C SER D 925 -7.85 -20.30 52.61
N LYS D 926 -8.96 -20.77 53.16
CA LYS D 926 -10.21 -20.00 53.21
C LYS D 926 -10.15 -18.73 54.08
N ASP D 927 -9.30 -18.74 55.11
CA ASP D 927 -9.18 -17.61 56.05
C ASP D 927 -8.25 -16.50 55.55
N VAL D 928 -7.67 -16.70 54.37
CA VAL D 928 -6.58 -15.84 53.90
C VAL D 928 -7.01 -15.05 52.67
N GLU D 929 -6.85 -13.74 52.71
CA GLU D 929 -6.90 -13.00 51.43
C GLU D 929 -5.56 -13.01 50.71
N GLU D 930 -5.54 -13.75 49.58
CA GLU D 930 -4.38 -13.84 48.70
C GLU D 930 -4.02 -12.42 48.19
N PHE D 931 -2.74 -12.07 48.29
CA PHE D 931 -2.29 -10.76 47.86
C PHE D 931 -2.08 -10.74 46.34
N VAL D 932 -2.61 -9.69 45.71
CA VAL D 932 -2.40 -9.46 44.29
C VAL D 932 -1.33 -8.39 44.07
N TYR D 933 -0.23 -8.76 43.41
CA TYR D 933 0.80 -7.77 43.08
C TYR D 933 0.32 -6.86 41.96
N ASP D 934 0.69 -5.57 42.04
CA ASP D 934 0.39 -4.59 41.00
C ASP D 934 1.09 -4.95 39.70
N TYR D 935 2.37 -5.32 39.81
CA TYR D 935 3.09 -5.90 38.69
C TYR D 935 3.20 -7.40 38.93
N PRO D 936 2.55 -8.21 38.07
CA PRO D 936 2.56 -9.67 38.25
C PRO D 936 3.98 -10.27 38.25
N GLN D 937 4.27 -11.07 39.27
CA GLN D 937 5.59 -11.70 39.46
C GLN D 937 5.46 -12.87 40.43
N GLU D 938 6.55 -13.59 40.67
CA GLU D 938 6.58 -14.67 41.65
C GLU D 938 5.84 -14.28 42.94
N ASN D 939 4.89 -15.11 43.33
CA ASN D 939 4.09 -14.88 44.55
C ASN D 939 3.52 -16.17 45.13
N GLY D 940 3.07 -16.10 46.38
CA GLY D 940 2.24 -17.15 46.96
C GLY D 940 2.94 -18.42 47.38
N ASN D 941 4.26 -18.33 47.53
CA ASN D 941 5.04 -19.43 48.08
C ASN D 941 4.95 -19.42 49.60
N HIS D 942 4.94 -20.63 50.16
CA HIS D 942 4.96 -20.77 51.60
C HIS D 942 6.19 -21.58 51.92
N THR D 943 7.10 -20.98 52.69
CA THR D 943 8.35 -21.63 53.02
C THR D 943 8.29 -22.19 54.44
N ASP D 944 9.22 -23.09 54.76
CA ASP D 944 9.22 -23.79 56.04
C ASP D 944 7.89 -24.47 56.34
N THR D 945 7.33 -25.14 55.34
CA THR D 945 6.09 -25.88 55.48
C THR D 945 6.36 -27.25 56.08
N HIS D 946 5.74 -27.52 57.23
CA HIS D 946 5.86 -28.81 57.90
C HIS D 946 5.05 -29.90 57.20
N PHE D 947 3.77 -29.63 56.97
CA PHE D 947 2.92 -30.50 56.17
C PHE D 947 1.81 -29.73 55.50
N LEU D 948 1.30 -30.28 54.40
CA LEU D 948 0.25 -29.67 53.63
C LEU D 948 -0.90 -30.65 53.43
N ASN D 949 -2.11 -30.20 53.78
CA ASN D 949 -3.33 -30.96 53.53
C ASN D 949 -4.13 -30.35 52.39
N ILE D 950 -4.44 -31.14 51.37
CA ILE D 950 -5.26 -30.68 50.25
C ILE D 950 -6.61 -31.37 50.30
N LYS D 951 -7.68 -30.59 50.48
CA LYS D 951 -9.02 -31.14 50.65
C LYS D 951 -9.74 -31.31 49.32
N PHE D 952 -10.28 -32.51 49.11
CA PHE D 952 -11.10 -32.81 47.94
C PHE D 952 -12.55 -32.96 48.39
N GLU D 953 -13.46 -32.38 47.63
CA GLU D 953 -14.92 -32.48 47.86
C GLU D 953 -15.37 -33.93 48.08
N GLY D 954 -15.87 -34.21 49.29
CA GLY D 954 -16.40 -35.52 49.66
C GLY D 954 -15.47 -36.70 49.48
N ALA D 955 -14.16 -36.47 49.59
CA ALA D 955 -13.16 -37.52 49.42
C ALA D 955 -12.00 -37.40 50.43
N GLY D 956 -12.19 -36.57 51.45
CA GLY D 956 -11.18 -36.39 52.49
C GLY D 956 -10.04 -35.48 52.05
N LYS D 957 -8.83 -35.81 52.50
CA LYS D 957 -7.65 -34.98 52.27
C LYS D 957 -6.43 -35.77 51.77
N LEU D 958 -5.54 -35.07 51.08
CA LEU D 958 -4.24 -35.61 50.70
C LEU D 958 -3.20 -34.86 51.53
N SER D 959 -2.47 -35.60 52.36
CA SER D 959 -1.45 -35.02 53.23
C SER D 959 -0.09 -35.18 52.59
N ILE D 960 0.68 -34.09 52.56
CA ILE D 960 1.98 -34.08 51.94
C ILE D 960 3.01 -33.58 52.94
N PHE D 961 4.13 -34.29 53.03
CA PHE D 961 5.24 -33.88 53.88
C PHE D 961 6.58 -34.39 53.36
N GLN D 962 7.63 -33.63 53.66
CA GLN D 962 8.98 -33.93 53.22
C GLN D 962 9.80 -34.48 54.38
N LYS D 963 10.61 -35.49 54.09
CA LYS D 963 11.41 -36.11 55.13
C LYS D 963 12.51 -35.18 55.61
N GLU D 964 12.66 -35.14 56.94
CA GLU D 964 13.78 -34.49 57.62
C GLU D 964 13.95 -32.96 57.49
N LYS D 965 13.09 -32.31 56.73
CA LYS D 965 13.29 -30.92 56.37
C LYS D 965 11.97 -30.32 55.87
N PRO D 966 11.65 -29.09 56.30
CA PRO D 966 10.42 -28.46 55.82
C PRO D 966 10.54 -28.09 54.35
N PHE D 967 9.42 -27.87 53.68
CA PHE D 967 9.44 -27.65 52.24
C PHE D 967 8.71 -26.37 51.84
N ASN D 968 8.64 -26.12 50.53
CA ASN D 968 7.99 -24.94 49.94
C ASN D 968 6.83 -25.34 49.06
N PHE D 969 5.74 -24.57 49.09
CA PHE D 969 4.62 -24.86 48.20
C PHE D 969 3.84 -23.61 47.77
N LYS D 970 3.23 -23.73 46.60
CA LYS D 970 2.30 -22.75 46.07
C LYS D 970 1.13 -23.51 45.47
N ILE D 971 -0.09 -23.01 45.67
CA ILE D 971 -1.27 -23.57 45.01
C ILE D 971 -2.03 -22.45 44.31
N SER D 972 -2.15 -22.56 42.99
CA SER D 972 -2.81 -21.54 42.22
C SER D 972 -3.42 -22.14 40.97
N ASP D 973 -4.11 -21.30 40.20
CA ASP D 973 -4.60 -21.65 38.87
C ASP D 973 -4.03 -20.68 37.82
N GLU D 974 -3.09 -19.83 38.23
CA GLU D 974 -2.57 -18.75 37.39
C GLU D 974 -1.45 -19.18 36.45
N TYR D 975 -1.36 -18.54 35.29
CA TYR D 975 -0.20 -18.65 34.40
C TYR D 975 -0.11 -17.44 33.49
N GLY D 976 0.99 -17.31 32.74
CA GLY D 976 1.21 -16.13 31.91
C GLY D 976 1.63 -14.93 32.75
N VAL D 977 2.24 -15.20 33.90
CA VAL D 977 2.63 -14.16 34.84
C VAL D 977 3.84 -13.38 34.32
N ASP D 978 4.78 -14.10 33.70
CA ASP D 978 5.97 -13.48 33.07
C ASP D 978 5.56 -12.31 32.18
N GLU D 979 4.64 -12.57 31.26
CA GLU D 979 4.26 -11.62 30.21
C GLU D 979 3.23 -10.60 30.69
N ALA D 980 2.52 -10.93 31.76
CA ALA D 980 1.48 -10.06 32.26
C ALA D 980 2.03 -8.73 32.79
N ALA D 981 1.57 -7.65 32.19
CA ALA D 981 1.97 -6.31 32.57
C ALA D 981 1.18 -5.81 33.78
N HIS D 982 -0.08 -6.23 33.89
CA HIS D 982 -0.95 -5.81 35.00
C HIS D 982 -1.74 -6.99 35.52
N ALA D 983 -2.30 -6.83 36.73
CA ALA D 983 -3.10 -7.90 37.36
C ALA D 983 -4.13 -8.54 36.41
N CYS D 984 -4.84 -7.70 35.65
CA CYS D 984 -5.85 -8.16 34.68
C CYS D 984 -5.29 -8.93 33.49
N ASP D 985 -3.98 -8.91 33.30
CA ASP D 985 -3.35 -9.63 32.18
C ASP D 985 -3.04 -11.08 32.52
N VAL D 986 -3.23 -11.45 33.79
CA VAL D 986 -2.90 -12.78 34.26
C VAL D 986 -3.93 -13.83 33.81
N LYS D 987 -3.45 -14.89 33.15
CA LYS D 987 -4.29 -15.96 32.66
C LYS D 987 -4.59 -16.98 33.75
N ARG D 988 -5.75 -17.65 33.64
CA ARG D 988 -6.14 -18.67 34.61
C ARG D 988 -6.60 -19.99 34.01
N TYR D 989 -6.01 -21.10 34.47
CA TYR D 989 -6.44 -22.44 34.05
C TYR D 989 -7.85 -22.79 34.58
N GLY D 990 -8.44 -23.84 34.02
CA GLY D 990 -9.73 -24.33 34.50
C GLY D 990 -9.67 -25.26 35.72
N ARG D 991 -8.47 -25.47 36.25
CA ARG D 991 -8.24 -26.32 37.43
C ARG D 991 -7.01 -25.78 38.17
N HIS D 992 -6.83 -26.19 39.42
CA HIS D 992 -5.67 -25.75 40.18
C HIS D 992 -4.45 -26.66 40.02
N TYR D 993 -3.29 -26.17 40.41
CA TYR D 993 -2.06 -26.98 40.43
C TYR D 993 -1.33 -26.79 41.74
N LEU D 994 -0.56 -27.80 42.12
CA LEU D 994 0.34 -27.67 43.23
C LEU D 994 1.77 -27.55 42.72
N ARG D 995 2.45 -26.52 43.18
CA ARG D 995 3.88 -26.39 42.98
C ARG D 995 4.53 -26.85 44.29
N LEU D 996 5.14 -28.03 44.24
CA LEU D 996 5.75 -28.64 45.40
C LEU D 996 7.28 -28.62 45.27
N ASP D 997 7.91 -27.74 46.06
CA ASP D 997 9.33 -27.42 45.89
C ASP D 997 10.22 -27.82 47.07
N HIS D 998 11.35 -28.45 46.77
CA HIS D 998 12.37 -28.74 47.77
C HIS D 998 13.06 -27.47 48.25
N ALA D 999 13.29 -26.53 47.34
CA ALA D 999 14.04 -25.32 47.64
C ALA D 999 13.62 -24.18 46.73
N ILE D 1000 13.89 -22.95 47.15
CA ILE D 1000 13.53 -21.76 46.39
C ILE D 1000 14.55 -20.66 46.61
N HIS D 1001 14.86 -19.92 45.55
CA HIS D 1001 15.82 -18.82 45.61
C HIS D 1001 15.23 -17.68 46.43
N GLY D 1002 16.09 -16.99 47.18
CA GLY D 1002 15.68 -15.81 47.93
C GLY D 1002 15.21 -14.68 47.04
N VAL D 1003 14.91 -13.55 47.64
CA VAL D 1003 14.18 -12.51 46.95
C VAL D 1003 15.00 -11.22 46.82
N GLY D 1004 15.75 -10.88 47.87
CA GLY D 1004 16.73 -9.79 47.84
C GLY D 1004 16.17 -8.40 47.63
N SER D 1005 16.98 -7.50 47.07
CA SER D 1005 16.53 -6.15 46.73
C SER D 1005 17.30 -5.59 45.54
N GLU D 1006 17.72 -6.47 44.64
CA GLU D 1006 18.66 -6.11 43.58
C GLU D 1006 18.12 -5.16 42.50
N ALA D 1007 16.81 -4.96 42.41
CA ALA D 1007 16.29 -3.93 41.50
C ALA D 1007 17.00 -2.62 41.79
N CYS D 1008 17.28 -2.39 43.07
CA CYS D 1008 18.10 -1.27 43.51
C CYS D 1008 18.68 -1.52 44.90
N GLY D 1009 19.89 -2.06 44.94
CA GLY D 1009 20.54 -2.44 46.18
C GLY D 1009 21.20 -3.80 46.10
N PRO D 1010 21.51 -4.42 47.25
CA PRO D 1010 22.25 -5.69 47.26
C PRO D 1010 21.51 -6.89 46.70
N ALA D 1011 22.27 -7.78 46.08
CA ALA D 1011 21.78 -9.07 45.58
C ALA D 1011 21.33 -9.96 46.74
N VAL D 1012 20.59 -11.01 46.43
CA VAL D 1012 20.20 -12.00 47.43
C VAL D 1012 21.47 -12.45 48.16
N LEU D 1013 21.48 -12.31 49.49
CA LEU D 1013 22.65 -12.68 50.27
C LEU D 1013 22.98 -14.16 50.06
N ASP D 1014 24.26 -14.48 50.23
CA ASP D 1014 24.78 -15.80 49.93
C ASP D 1014 24.00 -16.97 50.52
N GLN D 1015 23.64 -16.88 51.80
CA GLN D 1015 22.93 -17.96 52.49
C GLN D 1015 21.46 -18.11 52.11
N TYR D 1016 20.98 -17.23 51.25
CA TYR D 1016 19.59 -17.32 50.78
C TYR D 1016 19.50 -17.68 49.31
N ARG D 1017 20.65 -17.70 48.65
CA ARG D 1017 20.74 -18.08 47.23
C ARG D 1017 20.58 -19.58 47.11
N LEU D 1018 19.76 -20.02 46.15
CA LEU D 1018 19.64 -21.44 45.84
C LEU D 1018 20.76 -21.79 44.88
N LYS D 1019 21.91 -22.17 45.44
CA LYS D 1019 23.10 -22.45 44.65
C LYS D 1019 23.02 -23.77 43.90
N ALA D 1020 23.64 -23.81 42.73
CA ALA D 1020 23.71 -25.01 41.92
C ALA D 1020 24.46 -26.08 42.68
N GLN D 1021 23.85 -27.25 42.79
CA GLN D 1021 24.36 -28.33 43.63
C GLN D 1021 23.48 -29.56 43.41
N ASP D 1022 23.90 -30.71 43.97
CA ASP D 1022 23.09 -31.93 43.95
C ASP D 1022 21.86 -31.74 44.83
N PHE D 1023 20.76 -32.39 44.44
CA PHE D 1023 19.55 -32.37 45.26
C PHE D 1023 19.09 -33.77 45.66
N ASN D 1024 18.69 -33.92 46.91
CA ASN D 1024 18.19 -35.19 47.43
C ASN D 1024 17.08 -34.94 48.42
N PHE D 1025 15.89 -35.43 48.11
CA PHE D 1025 14.73 -35.20 48.95
C PHE D 1025 13.64 -36.24 48.74
N GLU D 1026 12.93 -36.54 49.82
CA GLU D 1026 11.88 -37.56 49.83
C GLU D 1026 10.54 -36.94 50.26
N PHE D 1027 9.50 -37.23 49.49
CA PHE D 1027 8.14 -36.76 49.81
C PHE D 1027 7.20 -37.94 50.03
N ASP D 1028 6.27 -37.78 50.97
CA ASP D 1028 5.18 -38.72 51.10
C ASP D 1028 3.89 -38.07 50.63
N LEU D 1029 3.14 -38.78 49.80
CA LEU D 1029 1.82 -38.35 49.41
C LEU D 1029 0.83 -39.31 50.08
N ALA D 1030 0.31 -38.87 51.21
CA ALA D 1030 -0.51 -39.71 52.06
C ALA D 1030 -1.99 -39.42 51.86
N PHE D 1031 -2.75 -40.42 51.44
CA PHE D 1031 -4.16 -40.26 51.11
C PHE D 1031 -5.04 -40.77 52.24
N GLU D 1032 -5.99 -39.93 52.69
CA GLU D 1032 -6.88 -40.28 53.81
C GLU D 1032 -7.87 -41.40 53.44
#